data_9G29
#
_entry.id   9G29
#
_cell.length_a   1.00
_cell.length_b   1.00
_cell.length_c   1.00
_cell.angle_alpha   90.00
_cell.angle_beta   90.00
_cell.angle_gamma   90.00
#
_symmetry.space_group_name_H-M   'P 1'
#
loop_
_entity.id
_entity.type
_entity.pdbx_description
1 polymer 'DNA-directed RNA polymerase I subunit RPA190'
2 polymer 'DNA-directed RNA polymerase I subunit RPA135'
3 polymer 'DNA-directed RNA polymerases I and III subunit RPAC1'
4 polymer 'DNA-directed RNA polymerase I subunit RPA14'
5 polymer 'DNA-directed RNA polymerases I, II, and III subunit RPABC1'
6 polymer 'DNA-directed RNA polymerases I, II, and III subunit RPABC2'
7 polymer 'DNA-directed RNA polymerase I subunit RPA43'
8 polymer 'DNA-directed RNA polymerases I, II, and III subunit RPABC3'
9 polymer 'DNA-directed RNA polymerase I subunit RPA12'
10 polymer 'DNA-directed RNA polymerases I, II, and III subunit RPABC5'
11 polymer 'DNA-directed RNA polymerases I and III subunit RPAC2'
12 polymer 'DNA-directed RNA polymerases I, II, and III subunit RPABC4'
13 polymer 'DNA-directed RNA polymerase I subunit RPA49'
14 polymer 'DNA-directed RNA polymerase I subunit RPA34'
15 polymer RNA
16 polymer 'Non-template DNA'
17 polymer 'Template DNA'
18 non-polymer 'MAGNESIUM ION'
19 non-polymer 'ZINC ION'
#
loop_
_entity_poly.entity_id
_entity_poly.type
_entity_poly.pdbx_seq_one_letter_code
_entity_poly.pdbx_strand_id
1 'polypeptide(L)'
;MDISKPVGSEITSVDFGILTAKEIRNLSAKQITNPTVLDNLGHPVSGGLYDLALGAFLRNLCSTCGLDEKFCPGHQGHIE
LPVPCYNPLFFNQLYIYLRASCLFCHHFRLKSVEVHRYACKLRLLQYGLIDESYKLDEITLGSLNSSMYTDDEAIEDNED
EMDGEGSKQSKDISSTLLNELKSKRSEYVDMAIAKALSDGRTTERGSFTATVNDERKKLVHEFHKKLLSRGKCDNCGMFS
PKFRKDGFTKIFETALNEKQITNNRVKGFIRQDMIKKQKQAKKLDGSNEASANDEESFDVGRNPTTRPKTGSTYILSTEV
KNILDTVFRKEQCVLQYVFHSRPNLSRKLVKADSFFMDVLVVPPTRFRLPSKLGEEVHENSQNQLLSKVLTTSLLIRDLN
DDLSKLQKDKVSLEDRRVIFSRLMNAFVTIQNDVNAFIDSTKAQGRTSGKVPIPGVKQALEKKEGLFRKHMMGKRVNYAA
RSVISPDPNIETNEIGVPPVFAVKLTYPEPVTAYNIAELRQAVINGPDKWPGATQIQNEDGSLVSLIGMSVEQRKALANQ
LLTPSSNVSTHTLNKKVYRHIKNRDVVLMNRQPTLHKASMMGHKVRVLPNEKTLRLHYANTGAYNADFDGDEMNMHFPQN
ENARAEALNLANTDSQYLTPTSGSPVRGLIQDHISAGVWLTSKDSFFTREQYQQYIYGCIRPEDGHTTRSKIVTLPPTIF
KPYPLWTGKQIITTVLLNVTPPDMPGINLISKNKIKNEYWGKGSLENEVLFKDGALLCGILDKSQYGASKYGIVHSLHEV
YGPEVAAKVLSVLGRLFTNYITATAFTCGMDDLRLTAEGNKWRTDILKTSVDTGREAAAEVTNLDKDTPADDPELLKRLQ
EILRDNNKSGILDAVTSSKVNAITSQVVSKCVPDGTMKKFPCNSMQAMALSGAKGSNVNVSQIMCLLGQQALEGRRVPVM
VSGKTLPSFKPYETDAMAGGYVKGRFYSGIKPQEYYFHCMAGREGLIDTAVKTSRSGYLQRCLTKQLEGVHVSYDNSIRD
ADGTLVQFMYGGDAIDITKESHMTQFEFCLDNYYALLKKYNPSALIEHLDVESALKYSKKTLKYRKKHSKEPHYKQSVKY
DPVLAKYNPAKYLGSVSENFQDKLESFLDKNSKLFKSSDGVNEKKFRALMQLKYMRSLINPGEAVGIIASQSVGEPSTQM
TLNTFHFAGHGAANVTLGIPRLREIVMTASAAIKTPQMTLPIWNDVSDEQADTFCKSISKVLLSEVIDKVIVTETTGTSN
TAGGNAARSYVIHMRFFDNNEYSEEYDVSKEELQNVISNQFIHLLEAAIVKEIKKQKRTTGPDIGVAVPRLQTDVANSSS
NSKRLEEDNDEEQSHKKTKQAVSYDEPDEDEIETMREAEKSSDEEGIDSDKESDSDSEDEDVDMNEQINKSIVEANNNMN
KVQRDRQSAIISHHRFITKYNFDDESGKWCEFKLELAADTEKLLMVNIVEEICRKSIIRQIPHIDRCVHPEPENGKRVLV
TEGVNFQAMWDQEAFIDVDGITSNDVAAVLKTYGVEAARNTIVNEINNVFSRYAISVSFRHLDLIADMMTRQGTYLAFNR
QGMETSTSSFMKMSYETTCQFLTKAVLDNEREQLDSPSARIVVGKLNNVGTGSFDVLAKVPNAA
;
A
2 'polypeptide(L)'
;MSKVIKPPGQARTADFRTLERESRFINPPKDKSAFPLLQEAVQPHIGSFNALTEGPDGGLLNLGVKDIGEKVIFDGKPLN
SEDEISNSGYLGNKLSVSVEQVSIAKPMSNDGVSSAVERKVYPSESRQRLTSYRGKLLLKLKWSVNNGEENLFEVRDCGG
LPVMLQSNRCHLNKMSPYELVQHKEESDEIGGYFIVNGIEKLIRMLIVQRRNHPMAIIRPSFANRGASYSHYGIQIRSVR
PDQTSQTNVLHYLNDGQVTFRFSWRKNEYLVPVVMILKALCHTSDREIFDGIIGNDVKDSFLTDRLELLLRGFKKRYPHL
QNRTQVLQYLGDKFRVVFQASPDQSDLEVGQEVLDRIVLVHLGKDGSQDKFRMLLFMIRKLYSLVAGECSPDNPDATQHQ
EVLLGGFLYGMILKEKIDEYLQNIIAQVRMDINRGMAINFKDKRYMSRVLMRVNENIGSKMQYFLSTGNLVSQSGLDLQQ
VSGYTVVAEKINFYRFISHFRMVHRGSFFAQLKTTTVRKLLPESWGFLCPVHTPDGSPCGLLNHFAHKCRISTQQSDVSR
IPSILYSLGVAPASHTFAAGPSLCCVQIDGKIIGWVSHEQGKIIADTLRYWKVEGKTPGLPIDLEIGYVPPSTRGQYPGL
YLFGGHSRMLRPVRYLPLDKEDIVGPFEQVYMNIAVTPQEIQNNVHTHVEFTPTNILSILANLTPFSDFNQSPRNMYQCQ
MGKQTMGTPGVALCHRSDNKLYRLQTGQTPIVKANLYDDYGMDNFPNGFNAVVAVISYTGYDMDDAMIINKSADERGFGY
GTMYKTEKVDLALNRNRGDPITQHFGFGNDEWPKEWLEKLDEDGLPYIGTYVEEGDPICAYFDDTLNKTKIKTYHSSEPA
YIEEVNLIGDESNKFQELQTVSIKYRIRRTPQIGDKFSSRHGQKGVCSRKWPTIDMPFSETGIQPDIIINPHAFPSRMTI
GMFVESLAGKAGALHGIAQDSTPWIFNEDDTPADYFGEQLAKAGYNYHGNEPMYSGATGEELRADIYVGVVYYQRLRHMV
NDKFQVRSTGPVNSLTMQPVKGRKRHGGIRVGEMERDALIGHGTSFLLQDRLLNSSDYTQASVCRECGSILTTQQSVPRI
GSISTVCCRRCSMRFEDAKKLLTKSEDGEKIFIDDSQIWEDGQGNKFVGGNETTTVAIPFVLKYLDSELSAMGIRLRYNV
EPK
;
B
3 'polypeptide(L)'
;MSNIVGIEYNRVTNTTSTDFPGFSKDAENEWNVEKFKKDFEVNISSLDAREANFDLINIDTSIANAFRRIMISEVPSVAA
EYVYFFNNTSVIQDEVLAHRIGLVPLKVDPDMLTWVDSNLPDDEKFTDENTIVLSLNVKCTRNPDAPKGSTDPKELYNNA
HVYARDLKFEPQGRQSTTFADCPVVPADPDILLAKLRPGQEISLKAHCILGIGGDHAKFSPVSTASYRLLPQINILQPIK
GESARRFQKCFPPGVIGIDEGSDEAYVKDARKDTVSREVLRYEEFADKVKLGRVRNHFIFNVESAGAMTPEEIFFKSVRI
LKNKAEYLKNCPITQ
;
C
4 'polypeptide(L)'
;MMKGSRRTGNNTATTLNTPVVIHATQLPQHVSTDEVLQFLESFIDEKENIIDSTTMNTISGNAADADAAAVANTSLNIDT
NLSSSISQLKRIQRDFKGLPPAQDFSAAPIQVSTTEKKETSIGVSATGGKKTTFADE
;
D
5 'polypeptide(L)'
;MDQENERNISRLWRAFRTVKEMVKDRGYFITQEEVELPLEDFKAKYCDSMGRPQRKMMSFQANPTEESISKFPDMGSLWV
EFCDEPSVGVKTMKTFVIHIQEKNFQTGIFVYQNNITPSAMKLVPSIPPATIETFNEAALVVNITHHELVPKHIRLSSDE
KRELLKRYRLKESQLPRIQRADPVALYLGLKRGEVVKIIRKSETSGRYASYRICM
;
E
6 'polypeptide(L)'
;MSDYEEAFNDGNENFEDFDVEHFSDEETYEEKPQFKDGETTDANGKTIVTGGNGPEDFQQHEQIRRKTLKEKAIPKDQRA
TTPYMTKYERARILGTRALQISMNAPVFVDLEGETDPLRIAMKELAEKKIPLVIRRYLPDGSFEDWSVEELIVDL
;
F
7 'polypeptide(L)'
;MSQVKRANENRETARFIKKHKKQVTNPIDEKNGTSNCIVRVPIALYVSLAPMYLENPLQGVMKQHLNPLVMKYNNKVGGV
VLGYEGLKILDADPLSKEDTSEKLIKITPDTPFGFTWCHVNLYVWQPQVGDVLEGYIFIQSASHIGLLIHDAFNASIKKN
NIPVDWTFVHNDVEEDADVINTDENNGNNNNEDNKDSNGGSNSLGKFSFGNRSLGHWVDSNGEPIDGKLRFTVRNVHTTG
RVVSVDGTLISDADEEGNGYNSSRSQAESLPIVSNKKIVFDDEVSIENKESHKELDLPEVKEDNGSEIVYEENTSESNDG
ESSDSD
;
G
8 'polypeptide(L)'
;MSNTLFDDIFQVSEVDPGRYNKVCRIEAASTTQDQCKLTLDINVELFPVAAQDSLTVTIASSLNLEDTPANDSSATRSWR
PPQAGDRSLADDYDYVMYGTAYKFEEVSKDLIAVYYSFGGLLMRLEGNYRNLNNLKQENAYLLIRR
;
H
9 'polypeptide(L)'
;MSVVGSLIFCLDCGDLLENPNAVLGSNVECSQCKAIYPKSQFSNLKVVTTTADDAFPSSLRAKKSVVKTSLKKNELKDGA
TIKEKCPQCGNEEMNYHTLQLRSADEGATVFYTCTSCGYKFRTNN
;
I
10 'polypeptide(L)' MIVPVRCFSCGKVVGDKWESYLNLLQEDELDEGTALSRLGLKRYCCRRMILTHVDLIEKFLRYNPLEKRD J
11 'polypeptide(L)'
;MTEDIEQKKTATEVTPQEPKHIQEEEEQDVDMTGDEEQEEEPDREKIKLLTQATSEDGTSASFQIVEEDHTLGNALRYVI
MKNPDVEFCGYSIPHPSENLLNIRIQTYGETTAVDALQKGLKDLMDLCDVVESKFTEKIKSM
;
K
12 'polypeptide(L)' MSREGFQIPTNLDAAAAGTSQARTATLKYICAECSSKLSLSRTDAVRCKDCGHRILLKARTKRLVQFEAR L
13 'polypeptide(L)'
;MSVKRSVSEIEIESVQDQPSVAVGSFFKGFRAPSDTTFDLYKKKKSEKDEFVLHGENERLEYEGYTDSSSQASNQYVVGL
FNPEKKSIQLYKAPVLVSKVVSKSSKNLRGPKIKSKSDTRPSALRNALGEAFGTKKAKKAIADLERNRIDSDKLTDSAID
IVDSVRTASKDLPTRAQLDEITSNDRPTPLANIDATDVEQIYPIESIIPKKELQFIRVSSILKEADKEKKLELFPYQNNS
KYVAKKLDSLTQPSQMTKLQLLYYLSLLLGVYENRRVNNKTKLLERLNSPPEILVDGILSRFTVIKPGQFGRSKDRSYFI
DPQNEDKILCYILAIIMHLDNFIVEITPLAHELNLKPSKVVSLFRVLGAIVKGATVAQAEAFGIPKSTAASYKIATMKVP
FKLPEMTRRGRGPRR
;
M
14 'polypeptide(L)'
;MSKLSKDYVSDSDSDDEVISNEFSIPDGFKKCKHLKNFPLNGDNKKKAKQQQVWLIKFPSNVDISKLKSLPVDFESSTTM
TIDKHDYKIMDDTDIESSLTQDNLSNMTLLVPSESKESLKIASTAKDNAPLQFDKVFSVSETAKIPAIDYSKVRVPRKDV
PKVEGLKLEHFATGYDAEDFHVAEEVKENKKEPKKRSHHDDEEESSEKKKKKKEKREKREKKDKKDKKKKHRD
;
N
15 'polyribonucleotide' AUAAAUCGAGAG R
16 'polydeoxyribonucleotide'
;(DG)(DA)(DT)(DT)(DT)(DC)(DA)(DT)(DA)(DC)(DG)(DC)(DC)(DA)(DT)(DT)(DC)(DC)(DT)(DT)
(DC)(DT)(DC)(DT)(DC)(DT)(DG)(DC)(DT)(DT)(DA)(DT)(DC)(DG)(DG)(DT)(DA)(DG)
;
S
17 'polydeoxyribonucleotide'
;(DC)(DT)(DA)(DC)(DC)(DG)(DA)(DT)(DA)(DA)(DG)(DC)(DA)(DG)(DA)(DT)(3DR)(DC)(DT)
(DC)(DT)(DC)(DG)(DA)(DT)(DT)(DG)(DC)(DG)(DT)(DA)(DT)(DG)(DA)(DA)(DA)(DT)(DC)
;
T
#
loop_
_chem_comp.id
_chem_comp.type
_chem_comp.name
_chem_comp.formula
3DR DNA linking 1',2'-DIDEOXYRIBOFURANOSE-5'-PHOSPHATE 'C5 H11 O6 P'
A RNA linking ADENOSINE-5'-MONOPHOSPHATE 'C10 H14 N5 O7 P'
C RNA linking CYTIDINE-5'-MONOPHOSPHATE 'C9 H14 N3 O8 P'
DA DNA linking 2'-DEOXYADENOSINE-5'-MONOPHOSPHATE 'C10 H14 N5 O6 P'
DC DNA linking 2'-DEOXYCYTIDINE-5'-MONOPHOSPHATE 'C9 H14 N3 O7 P'
DG DNA linking 2'-DEOXYGUANOSINE-5'-MONOPHOSPHATE 'C10 H14 N5 O7 P'
DT DNA linking THYMIDINE-5'-MONOPHOSPHATE 'C10 H15 N2 O8 P'
G RNA linking GUANOSINE-5'-MONOPHOSPHATE 'C10 H14 N5 O8 P'
MG non-polymer 'MAGNESIUM ION' 'Mg 2'
U RNA linking URIDINE-5'-MONOPHOSPHATE 'C9 H13 N2 O9 P'
ZN non-polymer 'ZINC ION' 'Zn 2'
#
# COMPACT_ATOMS: atom_id res chain seq x y z
N MET A 1 -25.51 -16.07 20.41
CA MET A 1 -25.52 -17.32 21.14
C MET A 1 -25.80 -17.11 22.61
N ASP A 2 -26.77 -17.86 23.13
CA ASP A 2 -27.08 -17.89 24.55
C ASP A 2 -26.55 -19.19 25.13
N ILE A 3 -25.82 -19.09 26.24
CA ILE A 3 -25.24 -20.27 26.88
C ILE A 3 -26.24 -21.01 27.76
N SER A 4 -27.47 -20.53 27.87
CA SER A 4 -28.51 -21.26 28.57
C SER A 4 -29.51 -21.90 27.60
N LYS A 5 -29.13 -22.03 26.34
CA LYS A 5 -29.91 -22.72 25.31
C LYS A 5 -29.02 -23.80 24.70
N PRO A 6 -28.85 -24.92 25.40
CA PRO A 6 -28.01 -25.99 24.86
C PRO A 6 -28.60 -26.60 23.61
N VAL A 7 -27.71 -27.10 22.75
CA VAL A 7 -28.09 -27.80 21.53
C VAL A 7 -27.68 -29.26 21.68
N GLY A 8 -28.57 -30.17 21.31
CA GLY A 8 -28.27 -31.58 21.39
C GLY A 8 -27.62 -32.13 20.14
N SER A 9 -28.15 -31.76 18.97
CA SER A 9 -27.72 -32.34 17.72
C SER A 9 -26.60 -31.53 17.08
N GLU A 10 -25.77 -32.22 16.30
CA GLU A 10 -24.65 -31.60 15.59
C GLU A 10 -24.58 -32.12 14.17
N ILE A 11 -23.94 -31.35 13.30
CA ILE A 11 -23.72 -31.75 11.92
C ILE A 11 -22.39 -32.49 11.87
N THR A 12 -22.43 -33.82 11.95
CA THR A 12 -21.18 -34.57 12.01
C THR A 12 -20.48 -34.65 10.65
N SER A 13 -21.22 -34.53 9.56
CA SER A 13 -20.63 -34.50 8.22
C SER A 13 -21.72 -34.13 7.22
N VAL A 14 -21.28 -33.75 6.02
CA VAL A 14 -22.19 -33.40 4.93
C VAL A 14 -21.73 -34.07 3.64
N ASP A 15 -22.68 -34.24 2.72
CA ASP A 15 -22.41 -34.88 1.44
C ASP A 15 -23.12 -34.13 0.32
N PHE A 16 -22.52 -34.17 -0.87
CA PHE A 16 -23.03 -33.49 -2.04
C PHE A 16 -23.83 -34.45 -2.90
N GLY A 17 -25.02 -34.02 -3.34
CA GLY A 17 -25.86 -34.83 -4.18
C GLY A 17 -26.61 -33.96 -5.18
N ILE A 18 -27.50 -34.60 -5.94
CA ILE A 18 -28.31 -33.92 -6.94
C ILE A 18 -29.76 -33.93 -6.48
N LEU A 19 -30.42 -32.78 -6.64
CA LEU A 19 -31.82 -32.60 -6.29
C LEU A 19 -32.65 -33.01 -7.51
N THR A 20 -33.13 -34.24 -7.51
CA THR A 20 -33.90 -34.74 -8.64
C THR A 20 -35.23 -33.99 -8.76
N ALA A 21 -35.71 -33.86 -10.00
CA ALA A 21 -36.94 -33.11 -10.23
C ALA A 21 -38.15 -33.73 -9.55
N LYS A 22 -38.09 -35.02 -9.22
CA LYS A 22 -39.19 -35.65 -8.50
C LYS A 22 -39.27 -35.16 -7.06
N GLU A 23 -38.13 -35.12 -6.37
CA GLU A 23 -38.12 -34.71 -4.97
C GLU A 23 -38.37 -33.22 -4.81
N ILE A 24 -37.98 -32.41 -5.80
CA ILE A 24 -38.27 -30.98 -5.74
C ILE A 24 -39.77 -30.76 -5.63
N ARG A 25 -40.53 -31.40 -6.51
CA ARG A 25 -41.98 -31.32 -6.43
C ARG A 25 -42.51 -32.03 -5.20
N ASN A 26 -41.77 -33.02 -4.69
CA ASN A 26 -42.15 -33.61 -3.42
C ASN A 26 -41.97 -32.61 -2.28
N LEU A 27 -40.86 -31.88 -2.26
CA LEU A 27 -40.55 -30.93 -1.20
C LEU A 27 -41.11 -29.54 -1.46
N SER A 28 -41.73 -29.31 -2.61
CA SER A 28 -42.21 -27.99 -2.95
C SER A 28 -43.44 -27.61 -2.12
N ALA A 29 -43.62 -26.30 -1.95
CA ALA A 29 -44.80 -25.76 -1.31
C ALA A 29 -45.79 -25.14 -2.29
N LYS A 30 -45.33 -24.74 -3.47
CA LYS A 30 -46.19 -24.19 -4.51
C LYS A 30 -45.40 -24.08 -5.81
N GLN A 31 -46.07 -24.35 -6.93
CA GLN A 31 -45.50 -24.12 -8.24
C GLN A 31 -45.75 -22.68 -8.66
N ILE A 32 -44.74 -22.07 -9.26
CA ILE A 32 -44.87 -20.71 -9.81
C ILE A 32 -45.23 -20.83 -11.29
N THR A 33 -46.26 -20.10 -11.70
CA THR A 33 -46.75 -20.18 -13.07
C THR A 33 -46.63 -18.85 -13.83
N ASN A 34 -47.16 -17.77 -13.28
CA ASN A 34 -47.31 -16.53 -14.02
C ASN A 34 -46.38 -15.45 -13.49
N PRO A 35 -45.69 -14.72 -14.37
CA PRO A 35 -44.77 -13.65 -13.94
C PRO A 35 -45.51 -12.39 -13.50
N THR A 36 -46.36 -12.53 -12.50
CA THR A 36 -47.07 -11.40 -11.92
C THR A 36 -46.54 -11.20 -10.50
N VAL A 37 -45.43 -10.47 -10.38
CA VAL A 37 -44.84 -10.23 -9.08
C VAL A 37 -45.78 -9.39 -8.22
N LEU A 38 -46.12 -8.20 -8.69
CA LEU A 38 -47.03 -7.30 -7.99
C LEU A 38 -47.95 -6.68 -9.04
N ASP A 39 -49.25 -6.95 -8.92
CA ASP A 39 -50.23 -6.36 -9.81
C ASP A 39 -50.54 -4.94 -9.36
N ASN A 40 -51.63 -4.37 -9.87
CA ASN A 40 -52.16 -3.15 -9.32
C ASN A 40 -52.54 -3.36 -7.85
N LEU A 41 -52.91 -2.26 -7.18
CA LEU A 41 -53.12 -2.21 -5.73
C LEU A 41 -51.85 -2.47 -4.94
N GLY A 42 -50.72 -2.66 -5.61
CA GLY A 42 -49.46 -2.88 -4.92
C GLY A 42 -49.39 -4.15 -4.09
N HIS A 43 -49.94 -5.25 -4.61
CA HIS A 43 -49.93 -6.50 -3.89
C HIS A 43 -49.47 -7.63 -4.80
N PRO A 44 -48.94 -8.71 -4.22
CA PRO A 44 -48.62 -9.88 -5.04
C PRO A 44 -49.88 -10.61 -5.47
N VAL A 45 -49.76 -11.31 -6.59
CA VAL A 45 -50.86 -12.11 -7.10
C VAL A 45 -50.79 -13.50 -6.47
N SER A 46 -51.90 -14.23 -6.54
CA SER A 46 -51.91 -15.61 -6.09
C SER A 46 -51.22 -16.48 -7.12
N GLY A 47 -50.27 -17.30 -6.66
CA GLY A 47 -49.50 -18.14 -7.55
C GLY A 47 -48.39 -17.45 -8.30
N GLY A 48 -48.01 -16.22 -7.91
CA GLY A 48 -46.94 -15.51 -8.55
C GLY A 48 -45.59 -15.71 -7.87
N LEU A 49 -44.59 -15.00 -8.38
CA LEU A 49 -43.23 -15.14 -7.87
C LEU A 49 -43.15 -14.78 -6.40
N TYR A 50 -43.74 -13.64 -6.01
CA TYR A 50 -43.79 -13.25 -4.60
C TYR A 50 -45.06 -13.77 -3.95
N ASP A 51 -45.34 -15.05 -4.13
CA ASP A 51 -46.57 -15.60 -3.60
C ASP A 51 -46.52 -15.60 -2.08
N LEU A 52 -47.69 -15.70 -1.47
CA LEU A 52 -47.74 -15.93 -0.04
C LEU A 52 -47.35 -17.35 0.33
N ALA A 53 -47.11 -18.21 -0.66
CA ALA A 53 -46.63 -19.56 -0.38
C ALA A 53 -45.16 -19.56 0.00
N LEU A 54 -44.34 -18.77 -0.68
CA LEU A 54 -42.89 -18.80 -0.51
C LEU A 54 -42.42 -18.01 0.69
N GLY A 55 -43.32 -17.72 1.61
CA GLY A 55 -43.00 -16.95 2.81
C GLY A 55 -44.04 -15.89 3.08
N ALA A 56 -43.87 -15.24 4.22
CA ALA A 56 -44.72 -14.14 4.63
C ALA A 56 -44.12 -12.85 4.09
N PHE A 57 -44.83 -12.20 3.18
CA PHE A 57 -44.34 -11.02 2.49
C PHE A 57 -45.05 -9.78 3.05
N LEU A 58 -44.26 -8.80 3.49
CA LEU A 58 -44.78 -7.59 4.13
C LEU A 58 -45.73 -7.93 5.26
N ARG A 59 -46.82 -7.19 5.39
CA ARG A 59 -47.80 -7.47 6.43
C ARG A 59 -48.83 -8.49 5.97
N ASN A 60 -48.34 -9.64 5.49
CA ASN A 60 -49.18 -10.75 5.07
C ASN A 60 -48.66 -12.02 5.72
N LEU A 61 -49.57 -12.77 6.34
CA LEU A 61 -49.20 -14.06 6.90
C LEU A 61 -48.82 -15.02 5.78
N CYS A 62 -47.76 -15.80 6.00
CA CYS A 62 -47.35 -16.79 5.01
C CYS A 62 -48.44 -17.83 4.81
N SER A 63 -48.79 -18.08 3.55
CA SER A 63 -49.89 -18.99 3.26
C SER A 63 -49.52 -20.45 3.47
N THR A 64 -48.24 -20.75 3.71
CA THR A 64 -47.79 -22.13 3.88
C THR A 64 -47.77 -22.54 5.36
N CYS A 65 -47.20 -21.69 6.22
CA CYS A 65 -47.09 -21.99 7.64
C CYS A 65 -47.94 -21.09 8.53
N GLY A 66 -48.50 -20.02 7.99
CA GLY A 66 -49.36 -19.13 8.77
C GLY A 66 -48.66 -18.35 9.86
N LEU A 67 -47.47 -17.81 9.58
CA LEU A 67 -46.72 -17.05 10.55
C LEU A 67 -46.44 -15.64 10.01
N ASP A 68 -45.92 -14.79 10.89
CA ASP A 68 -45.58 -13.43 10.52
C ASP A 68 -44.32 -13.41 9.66
N GLU A 69 -44.01 -12.23 9.12
CA GLU A 69 -42.85 -12.10 8.24
C GLU A 69 -41.55 -12.40 8.98
N LYS A 70 -41.45 -11.99 10.25
CA LYS A 70 -40.20 -12.15 10.99
C LYS A 70 -40.00 -13.55 11.52
N PHE A 71 -41.01 -14.41 11.51
CA PHE A 71 -40.90 -15.75 12.05
C PHE A 71 -41.14 -16.84 11.01
N CYS A 72 -41.47 -16.48 9.78
CA CYS A 72 -41.58 -17.48 8.73
C CYS A 72 -40.19 -17.80 8.20
N PRO A 73 -39.75 -19.05 8.25
CA PRO A 73 -38.41 -19.38 7.73
C PRO A 73 -38.27 -19.09 6.24
N GLY A 74 -39.33 -19.24 5.46
CA GLY A 74 -39.25 -19.08 4.02
C GLY A 74 -39.30 -20.42 3.30
N HIS A 75 -40.47 -20.77 2.80
CA HIS A 75 -40.69 -22.08 2.21
C HIS A 75 -40.22 -22.11 0.76
N GLN A 76 -39.91 -23.32 0.29
CA GLN A 76 -39.35 -23.50 -1.03
C GLN A 76 -40.45 -23.57 -2.09
N GLY A 77 -40.13 -23.08 -3.28
CA GLY A 77 -41.03 -23.14 -4.42
C GLY A 77 -40.31 -23.65 -5.66
N HIS A 78 -41.09 -23.82 -6.72
CA HIS A 78 -40.53 -24.34 -7.95
C HIS A 78 -41.36 -23.87 -9.14
N ILE A 79 -40.77 -23.99 -10.33
CA ILE A 79 -41.47 -23.79 -11.59
C ILE A 79 -41.22 -25.03 -12.44
N GLU A 80 -42.13 -25.26 -13.38
CA GLU A 80 -42.11 -26.46 -14.22
C GLU A 80 -41.59 -26.09 -15.60
N LEU A 81 -40.37 -26.46 -15.90
CA LEU A 81 -39.84 -26.28 -17.24
C LEU A 81 -40.51 -27.29 -18.16
N PRO A 82 -41.18 -26.86 -19.23
CA PRO A 82 -41.82 -27.84 -20.13
C PRO A 82 -40.82 -28.71 -20.88
N VAL A 83 -39.55 -28.31 -20.96
CA VAL A 83 -38.55 -29.03 -21.72
C VAL A 83 -37.25 -29.10 -20.94
N PRO A 84 -36.66 -30.28 -20.76
CA PRO A 84 -35.43 -30.39 -19.97
C PRO A 84 -34.28 -29.60 -20.61
N CYS A 85 -33.45 -29.01 -19.75
CA CYS A 85 -32.40 -28.10 -20.18
C CYS A 85 -31.05 -28.57 -19.66
N TYR A 86 -30.01 -28.28 -20.43
CA TYR A 86 -28.64 -28.60 -20.02
C TYR A 86 -28.25 -27.72 -18.84
N ASN A 87 -27.96 -28.34 -17.70
CA ASN A 87 -27.50 -27.60 -16.55
C ASN A 87 -26.10 -27.08 -16.80
N PRO A 88 -25.87 -25.77 -16.76
CA PRO A 88 -24.55 -25.23 -17.14
C PRO A 88 -23.44 -25.62 -16.18
N LEU A 89 -23.71 -26.41 -15.15
CA LEU A 89 -22.67 -26.96 -14.29
C LEU A 89 -22.22 -28.34 -14.75
N PHE A 90 -23.16 -29.20 -15.12
CA PHE A 90 -22.87 -30.56 -15.55
C PHE A 90 -22.70 -30.66 -17.06
N PHE A 91 -22.72 -29.53 -17.78
CA PHE A 91 -22.68 -29.58 -19.24
C PHE A 91 -21.35 -30.10 -19.76
N ASN A 92 -20.24 -29.74 -19.12
CA ASN A 92 -18.95 -30.22 -19.61
C ASN A 92 -18.88 -31.74 -19.54
N GLN A 93 -19.26 -32.30 -18.39
CA GLN A 93 -19.23 -33.75 -18.23
C GLN A 93 -20.25 -34.43 -19.13
N LEU A 94 -21.43 -33.83 -19.31
CA LEU A 94 -22.42 -34.44 -20.18
C LEU A 94 -21.97 -34.46 -21.63
N TYR A 95 -21.39 -33.35 -22.11
CA TYR A 95 -20.88 -33.29 -23.47
C TYR A 95 -19.72 -34.26 -23.67
N ILE A 96 -18.84 -34.37 -22.68
CA ILE A 96 -17.73 -35.32 -22.77
C ILE A 96 -18.23 -36.76 -22.82
N TYR A 97 -19.22 -37.10 -21.99
CA TYR A 97 -19.78 -38.44 -22.03
C TYR A 97 -20.49 -38.71 -23.34
N LEU A 98 -21.26 -37.74 -23.82
CA LEU A 98 -22.00 -37.91 -25.06
C LEU A 98 -21.05 -38.11 -26.22
N ARG A 99 -19.97 -37.34 -26.27
CA ARG A 99 -19.00 -37.40 -27.36
C ARG A 99 -18.23 -38.72 -27.41
N ALA A 100 -18.50 -39.67 -26.52
CA ALA A 100 -17.80 -40.94 -26.53
C ALA A 100 -18.75 -42.10 -26.25
N SER A 101 -19.93 -42.07 -26.85
CA SER A 101 -20.92 -43.13 -26.64
C SER A 101 -21.51 -43.54 -27.98
N CYS A 102 -21.96 -44.79 -28.05
CA CYS A 102 -22.47 -45.39 -29.27
C CYS A 102 -24.00 -45.47 -29.23
N LEU A 103 -24.64 -44.95 -30.27
CA LEU A 103 -26.08 -44.77 -30.28
C LEU A 103 -26.85 -46.06 -30.56
N PHE A 104 -26.18 -47.11 -31.03
CA PHE A 104 -26.86 -48.30 -31.54
C PHE A 104 -27.01 -49.38 -30.48
N CYS A 105 -25.89 -49.86 -29.92
CA CYS A 105 -25.94 -50.87 -28.87
C CYS A 105 -26.17 -50.28 -27.49
N HIS A 106 -26.13 -48.95 -27.35
CA HIS A 106 -26.27 -48.27 -26.07
C HIS A 106 -25.15 -48.64 -25.08
N HIS A 107 -23.97 -48.94 -25.60
CA HIS A 107 -22.78 -49.12 -24.79
C HIS A 107 -21.72 -48.13 -25.26
N PHE A 108 -20.62 -48.06 -24.50
CA PHE A 108 -19.55 -47.15 -24.88
C PHE A 108 -18.81 -47.66 -26.11
N ARG A 109 -18.20 -46.73 -26.83
CA ARG A 109 -17.37 -47.07 -27.99
C ARG A 109 -16.02 -47.66 -27.59
N LEU A 110 -15.83 -47.98 -26.31
CA LEU A 110 -14.64 -48.62 -25.81
C LEU A 110 -14.88 -50.13 -25.67
N LYS A 111 -13.78 -50.86 -25.59
CA LYS A 111 -13.87 -52.30 -25.34
C LYS A 111 -14.56 -52.55 -24.00
N SER A 112 -15.55 -53.44 -23.99
CA SER A 112 -16.31 -53.67 -22.77
C SER A 112 -15.47 -54.32 -21.68
N VAL A 113 -14.50 -55.15 -22.06
CA VAL A 113 -13.60 -55.71 -21.06
C VAL A 113 -12.73 -54.61 -20.45
N GLU A 114 -12.34 -53.62 -21.25
CA GLU A 114 -11.62 -52.48 -20.69
C GLU A 114 -12.50 -51.68 -19.74
N VAL A 115 -13.78 -51.51 -20.09
CA VAL A 115 -14.71 -50.87 -19.17
C VAL A 115 -14.80 -51.65 -17.87
N HIS A 116 -14.78 -52.99 -17.96
CA HIS A 116 -14.82 -53.80 -16.75
C HIS A 116 -13.54 -53.64 -15.93
N ARG A 117 -12.40 -53.55 -16.60
CA ARG A 117 -11.15 -53.33 -15.87
C ARG A 117 -11.19 -52.02 -15.10
N TYR A 118 -11.66 -50.96 -15.75
CA TYR A 118 -11.77 -49.67 -15.07
C TYR A 118 -12.77 -49.73 -13.92
N ALA A 119 -13.89 -50.41 -14.13
CA ALA A 119 -14.87 -50.55 -13.05
C ALA A 119 -14.29 -51.29 -11.87
N CYS A 120 -13.53 -52.37 -12.11
CA CYS A 120 -12.92 -53.11 -11.02
C CYS A 120 -11.89 -52.27 -10.28
N LYS A 121 -11.04 -51.57 -11.03
CA LYS A 121 -10.05 -50.72 -10.38
C LYS A 121 -10.70 -49.65 -9.54
N LEU A 122 -11.79 -49.05 -10.03
CA LEU A 122 -12.47 -48.02 -9.26
C LEU A 122 -13.17 -48.61 -8.05
N ARG A 123 -13.71 -49.82 -8.16
CA ARG A 123 -14.29 -50.46 -6.99
C ARG A 123 -13.24 -50.70 -5.93
N LEU A 124 -12.02 -51.04 -6.35
CA LEU A 124 -10.92 -51.16 -5.40
C LEU A 124 -10.61 -49.82 -4.76
N LEU A 125 -10.37 -48.80 -5.57
CA LEU A 125 -10.00 -47.48 -5.08
C LEU A 125 -11.08 -46.85 -4.21
N GLN A 126 -12.32 -47.33 -4.30
CA GLN A 126 -13.35 -46.89 -3.37
C GLN A 126 -13.03 -47.26 -1.93
N TYR A 127 -12.16 -48.24 -1.74
CA TYR A 127 -11.59 -48.56 -0.45
C TYR A 127 -10.12 -48.13 -0.45
N GLY A 128 -9.41 -48.48 0.61
CA GLY A 128 -8.01 -48.14 0.68
C GLY A 128 -7.12 -49.22 0.11
N LEU A 129 -7.32 -49.57 -1.16
CA LEU A 129 -6.68 -50.73 -1.77
C LEU A 129 -5.98 -50.33 -3.06
N ILE A 130 -5.21 -49.26 -3.01
CA ILE A 130 -4.63 -48.70 -4.23
C ILE A 130 -3.55 -49.61 -4.80
N ASP A 131 -2.86 -50.39 -3.95
CA ASP A 131 -1.83 -51.29 -4.45
C ASP A 131 -2.42 -52.40 -5.30
N GLU A 132 -3.51 -53.00 -4.83
CA GLU A 132 -4.15 -54.07 -5.58
C GLU A 132 -4.72 -53.57 -6.90
N SER A 133 -5.04 -52.28 -6.98
CA SER A 133 -5.52 -51.73 -8.23
C SER A 133 -4.45 -51.87 -9.31
N TYR A 134 -3.20 -51.58 -8.97
CA TYR A 134 -2.12 -51.79 -9.93
C TYR A 134 -1.78 -53.26 -10.07
N LYS A 135 -2.00 -54.07 -9.04
CA LYS A 135 -1.78 -55.50 -9.20
C LYS A 135 -2.87 -56.17 -10.03
N LEU A 136 -3.96 -55.47 -10.34
CA LEU A 136 -4.99 -56.04 -11.20
C LEU A 136 -4.54 -56.13 -12.65
N ASP A 137 -3.75 -55.17 -13.12
CA ASP A 137 -3.23 -55.22 -14.49
C ASP A 137 -2.38 -56.46 -14.72
N GLU A 138 -1.89 -57.09 -13.66
CA GLU A 138 -1.17 -58.35 -13.78
C GLU A 138 -2.06 -59.50 -14.20
N ILE A 139 -3.37 -59.33 -14.19
CA ILE A 139 -4.28 -60.41 -14.56
C ILE A 139 -4.36 -60.49 -16.08
N THR A 140 -3.48 -61.30 -16.67
CA THR A 140 -3.53 -61.60 -18.10
C THR A 140 -3.35 -63.10 -18.28
N LEU A 141 -4.01 -63.62 -19.31
CA LEU A 141 -3.87 -65.03 -19.65
C LEU A 141 -2.91 -65.22 -20.81
N SER A 174 -13.49 -66.07 -28.51
CA SER A 174 -13.20 -64.80 -27.86
C SER A 174 -14.13 -64.55 -26.67
N SER A 175 -15.40 -64.91 -26.84
CA SER A 175 -16.38 -64.66 -25.78
C SER A 175 -16.01 -65.40 -24.49
N THR A 176 -15.67 -66.69 -24.61
CA THR A 176 -15.33 -67.46 -23.43
C THR A 176 -14.04 -66.96 -22.79
N LEU A 177 -13.04 -66.62 -23.62
CA LEU A 177 -11.77 -66.11 -23.08
C LEU A 177 -11.98 -64.80 -22.33
N LEU A 178 -12.74 -63.88 -22.92
CA LEU A 178 -12.99 -62.61 -22.27
C LEU A 178 -13.82 -62.80 -21.00
N ASN A 179 -14.80 -63.71 -21.01
CA ASN A 179 -15.55 -63.96 -19.80
C ASN A 179 -14.65 -64.53 -18.70
N GLU A 180 -13.76 -65.45 -19.06
CA GLU A 180 -12.84 -66.00 -18.06
C GLU A 180 -11.93 -64.91 -17.50
N LEU A 181 -11.40 -64.06 -18.37
CA LEU A 181 -10.51 -62.99 -17.91
C LEU A 181 -11.24 -62.04 -16.97
N LYS A 182 -12.45 -61.64 -17.36
CA LYS A 182 -13.21 -60.71 -16.54
C LYS A 182 -13.64 -61.34 -15.22
N SER A 183 -13.99 -62.63 -15.25
CA SER A 183 -14.34 -63.31 -14.00
C SER A 183 -13.15 -63.38 -13.06
N LYS A 184 -11.97 -63.69 -13.60
CA LYS A 184 -10.77 -63.71 -12.76
C LYS A 184 -10.50 -62.34 -12.16
N ARG A 185 -10.62 -61.28 -12.97
CA ARG A 185 -10.41 -59.92 -12.46
C ARG A 185 -11.40 -59.60 -11.35
N SER A 186 -12.68 -59.89 -11.57
CA SER A 186 -13.70 -59.58 -10.59
C SER A 186 -13.47 -60.36 -9.30
N GLU A 187 -13.09 -61.63 -9.41
CA GLU A 187 -12.93 -62.43 -8.21
C GLU A 187 -11.69 -62.02 -7.43
N TYR A 188 -10.61 -61.66 -8.13
CA TYR A 188 -9.45 -61.11 -7.44
C TYR A 188 -9.82 -59.86 -6.67
N VAL A 189 -10.55 -58.96 -7.33
CA VAL A 189 -10.97 -57.72 -6.68
C VAL A 189 -11.81 -58.03 -5.44
N ASP A 190 -12.80 -58.90 -5.59
CA ASP A 190 -13.72 -59.15 -4.49
C ASP A 190 -13.03 -59.85 -3.33
N MET A 191 -12.16 -60.82 -3.60
CA MET A 191 -11.45 -61.50 -2.52
C MET A 191 -10.51 -60.55 -1.80
N ALA A 192 -9.80 -59.69 -2.56
CA ALA A 192 -8.91 -58.73 -1.92
C ALA A 192 -9.68 -57.75 -1.05
N ILE A 193 -10.83 -57.29 -1.52
CA ILE A 193 -11.61 -56.35 -0.73
C ILE A 193 -12.16 -57.02 0.53
N ALA A 194 -12.57 -58.29 0.41
CA ALA A 194 -13.02 -59.02 1.59
C ALA A 194 -11.88 -59.18 2.60
N LYS A 195 -10.68 -59.49 2.11
CA LYS A 195 -9.54 -59.61 3.00
C LYS A 195 -9.24 -58.30 3.71
N ALA A 196 -9.26 -57.19 2.96
CA ALA A 196 -8.98 -55.89 3.56
C ALA A 196 -10.04 -55.52 4.60
N LEU A 197 -11.31 -55.79 4.32
CA LEU A 197 -12.34 -55.52 5.31
C LEU A 197 -12.14 -56.39 6.54
N SER A 198 -11.70 -57.64 6.36
CA SER A 198 -11.55 -58.54 7.49
C SER A 198 -10.40 -58.12 8.39
N ASP A 199 -9.23 -57.84 7.81
CA ASP A 199 -8.03 -57.60 8.59
C ASP A 199 -7.86 -56.15 9.03
N GLY A 200 -8.90 -55.33 8.86
CA GLY A 200 -8.93 -53.99 9.40
C GLY A 200 -8.31 -52.91 8.55
N ARG A 201 -7.75 -53.25 7.39
CA ARG A 201 -7.12 -52.24 6.56
C ARG A 201 -8.13 -51.29 5.92
N THR A 202 -9.42 -51.61 5.96
CA THR A 202 -10.47 -50.70 5.51
C THR A 202 -11.71 -50.99 6.34
N THR A 203 -12.85 -50.45 5.93
CA THR A 203 -14.11 -50.68 6.61
C THR A 203 -15.22 -50.69 5.56
N GLU A 204 -16.47 -50.73 6.04
CA GLU A 204 -17.61 -50.75 5.13
C GLU A 204 -17.76 -49.43 4.39
N ARG A 205 -17.29 -48.33 4.97
CA ARG A 205 -17.45 -47.00 4.39
C ARG A 205 -16.20 -46.51 3.69
N GLY A 206 -15.22 -47.38 3.47
CA GLY A 206 -14.09 -47.05 2.63
C GLY A 206 -13.03 -46.20 3.32
N SER A 207 -11.98 -45.92 2.56
CA SER A 207 -10.85 -45.13 3.04
C SER A 207 -10.44 -44.16 1.94
N PHE A 208 -10.65 -42.87 2.18
CA PHE A 208 -10.45 -41.82 1.18
C PHE A 208 -9.43 -40.83 1.74
N THR A 209 -8.18 -41.04 1.39
CA THR A 209 -7.10 -40.14 1.80
C THR A 209 -6.68 -39.30 0.60
N ALA A 210 -5.67 -38.46 0.81
CA ALA A 210 -5.19 -37.62 -0.28
C ALA A 210 -4.56 -38.44 -1.39
N THR A 211 -3.77 -39.45 -1.03
CA THR A 211 -3.17 -40.31 -2.05
C THR A 211 -4.22 -41.15 -2.76
N VAL A 212 -5.21 -41.64 -2.02
CA VAL A 212 -6.31 -42.38 -2.63
C VAL A 212 -7.05 -41.48 -3.62
N ASN A 213 -7.32 -40.25 -3.21
CA ASN A 213 -8.02 -39.30 -4.06
C ASN A 213 -7.22 -38.98 -5.31
N ASP A 214 -5.90 -38.81 -5.16
CA ASP A 214 -5.06 -38.53 -6.32
C ASP A 214 -5.07 -39.69 -7.30
N GLU A 215 -4.94 -40.93 -6.79
CA GLU A 215 -4.95 -42.08 -7.69
C GLU A 215 -6.29 -42.22 -8.37
N ARG A 216 -7.38 -42.02 -7.64
CA ARG A 216 -8.72 -42.13 -8.23
C ARG A 216 -8.93 -41.07 -9.30
N LYS A 217 -8.54 -39.83 -9.03
CA LYS A 217 -8.71 -38.77 -10.01
C LYS A 217 -7.88 -39.04 -11.25
N LYS A 218 -6.64 -39.50 -11.08
CA LYS A 218 -5.80 -39.80 -12.24
C LYS A 218 -6.41 -40.92 -13.07
N LEU A 219 -6.91 -41.96 -12.40
CA LEU A 219 -7.53 -43.07 -13.11
C LEU A 219 -8.75 -42.60 -13.91
N VAL A 220 -9.61 -41.79 -13.29
CA VAL A 220 -10.82 -41.36 -13.97
C VAL A 220 -10.49 -40.42 -15.12
N HIS A 221 -9.49 -39.55 -14.96
CA HIS A 221 -9.09 -38.67 -16.05
C HIS A 221 -8.61 -39.47 -17.24
N GLU A 222 -7.75 -40.46 -17.01
CA GLU A 222 -7.31 -41.28 -18.14
C GLU A 222 -8.44 -42.16 -18.67
N PHE A 223 -9.40 -42.53 -17.82
CA PHE A 223 -10.55 -43.33 -18.26
C PHE A 223 -11.42 -42.54 -19.24
N HIS A 224 -11.69 -41.27 -18.93
CA HIS A 224 -12.43 -40.44 -19.87
C HIS A 224 -11.62 -40.19 -21.13
N LYS A 225 -10.31 -39.97 -20.98
CA LYS A 225 -9.47 -39.82 -22.17
C LYS A 225 -9.52 -41.07 -23.05
N LYS A 226 -9.62 -42.25 -22.42
CA LYS A 226 -9.74 -43.50 -23.15
C LYS A 226 -11.06 -43.59 -23.87
N LEU A 227 -12.15 -43.22 -23.19
CA LEU A 227 -13.47 -43.29 -23.82
C LEU A 227 -13.55 -42.37 -25.03
N LEU A 228 -13.02 -41.15 -24.92
CA LEU A 228 -13.16 -40.20 -26.02
C LEU A 228 -12.36 -40.61 -27.24
N SER A 229 -11.22 -41.28 -27.07
CA SER A 229 -10.36 -41.64 -28.19
C SER A 229 -10.85 -42.95 -28.83
N ARG A 230 -11.99 -42.85 -29.50
CA ARG A 230 -12.59 -43.99 -30.18
C ARG A 230 -13.05 -43.57 -31.57
N GLY A 231 -12.82 -44.45 -32.55
CA GLY A 231 -13.27 -44.21 -33.91
C GLY A 231 -14.47 -45.07 -34.27
N LYS A 232 -14.49 -46.30 -33.77
CA LYS A 232 -15.57 -47.25 -34.03
C LYS A 232 -15.94 -47.95 -32.73
N CYS A 233 -17.24 -48.21 -32.57
CA CYS A 233 -17.68 -49.00 -31.43
C CYS A 233 -17.04 -50.38 -31.46
N ASP A 234 -17.02 -51.04 -30.30
CA ASP A 234 -16.47 -52.38 -30.18
C ASP A 234 -17.48 -53.43 -29.76
N ASN A 235 -18.67 -53.03 -29.31
CA ASN A 235 -19.71 -54.00 -29.01
C ASN A 235 -20.52 -54.40 -30.24
N CYS A 236 -20.89 -53.43 -31.07
CA CYS A 236 -21.54 -53.71 -32.35
C CYS A 236 -20.73 -53.21 -33.54
N GLY A 237 -19.67 -52.43 -33.31
CA GLY A 237 -18.84 -51.95 -34.40
C GLY A 237 -19.56 -51.04 -35.37
N MET A 238 -20.42 -50.17 -34.87
CA MET A 238 -21.21 -49.27 -35.71
C MET A 238 -20.80 -47.83 -35.40
N PHE A 239 -20.41 -47.09 -36.43
CA PHE A 239 -19.92 -45.73 -36.25
C PHE A 239 -21.05 -44.79 -35.85
N SER A 240 -20.76 -43.91 -34.88
CA SER A 240 -21.74 -42.94 -34.42
C SER A 240 -21.31 -41.53 -34.82
N PRO A 241 -22.26 -40.65 -35.15
CA PRO A 241 -21.90 -39.33 -35.66
C PRO A 241 -21.17 -38.49 -34.61
N LYS A 242 -20.20 -37.71 -35.09
CA LYS A 242 -19.45 -36.81 -34.24
C LYS A 242 -20.35 -35.66 -33.76
N PHE A 243 -19.78 -34.78 -32.96
CA PHE A 243 -20.48 -33.61 -32.45
C PHE A 243 -19.58 -32.39 -32.59
N ARG A 244 -20.20 -31.23 -32.73
CA ARG A 244 -19.47 -29.97 -32.78
C ARG A 244 -19.96 -29.06 -31.66
N LYS A 245 -19.01 -28.39 -31.00
CA LYS A 245 -19.28 -27.59 -29.83
C LYS A 245 -19.04 -26.12 -30.16
N ASP A 246 -20.04 -25.27 -29.88
CA ASP A 246 -19.96 -23.84 -30.18
C ASP A 246 -19.97 -22.97 -28.94
N GLY A 247 -20.03 -23.55 -27.76
CA GLY A 247 -20.21 -22.78 -26.54
C GLY A 247 -21.07 -23.52 -25.54
N PHE A 248 -22.17 -22.90 -25.10
CA PHE A 248 -23.09 -23.53 -24.17
C PHE A 248 -24.50 -23.52 -24.74
N THR A 249 -25.35 -24.37 -24.17
CA THR A 249 -26.77 -24.55 -24.52
C THR A 249 -26.96 -25.15 -25.90
N LYS A 250 -25.90 -25.39 -26.66
CA LYS A 250 -26.00 -25.76 -28.06
C LYS A 250 -25.04 -26.89 -28.36
N ILE A 251 -25.57 -28.01 -28.85
CA ILE A 251 -24.77 -29.12 -29.33
C ILE A 251 -25.35 -29.59 -30.65
N PHE A 252 -24.50 -29.81 -31.64
CA PHE A 252 -24.88 -30.29 -32.95
C PHE A 252 -24.19 -31.61 -33.23
N GLU A 253 -24.36 -32.11 -34.45
CA GLU A 253 -23.71 -33.33 -34.89
C GLU A 253 -23.46 -33.24 -36.39
N THR A 254 -22.59 -34.11 -36.88
CA THR A 254 -22.21 -34.14 -38.28
C THR A 254 -22.50 -35.52 -38.86
N ALA A 255 -22.88 -35.55 -40.13
CA ALA A 255 -23.28 -36.79 -40.77
C ALA A 255 -22.09 -37.70 -41.00
N LEU A 256 -22.36 -39.01 -41.10
CA LEU A 256 -21.33 -39.96 -41.44
C LEU A 256 -20.96 -39.85 -42.92
N ASN A 257 -19.69 -40.13 -43.22
CA ASN A 257 -19.20 -40.11 -44.59
C ASN A 257 -19.48 -41.45 -45.27
N GLU A 258 -18.98 -41.61 -46.50
CA GLU A 258 -19.28 -42.81 -47.28
C GLU A 258 -18.70 -44.06 -46.62
N LYS A 259 -17.44 -44.00 -46.17
CA LYS A 259 -16.78 -45.17 -45.62
C LYS A 259 -17.50 -45.67 -44.37
N GLN A 260 -17.93 -44.76 -43.51
CA GLN A 260 -18.66 -45.15 -42.31
C GLN A 260 -19.97 -45.85 -42.66
N ILE A 261 -20.67 -45.35 -43.69
CA ILE A 261 -21.93 -45.95 -44.07
C ILE A 261 -21.71 -47.35 -44.65
N THR A 262 -20.65 -47.54 -45.43
CA THR A 262 -20.38 -48.86 -46.00
C THR A 262 -20.14 -49.90 -44.91
N ASN A 263 -19.31 -49.56 -43.91
CA ASN A 263 -19.12 -50.47 -42.78
C ASN A 263 -20.41 -50.66 -42.01
N ASN A 264 -21.15 -49.57 -41.78
CA ASN A 264 -22.43 -49.66 -41.10
C ASN A 264 -23.43 -50.47 -41.92
N ARG A 265 -23.35 -50.36 -43.24
CA ARG A 265 -24.22 -51.17 -44.10
C ARG A 265 -23.87 -52.65 -44.01
N VAL A 266 -22.58 -52.98 -44.19
CA VAL A 266 -22.17 -54.38 -44.17
C VAL A 266 -22.22 -54.98 -42.78
N LYS A 267 -22.49 -54.16 -41.76
CA LYS A 267 -22.59 -54.67 -40.39
C LYS A 267 -23.73 -55.68 -40.26
N GLY A 268 -24.87 -55.39 -40.89
CA GLY A 268 -26.03 -56.26 -40.76
C GLY A 268 -25.86 -57.63 -41.39
N SER A 312 -23.79 -29.06 -37.22
CA SER A 312 -24.64 -29.02 -38.40
C SER A 312 -26.10 -29.14 -37.99
N THR A 313 -26.52 -30.36 -37.69
CA THR A 313 -27.91 -30.66 -37.35
C THR A 313 -28.15 -30.42 -35.86
N TYR A 314 -29.32 -29.84 -35.55
CA TYR A 314 -29.72 -29.64 -34.16
C TYR A 314 -30.29 -30.93 -33.59
N ILE A 315 -29.97 -31.21 -32.32
CA ILE A 315 -30.43 -32.39 -31.62
C ILE A 315 -31.24 -31.96 -30.40
N LEU A 316 -32.42 -32.54 -30.24
CA LEU A 316 -33.34 -32.09 -29.21
C LEU A 316 -32.90 -32.55 -27.82
N SER A 317 -33.28 -31.75 -26.82
CA SER A 317 -32.89 -32.05 -25.45
C SER A 317 -33.52 -33.33 -24.94
N THR A 318 -34.79 -33.58 -25.26
CA THR A 318 -35.40 -34.84 -24.85
C THR A 318 -34.73 -36.02 -25.55
N GLU A 319 -34.32 -35.82 -26.80
CA GLU A 319 -33.64 -36.88 -27.54
C GLU A 319 -32.28 -37.22 -26.91
N VAL A 320 -31.52 -36.19 -26.53
CA VAL A 320 -30.23 -36.45 -25.89
C VAL A 320 -30.43 -37.03 -24.49
N LYS A 321 -31.50 -36.62 -23.81
CA LYS A 321 -31.82 -37.26 -22.53
C LYS A 321 -32.10 -38.75 -22.71
N ASN A 322 -32.83 -39.11 -23.77
CA ASN A 322 -33.08 -40.53 -24.03
C ASN A 322 -31.80 -41.27 -24.38
N ILE A 323 -30.94 -40.64 -25.20
CA ILE A 323 -29.66 -41.26 -25.53
C ILE A 323 -28.88 -41.58 -24.27
N LEU A 324 -28.75 -40.59 -23.39
CA LEU A 324 -27.92 -40.76 -22.20
C LEU A 324 -28.60 -41.66 -21.18
N ASP A 325 -29.93 -41.66 -21.12
CA ASP A 325 -30.61 -42.62 -20.26
C ASP A 325 -30.31 -44.04 -20.68
N THR A 326 -30.36 -44.32 -21.99
CA THR A 326 -30.04 -45.67 -22.44
C THR A 326 -28.57 -46.01 -22.16
N VAL A 327 -27.67 -45.06 -22.44
CA VAL A 327 -26.25 -45.31 -22.21
C VAL A 327 -25.99 -45.65 -20.74
N PHE A 328 -26.57 -44.86 -19.84
CA PHE A 328 -26.35 -45.09 -18.41
C PHE A 328 -27.08 -46.35 -17.93
N ARG A 329 -28.24 -46.66 -18.51
CA ARG A 329 -28.92 -47.91 -18.14
C ARG A 329 -28.07 -49.11 -18.49
N LYS A 330 -27.37 -49.06 -19.61
CA LYS A 330 -26.53 -50.19 -20.00
C LYS A 330 -25.14 -50.17 -19.38
N GLU A 331 -24.70 -49.04 -18.81
CA GLU A 331 -23.38 -48.98 -18.22
C GLU A 331 -23.40 -48.61 -16.74
N GLN A 332 -24.53 -48.85 -16.07
CA GLN A 332 -24.63 -48.59 -14.64
C GLN A 332 -23.51 -49.25 -13.84
N CYS A 333 -23.07 -50.43 -14.24
CA CYS A 333 -22.04 -51.13 -13.47
C CYS A 333 -20.79 -50.27 -13.29
N VAL A 334 -20.27 -49.72 -14.39
CA VAL A 334 -19.08 -48.88 -14.29
C VAL A 334 -19.43 -47.50 -13.78
N LEU A 335 -20.62 -46.99 -14.13
CA LEU A 335 -20.93 -45.61 -13.76
C LEU A 335 -21.19 -45.47 -12.25
N GLN A 336 -21.61 -46.53 -11.58
CA GLN A 336 -21.83 -46.45 -10.14
C GLN A 336 -20.53 -46.29 -9.37
N TYR A 337 -19.39 -46.61 -9.99
CA TYR A 337 -18.09 -46.34 -9.40
C TYR A 337 -17.44 -45.09 -9.96
N VAL A 338 -17.75 -44.73 -11.21
CA VAL A 338 -17.24 -43.48 -11.75
C VAL A 338 -17.87 -42.29 -11.02
N PHE A 339 -19.14 -42.41 -10.65
CA PHE A 339 -19.86 -41.34 -9.96
C PHE A 339 -19.97 -41.58 -8.47
N HIS A 340 -18.97 -42.19 -7.86
CA HIS A 340 -18.91 -42.38 -6.42
C HIS A 340 -17.47 -42.50 -6.00
N SER A 341 -17.18 -42.12 -4.75
CA SER A 341 -15.89 -42.37 -4.15
C SER A 341 -15.96 -43.22 -2.90
N ARG A 342 -17.15 -43.52 -2.40
CA ARG A 342 -17.32 -44.34 -1.22
C ARG A 342 -18.26 -45.49 -1.54
N PRO A 343 -18.14 -46.60 -0.82
CA PRO A 343 -19.10 -47.69 -0.99
C PRO A 343 -20.54 -47.23 -0.87
N ASN A 344 -21.32 -47.41 -1.94
CA ASN A 344 -22.68 -46.91 -1.97
C ASN A 344 -23.55 -47.76 -1.05
N LEU A 345 -23.63 -47.36 0.21
CA LEU A 345 -24.41 -48.13 1.17
C LEU A 345 -25.90 -48.07 0.88
N SER A 346 -26.32 -47.19 -0.02
CA SER A 346 -27.72 -47.11 -0.41
C SER A 346 -28.03 -47.88 -1.68
N ARG A 347 -27.00 -48.30 -2.43
CA ARG A 347 -27.14 -49.14 -3.61
C ARG A 347 -27.95 -48.47 -4.73
N LYS A 348 -28.40 -47.24 -4.51
CA LYS A 348 -29.30 -46.60 -5.46
C LYS A 348 -28.63 -46.41 -6.81
N LEU A 349 -29.45 -46.41 -7.85
CA LEU A 349 -28.95 -46.33 -9.22
C LEU A 349 -28.49 -44.91 -9.54
N VAL A 350 -27.84 -44.78 -10.68
CA VAL A 350 -27.36 -43.50 -11.19
C VAL A 350 -28.27 -43.13 -12.36
N LYS A 351 -29.17 -42.17 -12.13
CA LYS A 351 -30.20 -41.81 -13.10
C LYS A 351 -29.75 -40.61 -13.92
N ALA A 352 -29.90 -40.73 -15.25
CA ALA A 352 -29.43 -39.70 -16.16
C ALA A 352 -30.20 -38.39 -16.04
N ASP A 353 -31.35 -38.38 -15.35
CA ASP A 353 -32.07 -37.13 -15.17
C ASP A 353 -31.39 -36.19 -14.18
N SER A 354 -30.21 -36.56 -13.68
CA SER A 354 -29.45 -35.65 -12.84
C SER A 354 -29.00 -34.43 -13.61
N PHE A 355 -28.50 -34.63 -14.83
CA PHE A 355 -27.90 -33.54 -15.60
C PHE A 355 -28.92 -32.59 -16.19
N PHE A 356 -30.21 -32.91 -16.09
CA PHE A 356 -31.27 -32.12 -16.74
C PHE A 356 -32.17 -31.49 -15.71
N MET A 357 -32.39 -30.18 -15.84
CA MET A 357 -33.29 -29.44 -14.96
C MET A 357 -34.70 -29.52 -15.52
N ASP A 358 -35.38 -30.63 -15.21
CA ASP A 358 -36.79 -30.74 -15.55
C ASP A 358 -37.61 -29.72 -14.78
N VAL A 359 -37.30 -29.56 -13.51
CA VAL A 359 -38.01 -28.64 -12.61
C VAL A 359 -36.99 -27.68 -12.01
N LEU A 360 -37.31 -26.40 -12.06
CA LEU A 360 -36.45 -25.38 -11.47
C LEU A 360 -36.97 -25.00 -10.09
N VAL A 361 -36.05 -24.84 -9.15
CA VAL A 361 -36.37 -24.47 -7.77
C VAL A 361 -36.15 -22.98 -7.62
N VAL A 362 -37.14 -22.27 -7.10
CA VAL A 362 -36.99 -20.85 -6.83
C VAL A 362 -36.65 -20.66 -5.35
N PRO A 363 -35.74 -19.77 -5.01
CA PRO A 363 -35.47 -19.47 -3.61
C PRO A 363 -36.68 -18.81 -2.97
N PRO A 364 -36.83 -18.93 -1.66
CA PRO A 364 -37.98 -18.30 -0.99
C PRO A 364 -37.98 -16.78 -1.11
N THR A 365 -39.17 -16.21 -0.96
CA THR A 365 -39.32 -14.76 -0.99
C THR A 365 -38.43 -14.08 0.03
N ARG A 366 -38.19 -14.74 1.17
CA ARG A 366 -37.29 -14.20 2.17
C ARG A 366 -35.91 -13.93 1.59
N PHE A 367 -35.43 -14.82 0.70
CA PHE A 367 -34.15 -14.61 0.06
C PHE A 367 -34.24 -13.87 -1.26
N ARG A 368 -35.45 -13.57 -1.74
CA ARG A 368 -35.61 -12.79 -2.97
C ARG A 368 -36.28 -11.44 -2.76
N LEU A 369 -36.31 -10.95 -1.51
CA LEU A 369 -37.03 -9.72 -1.19
C LEU A 369 -36.47 -8.52 -1.97
N PRO A 370 -37.31 -7.52 -2.23
CA PRO A 370 -36.85 -6.34 -2.98
C PRO A 370 -36.33 -5.24 -2.08
N SER A 371 -35.33 -4.53 -2.58
CA SER A 371 -34.79 -3.40 -1.84
C SER A 371 -35.78 -2.25 -1.86
N LYS A 372 -36.03 -1.67 -0.70
CA LYS A 372 -36.98 -0.56 -0.56
C LYS A 372 -36.20 0.67 -0.07
N LEU A 373 -35.61 1.39 -1.02
CA LEU A 373 -34.83 2.60 -0.73
C LEU A 373 -35.74 3.80 -0.94
N GLY A 374 -36.39 4.25 0.13
CA GLY A 374 -37.39 5.29 0.00
C GLY A 374 -38.55 4.78 -0.81
N GLU A 375 -38.68 5.27 -2.05
CA GLU A 375 -39.62 4.70 -3.01
C GLU A 375 -38.92 3.95 -4.12
N GLU A 376 -37.59 3.81 -4.05
CA GLU A 376 -36.82 3.08 -5.05
C GLU A 376 -36.96 1.57 -4.79
N VAL A 377 -38.21 1.13 -4.79
CA VAL A 377 -38.53 -0.27 -4.46
C VAL A 377 -38.42 -1.05 -5.76
N HIS A 378 -37.19 -1.42 -6.09
CA HIS A 378 -36.89 -2.10 -7.34
C HIS A 378 -37.06 -3.60 -7.20
N GLU A 379 -37.40 -4.24 -8.31
CA GLU A 379 -37.48 -5.69 -8.35
C GLU A 379 -36.13 -6.31 -8.05
N ASN A 380 -36.14 -7.45 -7.38
CA ASN A 380 -34.91 -8.19 -7.15
C ASN A 380 -34.45 -8.87 -8.43
N SER A 381 -33.12 -9.01 -8.56
CA SER A 381 -32.56 -9.61 -9.77
C SER A 381 -32.98 -11.05 -9.94
N GLN A 382 -33.04 -11.82 -8.84
CA GLN A 382 -33.50 -13.20 -8.93
C GLN A 382 -34.91 -13.27 -9.47
N ASN A 383 -35.81 -12.41 -8.97
CA ASN A 383 -37.17 -12.39 -9.49
C ASN A 383 -37.21 -11.94 -10.93
N GLN A 384 -36.32 -11.02 -11.33
CA GLN A 384 -36.28 -10.60 -12.72
C GLN A 384 -35.92 -11.78 -13.64
N LEU A 385 -34.86 -12.51 -13.31
CA LEU A 385 -34.47 -13.67 -14.13
C LEU A 385 -35.54 -14.75 -14.10
N LEU A 386 -36.13 -15.00 -12.94
CA LEU A 386 -37.18 -16.02 -12.84
C LEU A 386 -38.40 -15.63 -13.65
N SER A 387 -38.79 -14.35 -13.62
CA SER A 387 -39.92 -13.91 -14.43
C SER A 387 -39.61 -14.01 -15.91
N LYS A 388 -38.35 -13.75 -16.30
CA LYS A 388 -37.97 -13.92 -17.71
C LYS A 388 -38.16 -15.38 -18.13
N VAL A 389 -37.68 -16.31 -17.32
CA VAL A 389 -37.86 -17.73 -17.60
C VAL A 389 -39.34 -18.08 -17.65
N LEU A 390 -40.14 -17.47 -16.76
CA LEU A 390 -41.58 -17.75 -16.73
C LEU A 390 -42.26 -17.23 -17.99
N THR A 391 -41.84 -16.06 -18.48
CA THR A 391 -42.42 -15.54 -19.72
C THR A 391 -42.11 -16.47 -20.88
N THR A 392 -40.87 -16.96 -20.96
CA THR A 392 -40.55 -17.89 -22.03
C THR A 392 -41.33 -19.18 -21.88
N SER A 393 -41.52 -19.64 -20.64
CA SER A 393 -42.31 -20.84 -20.39
C SER A 393 -43.75 -20.67 -20.83
N LEU A 394 -44.36 -19.53 -20.52
CA LEU A 394 -45.73 -19.30 -20.93
C LEU A 394 -45.84 -19.13 -22.43
N LEU A 395 -44.82 -18.53 -23.06
CA LEU A 395 -44.80 -18.43 -24.52
C LEU A 395 -44.80 -19.81 -25.15
N ILE A 396 -43.96 -20.71 -24.65
CA ILE A 396 -43.91 -22.06 -25.22
C ILE A 396 -45.20 -22.82 -24.92
N ARG A 397 -45.76 -22.63 -23.73
CA ARG A 397 -47.03 -23.28 -23.40
C ARG A 397 -48.16 -22.82 -24.32
N ASP A 398 -48.21 -21.53 -24.63
CA ASP A 398 -49.25 -21.04 -25.53
C ASP A 398 -48.96 -21.38 -26.98
N LEU A 399 -47.68 -21.57 -27.33
CA LEU A 399 -47.35 -21.95 -28.71
C LEU A 399 -47.68 -23.41 -28.97
N ASN A 400 -47.37 -24.30 -28.04
CA ASN A 400 -47.59 -25.72 -28.27
C ASN A 400 -49.08 -26.06 -28.36
N ASP A 401 -49.96 -25.19 -27.88
CA ASP A 401 -51.38 -25.36 -28.18
C ASP A 401 -51.68 -25.04 -29.64
N ASP A 402 -51.07 -23.97 -30.17
CA ASP A 402 -51.25 -23.62 -31.58
C ASP A 402 -50.73 -24.72 -32.49
N LEU A 403 -49.56 -25.28 -32.17
CA LEU A 403 -49.06 -26.41 -32.94
C LEU A 403 -50.01 -27.59 -32.90
N SER A 404 -50.72 -27.77 -31.79
CA SER A 404 -51.62 -28.92 -31.65
C SER A 404 -52.75 -28.87 -32.67
N LYS A 405 -53.38 -27.71 -32.83
CA LYS A 405 -54.46 -27.58 -33.80
C LYS A 405 -53.93 -27.45 -35.23
N LEU A 406 -52.78 -26.78 -35.40
CA LEU A 406 -52.18 -26.66 -36.72
C LEU A 406 -51.71 -28.01 -37.24
N GLN A 407 -51.35 -28.93 -36.34
CA GLN A 407 -50.96 -30.26 -36.77
C GLN A 407 -52.12 -30.97 -37.46
N LYS A 408 -53.33 -30.82 -36.92
CA LYS A 408 -54.50 -31.48 -37.50
C LYS A 408 -54.81 -30.94 -38.90
N ASP A 409 -54.60 -29.64 -39.10
CA ASP A 409 -54.74 -29.07 -40.44
C ASP A 409 -53.73 -29.66 -41.40
N LYS A 410 -52.62 -30.20 -40.90
CA LYS A 410 -51.64 -30.94 -41.69
C LYS A 410 -51.04 -30.07 -42.79
N VAL A 411 -50.40 -28.99 -42.36
CA VAL A 411 -49.67 -28.13 -43.29
C VAL A 411 -48.28 -28.71 -43.58
N SER A 412 -47.44 -28.78 -42.53
CA SER A 412 -46.20 -29.55 -42.51
C SER A 412 -45.12 -28.97 -43.42
N LEU A 413 -45.44 -27.94 -44.19
CA LEU A 413 -44.49 -27.32 -45.08
C LEU A 413 -44.53 -25.80 -45.07
N GLU A 414 -45.64 -25.19 -44.68
CA GLU A 414 -45.81 -23.75 -44.82
C GLU A 414 -46.11 -23.03 -43.51
N ASP A 415 -46.79 -23.68 -42.58
CA ASP A 415 -47.16 -23.10 -41.29
C ASP A 415 -46.77 -23.98 -40.11
N ARG A 416 -46.90 -25.31 -40.26
CA ARG A 416 -46.37 -26.20 -39.23
C ARG A 416 -44.87 -26.06 -39.12
N ARG A 417 -44.19 -25.83 -40.24
CA ARG A 417 -42.75 -25.59 -40.19
C ARG A 417 -42.42 -24.23 -39.60
N VAL A 418 -43.26 -23.23 -39.84
CA VAL A 418 -43.07 -21.93 -39.19
C VAL A 418 -43.17 -22.07 -37.68
N ILE A 419 -44.21 -22.78 -37.21
CA ILE A 419 -44.38 -22.95 -35.78
C ILE A 419 -43.27 -23.84 -35.21
N PHE A 420 -42.78 -24.80 -36.00
CA PHE A 420 -41.68 -25.64 -35.54
C PHE A 420 -40.41 -24.82 -35.37
N SER A 421 -40.13 -23.92 -36.30
CA SER A 421 -38.97 -23.03 -36.16
C SER A 421 -39.12 -22.13 -34.93
N ARG A 422 -40.32 -21.57 -34.73
CA ARG A 422 -40.54 -20.76 -33.54
C ARG A 422 -40.34 -21.57 -32.27
N LEU A 423 -40.85 -22.81 -32.24
CA LEU A 423 -40.70 -23.65 -31.06
C LEU A 423 -39.24 -24.00 -30.79
N MET A 424 -38.48 -24.28 -31.84
CA MET A 424 -37.05 -24.56 -31.65
C MET A 424 -36.31 -23.35 -31.12
N ASN A 425 -36.59 -22.16 -31.68
CA ASN A 425 -35.92 -20.96 -31.19
C ASN A 425 -36.33 -20.65 -29.77
N ALA A 426 -37.59 -20.91 -29.41
CA ALA A 426 -38.05 -20.72 -28.05
C ALA A 426 -37.42 -21.72 -27.08
N PHE A 427 -37.19 -22.95 -27.53
CA PHE A 427 -36.46 -23.91 -26.70
C PHE A 427 -35.05 -23.43 -26.44
N VAL A 428 -34.38 -22.95 -27.48
CA VAL A 428 -33.05 -22.35 -27.29
C VAL A 428 -33.13 -21.20 -26.30
N THR A 429 -34.18 -20.38 -26.42
CA THR A 429 -34.31 -19.20 -25.57
C THR A 429 -34.51 -19.59 -24.10
N ILE A 430 -35.38 -20.57 -23.83
CA ILE A 430 -35.65 -20.94 -22.44
C ILE A 430 -34.44 -21.63 -21.83
N GLN A 431 -33.73 -22.46 -22.62
CA GLN A 431 -32.51 -23.05 -22.12
C GLN A 431 -31.48 -21.99 -21.79
N ASN A 432 -31.32 -20.98 -22.66
CA ASN A 432 -30.38 -19.91 -22.37
C ASN A 432 -30.87 -19.04 -21.20
N ASP A 433 -32.18 -19.00 -20.97
CA ASP A 433 -32.69 -18.24 -19.83
C ASP A 433 -32.35 -18.93 -18.52
N VAL A 434 -32.47 -20.26 -18.47
CA VAL A 434 -31.96 -21.00 -17.31
C VAL A 434 -30.46 -20.84 -17.20
N ASN A 435 -29.77 -20.82 -18.35
CA ASN A 435 -28.33 -20.66 -18.40
C ASN A 435 -27.89 -19.34 -17.78
N ALA A 436 -28.58 -18.24 -18.11
CA ALA A 436 -28.25 -16.93 -17.56
C ALA A 436 -28.74 -16.78 -16.12
N PHE A 437 -29.80 -17.49 -15.73
CA PHE A 437 -30.22 -17.49 -14.34
C PHE A 437 -29.18 -18.13 -13.44
N ILE A 438 -28.55 -19.22 -13.91
CA ILE A 438 -27.58 -19.89 -13.06
C ILE A 438 -26.21 -19.26 -13.20
N ASP A 439 -25.82 -18.85 -14.40
CA ASP A 439 -24.50 -18.27 -14.62
C ASP A 439 -24.62 -17.10 -15.59
N SER A 440 -24.21 -15.92 -15.13
CA SER A 440 -24.17 -14.74 -15.98
C SER A 440 -22.97 -14.74 -16.92
N THR A 441 -22.01 -15.64 -16.72
CA THR A 441 -20.84 -15.67 -17.58
C THR A 441 -21.20 -16.01 -19.00
N LYS A 442 -22.09 -16.99 -19.18
CA LYS A 442 -22.39 -17.56 -20.48
C LYS A 442 -23.50 -16.84 -21.21
N ALA A 443 -24.01 -15.74 -20.66
CA ALA A 443 -25.04 -14.97 -21.36
C ALA A 443 -24.50 -14.47 -22.69
N GLN A 444 -25.29 -14.62 -23.73
CA GLN A 444 -24.93 -14.19 -25.07
C GLN A 444 -25.80 -13.01 -25.49
N GLY A 445 -25.16 -11.93 -25.91
CA GLY A 445 -25.87 -10.73 -26.28
C GLY A 445 -25.82 -9.64 -25.22
N VAL A 451 -22.69 -4.42 -15.45
CA VAL A 451 -23.78 -4.31 -16.41
C VAL A 451 -24.63 -5.60 -16.48
N PRO A 452 -24.02 -6.77 -16.67
CA PRO A 452 -24.83 -7.99 -16.70
C PRO A 452 -25.50 -8.25 -15.36
N ILE A 453 -26.67 -8.86 -15.43
CA ILE A 453 -27.36 -9.27 -14.20
C ILE A 453 -26.60 -10.42 -13.56
N PRO A 454 -26.24 -10.34 -12.28
CA PRO A 454 -25.50 -11.43 -11.65
C PRO A 454 -26.35 -12.69 -11.52
N GLY A 455 -25.67 -13.84 -11.62
CA GLY A 455 -26.29 -15.12 -11.43
C GLY A 455 -25.93 -15.75 -10.10
N VAL A 456 -26.36 -17.01 -9.94
CA VAL A 456 -26.07 -17.72 -8.70
C VAL A 456 -24.58 -18.00 -8.56
N LYS A 457 -23.92 -18.38 -9.66
CA LYS A 457 -22.49 -18.64 -9.60
C LYS A 457 -21.71 -17.37 -9.23
N GLN A 458 -22.11 -16.22 -9.79
CA GLN A 458 -21.46 -14.97 -9.44
C GLN A 458 -21.76 -14.53 -8.02
N ALA A 459 -22.75 -15.13 -7.37
CA ALA A 459 -23.01 -14.85 -5.96
C ALA A 459 -22.08 -15.61 -5.03
N LEU A 460 -21.25 -16.50 -5.56
CA LEU A 460 -20.39 -17.32 -4.72
C LEU A 460 -18.93 -17.34 -5.16
N GLU A 461 -18.60 -16.71 -6.28
CA GLU A 461 -17.35 -17.05 -6.96
C GLU A 461 -16.13 -16.42 -6.31
N LYS A 462 -16.13 -15.11 -6.13
CA LYS A 462 -14.91 -14.38 -5.80
C LYS A 462 -15.03 -13.72 -4.43
N LYS A 463 -14.09 -12.83 -4.13
CA LYS A 463 -14.04 -12.18 -2.82
C LYS A 463 -15.35 -11.49 -2.47
N GLU A 464 -15.97 -10.84 -3.46
CA GLU A 464 -17.27 -10.22 -3.25
C GLU A 464 -18.40 -11.24 -3.18
N GLY A 465 -18.09 -12.53 -3.19
CA GLY A 465 -19.10 -13.57 -3.27
C GLY A 465 -19.78 -13.83 -1.95
N LEU A 466 -19.94 -15.10 -1.61
CA LEU A 466 -20.57 -15.47 -0.35
C LEU A 466 -19.64 -16.20 0.60
N PHE A 467 -18.78 -17.08 0.11
CA PHE A 467 -17.83 -17.72 1.01
C PHE A 467 -16.88 -16.68 1.60
N ARG A 468 -16.06 -16.07 0.75
CA ARG A 468 -15.03 -15.15 1.21
C ARG A 468 -15.58 -13.83 1.72
N LYS A 469 -16.89 -13.68 1.85
CA LYS A 469 -17.45 -12.41 2.33
C LYS A 469 -18.56 -12.57 3.35
N HIS A 470 -19.11 -13.75 3.53
CA HIS A 470 -20.09 -13.96 4.57
C HIS A 470 -19.91 -15.28 5.31
N MET A 471 -18.89 -16.08 5.00
CA MET A 471 -18.54 -17.20 5.85
C MET A 471 -17.06 -17.19 6.26
N MET A 472 -16.16 -16.88 5.34
CA MET A 472 -14.76 -16.73 5.73
C MET A 472 -14.53 -15.48 6.56
N GLY A 473 -15.52 -14.59 6.65
CA GLY A 473 -15.41 -13.42 7.48
C GLY A 473 -16.70 -12.64 7.53
N LYS A 474 -17.14 -12.27 8.72
CA LYS A 474 -18.45 -11.69 8.90
C LYS A 474 -18.36 -10.42 9.75
N ARG A 475 -19.27 -9.48 9.49
CA ARG A 475 -19.45 -8.37 10.42
C ARG A 475 -19.98 -8.92 11.73
N VAL A 476 -19.57 -8.32 12.84
CA VAL A 476 -19.79 -8.93 14.16
C VAL A 476 -20.42 -7.92 15.11
N ASN A 477 -21.05 -8.47 16.15
CA ASN A 477 -21.66 -7.71 17.22
C ASN A 477 -20.67 -7.50 18.36
N TYR A 478 -21.00 -6.54 19.23
CA TYR A 478 -20.20 -6.25 20.42
C TYR A 478 -18.75 -5.96 20.05
N ALA A 479 -18.58 -5.12 19.04
CA ALA A 479 -17.29 -4.64 18.63
C ALA A 479 -17.29 -3.12 18.67
N ALA A 480 -16.11 -2.53 18.53
CA ALA A 480 -15.99 -1.09 18.48
C ALA A 480 -14.71 -0.74 17.75
N ARG A 481 -14.71 0.42 17.12
CA ARG A 481 -13.54 0.92 16.41
C ARG A 481 -13.32 2.35 16.84
N SER A 482 -12.05 2.76 16.91
CA SER A 482 -11.71 4.12 17.31
C SER A 482 -10.25 4.35 17.01
N VAL A 483 -9.83 5.60 17.15
CA VAL A 483 -8.43 5.97 17.00
C VAL A 483 -7.69 5.66 18.29
N ILE A 484 -6.47 5.20 18.17
CA ILE A 484 -5.64 4.93 19.34
C ILE A 484 -4.82 6.15 19.66
N SER A 485 -4.66 6.42 20.95
CA SER A 485 -3.80 7.47 21.46
C SER A 485 -2.95 6.88 22.57
N PRO A 486 -1.71 7.31 22.71
CA PRO A 486 -0.79 6.63 23.63
C PRO A 486 -1.14 6.91 25.08
N ASP A 487 -0.70 6.00 25.94
CA ASP A 487 -0.88 6.14 27.37
C ASP A 487 0.19 5.33 28.09
N PRO A 488 1.14 5.98 28.76
CA PRO A 488 2.12 5.25 29.58
C PRO A 488 1.69 5.02 31.01
N ASN A 489 0.44 5.30 31.36
CA ASN A 489 -0.07 5.06 32.70
C ASN A 489 -1.02 3.88 32.75
N ILE A 490 -1.04 3.04 31.72
CA ILE A 490 -1.72 1.76 31.76
C ILE A 490 -0.66 0.67 31.74
N GLU A 491 -1.05 -0.54 32.15
CA GLU A 491 -0.12 -1.53 32.66
C GLU A 491 0.36 -2.52 31.60
N THR A 492 0.40 -2.14 30.33
CA THR A 492 1.08 -2.88 29.26
C THR A 492 0.33 -4.16 28.95
N ASN A 493 -0.63 -4.52 29.79
CA ASN A 493 -1.54 -5.61 29.52
C ASN A 493 -2.96 -5.11 29.44
N GLU A 494 -3.16 -3.80 29.52
CA GLU A 494 -4.47 -3.19 29.57
C GLU A 494 -4.70 -2.30 28.37
N ILE A 495 -5.95 -1.91 28.19
CA ILE A 495 -6.38 -0.98 27.15
C ILE A 495 -7.22 0.10 27.81
N GLY A 496 -6.95 1.35 27.47
CA GLY A 496 -7.76 2.42 28.00
C GLY A 496 -9.05 2.58 27.24
N VAL A 497 -10.17 2.19 27.86
CA VAL A 497 -11.47 2.18 27.21
C VAL A 497 -12.14 3.52 27.48
N PRO A 498 -12.54 4.27 26.44
CA PRO A 498 -13.28 5.49 26.68
C PRO A 498 -14.63 5.19 27.31
N PRO A 499 -15.15 6.10 28.12
CA PRO A 499 -16.47 5.86 28.73
C PRO A 499 -17.60 5.76 27.71
N VAL A 500 -17.40 6.26 26.49
CA VAL A 500 -18.47 6.18 25.49
C VAL A 500 -18.68 4.75 25.05
N PHE A 501 -17.61 3.95 24.99
CA PHE A 501 -17.76 2.52 24.73
C PHE A 501 -18.25 1.80 25.98
N ALA A 502 -17.79 2.23 27.15
CA ALA A 502 -18.06 1.53 28.39
C ALA A 502 -19.54 1.54 28.76
N VAL A 503 -20.34 2.37 28.11
CA VAL A 503 -21.77 2.38 28.34
C VAL A 503 -22.51 1.51 27.32
N LYS A 504 -21.93 1.31 26.13
CA LYS A 504 -22.58 0.52 25.10
C LYS A 504 -22.26 -0.96 25.26
N LEU A 505 -20.97 -1.32 25.24
CA LEU A 505 -20.59 -2.71 25.29
C LEU A 505 -21.01 -3.35 26.61
N THR A 506 -21.61 -4.53 26.53
CA THR A 506 -22.14 -5.21 27.69
C THR A 506 -21.74 -6.69 27.66
N TYR A 507 -21.88 -7.33 28.81
CA TYR A 507 -21.57 -8.73 28.98
C TYR A 507 -22.75 -9.41 29.68
N PRO A 508 -23.21 -10.56 29.19
CA PRO A 508 -24.31 -11.25 29.88
C PRO A 508 -23.79 -11.93 31.14
N GLU A 509 -24.32 -11.54 32.29
CA GLU A 509 -23.88 -12.07 33.57
C GLU A 509 -25.04 -12.73 34.30
N PRO A 510 -25.06 -14.05 34.43
CA PRO A 510 -26.14 -14.71 35.18
C PRO A 510 -26.00 -14.47 36.67
N VAL A 511 -27.13 -14.13 37.31
CA VAL A 511 -27.11 -13.77 38.72
C VAL A 511 -26.94 -15.02 39.57
N THR A 512 -26.38 -14.84 40.77
CA THR A 512 -26.08 -15.94 41.67
C THR A 512 -26.18 -15.41 43.10
N ALA A 513 -25.58 -16.14 44.05
CA ALA A 513 -25.46 -15.59 45.39
C ALA A 513 -24.20 -14.75 45.54
N TYR A 514 -23.18 -15.00 44.73
CA TYR A 514 -21.96 -14.21 44.74
C TYR A 514 -22.03 -13.03 43.79
N ASN A 515 -23.17 -12.80 43.15
CA ASN A 515 -23.34 -11.71 42.19
C ASN A 515 -24.28 -10.63 42.66
N ILE A 516 -25.35 -10.97 43.38
CA ILE A 516 -26.42 -10.02 43.66
C ILE A 516 -25.94 -8.91 44.58
N ALA A 517 -24.66 -8.94 44.95
CA ALA A 517 -24.08 -7.77 45.61
C ALA A 517 -23.84 -6.65 44.62
N GLU A 518 -23.32 -6.96 43.44
CA GLU A 518 -22.90 -5.93 42.50
C GLU A 518 -23.70 -5.91 41.20
N LEU A 519 -24.25 -7.04 40.75
CA LEU A 519 -25.18 -6.98 39.63
C LEU A 519 -26.43 -6.22 40.02
N ARG A 520 -26.88 -6.36 41.27
CA ARG A 520 -27.99 -5.55 41.76
C ARG A 520 -27.64 -4.07 41.74
N GLN A 521 -26.43 -3.72 42.17
CA GLN A 521 -26.03 -2.31 42.14
C GLN A 521 -25.94 -1.78 40.72
N ALA A 522 -25.47 -2.61 39.79
CA ALA A 522 -25.41 -2.19 38.39
C ALA A 522 -26.81 -1.95 37.83
N VAL A 523 -27.76 -2.82 38.18
CA VAL A 523 -29.15 -2.64 37.73
C VAL A 523 -29.76 -1.40 38.36
N ILE A 524 -29.41 -1.10 39.61
CA ILE A 524 -29.86 0.15 40.22
C ILE A 524 -29.23 1.35 39.52
N ASN A 525 -27.95 1.24 39.14
CA ASN A 525 -27.27 2.34 38.45
C ASN A 525 -27.91 2.62 37.11
N GLY A 526 -28.27 1.58 36.36
CA GLY A 526 -29.00 1.76 35.14
C GLY A 526 -28.13 1.78 33.90
N PRO A 527 -28.70 2.20 32.77
CA PRO A 527 -27.99 2.07 31.49
C PRO A 527 -26.98 3.16 31.21
N ASP A 528 -26.99 4.27 31.95
CA ASP A 528 -26.09 5.39 31.68
C ASP A 528 -24.93 5.47 32.67
N LYS A 529 -25.23 5.52 33.97
CA LYS A 529 -24.18 5.57 34.98
C LYS A 529 -23.35 4.30 34.95
N TRP A 530 -22.03 4.46 34.92
CA TRP A 530 -21.14 3.31 34.86
C TRP A 530 -20.47 3.07 36.20
N PRO A 531 -20.31 1.81 36.61
CA PRO A 531 -20.80 0.59 35.95
C PRO A 531 -22.29 0.39 36.18
N GLY A 532 -22.98 -0.08 35.15
CA GLY A 532 -24.41 -0.30 35.22
C GLY A 532 -24.83 -1.38 34.25
N ALA A 533 -26.13 -1.55 34.02
CA ALA A 533 -26.61 -2.57 33.11
C ALA A 533 -27.69 -2.00 32.20
N THR A 534 -27.77 -2.54 30.99
CA THR A 534 -28.76 -2.11 30.02
C THR A 534 -29.97 -3.04 29.95
N GLN A 535 -29.74 -4.35 29.89
CA GLN A 535 -30.78 -5.31 29.68
C GLN A 535 -30.78 -6.37 30.76
N ILE A 536 -31.96 -6.92 31.03
CA ILE A 536 -32.11 -8.05 31.94
C ILE A 536 -32.87 -9.14 31.21
N GLN A 537 -32.30 -10.34 31.17
CA GLN A 537 -32.93 -11.49 30.53
C GLN A 537 -33.57 -12.35 31.61
N ASN A 538 -34.88 -12.56 31.49
CA ASN A 538 -35.62 -13.28 32.51
C ASN A 538 -35.43 -14.78 32.37
N GLU A 539 -36.03 -15.52 33.31
CA GLU A 539 -35.83 -16.97 33.34
C GLU A 539 -36.42 -17.63 32.10
N ASP A 540 -37.60 -17.19 31.67
CA ASP A 540 -38.27 -17.74 30.49
C ASP A 540 -37.88 -17.00 29.21
N GLY A 541 -36.70 -16.40 29.17
CA GLY A 541 -36.21 -15.80 27.94
C GLY A 541 -36.71 -14.41 27.65
N SER A 542 -37.60 -13.86 28.47
CA SER A 542 -38.06 -12.50 28.27
C SER A 542 -36.90 -11.53 28.41
N LEU A 543 -36.81 -10.58 27.49
CA LEU A 543 -35.72 -9.61 27.49
C LEU A 543 -36.28 -8.28 27.94
N VAL A 544 -35.87 -7.83 29.12
CA VAL A 544 -36.33 -6.58 29.70
C VAL A 544 -35.22 -5.54 29.55
N SER A 545 -35.58 -4.37 29.01
CA SER A 545 -34.65 -3.28 28.80
C SER A 545 -34.76 -2.28 29.95
N LEU A 546 -33.61 -1.81 30.43
CA LEU A 546 -33.56 -0.79 31.47
C LEU A 546 -33.48 0.61 30.91
N ILE A 547 -33.49 0.76 29.57
CA ILE A 547 -33.20 2.06 28.96
C ILE A 547 -34.25 3.09 29.33
N GLY A 548 -35.52 2.71 29.27
CA GLY A 548 -36.58 3.67 29.52
C GLY A 548 -37.06 3.75 30.95
N MET A 549 -36.66 2.83 31.81
CA MET A 549 -37.27 2.71 33.12
C MET A 549 -36.85 3.86 34.03
N SER A 550 -37.58 4.00 35.14
CA SER A 550 -37.30 5.01 36.15
C SER A 550 -36.51 4.39 37.30
N VAL A 551 -36.07 5.24 38.23
CA VAL A 551 -35.28 4.75 39.36
C VAL A 551 -36.11 3.82 40.23
N GLU A 552 -37.39 4.16 40.45
CA GLU A 552 -38.25 3.28 41.23
C GLU A 552 -38.39 1.92 40.56
N GLN A 553 -38.56 1.90 39.24
CA GLN A 553 -38.66 0.65 38.51
C GLN A 553 -37.36 -0.16 38.60
N ARG A 554 -36.22 0.51 38.45
CA ARG A 554 -34.94 -0.18 38.55
C ARG A 554 -34.74 -0.76 39.95
N LYS A 555 -35.14 -0.01 40.97
CA LYS A 555 -35.02 -0.49 42.34
C LYS A 555 -35.91 -1.71 42.57
N ALA A 556 -37.15 -1.68 42.07
CA ALA A 556 -38.01 -2.85 42.22
C ALA A 556 -37.46 -4.05 41.47
N LEU A 557 -36.98 -3.84 40.24
CA LEU A 557 -36.42 -4.94 39.46
C LEU A 557 -35.22 -5.56 40.15
N ALA A 558 -34.30 -4.73 40.64
CA ALA A 558 -33.13 -5.25 41.33
C ALA A 558 -33.52 -5.89 42.65
N ASN A 559 -34.64 -5.47 43.25
CA ASN A 559 -35.15 -6.18 44.41
C ASN A 559 -35.60 -7.58 44.04
N GLN A 560 -36.19 -7.73 42.85
CA GLN A 560 -36.61 -9.04 42.35
C GLN A 560 -35.59 -9.66 41.40
N LEU A 561 -34.31 -9.32 41.55
CA LEU A 561 -33.29 -9.82 40.64
C LEU A 561 -32.91 -11.27 40.91
N LEU A 562 -33.18 -11.78 42.10
CA LEU A 562 -32.95 -13.19 42.41
C LEU A 562 -34.12 -13.69 43.24
N THR A 563 -35.08 -14.31 42.56
CA THR A 563 -36.27 -14.82 43.21
C THR A 563 -36.52 -16.26 42.78
N PRO A 564 -37.00 -17.11 43.68
CA PRO A 564 -37.27 -18.50 43.30
C PRO A 564 -38.38 -18.57 42.26
N SER A 565 -38.29 -19.59 41.41
CA SER A 565 -39.20 -19.73 40.27
C SER A 565 -40.35 -20.65 40.65
N SER A 566 -41.58 -20.14 40.57
CA SER A 566 -42.75 -20.98 40.72
C SER A 566 -43.03 -21.83 39.50
N ASN A 567 -42.47 -21.45 38.35
CA ASN A 567 -42.56 -22.25 37.13
C ASN A 567 -41.39 -23.22 37.07
N VAL A 568 -41.69 -24.52 37.16
CA VAL A 568 -40.64 -25.53 37.27
C VAL A 568 -39.99 -25.87 35.93
N SER A 569 -40.54 -25.39 34.82
CA SER A 569 -39.94 -25.67 33.52
C SER A 569 -38.52 -25.12 33.45
N THR A 570 -38.32 -23.90 33.94
CA THR A 570 -37.01 -23.25 33.92
C THR A 570 -36.41 -23.17 35.31
N HIS A 571 -36.70 -24.18 36.14
CA HIS A 571 -36.13 -24.27 37.48
C HIS A 571 -34.63 -24.56 37.45
N THR A 572 -34.02 -24.58 36.27
CA THR A 572 -32.60 -24.83 36.11
C THR A 572 -31.85 -23.61 35.58
N LEU A 573 -32.49 -22.45 35.51
CA LEU A 573 -31.91 -21.27 34.90
C LEU A 573 -31.99 -20.10 35.86
N ASN A 574 -31.07 -19.16 35.69
CA ASN A 574 -31.05 -17.93 36.47
C ASN A 574 -30.99 -16.73 35.54
N LYS A 575 -31.48 -15.60 36.02
CA LYS A 575 -31.57 -14.39 35.21
C LYS A 575 -30.18 -13.88 34.84
N LYS A 576 -30.07 -13.30 33.65
CA LYS A 576 -28.83 -12.74 33.15
C LYS A 576 -28.97 -11.23 33.04
N VAL A 577 -27.98 -10.50 33.54
CA VAL A 577 -27.96 -9.04 33.52
C VAL A 577 -26.86 -8.60 32.55
N TYR A 578 -27.23 -7.74 31.60
CA TYR A 578 -26.29 -7.29 30.57
C TYR A 578 -25.49 -6.10 31.11
N ARG A 579 -24.61 -6.40 32.06
CA ARG A 579 -23.86 -5.40 32.77
C ARG A 579 -22.88 -4.69 31.83
N HIS A 580 -22.48 -3.49 32.22
CA HIS A 580 -21.50 -2.75 31.44
C HIS A 580 -20.13 -3.38 31.59
N ILE A 581 -19.25 -3.07 30.64
CA ILE A 581 -17.90 -3.63 30.63
C ILE A 581 -17.08 -3.01 31.76
N LYS A 582 -16.89 -3.77 32.86
CA LYS A 582 -16.16 -3.30 34.02
C LYS A 582 -14.66 -3.46 33.80
N ASN A 583 -13.86 -3.34 34.87
CA ASN A 583 -12.41 -3.43 34.73
C ASN A 583 -11.89 -4.86 34.70
N ARG A 584 -12.63 -5.81 35.27
CA ARG A 584 -12.20 -7.20 35.30
C ARG A 584 -12.37 -7.90 33.96
N ASP A 585 -13.03 -7.28 33.00
CA ASP A 585 -13.31 -7.91 31.73
C ASP A 585 -12.07 -7.90 30.83
N VAL A 586 -12.16 -8.60 29.71
CA VAL A 586 -11.05 -8.71 28.79
C VAL A 586 -11.56 -8.40 27.39
N VAL A 587 -10.67 -7.87 26.56
CA VAL A 587 -11.04 -7.36 25.24
C VAL A 587 -10.02 -7.89 24.24
N LEU A 588 -10.41 -7.86 22.97
CA LEU A 588 -9.60 -8.45 21.90
C LEU A 588 -9.27 -7.35 20.88
N MET A 589 -8.08 -6.77 20.99
CA MET A 589 -7.68 -5.72 20.07
C MET A 589 -7.22 -6.31 18.74
N ASN A 590 -7.12 -5.45 17.74
CA ASN A 590 -6.91 -5.90 16.38
C ASN A 590 -6.57 -4.71 15.50
N ARG A 591 -5.59 -4.88 14.62
CA ARG A 591 -5.18 -3.80 13.73
C ARG A 591 -4.89 -4.35 12.34
N GLN A 592 -5.76 -4.07 11.38
CA GLN A 592 -5.56 -4.50 10.01
C GLN A 592 -4.42 -3.73 9.35
N PRO A 593 -3.66 -4.37 8.47
CA PRO A 593 -3.74 -5.76 8.02
C PRO A 593 -3.19 -6.75 9.03
N THR A 594 -4.02 -7.65 9.54
CA THR A 594 -3.60 -8.59 10.59
C THR A 594 -2.70 -9.64 9.96
N LEU A 595 -1.41 -9.29 9.86
CA LEU A 595 -0.44 -10.10 9.12
C LEU A 595 0.20 -11.20 9.96
N HIS A 596 -0.06 -11.25 11.27
CA HIS A 596 0.46 -12.33 12.11
C HIS A 596 -0.40 -12.40 13.37
N LYS A 597 -0.26 -13.51 14.09
CA LYS A 597 -1.12 -13.77 15.23
C LYS A 597 -0.91 -12.77 16.35
N ALA A 598 0.28 -12.17 16.45
CA ALA A 598 0.53 -11.18 17.49
C ALA A 598 -0.26 -9.90 17.27
N SER A 599 -0.68 -9.64 16.04
CA SER A 599 -1.46 -8.45 15.72
C SER A 599 -2.92 -8.58 16.13
N MET A 600 -3.25 -9.56 16.96
CA MET A 600 -4.59 -9.70 17.51
C MET A 600 -4.41 -10.34 18.89
N MET A 601 -4.34 -9.51 19.91
CA MET A 601 -4.02 -9.94 21.26
C MET A 601 -5.19 -9.65 22.19
N GLY A 602 -5.03 -10.03 23.45
CA GLY A 602 -6.04 -9.82 24.46
C GLY A 602 -5.54 -8.82 25.50
N HIS A 603 -6.39 -7.87 25.83
CA HIS A 603 -6.06 -6.81 26.77
C HIS A 603 -7.11 -6.79 27.87
N LYS A 604 -6.64 -6.57 29.10
CA LYS A 604 -7.58 -6.24 30.16
C LYS A 604 -8.06 -4.81 29.97
N VAL A 605 -9.23 -4.51 30.51
CA VAL A 605 -9.83 -3.21 30.32
C VAL A 605 -9.57 -2.35 31.53
N ARG A 606 -9.09 -1.13 31.29
CA ARG A 606 -9.03 -0.08 32.30
C ARG A 606 -9.93 1.04 31.81
N VAL A 607 -11.01 1.31 32.54
CA VAL A 607 -12.03 2.25 32.10
C VAL A 607 -11.63 3.66 32.50
N LEU A 608 -11.23 4.45 31.52
CA LEU A 608 -10.81 5.82 31.72
C LEU A 608 -12.01 6.75 31.75
N PRO A 609 -11.86 7.97 32.31
CA PRO A 609 -13.03 8.81 32.55
C PRO A 609 -13.31 9.90 31.53
N ASN A 610 -12.41 10.16 30.59
CA ASN A 610 -12.43 11.43 29.89
C ASN A 610 -12.77 11.33 28.40
N GLU A 611 -11.99 10.59 27.62
CA GLU A 611 -11.91 10.86 26.20
C GLU A 611 -12.70 9.85 25.39
N LYS A 612 -12.54 9.89 24.06
CA LYS A 612 -13.23 8.99 23.15
C LYS A 612 -12.26 8.28 22.21
N THR A 613 -11.02 8.09 22.64
CA THR A 613 -10.06 7.28 21.92
C THR A 613 -9.59 6.15 22.82
N LEU A 614 -9.41 4.96 22.25
CA LEU A 614 -8.86 3.86 23.02
C LEU A 614 -7.39 4.16 23.35
N ARG A 615 -7.02 3.88 24.60
CA ARG A 615 -5.68 4.20 25.10
C ARG A 615 -4.82 2.95 25.15
N LEU A 616 -3.61 3.03 24.59
CA LEU A 616 -2.72 1.90 24.41
C LEU A 616 -1.36 2.22 25.00
N HIS A 617 -0.71 1.23 25.58
CA HIS A 617 0.65 1.42 26.07
C HIS A 617 1.63 1.32 24.92
N TYR A 618 2.84 1.84 25.15
CA TYR A 618 3.82 1.93 24.08
C TYR A 618 4.39 0.57 23.70
N ALA A 619 4.38 -0.39 24.62
CA ALA A 619 4.94 -1.71 24.31
C ALA A 619 4.13 -2.45 23.26
N ASN A 620 2.86 -2.08 23.07
CA ASN A 620 2.02 -2.66 22.03
C ASN A 620 2.15 -1.91 20.71
N THR A 621 3.37 -1.72 20.23
CA THR A 621 3.57 -1.07 18.95
C THR A 621 4.36 -1.94 17.98
N GLY A 622 5.39 -2.64 18.47
CA GLY A 622 6.09 -3.57 17.61
C GLY A 622 5.25 -4.77 17.23
N ALA A 623 4.17 -5.02 17.96
CA ALA A 623 3.29 -6.14 17.68
C ALA A 623 2.20 -5.77 16.69
N TYR A 624 1.61 -4.58 16.84
CA TYR A 624 0.59 -4.12 15.90
C TYR A 624 1.17 -3.40 14.70
N ASN A 625 2.48 -3.14 14.69
CA ASN A 625 3.10 -2.29 13.66
C ASN A 625 2.36 -0.96 13.58
N ALA A 626 2.04 -0.41 14.74
CA ALA A 626 1.17 0.75 14.85
C ALA A 626 1.95 1.96 15.33
N ASP A 627 1.60 3.12 14.78
CA ASP A 627 1.99 4.41 15.30
C ASP A 627 0.76 5.05 15.93
N PHE A 628 0.91 6.29 16.37
CA PHE A 628 -0.19 7.02 16.97
C PHE A 628 -0.49 8.28 16.19
N ASP A 629 -0.46 8.18 14.86
CA ASP A 629 -0.69 9.31 13.96
C ASP A 629 -1.99 9.12 13.18
N GLY A 630 -3.02 8.62 13.85
CA GLY A 630 -4.31 8.44 13.24
C GLY A 630 -4.70 7.01 12.94
N ASP A 631 -3.90 6.04 13.39
CA ASP A 631 -4.27 4.64 13.23
C ASP A 631 -5.49 4.33 14.08
N GLU A 632 -6.34 3.46 13.57
CA GLU A 632 -7.54 3.04 14.26
C GLU A 632 -7.52 1.53 14.42
N MET A 633 -7.93 1.06 15.60
CA MET A 633 -7.84 -0.35 15.93
C MET A 633 -9.20 -0.88 16.33
N ASN A 634 -9.49 -2.10 15.91
CA ASN A 634 -10.75 -2.75 16.20
C ASN A 634 -10.70 -3.39 17.58
N MET A 635 -11.81 -3.29 18.31
CA MET A 635 -11.90 -3.86 19.64
C MET A 635 -13.11 -4.77 19.71
N HIS A 636 -12.89 -6.03 20.09
CA HIS A 636 -13.94 -7.04 20.14
C HIS A 636 -14.12 -7.51 21.57
N PHE A 637 -15.36 -7.59 22.02
CA PHE A 637 -15.65 -7.89 23.41
C PHE A 637 -16.33 -9.24 23.55
N PRO A 638 -15.58 -10.30 23.90
CA PRO A 638 -16.18 -11.64 23.97
C PRO A 638 -17.27 -11.74 25.03
N GLN A 639 -18.26 -12.60 24.75
CA GLN A 639 -19.47 -12.66 25.55
C GLN A 639 -19.66 -13.97 26.28
N ASN A 640 -18.67 -14.85 26.30
CA ASN A 640 -18.81 -16.11 27.02
C ASN A 640 -17.51 -16.41 27.76
N GLU A 641 -17.65 -17.19 28.83
CA GLU A 641 -16.51 -17.47 29.70
C GLU A 641 -15.41 -18.22 28.97
N ASN A 642 -15.76 -19.04 27.98
CA ASN A 642 -14.75 -19.76 27.23
C ASN A 642 -13.85 -18.81 26.44
N ALA A 643 -14.46 -17.87 25.72
CA ALA A 643 -13.65 -16.88 25.01
C ALA A 643 -12.94 -15.93 25.96
N ARG A 644 -13.56 -15.63 27.10
CA ARG A 644 -12.86 -14.87 28.12
C ARG A 644 -11.56 -15.55 28.52
N ALA A 645 -11.65 -16.83 28.89
CA ALA A 645 -10.46 -17.56 29.31
C ALA A 645 -9.47 -17.75 28.17
N GLU A 646 -9.96 -17.78 26.94
CA GLU A 646 -9.05 -17.83 25.80
C GLU A 646 -8.23 -16.56 25.71
N ALA A 647 -8.89 -15.40 25.72
CA ALA A 647 -8.18 -14.13 25.56
C ALA A 647 -7.32 -13.81 26.78
N LEU A 648 -7.69 -14.33 27.95
CA LEU A 648 -6.87 -14.09 29.15
C LEU A 648 -5.62 -14.95 29.17
N ASN A 649 -5.67 -16.16 28.64
CA ASN A 649 -4.57 -17.10 28.76
C ASN A 649 -3.88 -17.42 27.44
N LEU A 650 -4.61 -17.64 26.36
CA LEU A 650 -3.97 -18.06 25.12
C LEU A 650 -3.59 -16.89 24.23
N ALA A 651 -4.50 -15.94 24.04
CA ALA A 651 -4.25 -14.81 23.15
C ALA A 651 -3.81 -13.56 23.89
N ASN A 652 -3.67 -13.62 25.21
CA ASN A 652 -3.33 -12.44 25.99
C ASN A 652 -1.97 -11.90 25.55
N THR A 653 -1.73 -10.63 25.88
CA THR A 653 -0.53 -9.98 25.38
C THR A 653 0.72 -10.40 26.14
N ASP A 654 0.58 -10.91 27.35
CA ASP A 654 1.75 -11.36 28.12
C ASP A 654 2.42 -12.55 27.46
N SER A 655 1.67 -13.39 26.77
CA SER A 655 2.20 -14.58 26.12
C SER A 655 2.88 -14.30 24.79
N GLN A 656 2.71 -13.10 24.23
CA GLN A 656 3.21 -12.78 22.91
C GLN A 656 4.55 -12.05 22.96
N TYR A 657 5.39 -12.36 23.95
CA TYR A 657 6.63 -11.62 24.10
C TYR A 657 7.57 -11.86 22.94
N LEU A 658 7.68 -13.10 22.47
CA LEU A 658 8.56 -13.47 21.38
C LEU A 658 7.73 -13.88 20.17
N THR A 659 8.08 -13.38 19.00
CA THR A 659 7.38 -13.78 17.80
C THR A 659 7.77 -15.21 17.41
N PRO A 660 6.80 -16.04 17.02
CA PRO A 660 7.16 -17.37 16.53
C PRO A 660 7.99 -17.35 15.27
N THR A 661 8.03 -16.23 14.56
CA THR A 661 8.77 -16.17 13.31
C THR A 661 10.20 -16.61 13.48
N SER A 662 10.89 -16.05 14.46
CA SER A 662 12.27 -16.41 14.74
C SER A 662 12.60 -16.50 16.22
N GLY A 663 11.63 -16.32 17.11
CA GLY A 663 11.90 -16.35 18.52
C GLY A 663 12.48 -15.09 19.11
N SER A 664 12.69 -14.04 18.30
CA SER A 664 13.14 -12.76 18.82
C SER A 664 12.01 -12.04 19.53
N PRO A 665 12.33 -11.28 20.59
CA PRO A 665 11.27 -10.56 21.31
C PRO A 665 10.67 -9.45 20.46
N VAL A 666 9.41 -9.12 20.77
CA VAL A 666 8.64 -8.17 19.98
C VAL A 666 8.07 -7.04 20.81
N ARG A 667 8.28 -7.04 22.12
CA ARG A 667 7.81 -5.97 22.98
C ARG A 667 8.98 -5.29 23.67
N GLY A 668 8.81 -4.00 23.94
CA GLY A 668 9.82 -3.21 24.61
C GLY A 668 9.49 -1.74 24.54
N LEU A 669 10.11 -0.93 25.39
CA LEU A 669 9.93 0.50 25.34
C LEU A 669 10.58 1.07 24.08
N ILE A 670 10.16 2.25 23.65
CA ILE A 670 10.53 2.64 22.29
C ILE A 670 11.61 3.70 22.20
N GLN A 671 11.27 4.95 22.49
CA GLN A 671 12.24 6.03 22.23
C GLN A 671 12.50 6.92 23.42
N ASP A 672 11.43 7.53 23.93
CA ASP A 672 11.55 8.45 25.06
C ASP A 672 12.04 7.72 26.29
N HIS A 673 11.48 6.54 26.54
CA HIS A 673 11.92 5.71 27.64
C HIS A 673 13.35 5.23 27.45
N ILE A 674 13.77 4.99 26.21
CA ILE A 674 15.13 4.54 25.98
C ILE A 674 16.14 5.63 26.32
N SER A 675 15.90 6.85 25.83
CA SER A 675 16.81 7.95 26.16
C SER A 675 16.76 8.30 27.64
N ALA A 676 15.57 8.24 28.24
CA ALA A 676 15.47 8.45 29.69
C ALA A 676 16.28 7.41 30.45
N GLY A 677 16.26 6.16 30.00
CA GLY A 677 17.06 5.14 30.66
C GLY A 677 18.55 5.40 30.53
N VAL A 678 18.98 5.80 29.34
CA VAL A 678 20.40 6.11 29.16
C VAL A 678 20.81 7.25 30.08
N TRP A 679 19.91 8.20 30.34
CA TRP A 679 20.25 9.27 31.28
C TRP A 679 20.22 8.81 32.72
N LEU A 680 19.21 8.02 33.10
CA LEU A 680 19.06 7.63 34.50
C LEU A 680 20.18 6.71 34.94
N THR A 681 20.63 5.81 34.07
CA THR A 681 21.62 4.80 34.45
C THR A 681 23.03 5.19 34.05
N SER A 682 23.37 6.47 34.04
CA SER A 682 24.74 6.89 33.85
C SER A 682 25.39 7.19 35.20
N LYS A 683 26.72 7.21 35.21
CA LYS A 683 27.45 7.44 36.44
C LYS A 683 27.19 8.81 37.04
N ASP A 684 26.71 9.76 36.25
CA ASP A 684 26.47 11.11 36.74
C ASP A 684 25.16 11.25 37.51
N SER A 685 24.33 10.22 37.56
CA SER A 685 23.02 10.33 38.18
C SER A 685 23.13 9.98 39.66
N PHE A 686 22.85 10.96 40.51
CA PHE A 686 22.80 10.78 41.95
C PHE A 686 21.52 11.40 42.48
N PHE A 687 20.93 10.76 43.47
CA PHE A 687 19.62 11.16 43.97
C PHE A 687 19.62 11.15 45.49
N THR A 688 19.05 12.19 46.09
CA THR A 688 18.96 12.24 47.53
C THR A 688 17.94 11.21 48.01
N ARG A 689 17.74 11.17 49.33
CA ARG A 689 16.81 10.20 49.90
C ARG A 689 15.39 10.44 49.40
N GLU A 690 14.97 11.70 49.34
CA GLU A 690 13.63 12.01 48.87
C GLU A 690 13.47 11.68 47.39
N GLN A 691 14.46 12.02 46.56
CA GLN A 691 14.37 11.72 45.14
C GLN A 691 14.33 10.21 44.91
N TYR A 692 15.16 9.46 45.62
CA TYR A 692 15.20 8.01 45.47
C TYR A 692 13.87 7.39 45.88
N GLN A 693 13.38 7.74 47.07
CA GLN A 693 12.15 7.14 47.54
C GLN A 693 10.97 7.55 46.67
N GLN A 694 10.96 8.78 46.16
CA GLN A 694 9.86 9.21 45.32
C GLN A 694 9.85 8.49 43.99
N TYR A 695 11.02 8.36 43.35
CA TYR A 695 11.09 7.59 42.10
C TYR A 695 10.61 6.16 42.32
N ILE A 696 11.09 5.51 43.38
CA ILE A 696 10.75 4.11 43.58
C ILE A 696 9.27 3.95 43.85
N TYR A 697 8.71 4.75 44.76
CA TYR A 697 7.28 4.60 45.02
C TYR A 697 6.45 4.94 43.81
N GLY A 698 6.79 6.03 43.11
CA GLY A 698 5.99 6.42 41.95
C GLY A 698 5.93 5.34 40.90
N CYS A 699 7.04 4.63 40.69
CA CYS A 699 7.00 3.56 39.69
C CYS A 699 6.52 2.23 40.24
N ILE A 700 6.44 2.04 41.56
CA ILE A 700 6.03 0.74 42.08
C ILE A 700 4.58 0.74 42.56
N ARG A 701 4.25 1.59 43.54
CA ARG A 701 2.87 1.70 44.00
C ARG A 701 2.34 0.37 44.53
N PRO A 702 2.77 -0.10 45.71
CA PRO A 702 2.42 -1.44 46.17
C PRO A 702 0.93 -1.68 46.42
N GLU A 703 0.09 -0.67 46.22
CA GLU A 703 -1.34 -0.88 46.39
C GLU A 703 -1.97 -1.59 45.20
N ASP A 704 -1.31 -1.59 44.04
CA ASP A 704 -1.81 -2.31 42.88
C ASP A 704 -1.23 -3.71 42.75
N GLY A 705 -0.14 -4.01 43.45
CA GLY A 705 0.45 -5.32 43.41
C GLY A 705 1.75 -5.44 42.67
N HIS A 706 2.39 -4.32 42.30
CA HIS A 706 3.70 -4.42 41.65
C HIS A 706 4.74 -5.04 42.60
N THR A 707 4.68 -4.69 43.88
CA THR A 707 5.61 -5.24 44.85
C THR A 707 5.20 -6.64 45.25
N THR A 708 6.20 -7.47 45.52
CA THR A 708 6.00 -8.84 45.97
C THR A 708 6.32 -9.00 47.46
N ARG A 709 6.33 -7.89 48.21
CA ARG A 709 6.72 -7.92 49.62
C ARG A 709 5.79 -7.15 50.54
N SER A 710 4.70 -6.58 50.03
CA SER A 710 3.70 -5.88 50.85
C SER A 710 4.26 -4.64 51.54
N LYS A 711 5.54 -4.34 51.31
CA LYS A 711 6.19 -3.19 51.90
C LYS A 711 7.43 -2.87 51.09
N ILE A 712 7.57 -1.60 50.70
CA ILE A 712 8.65 -1.22 49.81
C ILE A 712 9.97 -1.33 50.54
N VAL A 713 10.94 -1.98 49.92
CA VAL A 713 12.27 -2.18 50.49
C VAL A 713 13.28 -1.44 49.63
N THR A 714 14.23 -0.78 50.28
CA THR A 714 15.22 0.03 49.59
C THR A 714 16.62 -0.53 49.85
N LEU A 715 17.63 0.21 49.41
CA LEU A 715 19.02 -0.16 49.51
C LEU A 715 19.80 0.92 50.24
N PRO A 716 20.94 0.57 50.85
CA PRO A 716 21.79 1.59 51.43
C PRO A 716 22.32 2.52 50.36
N PRO A 717 22.52 3.79 50.67
CA PRO A 717 23.06 4.73 49.69
C PRO A 717 24.46 4.36 49.25
N THR A 718 24.76 4.67 48.00
CA THR A 718 26.12 4.44 47.49
C THR A 718 27.13 5.30 48.22
N ILE A 719 26.80 6.56 48.51
CA ILE A 719 27.68 7.49 49.18
C ILE A 719 27.08 7.81 50.54
N PHE A 720 27.88 7.63 51.59
CA PHE A 720 27.44 7.84 52.96
C PHE A 720 27.81 9.22 53.48
N LYS A 721 29.00 9.70 53.15
CA LYS A 721 29.46 11.02 53.51
C LYS A 721 29.99 11.74 52.27
N PRO A 722 29.79 13.05 52.18
CA PRO A 722 29.16 13.96 53.16
C PRO A 722 27.65 13.76 53.36
N TYR A 723 26.88 13.47 52.32
CA TYR A 723 25.45 13.25 52.51
C TYR A 723 25.00 12.10 51.61
N PRO A 724 23.93 11.40 51.99
CA PRO A 724 23.54 10.19 51.26
C PRO A 724 23.20 10.47 49.80
N LEU A 725 23.66 9.59 48.92
CA LEU A 725 23.48 9.78 47.48
C LEU A 725 23.32 8.42 46.82
N TRP A 726 22.07 8.03 46.59
CA TRP A 726 21.80 6.88 45.75
C TRP A 726 22.08 7.22 44.30
N THR A 727 22.30 6.19 43.49
CA THR A 727 22.60 6.36 42.07
C THR A 727 21.45 5.81 41.24
N GLY A 728 21.60 5.89 39.91
CA GLY A 728 20.52 5.44 39.03
C GLY A 728 20.47 3.94 38.90
N LYS A 729 21.63 3.29 38.83
CA LYS A 729 21.65 1.84 38.83
C LYS A 729 21.06 1.27 40.10
N GLN A 730 21.13 2.02 41.21
CA GLN A 730 20.39 1.59 42.39
C GLN A 730 18.89 1.75 42.22
N ILE A 731 18.46 2.71 41.39
CA ILE A 731 17.04 2.80 41.07
C ILE A 731 16.60 1.55 40.33
N ILE A 732 17.41 1.15 39.34
CA ILE A 732 17.12 -0.07 38.58
C ILE A 732 17.11 -1.28 39.50
N THR A 733 18.11 -1.37 40.38
CA THR A 733 18.20 -2.50 41.30
C THR A 733 17.01 -2.56 42.24
N THR A 734 16.61 -1.42 42.79
CA THR A 734 15.48 -1.44 43.71
C THR A 734 14.19 -1.80 43.00
N VAL A 735 14.02 -1.34 41.77
CA VAL A 735 12.83 -1.71 41.00
C VAL A 735 12.79 -3.22 40.79
N LEU A 736 13.93 -3.79 40.37
CA LEU A 736 13.98 -5.23 40.17
C LEU A 736 13.73 -5.98 41.47
N LEU A 737 14.34 -5.54 42.55
CA LEU A 737 14.15 -6.16 43.85
C LEU A 737 12.70 -6.11 44.32
N ASN A 738 11.96 -5.08 43.92
CA ASN A 738 10.57 -4.99 44.34
C ASN A 738 9.63 -5.75 43.43
N VAL A 739 9.98 -5.93 42.15
CA VAL A 739 9.10 -6.68 41.26
C VAL A 739 9.43 -8.18 41.28
N THR A 740 10.71 -8.52 41.33
CA THR A 740 11.11 -9.93 41.31
C THR A 740 10.64 -10.59 42.59
N PRO A 741 10.06 -11.80 42.53
CA PRO A 741 9.50 -12.41 43.72
C PRO A 741 10.58 -12.78 44.71
N PRO A 742 10.26 -12.83 46.00
CA PRO A 742 11.23 -13.33 46.98
C PRO A 742 11.40 -14.84 46.86
N ASP A 743 12.15 -15.46 47.76
CA ASP A 743 12.39 -16.90 47.70
C ASP A 743 12.95 -17.29 46.35
N MET A 744 13.80 -16.43 45.78
CA MET A 744 14.40 -16.67 44.48
C MET A 744 15.57 -15.69 44.33
N PRO A 745 16.68 -16.09 43.72
CA PRO A 745 17.81 -15.17 43.55
C PRO A 745 17.58 -14.15 42.46
N GLY A 746 18.61 -13.37 42.14
CA GLY A 746 18.54 -12.39 41.08
C GLY A 746 19.27 -12.83 39.83
N ILE A 747 19.05 -12.07 38.75
CA ILE A 747 19.60 -12.42 37.46
C ILE A 747 21.10 -12.17 37.45
N ASN A 748 21.85 -13.10 36.87
CA ASN A 748 23.27 -12.93 36.62
C ASN A 748 23.45 -12.82 35.11
N LEU A 749 23.33 -11.61 34.59
CA LEU A 749 23.42 -11.33 33.18
C LEU A 749 24.75 -10.64 32.88
N ILE A 750 25.34 -10.96 31.74
CA ILE A 750 26.54 -10.29 31.25
C ILE A 750 26.30 -10.00 29.77
N SER A 751 25.83 -8.79 29.46
CA SER A 751 25.52 -8.44 28.09
C SER A 751 26.25 -7.16 27.68
N LYS A 752 25.87 -6.61 26.53
CA LYS A 752 26.43 -5.34 26.10
C LYS A 752 25.31 -4.37 25.74
N ASN A 753 25.67 -3.23 25.15
CA ASN A 753 24.70 -2.24 24.71
C ASN A 753 25.30 -1.45 23.57
N LYS A 754 24.47 -0.61 22.94
CA LYS A 754 24.86 0.01 21.68
C LYS A 754 25.92 1.08 21.85
N ILE A 755 26.01 1.69 23.02
CA ILE A 755 26.89 2.83 23.23
C ILE A 755 28.24 2.32 23.67
N LYS A 756 29.27 2.63 22.89
CA LYS A 756 30.59 2.08 23.09
C LYS A 756 31.28 2.73 24.30
N ASN A 757 32.46 2.22 24.63
CA ASN A 757 33.21 2.76 25.77
C ASN A 757 33.88 4.08 25.44
N GLU A 758 34.31 4.27 24.18
CA GLU A 758 35.01 5.49 23.81
C GLU A 758 34.16 6.74 23.95
N TYR A 759 32.84 6.58 24.07
CA TYR A 759 31.93 7.72 24.20
C TYR A 759 31.71 8.14 25.63
N TRP A 760 32.37 7.52 26.60
CA TRP A 760 32.25 7.90 27.99
C TRP A 760 33.54 8.43 28.60
N GLY A 761 34.66 8.38 27.89
CA GLY A 761 35.90 8.90 28.42
C GLY A 761 37.10 8.03 28.18
N LYS A 762 37.86 7.75 29.24
CA LYS A 762 39.04 6.89 29.17
C LYS A 762 38.91 5.77 30.19
N GLY A 763 39.30 4.57 29.79
CA GLY A 763 39.25 3.43 30.67
C GLY A 763 37.85 3.04 31.09
N SER A 764 36.82 3.59 30.46
CA SER A 764 35.46 3.33 30.86
C SER A 764 35.05 1.90 30.50
N LEU A 765 34.13 1.36 31.29
CA LEU A 765 33.56 0.04 31.04
C LEU A 765 32.04 0.11 31.00
N GLU A 766 31.50 1.24 30.55
CA GLU A 766 30.07 1.46 30.58
C GLU A 766 29.33 0.75 29.45
N ASN A 767 30.03 0.11 28.52
CA ASN A 767 29.36 -0.69 27.51
C ASN A 767 28.98 -2.07 28.01
N GLU A 768 29.57 -2.54 29.10
CA GLU A 768 29.37 -3.89 29.60
C GLU A 768 28.31 -3.87 30.69
N VAL A 769 27.10 -4.30 30.37
CA VAL A 769 26.08 -4.46 31.38
C VAL A 769 26.47 -5.61 32.30
N LEU A 770 26.00 -5.54 33.54
CA LEU A 770 26.34 -6.55 34.54
C LEU A 770 25.27 -6.57 35.62
N PHE A 771 24.66 -7.73 35.82
CA PHE A 771 23.77 -7.95 36.95
C PHE A 771 24.38 -9.03 37.83
N LYS A 772 24.04 -8.99 39.11
CA LYS A 772 24.61 -9.91 40.08
C LYS A 772 23.66 -9.98 41.25
N ASP A 773 22.95 -11.09 41.38
CA ASP A 773 21.93 -11.25 42.42
C ASP A 773 20.93 -10.10 42.38
N GLY A 774 20.58 -9.67 41.18
CA GLY A 774 19.53 -8.69 41.00
C GLY A 774 19.96 -7.26 41.15
N ALA A 775 21.23 -6.96 40.95
CA ALA A 775 21.74 -5.61 41.12
C ALA A 775 22.57 -5.21 39.91
N LEU A 776 22.23 -4.07 39.32
CA LEU A 776 23.01 -3.55 38.20
C LEU A 776 24.28 -2.94 38.73
N LEU A 777 25.42 -3.43 38.27
CA LEU A 777 26.71 -2.94 38.72
C LEU A 777 27.49 -2.18 37.66
N CYS A 778 27.11 -2.31 36.40
CA CYS A 778 27.88 -1.70 35.33
C CYS A 778 26.97 -1.49 34.13
N GLY A 779 27.40 -0.61 33.23
CA GLY A 779 26.72 -0.43 31.97
C GLY A 779 25.42 0.32 32.05
N ILE A 780 25.02 0.95 30.95
CA ILE A 780 23.78 1.71 30.88
C ILE A 780 22.67 0.82 30.32
N LEU A 781 21.45 1.04 30.78
CA LEU A 781 20.31 0.32 30.26
C LEU A 781 19.83 1.00 28.98
N ASP A 782 19.82 0.23 27.89
CA ASP A 782 19.80 0.76 26.53
C ASP A 782 18.61 0.18 25.78
N LYS A 783 18.59 0.34 24.46
CA LYS A 783 17.63 -0.40 23.66
C LYS A 783 17.91 -1.90 23.71
N SER A 784 19.15 -2.29 23.97
CA SER A 784 19.50 -3.70 24.03
C SER A 784 18.88 -4.40 25.22
N GLN A 785 18.37 -3.66 26.19
CA GLN A 785 17.85 -4.24 27.43
C GLN A 785 16.34 -4.19 27.53
N TYR A 786 15.71 -3.13 27.09
CA TYR A 786 14.26 -3.10 26.88
C TYR A 786 14.01 -2.68 25.45
N GLY A 787 13.29 -3.51 24.70
CA GLY A 787 13.12 -3.29 23.28
C GLY A 787 13.15 -4.61 22.53
N ALA A 788 13.49 -4.52 21.25
CA ALA A 788 13.54 -5.69 20.38
C ALA A 788 14.96 -6.24 20.30
N SER A 789 15.51 -6.58 21.47
CA SER A 789 16.83 -7.17 21.53
C SER A 789 16.78 -8.47 22.31
N LYS A 790 17.38 -9.51 21.75
CA LYS A 790 17.52 -10.76 22.48
C LYS A 790 18.60 -10.61 23.54
N TYR A 791 18.42 -11.37 24.62
CA TYR A 791 19.43 -11.57 25.66
C TYR A 791 19.69 -10.30 26.45
N GLY A 792 18.74 -9.37 26.46
CA GLY A 792 18.77 -8.25 27.36
C GLY A 792 18.03 -8.56 28.65
N ILE A 793 17.86 -7.53 29.47
CA ILE A 793 17.40 -7.76 30.84
C ILE A 793 15.95 -8.19 30.87
N VAL A 794 15.07 -7.57 30.08
CA VAL A 794 13.67 -7.97 30.14
C VAL A 794 13.49 -9.36 29.56
N HIS A 795 14.25 -9.69 28.52
CA HIS A 795 14.22 -11.04 27.97
C HIS A 795 14.67 -12.07 28.99
N SER A 796 15.74 -11.77 29.73
CA SER A 796 16.24 -12.71 30.71
C SER A 796 15.31 -12.81 31.91
N LEU A 797 14.74 -11.69 32.33
CA LEU A 797 13.72 -11.74 33.37
C LEU A 797 12.54 -12.59 32.93
N HIS A 798 12.17 -12.51 31.65
CA HIS A 798 11.17 -13.42 31.11
C HIS A 798 11.61 -14.85 31.29
N GLU A 799 12.79 -15.18 30.80
CA GLU A 799 13.24 -16.57 30.77
C GLU A 799 13.36 -17.16 32.16
N VAL A 800 13.57 -16.34 33.19
CA VAL A 800 13.80 -16.85 34.53
C VAL A 800 12.54 -16.78 35.39
N TYR A 801 11.74 -15.73 35.30
CA TYR A 801 10.60 -15.56 36.20
C TYR A 801 9.26 -15.67 35.49
N GLY A 802 9.21 -16.20 34.27
CA GLY A 802 7.95 -16.35 33.59
C GLY A 802 7.62 -15.11 32.79
N PRO A 803 6.48 -15.12 32.10
CA PRO A 803 6.09 -13.97 31.29
C PRO A 803 5.43 -12.84 32.06
N GLU A 804 4.70 -13.18 33.14
CA GLU A 804 4.00 -12.15 33.90
C GLU A 804 4.97 -11.20 34.59
N VAL A 805 6.10 -11.71 35.08
CA VAL A 805 7.06 -10.84 35.74
C VAL A 805 7.71 -9.90 34.73
N ALA A 806 7.99 -10.38 33.52
CA ALA A 806 8.50 -9.46 32.50
C ALA A 806 7.44 -8.45 32.09
N ALA A 807 6.16 -8.83 32.13
CA ALA A 807 5.10 -7.85 31.92
C ALA A 807 5.15 -6.75 32.98
N LYS A 808 5.25 -7.15 34.25
CA LYS A 808 5.33 -6.17 35.32
C LYS A 808 6.59 -5.33 35.21
N VAL A 809 7.69 -5.93 34.77
CA VAL A 809 8.94 -5.18 34.64
C VAL A 809 8.83 -4.13 33.55
N LEU A 810 8.27 -4.48 32.40
CA LEU A 810 8.09 -3.47 31.35
C LEU A 810 7.14 -2.38 31.80
N SER A 811 6.05 -2.75 32.48
CA SER A 811 5.11 -1.74 32.96
C SER A 811 5.75 -0.79 33.96
N VAL A 812 6.46 -1.33 34.94
CA VAL A 812 7.08 -0.52 35.98
C VAL A 812 8.24 0.30 35.42
N LEU A 813 9.01 -0.26 34.49
CA LEU A 813 10.08 0.51 33.87
C LEU A 813 9.52 1.65 33.04
N GLY A 814 8.37 1.43 32.39
CA GLY A 814 7.71 2.52 31.70
C GLY A 814 7.27 3.61 32.65
N ARG A 815 6.73 3.22 33.81
CA ARG A 815 6.34 4.24 34.78
C ARG A 815 7.55 4.98 35.33
N LEU A 816 8.64 4.27 35.61
CA LEU A 816 9.83 4.91 36.15
C LEU A 816 10.44 5.89 35.16
N PHE A 817 10.68 5.44 33.93
CA PHE A 817 11.28 6.34 32.95
C PHE A 817 10.33 7.45 32.55
N THR A 818 9.04 7.34 32.84
CA THR A 818 8.12 8.43 32.57
C THR A 818 8.18 9.49 33.66
N ASN A 819 7.99 9.09 34.91
CA ASN A 819 8.05 10.04 36.01
C ASN A 819 9.42 10.70 36.12
N TYR A 820 10.46 10.02 35.64
CA TYR A 820 11.78 10.63 35.63
C TYR A 820 11.94 11.62 34.48
N ILE A 821 11.26 11.41 33.37
CA ILE A 821 11.42 12.33 32.25
C ILE A 821 10.66 13.62 32.47
N THR A 822 9.66 13.63 33.35
CA THR A 822 9.05 14.91 33.72
C THR A 822 9.92 15.68 34.70
N ALA A 823 10.61 14.99 35.59
CA ALA A 823 11.47 15.67 36.56
C ALA A 823 12.66 16.32 35.88
N THR A 824 13.38 15.58 35.04
CA THR A 824 14.50 16.10 34.27
C THR A 824 14.22 15.79 32.80
N ALA A 825 13.65 16.76 32.09
CA ALA A 825 13.17 16.52 30.75
C ALA A 825 14.33 16.34 29.77
N PHE A 826 13.99 15.81 28.60
CA PHE A 826 14.92 15.55 27.51
C PHE A 826 14.51 16.43 26.35
N THR A 827 15.48 17.07 25.69
CA THR A 827 15.17 17.97 24.59
C THR A 827 16.16 17.75 23.47
N CYS A 828 16.13 18.66 22.51
CA CYS A 828 16.96 18.68 21.31
C CYS A 828 16.79 20.05 20.67
N GLY A 829 17.82 20.53 20.00
CA GLY A 829 17.78 21.86 19.44
C GLY A 829 18.85 22.09 18.40
N MET A 830 18.99 23.35 18.01
CA MET A 830 19.95 23.71 16.97
C MET A 830 21.38 23.55 17.44
N ASP A 831 21.63 23.61 18.74
CA ASP A 831 22.99 23.45 19.25
C ASP A 831 23.47 22.01 19.13
N ASP A 832 22.55 21.04 19.10
CA ASP A 832 22.94 19.65 18.94
C ASP A 832 23.41 19.34 17.53
N LEU A 833 23.07 20.17 16.55
CA LEU A 833 23.36 19.89 15.16
C LEU A 833 24.59 20.60 14.63
N ARG A 834 25.33 21.31 15.47
CA ARG A 834 26.45 22.11 14.99
C ARG A 834 27.77 21.38 15.19
N LEU A 835 28.78 21.88 14.51
CA LEU A 835 30.16 21.43 14.63
C LEU A 835 30.99 22.52 15.30
N THR A 836 32.29 22.27 15.41
CA THR A 836 33.19 23.31 15.86
C THR A 836 33.76 24.06 14.65
N ALA A 837 34.55 25.10 14.94
CA ALA A 837 35.26 25.77 13.87
C ALA A 837 36.26 24.82 13.19
N GLU A 838 37.00 24.06 13.98
CA GLU A 838 37.92 23.09 13.39
C GLU A 838 37.19 21.90 12.80
N GLY A 839 36.02 21.55 13.33
CA GLY A 839 35.23 20.51 12.70
C GLY A 839 34.75 20.90 11.32
N ASN A 840 34.22 22.12 11.19
CA ASN A 840 33.86 22.63 9.87
C ASN A 840 35.07 22.79 8.98
N LYS A 841 36.23 23.11 9.55
CA LYS A 841 37.45 23.17 8.75
C LYS A 841 37.84 21.81 8.20
N TRP A 842 37.76 20.77 9.03
CA TRP A 842 38.04 19.42 8.55
C TRP A 842 37.06 19.04 7.45
N ARG A 843 35.77 19.33 7.67
CA ARG A 843 34.77 18.99 6.68
C ARG A 843 35.05 19.67 5.35
N THR A 844 35.35 20.97 5.37
CA THR A 844 35.57 21.68 4.12
C THR A 844 36.87 21.25 3.46
N ASP A 845 37.91 20.94 4.24
CA ASP A 845 39.14 20.47 3.64
C ASP A 845 38.96 19.13 2.96
N ILE A 846 38.19 18.22 3.56
CA ILE A 846 37.98 16.93 2.91
C ILE A 846 37.07 17.07 1.70
N LEU A 847 36.04 17.92 1.80
CA LEU A 847 35.16 18.12 0.64
C LEU A 847 35.88 18.81 -0.51
N LYS A 848 36.92 19.61 -0.23
CA LYS A 848 37.71 20.16 -1.33
C LYS A 848 38.50 19.10 -2.06
N THR A 849 38.56 17.87 -1.55
CA THR A 849 39.13 16.76 -2.31
C THR A 849 38.14 16.19 -3.31
N SER A 850 36.85 16.49 -3.15
CA SER A 850 35.79 16.01 -4.04
C SER A 850 35.58 16.92 -5.24
N VAL A 851 36.62 17.65 -5.66
CA VAL A 851 36.54 18.45 -6.88
C VAL A 851 37.05 17.67 -8.08
N ASP A 852 37.63 16.49 -7.88
CA ASP A 852 38.24 15.75 -8.97
C ASP A 852 37.89 14.26 -8.97
N THR A 853 37.09 13.80 -7.99
CA THR A 853 36.75 12.38 -7.96
C THR A 853 35.90 11.99 -9.16
N GLY A 854 34.91 12.80 -9.49
CA GLY A 854 34.10 12.51 -10.67
C GLY A 854 34.90 12.53 -11.95
N ARG A 855 35.78 13.52 -12.10
CA ARG A 855 36.56 13.61 -13.32
C ARG A 855 37.53 12.44 -13.44
N GLU A 856 38.17 12.04 -12.35
CA GLU A 856 39.07 10.89 -12.43
C GLU A 856 38.30 9.60 -12.71
N ALA A 857 37.13 9.44 -12.10
CA ALA A 857 36.33 8.27 -12.38
C ALA A 857 35.95 8.20 -13.85
N ALA A 858 35.56 9.33 -14.44
CA ALA A 858 35.27 9.37 -15.86
C ALA A 858 36.51 9.08 -16.69
N ALA A 859 37.65 9.65 -16.30
CA ALA A 859 38.87 9.49 -17.08
C ALA A 859 39.36 8.06 -17.07
N GLU A 860 39.08 7.31 -16.02
CA GLU A 860 39.47 5.90 -16.02
C GLU A 860 38.40 5.00 -16.63
N VAL A 861 37.12 5.38 -16.54
CA VAL A 861 36.08 4.58 -17.20
C VAL A 861 36.21 4.70 -18.71
N THR A 862 36.56 5.86 -19.22
CA THR A 862 36.84 5.98 -20.64
C THR A 862 38.25 5.53 -21.01
N ASN A 863 38.91 4.75 -20.14
CA ASN A 863 40.21 4.14 -20.43
C ASN A 863 41.22 5.16 -20.93
N LEU A 864 41.09 6.40 -20.48
CA LEU A 864 41.93 7.49 -20.93
C LEU A 864 43.11 7.69 -20.00
N ASP A 865 43.98 8.62 -20.39
CA ASP A 865 45.07 9.04 -19.53
C ASP A 865 44.53 9.79 -18.33
N LYS A 866 45.13 9.57 -17.16
CA LYS A 866 44.78 10.38 -16.01
C LYS A 866 45.28 11.81 -16.21
N ASP A 867 44.80 12.72 -15.36
CA ASP A 867 45.09 14.14 -15.46
C ASP A 867 44.58 14.74 -16.77
N THR A 868 43.70 14.03 -17.47
CA THR A 868 43.15 14.55 -18.71
C THR A 868 42.14 15.66 -18.40
N PRO A 869 42.14 16.74 -19.17
CA PRO A 869 41.23 17.85 -18.88
C PRO A 869 39.78 17.46 -19.08
N ALA A 870 38.90 18.11 -18.32
CA ALA A 870 37.48 17.81 -18.38
C ALA A 870 36.83 18.24 -19.69
N ASP A 871 37.53 19.02 -20.51
CA ASP A 871 37.02 19.48 -21.79
C ASP A 871 37.65 18.74 -22.96
N ASP A 872 38.29 17.61 -22.71
CA ASP A 872 38.98 16.90 -23.76
C ASP A 872 37.97 16.35 -24.77
N PRO A 873 38.16 16.63 -26.07
CA PRO A 873 37.22 16.08 -27.06
C PRO A 873 37.15 14.56 -27.07
N GLU A 874 38.28 13.88 -26.87
CA GLU A 874 38.25 12.42 -26.82
C GLU A 874 37.45 11.93 -25.63
N LEU A 875 37.65 12.58 -24.47
CA LEU A 875 36.87 12.23 -23.29
C LEU A 875 35.39 12.46 -23.52
N LEU A 876 35.03 13.56 -24.18
CA LEU A 876 33.62 13.83 -24.44
C LEU A 876 33.03 12.81 -25.41
N LYS A 877 33.80 12.40 -26.41
CA LYS A 877 33.34 11.37 -27.34
C LYS A 877 33.05 10.06 -26.61
N ARG A 878 34.00 9.62 -25.79
CA ARG A 878 33.81 8.37 -25.05
C ARG A 878 32.68 8.49 -24.05
N LEU A 879 32.53 9.66 -23.42
CA LEU A 879 31.43 9.88 -22.50
C LEU A 879 30.09 9.84 -23.22
N GLN A 880 30.05 10.33 -24.46
CA GLN A 880 28.82 10.24 -25.24
C GLN A 880 28.47 8.79 -25.55
N GLU A 881 29.47 7.98 -25.90
CA GLU A 881 29.21 6.56 -26.09
C GLU A 881 28.70 5.90 -24.81
N ILE A 882 29.28 6.27 -23.68
CA ILE A 882 28.82 5.77 -22.38
C ILE A 882 27.37 6.18 -22.14
N LEU A 883 27.01 7.41 -22.51
CA LEU A 883 25.64 7.86 -22.35
C LEU A 883 24.70 7.07 -23.23
N ARG A 884 25.09 6.82 -24.48
CA ARG A 884 24.22 6.08 -25.39
C ARG A 884 23.99 4.66 -24.89
N ASP A 885 25.05 4.00 -24.42
CA ASP A 885 24.97 2.59 -24.04
C ASP A 885 24.63 2.46 -22.56
N ASN A 886 23.54 1.74 -22.26
CA ASN A 886 23.06 1.64 -20.88
C ASN A 886 24.07 0.91 -19.99
N ASN A 887 24.69 -0.16 -20.49
CA ASN A 887 25.63 -0.90 -19.65
C ASN A 887 26.85 -0.06 -19.29
N LYS A 888 27.38 0.67 -20.26
CA LYS A 888 28.52 1.54 -19.96
C LYS A 888 28.11 2.67 -19.03
N SER A 889 26.87 3.15 -19.16
CA SER A 889 26.37 4.13 -18.21
C SER A 889 26.33 3.54 -16.80
N GLY A 890 25.92 2.29 -16.68
CA GLY A 890 25.94 1.64 -15.37
C GLY A 890 27.33 1.50 -14.80
N ILE A 891 28.31 1.20 -15.65
CA ILE A 891 29.69 1.11 -15.20
C ILE A 891 30.16 2.46 -14.65
N LEU A 892 29.89 3.53 -15.40
CA LEU A 892 30.30 4.86 -14.94
C LEU A 892 29.61 5.23 -13.63
N ASP A 893 28.31 4.98 -13.54
CA ASP A 893 27.55 5.33 -12.36
C ASP A 893 27.85 4.43 -11.17
N ALA A 894 28.55 3.32 -11.38
CA ALA A 894 29.03 2.53 -10.25
C ALA A 894 30.39 3.00 -9.79
N VAL A 895 31.33 3.19 -10.71
CA VAL A 895 32.68 3.59 -10.31
C VAL A 895 32.67 4.96 -9.65
N THR A 896 32.01 5.94 -10.29
CA THR A 896 31.97 7.28 -9.70
C THR A 896 31.29 7.24 -8.34
N SER A 897 30.21 6.47 -8.23
CA SER A 897 29.51 6.38 -6.95
C SER A 897 30.42 5.80 -5.88
N SER A 898 31.25 4.83 -6.25
CA SER A 898 32.20 4.28 -5.28
C SER A 898 33.15 5.35 -4.77
N LYS A 899 33.74 6.11 -5.68
CA LYS A 899 34.72 7.11 -5.24
C LYS A 899 34.07 8.20 -4.38
N VAL A 900 32.90 8.68 -4.78
CA VAL A 900 32.28 9.74 -4.00
C VAL A 900 31.79 9.22 -2.66
N ASN A 901 31.37 7.95 -2.59
CA ASN A 901 30.99 7.41 -1.30
C ASN A 901 32.19 7.23 -0.39
N ALA A 902 33.35 6.93 -0.96
CA ALA A 902 34.56 6.91 -0.15
C ALA A 902 34.82 8.28 0.46
N ILE A 903 34.68 9.34 -0.34
CA ILE A 903 34.87 10.70 0.20
C ILE A 903 33.86 10.98 1.31
N THR A 904 32.61 10.58 1.11
CA THR A 904 31.60 10.79 2.14
C THR A 904 31.96 10.08 3.43
N SER A 905 32.41 8.82 3.34
CA SER A 905 32.77 8.08 4.55
C SER A 905 33.94 8.73 5.27
N GLN A 906 34.93 9.22 4.51
CA GLN A 906 36.02 9.96 5.14
C GLN A 906 35.49 11.13 5.93
N VAL A 907 34.59 11.92 5.31
CA VAL A 907 34.07 13.10 6.00
C VAL A 907 33.34 12.69 7.28
N VAL A 908 32.49 11.68 7.19
CA VAL A 908 31.68 11.30 8.34
C VAL A 908 32.57 10.80 9.48
N SER A 909 33.52 9.91 9.16
CA SER A 909 34.38 9.37 10.20
C SER A 909 35.23 10.47 10.84
N LYS A 910 35.73 11.40 10.03
CA LYS A 910 36.60 12.44 10.55
C LYS A 910 35.83 13.44 11.40
N CYS A 911 34.60 13.78 11.02
CA CYS A 911 33.89 14.86 11.70
C CYS A 911 32.84 14.38 12.69
N VAL A 912 32.68 13.08 12.89
CA VAL A 912 31.80 12.63 13.97
C VAL A 912 32.46 11.45 14.68
N PRO A 913 32.49 11.45 16.02
CA PRO A 913 31.97 12.47 16.93
C PRO A 913 32.99 13.52 17.30
N ASP A 914 34.10 13.62 16.58
CA ASP A 914 35.18 14.50 16.94
C ASP A 914 35.00 15.94 16.47
N GLY A 915 33.90 16.23 15.79
CA GLY A 915 33.70 17.57 15.27
C GLY A 915 32.56 18.32 15.93
N THR A 916 31.65 17.60 16.56
CA THR A 916 30.49 18.22 17.16
C THR A 916 30.91 19.13 18.30
N MET A 917 30.31 20.32 18.37
CA MET A 917 30.63 21.22 19.46
C MET A 917 29.98 20.78 20.76
N LYS A 918 28.83 20.12 20.68
CA LYS A 918 28.21 19.48 21.82
C LYS A 918 28.32 17.98 21.63
N LYS A 919 28.76 17.27 22.65
CA LYS A 919 29.08 15.86 22.54
C LYS A 919 28.18 15.02 23.42
N PHE A 920 28.10 13.73 23.06
CA PHE A 920 27.36 12.78 23.87
C PHE A 920 27.98 12.72 25.27
N PRO A 921 27.17 12.65 26.32
CA PRO A 921 25.72 12.50 26.34
C PRO A 921 24.94 13.80 26.22
N CYS A 922 25.62 14.95 26.18
CA CYS A 922 24.90 16.21 26.09
C CYS A 922 24.20 16.36 24.75
N ASN A 923 24.88 16.01 23.67
CA ASN A 923 24.29 16.10 22.33
C ASN A 923 23.14 15.11 22.23
N SER A 924 21.91 15.63 22.21
CA SER A 924 20.75 14.75 22.23
C SER A 924 20.54 14.05 20.90
N MET A 925 20.82 14.72 19.78
CA MET A 925 20.70 14.07 18.48
C MET A 925 21.62 12.86 18.41
N GLN A 926 22.90 13.06 18.76
CA GLN A 926 23.84 11.95 18.79
C GLN A 926 23.46 10.92 19.83
N ALA A 927 22.88 11.36 20.94
CA ALA A 927 22.51 10.42 22.00
C ALA A 927 21.44 9.46 21.52
N MET A 928 20.39 9.97 20.88
CA MET A 928 19.34 9.06 20.45
C MET A 928 19.69 8.35 19.15
N ALA A 929 20.72 8.79 18.43
CA ALA A 929 21.23 7.97 17.34
C ALA A 929 22.11 6.84 17.87
N LEU A 930 22.84 7.08 18.95
CA LEU A 930 23.68 6.04 19.54
C LEU A 930 22.86 5.01 20.29
N SER A 931 21.86 5.47 21.04
CA SER A 931 21.07 4.58 21.87
C SER A 931 20.02 3.81 21.10
N GLY A 932 19.80 4.15 19.84
CA GLY A 932 18.76 3.49 19.07
C GLY A 932 17.35 3.88 19.44
N ALA A 933 17.17 4.92 20.26
CA ALA A 933 15.82 5.37 20.60
C ALA A 933 15.06 5.79 19.36
N LYS A 934 15.71 6.56 18.49
CA LYS A 934 15.16 6.95 17.20
C LYS A 934 16.25 7.56 16.34
N GLY A 935 16.38 7.10 15.11
CA GLY A 935 17.37 7.63 14.20
C GLY A 935 18.54 6.68 14.03
N SER A 936 19.54 7.18 13.30
CA SER A 936 20.70 6.38 12.97
C SER A 936 21.88 7.29 12.71
N ASN A 937 23.07 6.71 12.69
CA ASN A 937 24.25 7.47 12.35
C ASN A 937 24.19 7.99 10.93
N VAL A 938 23.43 7.32 10.06
CA VAL A 938 23.24 7.85 8.71
C VAL A 938 22.49 9.18 8.75
N ASN A 939 21.40 9.23 9.53
CA ASN A 939 20.66 10.48 9.66
C ASN A 939 21.49 11.56 10.34
N VAL A 940 22.25 11.19 11.36
CA VAL A 940 23.07 12.19 12.03
C VAL A 940 24.11 12.74 11.07
N SER A 941 24.76 11.86 10.31
CA SER A 941 25.73 12.31 9.32
C SER A 941 25.08 13.17 8.26
N GLN A 942 23.82 12.89 7.93
CA GLN A 942 23.15 13.69 6.91
C GLN A 942 22.83 15.08 7.43
N ILE A 943 22.41 15.19 8.69
CA ILE A 943 22.10 16.50 9.25
C ILE A 943 23.37 17.31 9.45
N MET A 944 24.44 16.67 9.91
CA MET A 944 25.59 17.43 10.38
C MET A 944 26.77 17.45 9.44
N CYS A 945 26.98 16.41 8.61
CA CYS A 945 28.19 16.30 7.82
C CYS A 945 27.93 16.38 6.31
N LEU A 946 27.09 15.50 5.77
CA LEU A 946 26.96 15.38 4.32
C LEU A 946 25.65 14.70 3.98
N LEU A 947 25.02 15.12 2.87
CA LEU A 947 23.90 14.37 2.35
C LEU A 947 24.36 13.26 1.41
N GLY A 948 25.45 13.47 0.69
CA GLY A 948 26.06 12.41 -0.08
C GLY A 948 25.32 12.11 -1.37
N GLN A 949 25.91 11.19 -2.13
CA GLN A 949 25.37 10.85 -3.44
C GLN A 949 23.96 10.30 -3.34
N GLN A 950 23.07 10.82 -4.18
CA GLN A 950 21.72 10.30 -4.34
C GLN A 950 21.73 9.29 -5.48
N ALA A 951 21.20 8.09 -5.22
CA ALA A 951 21.20 7.03 -6.20
C ALA A 951 19.77 6.65 -6.52
N LEU A 952 19.42 6.70 -7.81
CA LEU A 952 18.10 6.31 -8.28
C LEU A 952 18.23 4.90 -8.87
N GLU A 953 17.53 3.95 -8.25
CA GLU A 953 17.77 2.53 -8.49
C GLU A 953 19.24 2.28 -8.17
N GLY A 954 20.03 1.71 -9.07
CA GLY A 954 21.42 1.49 -8.75
C GLY A 954 22.35 2.54 -9.32
N ARG A 955 21.86 3.34 -10.24
CA ARG A 955 22.68 4.34 -10.90
C ARG A 955 22.41 5.72 -10.32
N ARG A 956 23.16 6.70 -10.81
CA ARG A 956 23.04 8.07 -10.37
C ARG A 956 21.82 8.70 -11.01
N VAL A 957 21.71 10.02 -10.94
CA VAL A 957 20.55 10.75 -11.41
C VAL A 957 20.40 10.63 -12.92
N PRO A 958 19.19 10.71 -13.46
CA PRO A 958 19.01 10.54 -14.90
C PRO A 958 19.73 11.60 -15.71
N VAL A 959 20.14 11.22 -16.92
CA VAL A 959 20.82 12.11 -17.84
C VAL A 959 19.92 12.33 -19.05
N MET A 960 19.75 13.58 -19.45
CA MET A 960 18.93 13.89 -20.60
C MET A 960 19.63 13.45 -21.88
N VAL A 961 18.87 13.46 -22.98
CA VAL A 961 19.36 12.98 -24.26
C VAL A 961 20.50 13.83 -24.79
N SER A 962 20.67 15.04 -24.27
CA SER A 962 21.71 15.95 -24.73
C SER A 962 23.01 15.81 -23.99
N GLY A 963 23.12 14.86 -23.06
CA GLY A 963 24.28 14.80 -22.20
C GLY A 963 24.23 15.71 -21.01
N LYS A 964 23.10 16.36 -20.77
CA LYS A 964 22.92 17.28 -19.65
C LYS A 964 22.14 16.59 -18.55
N THR A 965 22.68 16.61 -17.35
CA THR A 965 21.98 16.07 -16.20
C THR A 965 20.93 17.03 -15.68
N LEU A 966 21.04 18.30 -16.01
CA LEU A 966 20.14 19.36 -15.59
C LEU A 966 20.40 20.56 -16.47
N PRO A 967 19.46 21.50 -16.57
CA PRO A 967 19.75 22.71 -17.36
C PRO A 967 20.97 23.46 -16.86
N SER A 968 21.25 23.39 -15.55
CA SER A 968 22.33 24.17 -14.98
C SER A 968 23.70 23.63 -15.35
N PHE A 969 23.80 22.34 -15.68
CA PHE A 969 25.08 21.69 -15.93
C PHE A 969 25.31 21.52 -17.43
N LYS A 970 26.55 21.74 -17.85
CA LYS A 970 26.89 21.63 -19.26
C LYS A 970 26.86 20.16 -19.68
N PRO A 971 26.74 19.89 -20.99
CA PRO A 971 26.72 18.50 -21.44
C PRO A 971 27.98 17.74 -21.05
N TYR A 972 27.79 16.49 -20.63
CA TYR A 972 28.89 15.58 -20.29
C TYR A 972 29.78 16.20 -19.21
N GLU A 973 29.17 16.44 -18.04
CA GLU A 973 29.85 17.10 -16.94
C GLU A 973 30.53 16.04 -16.07
N THR A 974 31.84 16.16 -15.93
CA THR A 974 32.61 15.28 -15.05
C THR A 974 32.73 15.87 -13.66
N ASP A 975 31.60 16.26 -13.10
CA ASP A 975 31.53 16.83 -11.76
C ASP A 975 30.68 15.93 -10.89
N ALA A 976 31.10 15.73 -9.65
CA ALA A 976 30.32 14.91 -8.74
C ALA A 976 28.96 15.52 -8.47
N MET A 977 28.92 16.84 -8.29
CA MET A 977 27.65 17.50 -7.99
C MET A 977 26.67 17.32 -9.14
N ALA A 978 27.17 17.35 -10.37
CA ALA A 978 26.31 17.19 -11.54
C ALA A 978 25.63 15.84 -11.54
N GLY A 979 26.37 14.80 -11.16
CA GLY A 979 25.85 13.45 -11.12
C GLY A 979 25.03 13.10 -9.92
N GLY A 980 24.80 14.05 -9.02
CA GLY A 980 23.95 13.81 -7.87
C GLY A 980 24.65 13.76 -6.54
N TYR A 981 25.92 14.12 -6.47
CA TYR A 981 26.66 14.08 -5.22
C TYR A 981 26.36 15.34 -4.42
N VAL A 982 25.42 15.22 -3.48
CA VAL A 982 24.97 16.37 -2.69
C VAL A 982 25.94 16.55 -1.54
N LYS A 983 26.76 17.61 -1.62
CA LYS A 983 27.71 17.93 -0.57
C LYS A 983 27.12 18.82 0.51
N GLY A 984 25.87 19.22 0.38
CA GLY A 984 25.25 20.00 1.43
C GLY A 984 24.75 19.14 2.53
N ARG A 985 24.26 19.79 3.59
CA ARG A 985 23.74 19.11 4.75
C ARG A 985 22.45 19.78 5.19
N PHE A 986 21.59 19.03 5.86
CA PHE A 986 20.32 19.60 6.26
C PHE A 986 20.46 20.68 7.33
N TYR A 987 21.63 20.82 7.94
CA TYR A 987 21.81 21.91 8.90
C TYR A 987 21.98 23.25 8.19
N SER A 988 22.69 23.27 7.07
CA SER A 988 22.94 24.50 6.35
C SER A 988 22.25 24.56 4.99
N GLY A 989 21.34 23.63 4.71
CA GLY A 989 20.54 23.67 3.51
C GLY A 989 21.32 23.31 2.25
N ILE A 990 20.58 22.89 1.24
CA ILE A 990 21.17 22.37 0.00
C ILE A 990 20.82 23.29 -1.15
N LYS A 991 21.71 23.32 -2.15
CA LYS A 991 21.58 24.18 -3.30
C LYS A 991 20.36 23.78 -4.13
N PRO A 992 19.91 24.63 -5.06
CA PRO A 992 18.75 24.24 -5.87
C PRO A 992 18.93 22.97 -6.68
N GLN A 993 20.11 22.75 -7.27
CA GLN A 993 20.34 21.54 -8.05
C GLN A 993 20.30 20.30 -7.16
N GLU A 994 21.01 20.36 -6.04
CA GLU A 994 21.00 19.25 -5.10
C GLU A 994 19.61 19.04 -4.52
N TYR A 995 18.85 20.11 -4.38
CA TYR A 995 17.46 20.00 -3.93
C TYR A 995 16.62 19.23 -4.93
N TYR A 996 16.84 19.50 -6.22
CA TYR A 996 16.13 18.78 -7.26
C TYR A 996 16.51 17.29 -7.26
N PHE A 997 17.80 16.99 -7.14
CA PHE A 997 18.23 15.59 -7.09
C PHE A 997 17.65 14.89 -5.85
N HIS A 998 17.66 15.57 -4.71
CA HIS A 998 17.10 15.02 -3.49
C HIS A 998 15.61 14.77 -3.64
N CYS A 999 14.91 15.65 -4.36
CA CYS A 999 13.51 15.41 -4.64
C CYS A 999 13.33 14.18 -5.53
N MET A 1000 14.23 14.00 -6.51
CA MET A 1000 14.21 12.77 -7.31
C MET A 1000 14.28 11.56 -6.40
N ALA A 1001 15.23 11.56 -5.46
CA ALA A 1001 15.40 10.41 -4.58
C ALA A 1001 14.18 10.18 -3.69
N GLY A 1002 13.63 11.24 -3.12
CA GLY A 1002 12.45 11.08 -2.28
C GLY A 1002 11.26 10.58 -3.06
N ARG A 1003 11.06 11.10 -4.27
CA ARG A 1003 10.00 10.60 -5.13
C ARG A 1003 10.22 9.14 -5.47
N GLU A 1004 11.47 8.74 -5.67
CA GLU A 1004 11.76 7.32 -5.91
C GLU A 1004 11.32 6.47 -4.73
N GLY A 1005 11.63 6.93 -3.51
CA GLY A 1005 11.21 6.19 -2.34
C GLY A 1005 9.70 6.05 -2.24
N LEU A 1006 8.98 7.14 -2.51
CA LEU A 1006 7.53 7.06 -2.45
C LEU A 1006 6.95 6.19 -3.56
N ILE A 1007 7.58 6.19 -4.73
CA ILE A 1007 7.15 5.29 -5.80
C ILE A 1007 7.37 3.83 -5.41
N ASP A 1008 8.51 3.54 -4.77
CA ASP A 1008 8.77 2.18 -4.32
C ASP A 1008 7.72 1.74 -3.31
N THR A 1009 7.38 2.60 -2.35
CA THR A 1009 6.35 2.20 -1.39
C THR A 1009 4.98 2.11 -2.04
N ALA A 1010 4.75 2.88 -3.11
CA ALA A 1010 3.51 2.73 -3.86
C ALA A 1010 3.42 1.37 -4.52
N VAL A 1011 4.53 0.91 -5.12
CA VAL A 1011 4.57 -0.41 -5.73
C VAL A 1011 4.36 -1.48 -4.68
N LYS A 1012 5.01 -1.33 -3.52
CA LYS A 1012 4.84 -2.32 -2.46
C LYS A 1012 3.39 -2.40 -1.99
N THR A 1013 2.74 -1.25 -1.79
CA THR A 1013 1.34 -1.27 -1.37
C THR A 1013 0.45 -1.88 -2.45
N SER A 1014 0.72 -1.56 -3.71
CA SER A 1014 -0.09 -2.10 -4.81
C SER A 1014 0.02 -3.62 -4.88
N ARG A 1015 1.23 -4.13 -5.08
CA ARG A 1015 1.47 -5.57 -5.15
C ARG A 1015 2.19 -5.99 -3.87
N SER A 1016 1.44 -6.53 -2.91
CA SER A 1016 1.99 -6.81 -1.59
C SER A 1016 2.02 -8.31 -1.26
N GLY A 1017 0.88 -8.98 -1.29
CA GLY A 1017 0.79 -10.31 -0.71
C GLY A 1017 0.06 -11.35 -1.54
N TYR A 1018 -0.96 -11.96 -0.92
CA TYR A 1018 -1.74 -13.09 -1.42
C TYR A 1018 -0.91 -14.37 -1.35
N LEU A 1019 0.39 -14.23 -1.11
CA LEU A 1019 1.22 -15.37 -0.76
C LEU A 1019 0.78 -15.95 0.57
N GLN A 1020 0.51 -15.09 1.54
CA GLN A 1020 0.08 -15.56 2.84
C GLN A 1020 -1.29 -16.23 2.76
N ARG A 1021 -2.20 -15.68 1.95
CA ARG A 1021 -3.50 -16.33 1.82
C ARG A 1021 -3.38 -17.69 1.16
N CYS A 1022 -2.57 -17.80 0.10
CA CYS A 1022 -2.41 -19.08 -0.58
C CYS A 1022 -1.75 -20.11 0.35
N LEU A 1023 -0.75 -19.70 1.14
CA LEU A 1023 -0.16 -20.62 2.09
C LEU A 1023 -1.15 -21.02 3.16
N THR A 1024 -1.78 -20.05 3.81
CA THR A 1024 -2.62 -20.33 4.97
C THR A 1024 -3.84 -21.13 4.59
N LYS A 1025 -4.30 -21.05 3.34
CA LYS A 1025 -5.48 -21.82 2.95
C LYS A 1025 -5.23 -23.31 3.06
N GLN A 1026 -4.04 -23.76 2.68
CA GLN A 1026 -3.74 -25.18 2.74
C GLN A 1026 -3.10 -25.59 4.04
N LEU A 1027 -2.39 -24.68 4.71
CA LEU A 1027 -1.75 -25.03 5.98
C LEU A 1027 -2.65 -24.78 7.18
N GLU A 1028 -3.87 -24.28 6.99
CA GLU A 1028 -4.69 -23.90 8.13
C GLU A 1028 -5.10 -25.07 9.00
N GLY A 1029 -4.94 -26.31 8.52
CA GLY A 1029 -5.34 -27.45 9.31
C GLY A 1029 -4.19 -28.16 9.98
N VAL A 1030 -2.98 -28.02 9.44
CA VAL A 1030 -1.81 -28.68 10.00
C VAL A 1030 -1.63 -28.27 11.45
N HIS A 1031 -1.51 -29.26 12.33
CA HIS A 1031 -1.35 -28.97 13.75
C HIS A 1031 -0.64 -30.13 14.43
N VAL A 1032 -0.11 -29.86 15.62
CA VAL A 1032 0.64 -30.85 16.36
C VAL A 1032 -0.32 -31.73 17.15
N SER A 1033 -0.24 -33.03 16.94
CA SER A 1033 -1.14 -33.98 17.57
C SER A 1033 -0.55 -34.49 18.89
N TYR A 1034 -1.38 -35.18 19.66
CA TYR A 1034 -0.94 -35.74 20.93
C TYR A 1034 0.14 -36.79 20.76
N ASP A 1035 0.35 -37.30 19.55
CA ASP A 1035 1.48 -38.18 19.25
C ASP A 1035 2.75 -37.42 18.92
N ASN A 1036 2.71 -36.08 18.95
CA ASN A 1036 3.80 -35.17 18.63
C ASN A 1036 4.13 -35.12 17.15
N SER A 1037 3.44 -35.88 16.31
CA SER A 1037 3.59 -35.79 14.87
C SER A 1037 2.64 -34.72 14.35
N ILE A 1038 3.12 -33.89 13.45
CA ILE A 1038 2.29 -32.83 12.89
C ILE A 1038 1.60 -33.37 11.64
N ARG A 1039 0.34 -33.01 11.47
CA ARG A 1039 -0.48 -33.68 10.47
C ARG A 1039 -1.70 -32.84 10.13
N ASP A 1040 -2.17 -33.00 8.89
CA ASP A 1040 -3.31 -32.25 8.41
C ASP A 1040 -4.56 -32.60 9.20
N ALA A 1041 -5.62 -31.81 8.97
CA ALA A 1041 -6.80 -31.88 9.82
C ALA A 1041 -7.55 -33.20 9.67
N ASP A 1042 -7.63 -33.73 8.45
CA ASP A 1042 -8.33 -34.99 8.23
C ASP A 1042 -7.62 -36.16 8.89
N GLY A 1043 -6.29 -36.10 8.98
CA GLY A 1043 -5.53 -37.15 9.63
C GLY A 1043 -4.22 -37.43 8.94
N THR A 1044 -4.07 -36.95 7.71
CA THR A 1044 -2.86 -37.27 6.95
C THR A 1044 -1.65 -36.67 7.62
N LEU A 1045 -0.59 -37.45 7.71
CA LEU A 1045 0.62 -37.04 8.40
C LEU A 1045 1.53 -36.24 7.47
N VAL A 1046 2.09 -35.15 7.99
CA VAL A 1046 3.04 -34.31 7.26
C VAL A 1046 4.46 -34.50 7.77
N GLN A 1047 4.66 -34.38 9.08
CA GLN A 1047 5.93 -34.66 9.71
C GLN A 1047 5.68 -35.50 10.96
N PHE A 1048 6.66 -36.34 11.30
CA PHE A 1048 6.59 -37.10 12.54
C PHE A 1048 7.05 -36.29 13.75
N MET A 1049 7.72 -35.17 13.53
CA MET A 1049 8.30 -34.37 14.59
C MET A 1049 8.37 -32.94 14.10
N TYR A 1050 7.91 -31.99 14.91
CA TYR A 1050 7.96 -30.59 14.48
C TYR A 1050 9.40 -30.14 14.45
N GLY A 1051 9.98 -30.12 13.26
CA GLY A 1051 11.34 -29.69 13.07
C GLY A 1051 12.38 -30.75 13.35
N GLY A 1052 11.98 -31.94 13.78
CA GLY A 1052 12.91 -32.96 14.18
C GLY A 1052 13.30 -32.93 15.64
N ASP A 1053 12.80 -31.97 16.41
CA ASP A 1053 13.04 -31.91 17.84
C ASP A 1053 11.80 -31.61 18.66
N ALA A 1054 10.70 -31.17 18.05
CA ALA A 1054 9.43 -30.92 18.72
C ALA A 1054 9.51 -29.84 19.77
N ILE A 1055 10.49 -28.95 19.68
CA ILE A 1055 10.60 -27.85 20.63
C ILE A 1055 9.90 -26.62 20.08
N ASP A 1056 9.45 -25.78 20.99
CA ASP A 1056 8.70 -24.58 20.65
C ASP A 1056 9.67 -23.42 20.46
N ILE A 1057 9.42 -22.62 19.42
CA ILE A 1057 10.31 -21.49 19.16
C ILE A 1057 10.11 -20.40 20.22
N THR A 1058 8.87 -20.17 20.63
CA THR A 1058 8.65 -19.22 21.72
C THR A 1058 9.24 -19.68 23.03
N LYS A 1059 9.93 -20.82 23.07
CA LYS A 1059 10.56 -21.34 24.26
C LYS A 1059 11.97 -21.84 24.02
N GLU A 1060 12.49 -21.69 22.81
CA GLU A 1060 13.77 -22.23 22.38
C GLU A 1060 14.93 -21.26 22.52
N SER A 1061 14.68 -20.04 23.02
CA SER A 1061 15.69 -18.98 22.91
C SER A 1061 16.93 -19.29 23.76
N HIS A 1062 16.75 -19.61 25.03
CA HIS A 1062 17.87 -19.76 25.96
C HIS A 1062 18.27 -21.20 26.20
N MET A 1063 17.80 -22.14 25.36
CA MET A 1063 18.22 -23.52 25.53
C MET A 1063 19.71 -23.67 25.31
N THR A 1064 20.24 -23.03 24.27
CA THR A 1064 21.66 -23.07 23.98
C THR A 1064 22.46 -22.05 24.78
N GLN A 1065 21.79 -21.22 25.58
CA GLN A 1065 22.46 -20.21 26.39
C GLN A 1065 22.86 -20.83 27.71
N PHE A 1066 23.87 -21.70 27.62
CA PHE A 1066 24.27 -22.51 28.77
C PHE A 1066 24.90 -21.66 29.85
N GLU A 1067 25.63 -20.61 29.48
CA GLU A 1067 26.21 -19.72 30.49
C GLU A 1067 25.12 -19.06 31.32
N PHE A 1068 24.09 -18.54 30.66
CA PHE A 1068 22.99 -17.95 31.39
C PHE A 1068 22.29 -18.97 32.28
N CYS A 1069 22.06 -20.17 31.75
CA CYS A 1069 21.39 -21.20 32.53
C CYS A 1069 22.22 -21.59 33.74
N LEU A 1070 23.53 -21.72 33.57
CA LEU A 1070 24.41 -22.05 34.68
C LEU A 1070 24.37 -20.97 35.75
N ASP A 1071 24.50 -19.70 35.34
CA ASP A 1071 24.55 -18.61 36.29
C ASP A 1071 23.24 -18.47 37.05
N ASN A 1072 22.11 -18.77 36.42
CA ASN A 1072 20.82 -18.66 37.09
C ASN A 1072 20.30 -20.01 37.56
N TYR A 1073 21.16 -21.03 37.61
CA TYR A 1073 20.79 -22.38 38.03
C TYR A 1073 19.76 -22.45 39.14
N TYR A 1074 19.96 -21.73 40.24
CA TYR A 1074 19.08 -21.91 41.39
C TYR A 1074 17.67 -21.39 41.10
N ALA A 1075 17.57 -20.23 40.47
CA ALA A 1075 16.26 -19.69 40.11
C ALA A 1075 15.57 -20.57 39.07
N LEU A 1076 16.33 -21.05 38.08
CA LEU A 1076 15.75 -21.94 37.07
C LEU A 1076 15.27 -23.23 37.71
N LEU A 1077 16.03 -23.76 38.67
CA LEU A 1077 15.62 -24.96 39.39
C LEU A 1077 14.34 -24.72 40.17
N LYS A 1078 14.23 -23.56 40.82
CA LYS A 1078 13.01 -23.28 41.57
C LYS A 1078 11.81 -23.09 40.65
N LYS A 1079 12.03 -22.62 39.42
CA LYS A 1079 10.92 -22.48 38.50
C LYS A 1079 10.51 -23.81 37.87
N TYR A 1080 11.46 -24.73 37.66
CA TYR A 1080 11.13 -26.01 37.04
C TYR A 1080 10.61 -27.02 38.04
N ASN A 1081 11.13 -27.03 39.26
CA ASN A 1081 10.62 -27.83 40.37
C ASN A 1081 10.60 -29.32 40.04
N PRO A 1082 11.76 -29.96 39.92
CA PRO A 1082 11.78 -31.41 39.63
C PRO A 1082 11.15 -32.26 40.73
N SER A 1083 10.89 -31.68 41.91
CA SER A 1083 10.25 -32.44 42.98
C SER A 1083 8.84 -32.89 42.60
N ALA A 1084 8.08 -32.00 41.96
CA ALA A 1084 6.72 -32.31 41.53
C ALA A 1084 6.66 -32.81 40.09
N LEU A 1085 7.80 -33.03 39.45
CA LEU A 1085 7.86 -33.44 38.05
C LEU A 1085 8.79 -34.63 37.86
N ILE A 1086 8.85 -35.53 38.84
CA ILE A 1086 9.70 -36.71 38.74
C ILE A 1086 8.96 -38.00 39.05
N GLU A 1087 7.77 -37.95 39.65
CA GLU A 1087 7.01 -39.17 39.89
C GLU A 1087 6.35 -39.67 38.62
N HIS A 1088 5.93 -38.78 37.75
CA HIS A 1088 5.15 -39.13 36.57
C HIS A 1088 6.00 -39.50 35.36
N LEU A 1089 7.33 -39.43 35.47
CA LEU A 1089 8.21 -39.58 34.34
C LEU A 1089 9.09 -40.82 34.50
N ASP A 1090 9.77 -41.15 33.41
CA ASP A 1090 10.82 -42.16 33.38
C ASP A 1090 12.12 -41.47 33.06
N VAL A 1091 13.12 -41.63 33.92
CA VAL A 1091 14.35 -40.86 33.80
C VAL A 1091 15.55 -41.81 33.73
N GLU A 1092 15.34 -43.02 33.24
CA GLU A 1092 16.42 -43.99 33.08
C GLU A 1092 16.63 -44.42 31.63
N SER A 1093 15.58 -44.91 30.98
CA SER A 1093 15.72 -45.55 29.68
C SER A 1093 16.16 -44.59 28.61
N ALA A 1094 15.58 -43.39 28.60
CA ALA A 1094 15.95 -42.40 27.58
C ALA A 1094 17.41 -42.00 27.70
N LEU A 1095 17.88 -41.80 28.94
CA LEU A 1095 19.29 -41.48 29.15
C LEU A 1095 20.20 -42.62 28.73
N LYS A 1096 19.83 -43.85 29.07
CA LYS A 1096 20.64 -45.00 28.68
C LYS A 1096 20.74 -45.10 27.15
N TYR A 1097 19.60 -44.98 26.47
CA TYR A 1097 19.63 -45.10 25.02
C TYR A 1097 20.38 -43.95 24.39
N SER A 1098 20.25 -42.75 24.94
CA SER A 1098 20.99 -41.61 24.42
C SER A 1098 22.49 -41.82 24.56
N LYS A 1099 22.93 -42.37 25.70
CA LYS A 1099 24.34 -42.67 25.87
C LYS A 1099 24.82 -43.69 24.85
N LYS A 1100 24.05 -44.75 24.63
CA LYS A 1100 24.45 -45.74 23.63
C LYS A 1100 24.51 -45.13 22.24
N THR A 1101 23.51 -44.33 21.88
CA THR A 1101 23.47 -43.72 20.56
C THR A 1101 24.63 -42.76 20.38
N LEU A 1102 24.95 -41.98 21.40
CA LEU A 1102 26.07 -41.05 21.30
C LEU A 1102 27.39 -41.81 21.17
N LYS A 1103 27.53 -42.94 21.89
CA LYS A 1103 28.73 -43.75 21.75
C LYS A 1103 28.88 -44.26 20.31
N TYR A 1104 27.79 -44.77 19.74
CA TYR A 1104 27.85 -45.28 18.37
C TYR A 1104 28.14 -44.15 17.38
N ARG A 1105 27.49 -43.00 17.55
CA ARG A 1105 27.71 -41.86 16.67
C ARG A 1105 29.15 -41.35 16.77
N LYS A 1106 29.72 -41.38 17.97
CA LYS A 1106 31.14 -41.03 18.12
C LYS A 1106 32.02 -42.03 17.40
N LYS A 1107 31.71 -43.32 17.49
CA LYS A 1107 32.50 -44.33 16.80
C LYS A 1107 32.52 -44.05 15.30
N HIS A 1108 31.35 -43.86 14.71
CA HIS A 1108 31.23 -43.55 13.29
C HIS A 1108 31.23 -42.04 13.11
N SER A 1109 30.77 -41.56 11.95
CA SER A 1109 30.63 -40.15 11.54
C SER A 1109 31.93 -39.57 11.01
N LYS A 1110 33.00 -40.36 10.92
CA LYS A 1110 34.09 -40.03 10.02
C LYS A 1110 33.83 -40.56 8.62
N GLU A 1111 32.68 -41.20 8.41
CA GLU A 1111 32.30 -41.87 7.18
C GLU A 1111 31.16 -41.13 6.49
N PRO A 1112 31.02 -41.30 5.18
CA PRO A 1112 29.98 -40.57 4.45
C PRO A 1112 28.58 -41.03 4.83
N HIS A 1113 27.61 -40.14 4.58
CA HIS A 1113 26.24 -40.38 5.00
C HIS A 1113 25.63 -41.60 4.30
N TYR A 1114 26.07 -41.87 3.06
CA TYR A 1114 25.57 -43.04 2.35
C TYR A 1114 26.22 -44.33 2.82
N LYS A 1115 27.32 -44.24 3.54
CA LYS A 1115 28.02 -45.42 4.03
C LYS A 1115 27.62 -45.81 5.45
N GLN A 1116 27.08 -44.88 6.22
CA GLN A 1116 26.68 -45.20 7.59
C GLN A 1116 25.43 -46.07 7.58
N SER A 1117 25.23 -46.76 8.70
CA SER A 1117 24.11 -47.67 8.87
C SER A 1117 23.40 -47.34 10.18
N VAL A 1118 22.08 -47.44 10.18
CA VAL A 1118 21.29 -47.10 11.37
C VAL A 1118 21.17 -48.39 12.18
N LYS A 1119 22.23 -48.69 12.93
CA LYS A 1119 22.10 -49.63 14.03
C LYS A 1119 21.29 -48.99 15.15
N TYR A 1120 21.56 -47.73 15.44
CA TYR A 1120 20.82 -46.95 16.42
C TYR A 1120 20.29 -45.69 15.75
N ASP A 1121 19.02 -45.42 15.95
CA ASP A 1121 18.36 -44.25 15.39
C ASP A 1121 18.48 -43.07 16.34
N PRO A 1122 17.95 -41.91 15.98
CA PRO A 1122 17.85 -40.83 16.98
C PRO A 1122 16.93 -41.20 18.13
N VAL A 1123 17.21 -40.63 19.30
CA VAL A 1123 16.48 -40.99 20.51
C VAL A 1123 15.03 -40.54 20.41
N LEU A 1124 14.78 -39.38 19.81
CA LEU A 1124 13.43 -38.85 19.74
C LEU A 1124 12.48 -39.75 18.97
N ALA A 1125 13.01 -40.60 18.09
CA ALA A 1125 12.16 -41.52 17.36
C ALA A 1125 11.45 -42.49 18.30
N LYS A 1126 12.18 -43.03 19.28
CA LYS A 1126 11.63 -44.07 20.14
C LYS A 1126 10.79 -43.48 21.27
N TYR A 1127 11.39 -42.67 22.13
CA TYR A 1127 10.76 -42.24 23.36
C TYR A 1127 10.08 -40.89 23.18
N ASN A 1128 8.87 -40.77 23.72
CA ASN A 1128 8.15 -39.52 23.67
C ASN A 1128 8.91 -38.48 24.49
N PRO A 1129 9.41 -37.40 23.87
CA PRO A 1129 10.23 -36.46 24.62
C PRO A 1129 9.49 -35.75 25.74
N ALA A 1130 8.17 -35.64 25.66
CA ALA A 1130 7.42 -35.03 26.74
C ALA A 1130 7.21 -35.97 27.91
N LYS A 1131 7.63 -37.22 27.79
CA LYS A 1131 7.40 -38.23 28.80
C LYS A 1131 8.68 -38.92 29.27
N TYR A 1132 9.78 -38.79 28.55
CA TYR A 1132 11.03 -39.49 28.87
C TYR A 1132 12.15 -38.46 28.94
N LEU A 1133 12.61 -38.19 30.16
CA LEU A 1133 13.68 -37.22 30.36
C LEU A 1133 14.97 -37.74 29.75
N GLY A 1134 15.64 -36.90 28.98
CA GLY A 1134 16.86 -37.27 28.30
C GLY A 1134 16.70 -37.57 26.83
N SER A 1135 15.46 -37.78 26.38
CA SER A 1135 15.17 -37.96 24.96
C SER A 1135 15.10 -36.58 24.32
N VAL A 1136 16.19 -36.16 23.71
CA VAL A 1136 16.34 -34.80 23.22
C VAL A 1136 16.90 -34.86 21.79
N SER A 1137 17.17 -33.69 21.24
CA SER A 1137 17.71 -33.60 19.90
C SER A 1137 19.11 -34.22 19.84
N GLU A 1138 19.53 -34.51 18.61
CA GLU A 1138 20.87 -35.03 18.38
C GLU A 1138 21.92 -33.93 18.35
N ASN A 1139 21.52 -32.68 18.09
CA ASN A 1139 22.45 -31.56 18.12
C ASN A 1139 22.45 -30.85 19.46
N PHE A 1140 21.30 -30.77 20.13
CA PHE A 1140 21.26 -30.20 21.46
C PHE A 1140 22.14 -30.98 22.43
N GLN A 1141 22.05 -32.30 22.39
CA GLN A 1141 22.85 -33.13 23.29
C GLN A 1141 24.33 -32.98 22.97
N ASP A 1142 24.68 -32.93 21.69
CA ASP A 1142 26.08 -32.76 21.32
C ASP A 1142 26.62 -31.41 21.80
N LYS A 1143 25.84 -30.34 21.64
CA LYS A 1143 26.30 -29.03 22.06
C LYS A 1143 26.39 -28.94 23.58
N LEU A 1144 25.43 -29.54 24.29
CA LEU A 1144 25.51 -29.57 25.76
C LEU A 1144 26.73 -30.34 26.23
N GLU A 1145 27.05 -31.45 25.56
CA GLU A 1145 28.25 -32.20 25.91
C GLU A 1145 29.51 -31.37 25.65
N SER A 1146 29.55 -30.67 24.52
CA SER A 1146 30.71 -29.83 24.24
C SER A 1146 30.87 -28.74 25.28
N PHE A 1147 29.76 -28.15 25.72
CA PHE A 1147 29.82 -27.13 26.76
C PHE A 1147 30.35 -27.71 28.07
N LEU A 1148 29.72 -28.78 28.55
CA LEU A 1148 30.15 -29.42 29.80
C LEU A 1148 31.55 -29.98 29.72
N ASP A 1149 32.08 -30.15 28.51
CA ASP A 1149 33.46 -30.61 28.34
C ASP A 1149 34.44 -29.46 28.31
N LYS A 1150 34.16 -28.41 27.54
CA LYS A 1150 35.09 -27.31 27.36
C LYS A 1150 35.04 -26.28 28.49
N ASN A 1151 34.12 -26.41 29.44
CA ASN A 1151 34.22 -25.57 30.63
C ASN A 1151 33.64 -26.30 31.83
N SER A 1152 34.50 -26.58 32.81
CA SER A 1152 34.11 -27.18 34.07
C SER A 1152 34.17 -26.10 35.14
N LYS A 1153 33.03 -25.86 35.80
CA LYS A 1153 32.95 -24.85 36.85
C LYS A 1153 32.05 -25.33 37.98
N GLY A 1160 29.12 -23.77 43.91
CA GLY A 1160 29.61 -24.97 43.28
C GLY A 1160 28.54 -26.02 43.04
N VAL A 1161 28.04 -26.08 41.82
CA VAL A 1161 27.00 -27.03 41.42
C VAL A 1161 27.63 -28.07 40.51
N ASN A 1162 27.33 -29.34 40.79
CA ASN A 1162 27.91 -30.42 40.00
C ASN A 1162 27.34 -30.43 38.60
N GLU A 1163 28.17 -30.88 37.65
CA GLU A 1163 27.77 -30.98 36.26
C GLU A 1163 26.55 -31.88 36.08
N LYS A 1164 26.38 -32.87 36.96
CA LYS A 1164 25.24 -33.77 36.86
C LYS A 1164 23.93 -33.01 37.04
N LYS A 1165 23.86 -32.15 38.04
CA LYS A 1165 22.63 -31.39 38.27
C LYS A 1165 22.36 -30.42 37.14
N PHE A 1166 23.41 -29.81 36.58
CA PHE A 1166 23.21 -28.91 35.46
C PHE A 1166 22.69 -29.63 34.23
N ARG A 1167 23.21 -30.84 33.95
CA ARG A 1167 22.67 -31.62 32.84
C ARG A 1167 21.22 -32.02 33.11
N ALA A 1168 20.90 -32.42 34.34
CA ALA A 1168 19.52 -32.76 34.65
C ALA A 1168 18.60 -31.57 34.48
N LEU A 1169 19.06 -30.38 34.88
CA LEU A 1169 18.26 -29.18 34.70
C LEU A 1169 18.07 -28.85 33.23
N MET A 1170 19.13 -28.96 32.43
CA MET A 1170 18.99 -28.69 31.00
C MET A 1170 18.02 -29.66 30.36
N GLN A 1171 18.04 -30.92 30.77
CA GLN A 1171 17.13 -31.90 30.19
C GLN A 1171 15.69 -31.64 30.63
N LEU A 1172 15.46 -31.25 31.88
CA LEU A 1172 14.10 -30.87 32.26
C LEU A 1172 13.65 -29.61 31.53
N LYS A 1173 14.57 -28.69 31.27
CA LYS A 1173 14.26 -27.50 30.48
C LYS A 1173 13.85 -27.88 29.07
N TYR A 1174 14.56 -28.83 28.47
CA TYR A 1174 14.19 -29.32 27.15
C TYR A 1174 12.83 -29.99 27.17
N MET A 1175 12.56 -30.79 28.20
CA MET A 1175 11.25 -31.43 28.31
C MET A 1175 10.15 -30.40 28.46
N ARG A 1176 10.44 -29.26 29.08
CA ARG A 1176 9.45 -28.21 29.22
C ARG A 1176 9.42 -27.24 28.04
N SER A 1177 10.41 -27.28 27.15
CA SER A 1177 10.47 -26.43 25.97
C SER A 1177 9.87 -27.08 24.75
N LEU A 1178 8.89 -27.97 24.93
CA LEU A 1178 8.29 -28.72 23.84
C LEU A 1178 6.99 -28.09 23.39
N ILE A 1179 6.73 -28.19 22.09
CA ILE A 1179 5.54 -27.57 21.52
C ILE A 1179 4.30 -28.35 21.92
N ASN A 1180 3.30 -27.63 22.43
CA ASN A 1180 2.11 -28.29 22.93
C ASN A 1180 1.34 -28.93 21.78
N PRO A 1181 0.75 -30.11 22.00
CA PRO A 1181 -0.14 -30.68 21.00
C PRO A 1181 -1.37 -29.81 20.79
N GLY A 1182 -1.68 -29.56 19.52
CA GLY A 1182 -2.70 -28.61 19.15
C GLY A 1182 -2.17 -27.27 18.68
N GLU A 1183 -0.87 -27.06 18.72
CA GLU A 1183 -0.29 -25.80 18.24
C GLU A 1183 -0.41 -25.72 16.72
N ALA A 1184 -1.04 -24.65 16.25
CA ALA A 1184 -1.32 -24.48 14.83
C ALA A 1184 -0.02 -24.18 14.11
N VAL A 1185 0.80 -25.22 13.93
CA VAL A 1185 2.08 -25.04 13.26
C VAL A 1185 1.87 -24.57 11.83
N GLY A 1186 0.81 -25.04 11.17
CA GLY A 1186 0.57 -24.62 9.80
C GLY A 1186 0.27 -23.14 9.69
N ILE A 1187 -0.64 -22.63 10.53
CA ILE A 1187 -0.94 -21.20 10.52
C ILE A 1187 0.29 -20.41 10.88
N ILE A 1188 1.02 -20.86 11.89
CA ILE A 1188 2.20 -20.14 12.36
C ILE A 1188 3.26 -20.07 11.28
N ALA A 1189 3.46 -21.17 10.55
CA ALA A 1189 4.46 -21.19 9.49
C ALA A 1189 4.03 -20.33 8.31
N SER A 1190 2.75 -20.38 7.96
CA SER A 1190 2.26 -19.54 6.87
C SER A 1190 2.48 -18.07 7.20
N GLN A 1191 2.15 -17.67 8.44
CA GLN A 1191 2.40 -16.30 8.86
C GLN A 1191 3.89 -15.99 8.87
N SER A 1192 4.71 -16.91 9.38
CA SER A 1192 6.14 -16.65 9.46
C SER A 1192 6.81 -16.55 8.10
N VAL A 1193 6.20 -17.08 7.05
CA VAL A 1193 6.81 -16.96 5.72
C VAL A 1193 6.21 -15.78 4.98
N GLY A 1194 4.94 -15.47 5.24
CA GLY A 1194 4.30 -14.36 4.57
C GLY A 1194 4.56 -13.00 5.17
N GLU A 1195 4.31 -12.84 6.47
CA GLU A 1195 4.44 -11.54 7.12
C GLU A 1195 5.84 -10.95 6.98
N PRO A 1196 6.93 -11.69 7.19
CA PRO A 1196 8.25 -11.12 6.89
C PRO A 1196 8.48 -10.84 5.42
N SER A 1197 7.66 -11.41 4.53
CA SER A 1197 7.84 -11.15 3.10
C SER A 1197 7.37 -9.77 2.69
N THR A 1198 6.53 -9.12 3.51
CA THR A 1198 6.18 -7.74 3.21
C THR A 1198 7.35 -6.79 3.42
N GLN A 1199 8.36 -7.22 4.15
CA GLN A 1199 9.53 -6.40 4.44
C GLN A 1199 10.62 -6.55 3.40
N MET A 1200 10.32 -7.21 2.28
CA MET A 1200 11.30 -7.44 1.23
C MET A 1200 10.75 -7.16 -0.16
N THR A 1201 9.52 -6.67 -0.28
CA THR A 1201 8.90 -6.50 -1.59
C THR A 1201 9.41 -5.25 -2.31
N LEU A 1202 10.23 -4.44 -1.67
CA LEU A 1202 11.04 -3.48 -2.41
C LEU A 1202 12.16 -4.22 -3.13
N ASN A 1203 12.38 -3.90 -4.39
CA ASN A 1203 13.19 -4.72 -5.28
C ASN A 1203 14.31 -3.91 -5.92
N THR A 1204 15.03 -3.16 -5.11
CA THR A 1204 16.14 -2.36 -5.60
C THR A 1204 17.44 -3.18 -5.50
N PHE A 1205 18.57 -2.52 -5.75
CA PHE A 1205 19.87 -3.10 -5.46
C PHE A 1205 20.75 -2.05 -4.79
N ASN A 1214 19.78 -10.68 -11.76
CA ASN A 1214 19.38 -11.77 -12.62
C ASN A 1214 18.48 -12.75 -11.87
N VAL A 1215 19.03 -13.37 -10.83
CA VAL A 1215 18.33 -14.41 -10.10
C VAL A 1215 17.11 -13.81 -9.41
N THR A 1216 15.97 -14.46 -9.56
CA THR A 1216 14.73 -13.93 -9.00
C THR A 1216 14.79 -13.90 -7.48
N LEU A 1217 14.36 -12.78 -6.91
CA LEU A 1217 14.39 -12.55 -5.46
C LEU A 1217 13.02 -12.14 -4.97
N GLY A 1218 12.84 -12.25 -3.65
CA GLY A 1218 11.66 -11.71 -3.02
C GLY A 1218 10.38 -12.41 -3.44
N ILE A 1219 9.29 -11.63 -3.42
CA ILE A 1219 7.98 -12.19 -3.71
C ILE A 1219 7.92 -12.89 -5.06
N PRO A 1220 8.56 -12.41 -6.13
CA PRO A 1220 8.59 -13.22 -7.36
C PRO A 1220 9.16 -14.61 -7.14
N ARG A 1221 10.28 -14.72 -6.41
CA ARG A 1221 10.88 -16.02 -6.14
C ARG A 1221 9.97 -16.89 -5.29
N LEU A 1222 9.33 -16.30 -4.30
CA LEU A 1222 8.42 -17.08 -3.47
C LEU A 1222 7.18 -17.50 -4.25
N ARG A 1223 6.75 -16.70 -5.22
CA ARG A 1223 5.67 -17.14 -6.10
C ARG A 1223 6.09 -18.34 -6.91
N GLU A 1224 7.31 -18.30 -7.45
CA GLU A 1224 7.81 -19.44 -8.22
C GLU A 1224 7.86 -20.68 -7.37
N ILE A 1225 8.38 -20.56 -6.15
CA ILE A 1225 8.66 -21.74 -5.34
C ILE A 1225 7.39 -22.28 -4.70
N VAL A 1226 6.57 -21.41 -4.13
CA VAL A 1226 5.48 -21.82 -3.27
C VAL A 1226 4.13 -21.72 -3.96
N MET A 1227 3.91 -20.68 -4.77
CA MET A 1227 2.61 -20.46 -5.37
C MET A 1227 2.46 -21.08 -6.74
N THR A 1228 3.56 -21.29 -7.46
CA THR A 1228 3.51 -21.87 -8.79
C THR A 1228 4.08 -23.27 -8.85
N ALA A 1229 5.23 -23.50 -8.22
CA ALA A 1229 6.03 -24.70 -8.45
C ALA A 1229 6.29 -24.88 -9.94
N SER A 1230 6.66 -23.79 -10.59
CA SER A 1230 7.00 -23.85 -12.00
C SER A 1230 8.18 -24.80 -12.19
N ALA A 1231 8.07 -25.64 -13.22
CA ALA A 1231 9.26 -26.35 -13.68
C ALA A 1231 10.23 -25.40 -14.35
N ALA A 1232 9.70 -24.44 -15.12
CA ALA A 1232 10.52 -23.48 -15.86
C ALA A 1232 10.83 -22.31 -14.94
N ILE A 1233 11.87 -22.48 -14.14
CA ILE A 1233 12.38 -21.38 -13.33
C ILE A 1233 12.84 -20.26 -14.25
N LYS A 1234 12.58 -19.02 -13.84
CA LYS A 1234 12.93 -17.87 -14.68
C LYS A 1234 14.43 -17.80 -14.93
N THR A 1235 15.24 -18.03 -13.90
CA THR A 1235 16.70 -18.01 -14.03
C THR A 1235 17.28 -19.26 -13.40
N PRO A 1236 17.27 -20.38 -14.11
CA PRO A 1236 17.88 -21.61 -13.59
C PRO A 1236 19.38 -21.45 -13.45
N GLN A 1237 19.93 -22.09 -12.41
CA GLN A 1237 21.36 -22.05 -12.17
C GLN A 1237 21.81 -23.36 -11.52
N MET A 1238 23.08 -23.68 -11.73
CA MET A 1238 23.70 -24.87 -11.20
C MET A 1238 24.90 -24.50 -10.36
N THR A 1239 25.09 -25.19 -9.25
CA THR A 1239 26.25 -25.01 -8.38
C THR A 1239 27.15 -26.23 -8.53
N LEU A 1240 28.34 -26.02 -9.05
CA LEU A 1240 29.24 -27.11 -9.43
C LEU A 1240 30.55 -27.02 -8.67
N PRO A 1241 30.72 -27.79 -7.58
CA PRO A 1241 31.98 -27.75 -6.84
C PRO A 1241 33.16 -28.21 -7.68
N ILE A 1242 34.32 -27.63 -7.40
CA ILE A 1242 35.55 -27.95 -8.11
C ILE A 1242 36.44 -28.77 -7.18
N TRP A 1243 37.18 -29.72 -7.75
CA TRP A 1243 38.16 -30.45 -6.95
C TRP A 1243 39.26 -29.51 -6.48
N ASN A 1244 39.75 -29.75 -5.28
CA ASN A 1244 40.66 -28.82 -4.63
C ASN A 1244 42.02 -28.73 -5.30
N ASP A 1245 42.31 -29.62 -6.26
CA ASP A 1245 43.57 -29.57 -6.99
C ASP A 1245 43.48 -28.85 -8.32
N VAL A 1246 42.28 -28.71 -8.88
CA VAL A 1246 42.11 -28.01 -10.15
C VAL A 1246 42.30 -26.52 -9.92
N SER A 1247 43.27 -25.93 -10.61
CA SER A 1247 43.62 -24.54 -10.38
C SER A 1247 42.53 -23.61 -10.90
N ASP A 1248 42.61 -22.35 -10.47
CA ASP A 1248 41.64 -21.35 -10.91
C ASP A 1248 41.72 -21.13 -12.42
N GLU A 1249 42.93 -21.08 -12.97
CA GLU A 1249 43.08 -20.90 -14.41
C GLU A 1249 42.48 -22.08 -15.17
N GLN A 1250 42.73 -23.30 -14.69
CA GLN A 1250 42.10 -24.46 -15.31
C GLN A 1250 40.58 -24.42 -15.13
N ALA A 1251 40.10 -23.86 -14.01
CA ALA A 1251 38.66 -23.71 -13.85
C ALA A 1251 38.08 -22.74 -14.87
N ASP A 1252 38.78 -21.64 -15.16
CA ASP A 1252 38.31 -20.72 -16.19
C ASP A 1252 38.37 -21.37 -17.57
N THR A 1253 39.38 -22.20 -17.82
CA THR A 1253 39.43 -22.93 -19.08
C THR A 1253 38.26 -23.89 -19.19
N PHE A 1254 37.89 -24.54 -18.10
CA PHE A 1254 36.70 -25.39 -18.08
C PHE A 1254 35.44 -24.57 -18.33
N CYS A 1255 35.37 -23.37 -17.76
CA CYS A 1255 34.23 -22.49 -18.02
C CYS A 1255 34.13 -22.17 -19.51
N LYS A 1256 35.25 -21.81 -20.13
CA LYS A 1256 35.25 -21.50 -21.56
C LYS A 1256 34.85 -22.71 -22.39
N SER A 1257 35.34 -23.90 -22.01
CA SER A 1257 35.03 -25.10 -22.78
C SER A 1257 33.59 -25.58 -22.56
N ILE A 1258 32.94 -25.17 -21.48
CA ILE A 1258 31.56 -25.58 -21.24
C ILE A 1258 30.56 -24.57 -21.79
N SER A 1259 30.87 -23.29 -21.69
CA SER A 1259 29.92 -22.25 -22.04
C SER A 1259 29.58 -22.26 -23.53
N LYS A 1260 28.33 -21.92 -23.82
CA LYS A 1260 27.88 -21.82 -25.21
C LYS A 1260 28.54 -20.64 -25.91
N VAL A 1261 28.89 -20.83 -27.18
CA VAL A 1261 29.31 -19.74 -28.05
C VAL A 1261 28.55 -19.86 -29.36
N LEU A 1262 27.86 -18.79 -29.75
CA LEU A 1262 27.15 -18.77 -31.01
C LEU A 1262 28.10 -18.40 -32.15
N LEU A 1263 27.65 -18.62 -33.37
CA LEU A 1263 28.44 -18.17 -34.51
C LEU A 1263 28.50 -16.66 -34.57
N SER A 1264 27.50 -15.97 -34.03
CA SER A 1264 27.50 -14.52 -34.04
C SER A 1264 28.65 -13.97 -33.22
N GLU A 1265 28.96 -14.60 -32.11
CA GLU A 1265 29.96 -14.11 -31.17
C GLU A 1265 31.36 -14.24 -31.69
N VAL A 1266 31.58 -14.64 -32.94
CA VAL A 1266 32.93 -14.85 -33.46
C VAL A 1266 33.07 -14.12 -34.80
N ILE A 1267 31.96 -13.66 -35.35
CA ILE A 1267 31.96 -12.92 -36.60
C ILE A 1267 32.08 -11.43 -36.31
N ASP A 1268 33.05 -10.79 -36.95
CA ASP A 1268 33.17 -9.34 -36.84
C ASP A 1268 32.08 -8.65 -37.65
N LYS A 1269 32.07 -8.89 -38.96
CA LYS A 1269 31.11 -8.27 -39.86
C LYS A 1269 30.87 -9.22 -41.02
N VAL A 1270 29.74 -9.03 -41.69
CA VAL A 1270 29.39 -9.81 -42.87
C VAL A 1270 29.08 -8.84 -44.00
N ILE A 1271 29.76 -9.02 -45.14
CA ILE A 1271 29.62 -8.15 -46.30
C ILE A 1271 28.88 -8.94 -47.38
N VAL A 1272 27.67 -8.51 -47.71
CA VAL A 1272 26.84 -9.17 -48.70
C VAL A 1272 26.86 -8.33 -49.97
N THR A 1273 27.39 -8.90 -51.04
CA THR A 1273 27.58 -8.21 -52.31
C THR A 1273 26.64 -8.81 -53.35
N GLU A 1274 25.44 -8.24 -53.46
CA GLU A 1274 24.49 -8.70 -54.46
C GLU A 1274 24.93 -8.28 -55.86
N THR A 1275 24.62 -9.12 -56.85
CA THR A 1275 24.92 -8.79 -58.24
C THR A 1275 23.89 -9.49 -59.12
N THR A 1276 22.85 -8.76 -59.52
CA THR A 1276 21.79 -9.32 -60.35
C THR A 1276 22.20 -9.54 -61.80
N GLY A 1277 23.37 -9.05 -62.20
CA GLY A 1277 23.82 -9.22 -63.57
C GLY A 1277 24.55 -10.53 -63.80
N ALA A 1286 20.90 -14.46 -65.84
CA ALA A 1286 19.75 -14.00 -65.07
C ALA A 1286 19.86 -14.47 -63.63
N ALA A 1287 21.06 -14.81 -63.20
CA ALA A 1287 21.30 -15.34 -61.86
C ALA A 1287 21.61 -14.19 -60.90
N ARG A 1288 20.76 -14.04 -59.89
CA ARG A 1288 20.95 -13.04 -58.85
C ARG A 1288 21.94 -13.58 -57.82
N SER A 1289 23.22 -13.41 -58.13
CA SER A 1289 24.27 -13.86 -57.23
C SER A 1289 24.24 -13.05 -55.94
N TYR A 1290 24.67 -13.70 -54.85
CA TYR A 1290 24.57 -13.15 -53.50
C TYR A 1290 25.85 -13.41 -52.72
N VAL A 1291 26.99 -13.07 -53.31
CA VAL A 1291 28.29 -13.33 -52.68
C VAL A 1291 28.29 -12.84 -51.24
N ILE A 1292 28.76 -13.69 -50.33
CA ILE A 1292 28.82 -13.38 -48.91
C ILE A 1292 30.25 -13.56 -48.44
N HIS A 1293 30.78 -12.58 -47.70
CA HIS A 1293 32.14 -12.60 -47.19
C HIS A 1293 32.10 -12.23 -45.71
N MET A 1294 31.95 -13.23 -44.84
CA MET A 1294 31.84 -12.98 -43.41
C MET A 1294 33.23 -12.86 -42.78
N ARG A 1295 33.49 -11.73 -42.15
CA ARG A 1295 34.78 -11.44 -41.55
C ARG A 1295 34.79 -11.93 -40.11
N PHE A 1296 35.90 -12.54 -39.71
CA PHE A 1296 36.06 -13.08 -38.36
C PHE A 1296 37.01 -12.22 -37.55
N PHE A 1297 36.84 -12.27 -36.23
CA PHE A 1297 37.85 -11.73 -35.35
C PHE A 1297 39.16 -12.47 -35.57
N ASP A 1298 40.26 -11.86 -35.16
CA ASP A 1298 41.55 -12.51 -35.31
C ASP A 1298 41.55 -13.81 -34.51
N ASN A 1299 42.20 -14.84 -35.08
CA ASN A 1299 42.18 -16.16 -34.44
C ASN A 1299 42.80 -16.10 -33.05
N ASN A 1300 43.94 -15.42 -32.93
CA ASN A 1300 44.60 -15.27 -31.63
C ASN A 1300 43.68 -14.58 -30.62
N GLU A 1301 42.68 -13.85 -31.08
CA GLU A 1301 41.70 -13.28 -30.16
C GLU A 1301 40.60 -14.29 -29.83
N TYR A 1302 39.91 -14.80 -30.85
CA TYR A 1302 38.68 -15.52 -30.55
C TYR A 1302 38.93 -16.95 -30.06
N SER A 1303 40.02 -17.60 -30.48
CA SER A 1303 40.36 -18.88 -29.90
C SER A 1303 40.67 -18.75 -28.41
N GLU A 1304 41.47 -17.73 -28.04
CA GLU A 1304 41.79 -17.52 -26.64
C GLU A 1304 40.59 -17.03 -25.83
N GLU A 1305 39.62 -16.40 -26.47
CA GLU A 1305 38.45 -15.91 -25.76
C GLU A 1305 37.35 -16.96 -25.60
N TYR A 1306 37.24 -17.89 -26.55
CA TYR A 1306 36.13 -18.84 -26.57
C TYR A 1306 36.54 -20.30 -26.68
N ASP A 1307 37.84 -20.60 -26.74
CA ASP A 1307 38.32 -21.97 -26.87
C ASP A 1307 37.77 -22.64 -28.14
N VAL A 1308 37.65 -21.86 -29.21
CA VAL A 1308 37.10 -22.32 -30.48
C VAL A 1308 38.23 -22.41 -31.49
N SER A 1309 38.28 -23.51 -32.23
CA SER A 1309 39.31 -23.74 -33.22
C SER A 1309 38.80 -23.41 -34.62
N LYS A 1310 39.74 -23.16 -35.52
CA LYS A 1310 39.39 -22.89 -36.91
C LYS A 1310 38.67 -24.06 -37.53
N GLU A 1311 39.11 -25.29 -37.24
CA GLU A 1311 38.45 -26.46 -37.80
C GLU A 1311 37.04 -26.62 -37.27
N GLU A 1312 36.84 -26.40 -35.97
CA GLU A 1312 35.48 -26.47 -35.42
C GLU A 1312 34.58 -25.41 -36.03
N LEU A 1313 35.11 -24.20 -36.19
CA LEU A 1313 34.33 -23.13 -36.80
C LEU A 1313 33.98 -23.46 -38.24
N GLN A 1314 34.93 -23.99 -39.00
CA GLN A 1314 34.69 -24.36 -40.39
C GLN A 1314 33.65 -25.45 -40.47
N ASN A 1315 33.70 -26.43 -39.57
CA ASN A 1315 32.68 -27.47 -39.56
C ASN A 1315 31.30 -26.90 -39.27
N VAL A 1316 31.21 -25.98 -38.31
CA VAL A 1316 29.92 -25.36 -38.01
C VAL A 1316 29.39 -24.62 -39.22
N ILE A 1317 30.25 -23.84 -39.88
CA ILE A 1317 29.84 -23.08 -41.06
C ILE A 1317 29.38 -24.02 -42.17
N SER A 1318 30.17 -25.07 -42.43
CA SER A 1318 29.88 -25.93 -43.57
C SER A 1318 28.65 -26.80 -43.32
N ASN A 1319 28.32 -27.08 -42.06
CA ASN A 1319 27.23 -28.00 -41.77
C ASN A 1319 25.93 -27.29 -41.42
N GLN A 1320 25.94 -26.42 -40.42
CA GLN A 1320 24.71 -25.93 -39.81
C GLN A 1320 24.25 -24.59 -40.39
N PHE A 1321 25.17 -23.62 -40.47
CA PHE A 1321 24.78 -22.25 -40.79
C PHE A 1321 24.20 -22.14 -42.19
N ILE A 1322 24.81 -22.83 -43.16
CA ILE A 1322 24.37 -22.66 -44.54
C ILE A 1322 23.01 -23.29 -44.75
N HIS A 1323 22.75 -24.44 -44.14
CA HIS A 1323 21.43 -25.03 -44.22
C HIS A 1323 20.38 -24.14 -43.56
N LEU A 1324 20.71 -23.56 -42.40
CA LEU A 1324 19.79 -22.63 -41.77
C LEU A 1324 19.54 -21.42 -42.65
N LEU A 1325 20.60 -20.89 -43.28
CA LEU A 1325 20.47 -19.72 -44.13
C LEU A 1325 19.56 -20.00 -45.31
N GLU A 1326 19.76 -21.15 -45.96
CA GLU A 1326 18.95 -21.47 -47.12
C GLU A 1326 17.52 -21.80 -46.75
N ALA A 1327 17.29 -22.37 -45.55
CA ALA A 1327 15.93 -22.53 -45.09
C ALA A 1327 15.24 -21.18 -44.92
N ALA A 1328 15.94 -20.21 -44.33
CA ALA A 1328 15.37 -18.87 -44.18
C ALA A 1328 15.12 -18.24 -45.55
N ILE A 1329 16.05 -18.42 -46.48
CA ILE A 1329 15.91 -17.83 -47.81
C ILE A 1329 14.70 -18.40 -48.53
N VAL A 1330 14.53 -19.73 -48.48
CA VAL A 1330 13.39 -20.33 -49.18
C VAL A 1330 12.09 -19.95 -48.50
N LYS A 1331 12.08 -19.81 -47.17
CA LYS A 1331 10.87 -19.32 -46.51
C LYS A 1331 10.53 -17.91 -46.96
N GLU A 1332 11.54 -17.05 -47.08
CA GLU A 1332 11.32 -15.69 -47.54
C GLU A 1332 10.83 -15.67 -48.98
N ILE A 1333 11.41 -16.51 -49.84
CA ILE A 1333 11.00 -16.56 -51.24
C ILE A 1333 9.57 -17.07 -51.37
N LYS A 1334 9.23 -18.11 -50.60
CA LYS A 1334 7.89 -18.65 -50.62
C LYS A 1334 6.87 -17.61 -50.16
N LYS A 1335 7.20 -16.84 -49.12
CA LYS A 1335 6.35 -15.72 -48.73
C LYS A 1335 6.32 -14.64 -49.81
N GLN A 1336 7.40 -14.55 -50.59
CA GLN A 1336 7.58 -13.49 -51.57
C GLN A 1336 6.84 -13.76 -52.87
N LYS A 1337 6.39 -14.99 -53.09
CA LYS A 1337 5.61 -15.31 -54.27
C LYS A 1337 4.13 -15.03 -54.09
N ARG A 1338 3.72 -14.51 -52.94
CA ARG A 1338 2.32 -14.17 -52.71
C ARG A 1338 2.12 -12.66 -52.80
N ALA A 1435 40.02 -13.51 -49.70
CA ALA A 1435 41.09 -12.70 -50.27
C ALA A 1435 41.58 -13.31 -51.58
N ASN A 1436 41.75 -14.63 -51.58
CA ASN A 1436 42.18 -15.35 -52.77
C ASN A 1436 41.57 -16.75 -52.76
N ASN A 1437 41.42 -17.32 -53.96
CA ASN A 1437 40.86 -18.66 -54.13
C ASN A 1437 41.87 -19.60 -54.79
N ASN A 1438 43.12 -19.53 -54.34
CA ASN A 1438 44.18 -20.41 -54.83
C ASN A 1438 44.07 -21.75 -54.12
N MET A 1439 43.18 -22.59 -54.65
CA MET A 1439 42.77 -23.81 -53.97
C MET A 1439 43.88 -24.85 -53.96
N ASN A 1440 43.77 -25.80 -53.02
CA ASN A 1440 44.69 -26.92 -52.88
C ASN A 1440 44.00 -28.26 -53.08
N LYS A 1441 42.84 -28.24 -53.74
CA LYS A 1441 42.04 -29.40 -54.14
C LYS A 1441 41.37 -30.08 -52.95
N VAL A 1442 41.86 -29.79 -51.74
CA VAL A 1442 41.12 -30.19 -50.55
C VAL A 1442 39.94 -29.25 -50.34
N GLN A 1443 40.21 -27.95 -50.42
CA GLN A 1443 39.15 -26.96 -50.47
C GLN A 1443 38.23 -27.19 -51.65
N ARG A 1444 38.76 -27.74 -52.75
CA ARG A 1444 37.92 -27.99 -53.92
C ARG A 1444 36.95 -29.15 -53.68
N ASP A 1445 37.43 -30.23 -53.09
CA ASP A 1445 36.52 -31.31 -52.70
C ASP A 1445 35.51 -30.81 -51.67
N ARG A 1446 35.95 -29.98 -50.73
CA ARG A 1446 35.04 -29.40 -49.75
C ARG A 1446 33.96 -28.55 -50.43
N GLN A 1447 34.37 -27.74 -51.41
CA GLN A 1447 33.42 -26.90 -52.14
C GLN A 1447 32.44 -27.75 -52.93
N SER A 1448 32.93 -28.83 -53.55
CA SER A 1448 32.05 -29.71 -54.31
C SER A 1448 31.04 -30.38 -53.39
N ALA A 1449 31.48 -30.80 -52.21
CA ALA A 1449 30.57 -31.39 -51.24
C ALA A 1449 29.52 -30.39 -50.80
N ILE A 1450 29.94 -29.15 -50.53
CA ILE A 1450 28.98 -28.11 -50.13
C ILE A 1450 27.99 -27.82 -51.25
N ILE A 1451 28.48 -27.73 -52.49
CA ILE A 1451 27.64 -27.45 -53.63
C ILE A 1451 26.60 -28.54 -53.81
N SER A 1452 27.03 -29.81 -53.72
CA SER A 1452 26.10 -30.92 -53.85
C SER A 1452 25.09 -30.94 -52.72
N HIS A 1453 25.54 -30.77 -51.49
CA HIS A 1453 24.66 -30.87 -50.33
C HIS A 1453 23.76 -29.67 -50.16
N HIS A 1454 23.99 -28.57 -50.88
CA HIS A 1454 23.29 -27.33 -50.65
C HIS A 1454 22.52 -26.87 -51.89
N ARG A 1455 21.41 -26.17 -51.63
CA ARG A 1455 20.42 -25.88 -52.66
C ARG A 1455 20.76 -24.65 -53.49
N PHE A 1456 21.63 -23.76 -53.02
CA PHE A 1456 21.97 -22.55 -53.76
C PHE A 1456 23.45 -22.27 -53.88
N ILE A 1457 24.31 -22.88 -53.05
CA ILE A 1457 25.72 -22.53 -53.03
C ILE A 1457 26.37 -22.86 -54.36
N THR A 1458 27.30 -22.01 -54.78
CA THR A 1458 28.01 -22.22 -56.04
C THR A 1458 29.51 -22.00 -55.83
N LYS A 1459 29.86 -21.19 -54.85
CA LYS A 1459 31.25 -20.96 -54.48
C LYS A 1459 31.41 -21.17 -52.98
N TYR A 1460 32.63 -21.51 -52.57
CA TYR A 1460 32.93 -21.68 -51.16
C TYR A 1460 34.44 -21.79 -51.00
N ASN A 1461 34.98 -21.09 -50.01
CA ASN A 1461 36.39 -21.16 -49.70
C ASN A 1461 36.58 -20.56 -48.31
N PHE A 1462 37.40 -21.23 -47.50
CA PHE A 1462 37.64 -20.85 -46.12
C PHE A 1462 39.12 -20.58 -45.94
N ASP A 1463 39.44 -19.61 -45.09
CA ASP A 1463 40.83 -19.29 -44.78
C ASP A 1463 41.36 -20.40 -43.87
N ASP A 1464 41.71 -21.53 -44.51
CA ASP A 1464 42.23 -22.65 -43.75
C ASP A 1464 43.58 -22.33 -43.12
N GLU A 1465 44.40 -21.53 -43.80
CA GLU A 1465 45.75 -21.24 -43.32
C GLU A 1465 45.75 -20.23 -42.18
N SER A 1466 44.87 -19.24 -42.21
CA SER A 1466 44.87 -18.18 -41.21
C SER A 1466 43.62 -18.10 -40.35
N GLY A 1467 42.51 -18.68 -40.79
CA GLY A 1467 41.30 -18.69 -39.98
C GLY A 1467 40.74 -17.32 -39.70
N LYS A 1468 40.66 -16.47 -40.73
CA LYS A 1468 40.22 -15.10 -40.56
C LYS A 1468 38.94 -14.74 -41.30
N TRP A 1469 38.53 -15.52 -42.29
CA TRP A 1469 37.35 -15.18 -43.09
C TRP A 1469 36.74 -16.44 -43.69
N CYS A 1470 35.63 -16.24 -44.40
CA CYS A 1470 34.96 -17.30 -45.13
C CYS A 1470 34.03 -16.65 -46.14
N GLU A 1471 34.16 -17.05 -47.41
CA GLU A 1471 33.39 -16.45 -48.49
C GLU A 1471 32.71 -17.54 -49.30
N PHE A 1472 31.46 -17.30 -49.69
CA PHE A 1472 30.71 -18.26 -50.49
C PHE A 1472 29.62 -17.53 -51.25
N LYS A 1473 29.45 -17.91 -52.53
CA LYS A 1473 28.43 -17.31 -53.38
C LYS A 1473 27.15 -18.13 -53.33
N LEU A 1474 26.05 -17.46 -53.02
CA LEU A 1474 24.74 -18.11 -52.90
C LEU A 1474 23.91 -17.65 -54.10
N GLU A 1475 24.10 -18.34 -55.23
CA GLU A 1475 23.53 -17.91 -56.50
C GLU A 1475 22.03 -18.19 -56.57
N LEU A 1476 21.28 -17.26 -57.16
CA LEU A 1476 19.83 -17.39 -57.21
C LEU A 1476 19.27 -17.13 -58.61
N ALA A 1477 17.95 -17.01 -58.72
CA ALA A 1477 17.27 -16.85 -59.99
C ALA A 1477 16.52 -15.52 -60.04
N ALA A 1478 16.37 -14.99 -61.25
CA ALA A 1478 15.73 -13.69 -61.45
C ALA A 1478 14.23 -13.72 -61.21
N ASP A 1479 13.64 -14.90 -61.04
CA ASP A 1479 12.21 -14.98 -60.71
C ASP A 1479 11.89 -14.24 -59.43
N THR A 1480 12.80 -14.28 -58.46
CA THR A 1480 12.55 -13.78 -57.12
C THR A 1480 12.85 -12.28 -57.03
N GLU A 1481 11.95 -11.55 -56.37
CA GLU A 1481 12.14 -10.14 -56.12
C GLU A 1481 13.14 -9.95 -54.98
N LYS A 1482 13.35 -8.69 -54.58
CA LYS A 1482 14.50 -8.35 -53.77
C LYS A 1482 14.42 -8.97 -52.38
N LEU A 1483 15.59 -9.39 -51.88
CA LEU A 1483 15.76 -9.90 -50.53
C LEU A 1483 16.70 -8.98 -49.76
N LEU A 1484 16.48 -8.87 -48.46
CA LEU A 1484 17.41 -8.10 -47.64
C LEU A 1484 18.80 -8.72 -47.63
N MET A 1485 18.87 -10.02 -47.35
CA MET A 1485 20.10 -10.81 -47.36
C MET A 1485 21.15 -10.29 -46.40
N VAL A 1486 20.80 -9.33 -45.54
CA VAL A 1486 21.65 -8.91 -44.45
C VAL A 1486 20.95 -9.09 -43.11
N ASN A 1487 19.68 -8.71 -43.03
CA ASN A 1487 18.89 -9.06 -41.86
C ASN A 1487 18.74 -10.56 -41.75
N ILE A 1488 18.58 -11.24 -42.88
CA ILE A 1488 18.49 -12.71 -42.88
C ILE A 1488 19.75 -13.30 -42.28
N VAL A 1489 20.91 -12.84 -42.76
CA VAL A 1489 22.17 -13.36 -42.27
C VAL A 1489 22.33 -13.05 -40.79
N GLU A 1490 21.94 -11.85 -40.36
CA GLU A 1490 22.08 -11.50 -38.95
C GLU A 1490 21.23 -12.41 -38.07
N GLU A 1491 19.98 -12.64 -38.47
CA GLU A 1491 19.11 -13.51 -37.68
C GLU A 1491 19.63 -14.94 -37.62
N ILE A 1492 20.09 -15.46 -38.76
CA ILE A 1492 20.59 -16.84 -38.79
C ILE A 1492 21.90 -16.94 -38.01
N CYS A 1493 22.75 -15.91 -38.09
CA CYS A 1493 24.01 -15.91 -37.37
C CYS A 1493 23.77 -15.90 -35.87
N ARG A 1494 22.76 -15.17 -35.42
CA ARG A 1494 22.39 -15.25 -34.01
C ARG A 1494 21.85 -16.62 -33.66
N LYS A 1495 21.06 -17.23 -34.56
CA LYS A 1495 20.45 -18.52 -34.27
C LYS A 1495 21.50 -19.62 -34.10
N SER A 1496 22.47 -19.68 -35.02
CA SER A 1496 23.36 -20.83 -35.08
C SER A 1496 24.33 -20.87 -33.90
N ILE A 1497 24.63 -22.09 -33.44
CA ILE A 1497 25.45 -22.33 -32.27
C ILE A 1497 26.70 -23.10 -32.68
N ILE A 1498 27.87 -22.59 -32.28
CA ILE A 1498 29.12 -23.28 -32.59
C ILE A 1498 29.22 -24.58 -31.80
N ARG A 1499 29.28 -24.47 -30.48
CA ARG A 1499 29.20 -25.61 -29.58
C ARG A 1499 28.23 -25.26 -28.46
N GLN A 1500 27.63 -26.28 -27.86
CA GLN A 1500 26.70 -26.04 -26.77
C GLN A 1500 26.42 -27.34 -26.04
N ILE A 1501 26.61 -27.34 -24.73
CA ILE A 1501 25.96 -28.33 -23.88
C ILE A 1501 24.47 -28.00 -23.78
N PRO A 1502 23.57 -28.95 -23.98
CA PRO A 1502 22.14 -28.63 -23.90
C PRO A 1502 21.78 -27.93 -22.60
N HIS A 1503 20.96 -26.89 -22.71
CA HIS A 1503 20.39 -26.07 -21.65
C HIS A 1503 21.39 -25.15 -20.97
N ILE A 1504 22.67 -25.21 -21.30
CA ILE A 1504 23.69 -24.35 -20.71
C ILE A 1504 24.05 -23.26 -21.71
N ASP A 1505 23.97 -22.01 -21.26
CA ASP A 1505 24.40 -20.90 -22.08
C ASP A 1505 25.67 -20.22 -21.59
N ARG A 1506 26.09 -20.48 -20.35
CA ARG A 1506 27.27 -19.82 -19.82
C ARG A 1506 27.68 -20.48 -18.52
N CYS A 1507 28.99 -20.59 -18.31
CA CYS A 1507 29.55 -21.07 -17.04
C CYS A 1507 30.48 -19.98 -16.51
N VAL A 1508 30.04 -19.28 -15.48
CA VAL A 1508 30.77 -18.18 -14.89
C VAL A 1508 31.35 -18.65 -13.57
N HIS A 1509 32.63 -18.36 -13.35
CA HIS A 1509 33.36 -18.78 -12.16
C HIS A 1509 33.40 -17.64 -11.15
N PRO A 1510 32.44 -17.56 -10.24
CA PRO A 1510 32.43 -16.46 -9.26
C PRO A 1510 33.49 -16.67 -8.18
N GLU A 1511 33.63 -15.65 -7.34
CA GLU A 1511 34.52 -15.78 -6.20
C GLU A 1511 33.91 -16.73 -5.17
N PRO A 1512 34.74 -17.46 -4.43
CA PRO A 1512 34.20 -18.41 -3.45
C PRO A 1512 33.37 -17.72 -2.39
N GLU A 1513 32.30 -18.39 -1.97
CA GLU A 1513 31.47 -17.94 -0.87
C GLU A 1513 31.56 -18.96 0.24
N ASN A 1514 31.98 -18.51 1.43
CA ASN A 1514 32.28 -19.38 2.56
C ASN A 1514 33.46 -20.31 2.26
N GLY A 1515 34.41 -19.83 1.46
CA GLY A 1515 35.67 -20.52 1.27
C GLY A 1515 35.63 -21.72 0.34
N LYS A 1516 34.48 -22.03 -0.25
CA LYS A 1516 34.34 -23.19 -1.13
C LYS A 1516 34.30 -22.73 -2.58
N ARG A 1517 35.08 -23.39 -3.42
CA ARG A 1517 35.15 -23.04 -4.82
C ARG A 1517 34.00 -23.66 -5.57
N VAL A 1518 33.30 -22.84 -6.35
CA VAL A 1518 32.08 -23.25 -7.04
C VAL A 1518 32.04 -22.59 -8.41
N LEU A 1519 31.62 -23.37 -9.42
CA LEU A 1519 31.22 -22.83 -10.71
C LEU A 1519 29.71 -22.78 -10.77
N VAL A 1520 29.17 -21.70 -11.32
CA VAL A 1520 27.73 -21.55 -11.47
C VAL A 1520 27.43 -21.35 -12.95
N THR A 1521 26.63 -22.25 -13.50
CA THR A 1521 26.23 -22.22 -14.90
C THR A 1521 24.76 -21.82 -15.01
N GLU A 1522 24.42 -21.23 -16.14
CA GLU A 1522 23.16 -20.55 -16.32
C GLU A 1522 22.02 -21.46 -16.72
N GLY A 1523 22.25 -22.75 -16.85
CA GLY A 1523 21.18 -23.69 -17.12
C GLY A 1523 21.41 -24.99 -16.38
N VAL A 1524 20.32 -25.73 -16.18
CA VAL A 1524 20.36 -26.94 -15.37
C VAL A 1524 20.21 -28.15 -16.29
N ASN A 1525 21.28 -28.93 -16.41
CA ASN A 1525 21.29 -30.19 -17.15
C ASN A 1525 22.28 -31.11 -16.44
N PHE A 1526 21.76 -31.91 -15.52
CA PHE A 1526 22.64 -32.66 -14.61
C PHE A 1526 23.49 -33.69 -15.35
N GLN A 1527 22.89 -34.40 -16.31
CA GLN A 1527 23.58 -35.51 -16.95
C GLN A 1527 24.73 -35.08 -17.84
N ALA A 1528 24.88 -33.78 -18.09
CA ALA A 1528 25.96 -33.31 -18.95
C ALA A 1528 27.22 -32.95 -18.18
N MET A 1529 27.10 -32.58 -16.91
CA MET A 1529 28.28 -32.28 -16.11
C MET A 1529 28.94 -33.53 -15.55
N TRP A 1530 28.25 -34.67 -15.57
CA TRP A 1530 28.83 -35.91 -15.07
C TRP A 1530 29.99 -36.39 -15.93
N ASP A 1531 30.11 -35.91 -17.17
CA ASP A 1531 31.26 -36.28 -17.99
C ASP A 1531 32.55 -35.73 -17.43
N GLN A 1532 32.55 -34.47 -16.98
CA GLN A 1532 33.78 -33.80 -16.54
C GLN A 1532 34.01 -34.07 -15.06
N GLU A 1533 34.24 -35.35 -14.75
CA GLU A 1533 34.55 -35.75 -13.39
C GLU A 1533 35.85 -35.11 -12.93
N ALA A 1534 36.81 -34.98 -13.84
CA ALA A 1534 38.14 -34.49 -13.47
C ALA A 1534 38.12 -33.05 -12.97
N PHE A 1535 37.04 -32.32 -13.21
CA PHE A 1535 36.93 -30.93 -12.79
C PHE A 1535 35.86 -30.69 -11.74
N ILE A 1536 34.71 -31.35 -11.85
CA ILE A 1536 33.56 -31.05 -11.02
C ILE A 1536 33.33 -32.19 -10.04
N ASP A 1537 33.18 -31.86 -8.76
CA ASP A 1537 32.74 -32.83 -7.78
C ASP A 1537 31.25 -33.09 -7.98
N VAL A 1538 30.91 -34.10 -8.77
CA VAL A 1538 29.51 -34.35 -9.08
C VAL A 1538 28.73 -34.75 -7.86
N ASP A 1539 29.39 -35.14 -6.77
CA ASP A 1539 28.67 -35.41 -5.54
C ASP A 1539 28.06 -34.15 -4.96
N GLY A 1540 28.63 -32.99 -5.25
CA GLY A 1540 28.16 -31.72 -4.74
C GLY A 1540 27.37 -30.87 -5.70
N ILE A 1541 26.93 -31.40 -6.83
CA ILE A 1541 26.21 -30.63 -7.84
C ILE A 1541 24.77 -30.47 -7.36
N THR A 1542 24.45 -29.29 -6.84
CA THR A 1542 23.09 -28.92 -6.52
C THR A 1542 22.71 -27.72 -7.37
N SER A 1543 21.43 -27.62 -7.71
CA SER A 1543 20.99 -26.61 -8.66
C SER A 1543 19.77 -25.88 -8.13
N ASN A 1544 19.56 -24.70 -8.73
CA ASN A 1544 18.48 -23.81 -8.33
C ASN A 1544 17.11 -24.45 -8.55
N ASP A 1545 16.92 -25.11 -9.69
CA ASP A 1545 15.62 -25.65 -10.06
C ASP A 1545 15.23 -26.79 -9.15
N VAL A 1546 13.96 -26.83 -8.77
CA VAL A 1546 13.45 -27.90 -7.92
C VAL A 1546 12.88 -29.04 -8.75
N ALA A 1547 12.22 -28.72 -9.86
CA ALA A 1547 11.69 -29.78 -10.72
C ALA A 1547 12.80 -30.64 -11.28
N ALA A 1548 13.91 -30.03 -11.70
CA ALA A 1548 15.02 -30.80 -12.23
C ALA A 1548 15.62 -31.70 -11.15
N VAL A 1549 15.80 -31.14 -9.95
CA VAL A 1549 16.32 -31.92 -8.83
C VAL A 1549 15.36 -33.04 -8.46
N LEU A 1550 14.06 -32.78 -8.50
CA LEU A 1550 13.10 -33.83 -8.21
C LEU A 1550 13.15 -34.92 -9.28
N LYS A 1551 13.38 -34.55 -10.55
CA LYS A 1551 13.47 -35.55 -11.60
C LYS A 1551 14.67 -36.46 -11.40
N THR A 1552 15.86 -35.87 -11.24
CA THR A 1552 17.08 -36.66 -11.27
C THR A 1552 17.59 -37.07 -9.91
N TYR A 1553 16.93 -36.66 -8.82
CA TYR A 1553 17.43 -36.96 -7.49
C TYR A 1553 16.36 -37.37 -6.49
N GLY A 1554 15.08 -37.38 -6.87
CA GLY A 1554 14.05 -37.90 -6.01
C GLY A 1554 13.38 -36.84 -5.18
N VAL A 1555 12.44 -37.30 -4.35
CA VAL A 1555 11.58 -36.39 -3.58
C VAL A 1555 12.37 -35.70 -2.49
N GLU A 1556 13.21 -36.43 -1.76
CA GLU A 1556 13.86 -35.87 -0.58
C GLU A 1556 14.89 -34.82 -0.96
N ALA A 1557 15.64 -35.05 -2.03
CA ALA A 1557 16.53 -34.02 -2.52
C ALA A 1557 15.75 -32.79 -2.95
N ALA A 1558 14.58 -32.99 -3.54
CA ALA A 1558 13.73 -31.86 -3.91
C ALA A 1558 13.29 -31.09 -2.67
N ARG A 1559 12.95 -31.80 -1.60
CA ARG A 1559 12.56 -31.13 -0.36
C ARG A 1559 13.73 -30.34 0.22
N ASN A 1560 14.93 -30.92 0.20
CA ASN A 1560 16.10 -30.21 0.70
C ASN A 1560 16.39 -28.95 -0.13
N THR A 1561 16.30 -29.06 -1.46
CA THR A 1561 16.55 -27.88 -2.28
C THR A 1561 15.42 -26.86 -2.15
N ILE A 1562 14.20 -27.31 -1.89
CA ILE A 1562 13.12 -26.37 -1.59
C ILE A 1562 13.45 -25.57 -0.35
N VAL A 1563 13.88 -26.25 0.71
CA VAL A 1563 14.18 -25.56 1.95
C VAL A 1563 15.34 -24.59 1.75
N ASN A 1564 16.39 -25.03 1.06
CA ASN A 1564 17.53 -24.16 0.83
C ASN A 1564 17.15 -22.94 -0.01
N GLU A 1565 16.27 -23.12 -1.00
CA GLU A 1565 15.85 -22.01 -1.84
C GLU A 1565 14.99 -21.02 -1.07
N ILE A 1566 13.98 -21.51 -0.35
CA ILE A 1566 13.11 -20.62 0.40
C ILE A 1566 13.85 -20.03 1.59
N ASN A 1567 15.01 -20.56 1.95
CA ASN A 1567 15.85 -19.91 2.95
C ASN A 1567 16.82 -18.92 2.33
N ASN A 1568 17.16 -19.11 1.07
CA ASN A 1568 18.08 -18.19 0.42
C ASN A 1568 17.44 -16.83 0.17
N VAL A 1569 16.12 -16.79 0.00
CA VAL A 1569 15.46 -15.51 -0.22
C VAL A 1569 15.53 -14.65 1.03
N PHE A 1570 15.19 -15.24 2.19
CA PHE A 1570 15.15 -14.45 3.41
C PHE A 1570 16.55 -14.07 3.88
N SER A 1571 17.53 -14.94 3.67
CA SER A 1571 18.89 -14.60 4.11
C SER A 1571 19.44 -13.40 3.37
N ARG A 1572 19.16 -13.29 2.07
CA ARG A 1572 19.66 -12.16 1.32
C ARG A 1572 18.97 -10.86 1.69
N TYR A 1573 17.84 -10.93 2.38
CA TYR A 1573 17.22 -9.78 3.00
C TYR A 1573 17.46 -9.71 4.49
N ALA A 1574 18.33 -10.57 5.02
CA ALA A 1574 18.68 -10.61 6.44
C ALA A 1574 17.42 -10.70 7.31
N ILE A 1575 16.51 -11.57 6.90
CA ILE A 1575 15.30 -11.86 7.67
C ILE A 1575 15.39 -13.31 8.12
N SER A 1576 15.31 -13.53 9.43
CA SER A 1576 15.47 -14.86 9.99
C SER A 1576 14.10 -15.51 10.11
N VAL A 1577 13.96 -16.70 9.53
CA VAL A 1577 12.78 -17.51 9.67
C VAL A 1577 13.20 -18.87 10.19
N SER A 1578 12.56 -19.33 11.26
CA SER A 1578 12.96 -20.58 11.88
C SER A 1578 12.86 -21.72 10.87
N PHE A 1579 13.92 -22.53 10.80
CA PHE A 1579 13.96 -23.61 9.83
C PHE A 1579 12.85 -24.63 10.04
N ARG A 1580 12.23 -24.64 11.22
CA ARG A 1580 11.09 -25.52 11.42
C ARG A 1580 9.95 -25.14 10.50
N HIS A 1581 9.71 -23.83 10.33
CA HIS A 1581 8.63 -23.37 9.46
C HIS A 1581 8.88 -23.75 8.02
N LEU A 1582 10.09 -23.48 7.52
CA LEU A 1582 10.42 -23.82 6.15
C LEU A 1582 10.37 -25.33 5.94
N ASP A 1583 10.79 -26.11 6.94
CA ASP A 1583 10.72 -27.55 6.82
C ASP A 1583 9.28 -28.03 6.72
N LEU A 1584 8.39 -27.47 7.54
CA LEU A 1584 6.98 -27.85 7.43
C LEU A 1584 6.41 -27.47 6.08
N ILE A 1585 6.77 -26.29 5.57
CA ILE A 1585 6.29 -25.87 4.25
C ILE A 1585 6.77 -26.85 3.19
N ALA A 1586 8.06 -27.21 3.23
CA ALA A 1586 8.61 -28.11 2.22
C ALA A 1586 7.95 -29.48 2.30
N ASP A 1587 7.71 -29.97 3.51
CA ASP A 1587 7.12 -31.30 3.65
C ASP A 1587 5.67 -31.30 3.17
N MET A 1588 4.93 -30.22 3.42
CA MET A 1588 3.59 -30.11 2.86
C MET A 1588 3.63 -30.05 1.32
N MET A 1589 4.59 -29.30 0.77
CA MET A 1589 4.67 -29.17 -0.68
C MET A 1589 5.01 -30.48 -1.35
N THR A 1590 5.92 -31.27 -0.78
CA THR A 1590 6.30 -32.54 -1.40
C THR A 1590 5.69 -33.73 -0.70
N ARG A 1591 4.45 -33.63 -0.23
CA ARG A 1591 3.85 -34.73 0.50
C ARG A 1591 3.34 -35.84 -0.39
N GLN A 1592 3.21 -35.59 -1.69
CA GLN A 1592 2.70 -36.59 -2.62
C GLN A 1592 3.81 -37.22 -3.46
N GLY A 1593 5.06 -37.00 -3.09
CA GLY A 1593 6.16 -37.44 -3.90
C GLY A 1593 6.48 -36.55 -5.07
N THR A 1594 5.74 -35.44 -5.22
CA THR A 1594 5.89 -34.54 -6.35
C THR A 1594 6.11 -33.13 -5.82
N TYR A 1595 6.27 -32.19 -6.74
CA TYR A 1595 6.50 -30.79 -6.39
C TYR A 1595 5.17 -30.04 -6.52
N LEU A 1596 4.34 -30.15 -5.47
CA LEU A 1596 3.09 -29.43 -5.47
C LEU A 1596 3.35 -27.94 -5.27
N ALA A 1597 2.26 -27.18 -5.18
CA ALA A 1597 2.34 -25.74 -4.99
C ALA A 1597 1.12 -25.27 -4.23
N PHE A 1598 1.22 -24.06 -3.69
CA PHE A 1598 0.11 -23.46 -2.96
C PHE A 1598 -0.68 -22.60 -3.94
N ASN A 1599 -1.56 -23.27 -4.68
CA ASN A 1599 -2.49 -22.64 -5.60
C ASN A 1599 -3.69 -23.57 -5.77
N ARG A 1600 -4.60 -23.21 -6.67
CA ARG A 1600 -5.79 -24.02 -6.87
C ARG A 1600 -5.45 -25.35 -7.54
N GLN A 1601 -4.42 -25.37 -8.38
CA GLN A 1601 -3.99 -26.63 -8.97
C GLN A 1601 -3.22 -27.50 -8.00
N GLY A 1602 -2.59 -26.89 -7.00
CA GLY A 1602 -1.83 -27.65 -6.03
C GLY A 1602 -2.65 -28.29 -4.94
N MET A 1603 -3.95 -28.00 -4.88
CA MET A 1603 -4.82 -28.54 -3.83
C MET A 1603 -5.97 -29.36 -4.41
N GLU A 1604 -5.80 -29.89 -5.62
CA GLU A 1604 -6.84 -30.72 -6.21
C GLU A 1604 -7.15 -31.92 -5.32
N THR A 1605 -6.12 -32.58 -4.82
CA THR A 1605 -6.26 -33.78 -3.99
C THR A 1605 -6.38 -33.34 -2.55
N SER A 1606 -7.62 -33.33 -2.03
CA SER A 1606 -7.85 -32.96 -0.64
C SER A 1606 -9.20 -33.50 -0.23
N THR A 1607 -9.27 -34.02 1.00
CA THR A 1607 -10.51 -34.65 1.46
C THR A 1607 -11.64 -33.65 1.58
N SER A 1608 -11.35 -32.44 2.08
CA SER A 1608 -12.39 -31.45 2.32
C SER A 1608 -12.55 -30.58 1.09
N SER A 1609 -13.78 -30.49 0.59
CA SER A 1609 -14.08 -29.64 -0.56
C SER A 1609 -14.45 -28.22 -0.16
N PHE A 1610 -14.89 -28.02 1.08
CA PHE A 1610 -15.24 -26.68 1.54
C PHE A 1610 -14.03 -25.76 1.52
N MET A 1611 -12.85 -26.27 1.88
CA MET A 1611 -11.66 -25.42 1.86
C MET A 1611 -11.40 -24.90 0.46
N LYS A 1612 -11.51 -25.75 -0.55
CA LYS A 1612 -11.24 -25.32 -1.92
C LYS A 1612 -12.35 -24.40 -2.45
N MET A 1613 -13.61 -24.73 -2.12
CA MET A 1613 -14.73 -23.89 -2.55
C MET A 1613 -14.61 -22.49 -1.96
N SER A 1614 -14.23 -22.40 -0.69
CA SER A 1614 -14.00 -21.08 -0.09
C SER A 1614 -12.75 -20.43 -0.64
N TYR A 1615 -11.75 -21.23 -1.02
CA TYR A 1615 -10.53 -20.67 -1.58
C TYR A 1615 -10.81 -19.93 -2.88
N GLU A 1616 -11.21 -20.66 -3.92
CA GLU A 1616 -11.52 -20.02 -5.20
C GLU A 1616 -11.98 -21.08 -6.19
N THR A 1617 -12.42 -20.60 -7.36
CA THR A 1617 -13.09 -21.42 -8.38
C THR A 1617 -14.16 -22.30 -7.72
N THR A 1618 -15.10 -21.62 -7.06
CA THR A 1618 -16.13 -22.33 -6.31
C THR A 1618 -16.89 -23.29 -7.19
N CYS A 1619 -17.26 -22.85 -8.40
CA CYS A 1619 -18.06 -23.67 -9.29
C CYS A 1619 -17.31 -24.95 -9.68
N GLN A 1620 -16.09 -24.81 -10.17
CA GLN A 1620 -15.33 -25.97 -10.60
C GLN A 1620 -15.07 -26.94 -9.47
N PHE A 1621 -14.93 -26.45 -8.24
CA PHE A 1621 -14.75 -27.31 -7.08
C PHE A 1621 -16.06 -27.82 -6.50
N LEU A 1622 -17.20 -27.25 -6.90
CA LEU A 1622 -18.48 -27.75 -6.42
C LEU A 1622 -19.07 -28.79 -7.36
N THR A 1623 -18.94 -28.57 -8.68
CA THR A 1623 -19.33 -29.60 -9.64
C THR A 1623 -18.48 -30.85 -9.47
N LYS A 1624 -17.17 -30.68 -9.33
CA LYS A 1624 -16.29 -31.80 -9.09
C LYS A 1624 -16.67 -32.53 -7.81
N ALA A 1625 -17.18 -31.81 -6.82
CA ALA A 1625 -17.56 -32.43 -5.56
C ALA A 1625 -18.88 -33.18 -5.68
N VAL A 1626 -19.83 -32.66 -6.45
CA VAL A 1626 -21.15 -33.26 -6.50
C VAL A 1626 -21.20 -34.41 -7.50
N LEU A 1627 -20.35 -34.38 -8.52
CA LEU A 1627 -20.24 -35.53 -9.41
C LEU A 1627 -19.70 -36.75 -8.68
N ASP A 1628 -18.68 -36.57 -7.85
CA ASP A 1628 -18.08 -37.68 -7.12
C ASP A 1628 -18.83 -38.02 -5.85
N ASN A 1629 -19.91 -37.29 -5.54
CA ASN A 1629 -20.70 -37.53 -4.33
C ASN A 1629 -19.80 -37.52 -3.09
N GLU A 1630 -18.86 -36.58 -3.07
CA GLU A 1630 -17.79 -36.59 -2.08
C GLU A 1630 -18.32 -36.08 -0.76
N ARG A 1631 -18.56 -36.99 0.18
CA ARG A 1631 -18.93 -36.63 1.53
C ARG A 1631 -17.69 -36.20 2.29
N GLU A 1632 -17.71 -35.00 2.84
CA GLU A 1632 -16.59 -34.49 3.62
C GLU A 1632 -16.94 -34.53 5.11
N GLN A 1633 -15.96 -34.90 5.92
CA GLN A 1633 -16.19 -35.19 7.33
C GLN A 1633 -16.08 -33.97 8.22
N LEU A 1634 -15.88 -32.78 7.65
CA LEU A 1634 -15.78 -31.54 8.41
C LEU A 1634 -14.58 -31.59 9.36
N ASP A 1635 -13.39 -31.71 8.76
CA ASP A 1635 -12.14 -31.72 9.50
C ASP A 1635 -11.30 -30.47 9.31
N SER A 1636 -11.23 -29.94 8.10
CA SER A 1636 -10.49 -28.71 7.89
C SER A 1636 -11.18 -27.57 8.64
N PRO A 1637 -10.41 -26.57 9.08
CA PRO A 1637 -11.04 -25.45 9.80
C PRO A 1637 -12.10 -24.73 9.00
N SER A 1638 -11.88 -24.55 7.69
CA SER A 1638 -12.83 -23.82 6.87
C SER A 1638 -14.19 -24.50 6.82
N ALA A 1639 -14.20 -25.82 6.67
CA ALA A 1639 -15.45 -26.56 6.68
C ALA A 1639 -16.16 -26.40 8.02
N ARG A 1640 -15.39 -26.40 9.11
CA ARG A 1640 -15.96 -26.17 10.43
C ARG A 1640 -16.64 -24.82 10.51
N ILE A 1641 -16.02 -23.79 9.96
CA ILE A 1641 -16.62 -22.46 9.95
C ILE A 1641 -17.90 -22.47 9.12
N VAL A 1642 -17.85 -23.06 7.93
CA VAL A 1642 -19.00 -23.06 7.02
C VAL A 1642 -20.20 -23.73 7.69
N VAL A 1643 -19.99 -24.88 8.31
CA VAL A 1643 -21.06 -25.53 9.04
C VAL A 1643 -21.35 -24.77 10.33
N GLY A 1644 -20.32 -24.29 11.00
CA GLY A 1644 -20.50 -23.60 12.26
C GLY A 1644 -20.21 -24.46 13.47
N LYS A 1645 -19.14 -25.22 13.40
CA LYS A 1645 -18.74 -26.12 14.47
C LYS A 1645 -17.41 -25.67 15.08
N LEU A 1646 -17.21 -26.02 16.35
CA LEU A 1646 -15.99 -25.66 17.04
C LEU A 1646 -14.79 -26.29 16.34
N ASN A 1647 -13.75 -25.48 16.14
CA ASN A 1647 -12.60 -25.90 15.36
C ASN A 1647 -11.90 -27.08 16.03
N ASN A 1648 -10.92 -27.64 15.31
CA ASN A 1648 -10.16 -28.77 15.82
C ASN A 1648 -8.81 -28.38 16.39
N VAL A 1649 -8.21 -27.32 15.86
CA VAL A 1649 -6.89 -26.89 16.28
C VAL A 1649 -6.98 -26.19 17.61
N GLY A 1650 -5.93 -26.31 18.42
CA GLY A 1650 -5.88 -25.58 19.67
C GLY A 1650 -6.77 -26.21 20.70
N THR A 1651 -7.67 -25.42 21.27
CA THR A 1651 -8.53 -25.90 22.34
C THR A 1651 -9.69 -26.73 21.84
N GLY A 1652 -9.79 -26.95 20.53
CA GLY A 1652 -10.66 -27.97 20.00
C GLY A 1652 -10.03 -29.33 19.89
N SER A 1653 -8.76 -29.48 20.28
CA SER A 1653 -8.04 -30.74 20.12
C SER A 1653 -8.60 -31.85 20.99
N PHE A 1654 -9.45 -31.53 21.95
CA PHE A 1654 -9.88 -32.49 22.94
C PHE A 1654 -11.34 -32.20 23.29
N ASP A 1655 -11.88 -33.01 24.17
CA ASP A 1655 -13.21 -32.80 24.70
C ASP A 1655 -13.13 -32.76 26.21
N VAL A 1656 -14.18 -32.24 26.84
CA VAL A 1656 -14.24 -32.11 28.29
C VAL A 1656 -15.45 -32.90 28.77
N LEU A 1657 -15.22 -33.77 29.75
CA LEU A 1657 -16.27 -34.56 30.37
C LEU A 1657 -16.33 -34.25 31.85
N ALA A 1658 -17.53 -34.32 32.42
CA ALA A 1658 -17.67 -34.12 33.84
C ALA A 1658 -17.36 -35.41 34.60
N LYS A 1659 -17.34 -35.31 35.93
CA LYS A 1659 -17.27 -36.46 36.82
C LYS A 1659 -18.36 -36.30 37.87
N VAL A 1660 -19.57 -36.75 37.56
CA VAL A 1660 -20.67 -36.64 38.52
C VAL A 1660 -20.46 -37.70 39.59
N PRO A 1661 -20.29 -37.32 40.85
CA PRO A 1661 -19.98 -38.28 41.93
C PRO A 1661 -21.22 -38.80 42.65
N ASN A 1662 -22.17 -39.34 41.90
CA ASN A 1662 -23.31 -40.04 42.49
C ASN A 1662 -24.10 -40.78 41.43
N ALA B 11 16.66 48.09 6.61
CA ALA B 11 15.80 47.31 5.72
C ALA B 11 15.44 45.96 6.35
N ARG B 12 14.21 45.53 6.13
CA ARG B 12 13.68 44.31 6.73
C ARG B 12 13.35 43.30 5.63
N THR B 13 13.64 42.02 5.91
CA THR B 13 13.48 40.98 4.89
C THR B 13 12.02 40.80 4.50
N ALA B 14 11.11 40.79 5.48
CA ALA B 14 9.69 40.68 5.23
C ALA B 14 8.96 41.73 6.06
N ASP B 15 7.64 41.79 5.91
CA ASP B 15 6.87 42.73 6.72
C ASP B 15 5.41 42.30 6.77
N PHE B 16 4.84 42.35 7.96
CA PHE B 16 3.39 42.30 8.11
C PHE B 16 2.85 43.61 7.57
N ARG B 17 2.30 43.57 6.35
CA ARG B 17 1.71 44.77 5.77
C ARG B 17 0.33 44.98 6.39
N THR B 18 0.36 45.31 7.69
CA THR B 18 -0.88 45.36 8.49
C THR B 18 -1.76 46.53 8.07
N LEU B 19 -1.16 47.71 7.88
CA LEU B 19 -1.93 48.87 7.45
C LEU B 19 -2.55 48.65 6.08
N GLU B 20 -1.75 48.17 5.12
CA GLU B 20 -2.28 47.85 3.80
C GLU B 20 -3.41 46.85 3.91
N ARG B 21 -3.21 45.78 4.68
CA ARG B 21 -4.18 44.71 4.74
C ARG B 21 -5.49 45.19 5.34
N GLU B 22 -5.45 45.97 6.42
CA GLU B 22 -6.69 46.42 7.03
C GLU B 22 -7.39 47.47 6.17
N SER B 23 -6.64 48.35 5.52
CA SER B 23 -7.27 49.29 4.59
C SER B 23 -7.94 48.54 3.45
N ARG B 24 -7.28 47.52 2.90
CA ARG B 24 -7.85 46.78 1.77
C ARG B 24 -9.00 45.89 2.20
N PHE B 25 -9.02 45.44 3.45
CA PHE B 25 -10.20 44.76 3.96
C PHE B 25 -11.37 45.72 4.08
N ILE B 26 -11.10 46.96 4.54
CA ILE B 26 -12.19 47.90 4.74
C ILE B 26 -12.77 48.34 3.40
N ASN B 27 -11.92 48.70 2.46
CA ASN B 27 -12.36 49.19 1.15
C ASN B 27 -11.73 48.36 0.04
N PRO B 28 -12.46 47.44 -0.56
CA PRO B 28 -11.91 46.67 -1.68
C PRO B 28 -11.61 47.58 -2.86
N PRO B 29 -10.52 47.32 -3.57
CA PRO B 29 -10.10 48.23 -4.64
C PRO B 29 -11.16 48.35 -5.73
N LYS B 30 -11.27 49.56 -6.29
CA LYS B 30 -12.18 49.82 -7.39
C LYS B 30 -11.49 49.82 -8.75
N ASP B 31 -10.18 50.06 -8.78
CA ASP B 31 -9.37 49.94 -9.98
C ASP B 31 -8.92 48.49 -10.12
N LYS B 32 -7.89 48.23 -10.92
CA LYS B 32 -7.29 46.91 -11.04
C LYS B 32 -7.19 46.22 -9.69
N SER B 33 -7.60 44.95 -9.66
CA SER B 33 -7.52 44.18 -8.43
C SER B 33 -6.07 43.99 -8.00
N ALA B 34 -5.87 43.89 -6.69
CA ALA B 34 -4.55 43.56 -6.17
C ALA B 34 -4.19 42.13 -6.56
N PHE B 35 -3.02 41.68 -6.14
CA PHE B 35 -2.64 40.28 -6.29
C PHE B 35 -2.70 39.84 -7.75
N PRO B 36 -1.90 40.43 -8.64
CA PRO B 36 -1.97 40.01 -10.04
C PRO B 36 -1.62 38.55 -10.26
N LEU B 37 -0.69 37.99 -9.47
CA LEU B 37 -0.28 36.61 -9.69
C LEU B 37 -1.40 35.63 -9.44
N LEU B 38 -2.30 35.93 -8.50
CA LEU B 38 -3.38 35.02 -8.21
C LEU B 38 -4.28 34.82 -9.42
N GLN B 39 -4.38 35.82 -10.29
CA GLN B 39 -5.15 35.66 -11.53
C GLN B 39 -4.38 34.84 -12.56
N GLU B 40 -3.07 35.04 -12.67
CA GLU B 40 -2.28 34.27 -13.63
C GLU B 40 -2.21 32.79 -13.28
N ALA B 41 -2.64 32.41 -12.08
CA ALA B 41 -2.69 30.99 -11.72
C ALA B 41 -3.88 30.30 -12.39
N VAL B 42 -5.01 30.99 -12.49
CA VAL B 42 -6.16 30.45 -13.19
C VAL B 42 -6.25 30.94 -14.62
N GLN B 43 -5.28 31.73 -15.06
CA GLN B 43 -5.23 32.15 -16.46
C GLN B 43 -5.36 31.02 -17.47
N PRO B 44 -4.80 29.81 -17.27
CA PRO B 44 -5.03 28.74 -18.25
C PRO B 44 -6.48 28.51 -18.61
N HIS B 45 -7.31 28.22 -17.60
CA HIS B 45 -8.70 27.88 -17.83
C HIS B 45 -9.47 29.06 -18.42
N ILE B 46 -9.31 30.24 -17.82
CA ILE B 46 -10.04 31.42 -18.26
C ILE B 46 -9.65 31.76 -19.70
N GLY B 47 -8.35 31.74 -19.99
CA GLY B 47 -7.89 32.07 -21.32
C GLY B 47 -8.39 31.09 -22.37
N SER B 48 -8.37 29.79 -22.05
CA SER B 48 -8.86 28.81 -23.02
C SER B 48 -10.34 29.01 -23.30
N PHE B 49 -11.15 29.13 -22.24
CA PHE B 49 -12.58 29.31 -22.44
C PHE B 49 -12.87 30.60 -23.21
N ASN B 50 -12.15 31.68 -22.91
CA ASN B 50 -12.35 32.93 -23.64
C ASN B 50 -11.90 32.80 -25.08
N ALA B 51 -10.94 31.93 -25.37
CA ALA B 51 -10.53 31.69 -26.74
C ALA B 51 -11.49 30.80 -27.51
N LEU B 52 -12.31 30.01 -26.81
CA LEU B 52 -13.25 29.15 -27.54
C LEU B 52 -14.52 29.89 -27.97
N THR B 53 -14.74 31.11 -27.51
CA THR B 53 -15.88 31.89 -27.99
C THR B 53 -15.50 33.26 -28.51
N GLU B 54 -14.22 33.62 -28.48
CA GLU B 54 -13.72 34.85 -29.05
C GLU B 54 -12.44 34.52 -29.80
N GLY B 55 -11.69 35.54 -30.19
CA GLY B 55 -10.41 35.35 -30.82
C GLY B 55 -10.43 35.57 -32.32
N PRO B 56 -9.26 35.55 -32.95
CA PRO B 56 -9.20 35.77 -34.41
C PRO B 56 -9.87 34.65 -35.18
N ASP B 57 -10.34 35.00 -36.38
CA ASP B 57 -11.03 34.07 -37.29
C ASP B 57 -12.33 33.54 -36.69
N GLY B 58 -12.97 34.34 -35.83
CA GLY B 58 -14.27 34.01 -35.29
C GLY B 58 -14.24 33.16 -34.04
N GLY B 59 -13.11 32.53 -33.74
CA GLY B 59 -12.99 31.71 -32.55
C GLY B 59 -12.90 30.23 -32.89
N LEU B 60 -12.56 29.46 -31.85
CA LEU B 60 -12.39 28.02 -32.03
C LEU B 60 -13.70 27.35 -32.41
N LEU B 61 -14.81 27.75 -31.77
CA LEU B 61 -16.10 27.15 -32.08
C LEU B 61 -16.51 27.42 -33.52
N ASN B 62 -16.29 28.65 -34.00
CA ASN B 62 -16.67 28.98 -35.37
C ASN B 62 -15.78 28.26 -36.37
N LEU B 63 -14.48 28.12 -36.06
CA LEU B 63 -13.62 27.32 -36.91
C LEU B 63 -14.08 25.86 -36.94
N GLY B 64 -14.54 25.35 -35.80
CA GLY B 64 -15.01 23.97 -35.77
C GLY B 64 -16.27 23.76 -36.58
N VAL B 65 -17.24 24.67 -36.43
CA VAL B 65 -18.46 24.54 -37.22
C VAL B 65 -18.16 24.75 -38.70
N LYS B 66 -17.14 25.55 -39.01
CA LYS B 66 -16.75 25.70 -40.41
C LYS B 66 -16.21 24.39 -40.96
N ASP B 67 -15.25 23.78 -40.27
CA ASP B 67 -14.59 22.59 -40.79
C ASP B 67 -15.42 21.33 -40.61
N ILE B 68 -16.53 21.40 -39.89
CA ILE B 68 -17.41 20.24 -39.77
C ILE B 68 -17.89 19.79 -41.15
N GLY B 69 -18.30 20.74 -41.99
CA GLY B 69 -18.85 20.43 -43.28
C GLY B 69 -20.34 20.21 -43.25
N GLU B 70 -20.89 19.91 -44.43
CA GLU B 70 -22.32 19.70 -44.60
C GLU B 70 -22.59 18.22 -44.82
N LYS B 71 -23.61 17.71 -44.14
CA LYS B 71 -24.07 16.34 -44.34
C LYS B 71 -25.37 16.37 -45.13
N VAL B 72 -25.41 15.61 -46.22
CA VAL B 72 -26.50 15.71 -47.20
C VAL B 72 -27.33 14.43 -47.18
N ILE B 73 -28.58 14.57 -47.63
CA ILE B 73 -29.49 13.45 -47.79
C ILE B 73 -30.22 13.62 -49.12
N PHE B 74 -30.71 12.50 -49.65
CA PHE B 74 -31.49 12.48 -50.88
C PHE B 74 -32.81 11.75 -50.64
N ASP B 75 -33.78 11.99 -51.52
CA ASP B 75 -35.04 11.27 -51.50
C ASP B 75 -35.25 10.41 -52.74
N GLY B 76 -34.58 10.69 -53.84
CA GLY B 76 -34.68 9.88 -55.04
C GLY B 76 -35.89 10.17 -55.90
N LYS B 77 -36.74 11.12 -55.52
CA LYS B 77 -37.99 11.37 -56.22
C LYS B 77 -37.71 12.12 -57.53
N PRO B 78 -38.08 11.56 -58.69
CA PRO B 78 -37.93 12.21 -59.99
C PRO B 78 -38.74 13.49 -60.13
N GLY B 89 -31.18 9.36 -63.91
CA GLY B 89 -30.01 9.53 -63.07
C GLY B 89 -30.21 10.55 -61.97
N TYR B 90 -31.45 11.01 -61.83
CA TYR B 90 -31.84 11.98 -60.81
C TYR B 90 -31.76 11.32 -59.45
N LEU B 91 -30.67 11.60 -58.72
CA LEU B 91 -30.45 10.97 -57.42
C LEU B 91 -31.50 11.36 -56.41
N GLY B 92 -32.24 12.44 -56.67
CA GLY B 92 -33.29 12.94 -55.82
C GLY B 92 -33.09 14.40 -55.57
N ASN B 93 -33.63 14.87 -54.45
CA ASN B 93 -33.39 16.23 -53.98
C ASN B 93 -32.25 16.23 -52.97
N LYS B 94 -31.53 17.34 -52.92
CA LYS B 94 -30.39 17.50 -52.03
C LYS B 94 -30.75 18.42 -50.88
N LEU B 95 -30.45 17.97 -49.65
CA LEU B 95 -30.57 18.79 -48.45
C LEU B 95 -29.25 18.72 -47.71
N SER B 96 -28.49 19.80 -47.73
CA SER B 96 -27.19 19.88 -47.06
C SER B 96 -27.33 20.82 -45.87
N VAL B 97 -27.59 20.24 -44.70
CA VAL B 97 -27.70 21.01 -43.46
C VAL B 97 -26.32 21.23 -42.87
N SER B 98 -26.08 22.43 -42.38
CA SER B 98 -24.86 22.73 -41.64
C SER B 98 -25.12 23.94 -40.75
N VAL B 99 -24.27 24.09 -39.74
CA VAL B 99 -24.29 25.25 -38.85
C VAL B 99 -23.09 26.10 -39.18
N GLU B 100 -23.31 27.41 -39.34
CA GLU B 100 -22.25 28.33 -39.72
C GLU B 100 -21.94 29.37 -38.66
N GLN B 101 -22.72 29.43 -37.58
CA GLN B 101 -22.44 30.38 -36.51
C GLN B 101 -23.05 29.86 -35.21
N VAL B 102 -22.25 29.90 -34.15
CA VAL B 102 -22.66 29.49 -32.81
C VAL B 102 -22.43 30.66 -31.87
N SER B 103 -23.44 31.01 -31.09
CA SER B 103 -23.36 32.16 -30.20
C SER B 103 -23.84 31.77 -28.81
N ILE B 104 -23.22 32.37 -27.79
CA ILE B 104 -23.55 32.16 -26.40
C ILE B 104 -23.73 33.52 -25.74
N ALA B 105 -24.43 33.52 -24.61
CA ALA B 105 -24.69 34.74 -23.86
C ALA B 105 -24.54 34.47 -22.37
N LYS B 106 -24.22 35.51 -21.62
CA LYS B 106 -24.21 35.40 -20.18
C LYS B 106 -25.63 35.10 -19.69
N PRO B 107 -25.80 34.19 -18.73
CA PRO B 107 -27.13 33.67 -18.45
C PRO B 107 -28.09 34.74 -17.96
N MET B 108 -29.35 34.62 -18.38
CA MET B 108 -30.40 35.55 -17.98
C MET B 108 -31.60 34.75 -17.50
N SER B 109 -32.50 35.44 -16.79
CA SER B 109 -33.70 34.82 -16.28
C SER B 109 -34.92 35.63 -16.71
N ASN B 110 -36.03 34.92 -16.90
CA ASN B 110 -37.30 35.55 -17.24
C ASN B 110 -38.13 35.73 -15.96
N ASP B 111 -37.69 36.68 -15.16
CA ASP B 111 -38.34 36.97 -13.88
C ASP B 111 -38.69 38.45 -13.73
N ALA B 116 -40.35 38.25 -20.21
CA ALA B 116 -40.43 39.68 -20.48
C ALA B 116 -39.07 40.24 -20.85
N VAL B 117 -38.48 41.01 -19.92
CA VAL B 117 -37.17 41.61 -20.11
C VAL B 117 -36.17 40.81 -19.28
N GLU B 118 -35.08 40.39 -19.90
CA GLU B 118 -34.09 39.56 -19.22
C GLU B 118 -33.27 40.40 -18.26
N ARG B 119 -33.10 39.90 -17.04
CA ARG B 119 -32.26 40.52 -16.02
C ARG B 119 -31.05 39.63 -15.77
N LYS B 120 -29.88 40.26 -15.65
CA LYS B 120 -28.64 39.51 -15.50
C LYS B 120 -28.69 38.60 -14.30
N VAL B 121 -28.19 37.38 -14.45
CA VAL B 121 -28.17 36.38 -13.40
C VAL B 121 -26.73 36.16 -12.97
N TYR B 122 -26.47 36.29 -11.68
CA TYR B 122 -25.12 36.21 -11.19
C TYR B 122 -24.87 34.87 -10.50
N PRO B 123 -23.64 34.36 -10.54
CA PRO B 123 -23.39 33.01 -10.03
C PRO B 123 -23.73 32.83 -8.56
N SER B 124 -23.84 33.92 -7.80
CA SER B 124 -24.30 33.80 -6.43
C SER B 124 -25.70 33.20 -6.37
N GLU B 125 -26.58 33.61 -7.27
CA GLU B 125 -27.93 33.05 -7.30
C GLU B 125 -27.90 31.56 -7.63
N SER B 126 -27.09 31.17 -8.62
CA SER B 126 -26.98 29.77 -8.97
C SER B 126 -26.47 28.94 -7.79
N ARG B 127 -25.44 29.44 -7.11
CA ARG B 127 -24.93 28.74 -5.93
C ARG B 127 -25.98 28.63 -4.85
N GLN B 128 -26.76 29.68 -4.65
CA GLN B 128 -27.70 29.71 -3.54
C GLN B 128 -28.94 28.87 -3.81
N ARG B 129 -29.34 28.73 -5.08
CA ARG B 129 -30.50 27.92 -5.44
C ARG B 129 -30.17 26.45 -5.57
N LEU B 130 -28.91 26.05 -5.37
CA LEU B 130 -28.46 24.68 -5.58
C LEU B 130 -28.82 24.19 -6.97
N THR B 131 -28.63 25.07 -7.95
CA THR B 131 -28.88 24.74 -9.35
C THR B 131 -27.65 25.05 -10.17
N SER B 132 -27.77 25.01 -11.50
CA SER B 132 -26.62 25.26 -12.35
C SER B 132 -26.59 26.71 -12.80
N TYR B 133 -25.47 27.08 -13.44
CA TYR B 133 -25.23 28.44 -13.93
C TYR B 133 -24.89 28.31 -15.40
N ARG B 134 -25.91 28.36 -16.25
CA ARG B 134 -25.74 28.13 -17.68
C ARG B 134 -26.49 29.18 -18.49
N GLY B 135 -25.90 29.57 -19.61
CA GLY B 135 -26.50 30.55 -20.51
C GLY B 135 -27.35 29.93 -21.60
N LYS B 136 -27.41 30.62 -22.72
CA LYS B 136 -28.20 30.17 -23.88
C LYS B 136 -27.26 29.91 -25.05
N LEU B 137 -27.38 28.71 -25.64
CA LEU B 137 -26.58 28.32 -26.78
C LEU B 137 -27.42 28.47 -28.06
N LEU B 138 -26.97 29.33 -28.97
CA LEU B 138 -27.69 29.64 -30.18
C LEU B 138 -27.06 28.93 -31.37
N LEU B 139 -27.86 28.16 -32.10
CA LEU B 139 -27.42 27.48 -33.30
C LEU B 139 -28.29 27.90 -34.47
N LYS B 140 -27.66 28.37 -35.54
CA LYS B 140 -28.34 28.66 -36.79
C LYS B 140 -27.94 27.61 -37.83
N LEU B 141 -28.92 26.85 -38.31
CA LEU B 141 -28.66 25.83 -39.31
C LEU B 141 -28.51 26.48 -40.67
N LYS B 142 -28.30 25.64 -41.69
CA LYS B 142 -28.33 26.10 -43.09
C LYS B 142 -29.01 25.00 -43.88
N TRP B 143 -30.32 25.15 -44.05
CA TRP B 143 -31.18 24.16 -44.71
C TRP B 143 -31.12 24.35 -46.23
N SER B 144 -29.91 24.23 -46.77
CA SER B 144 -29.66 24.52 -48.17
C SER B 144 -30.05 23.36 -49.06
N VAL B 145 -30.60 23.67 -50.23
CA VAL B 145 -31.14 22.67 -51.15
C VAL B 145 -30.44 22.82 -52.50
N ASN B 146 -29.88 21.71 -52.98
CA ASN B 146 -29.35 21.57 -54.34
C ASN B 146 -28.37 22.69 -54.69
N ASN B 147 -27.27 22.72 -53.96
CA ASN B 147 -26.15 23.63 -54.25
C ASN B 147 -26.60 25.08 -54.28
N GLY B 148 -27.47 25.46 -53.36
CA GLY B 148 -27.77 26.85 -53.14
C GLY B 148 -28.92 27.43 -53.95
N GLU B 149 -29.89 26.61 -54.37
CA GLU B 149 -31.08 27.15 -55.00
C GLU B 149 -31.83 28.07 -54.05
N GLU B 150 -32.15 27.57 -52.86
CA GLU B 150 -32.84 28.33 -51.83
C GLU B 150 -32.21 28.02 -50.49
N ASN B 151 -31.94 29.05 -49.69
CA ASN B 151 -31.27 28.92 -48.41
C ASN B 151 -32.26 29.23 -47.29
N LEU B 152 -32.38 28.31 -46.34
CA LEU B 152 -33.24 28.48 -45.17
C LEU B 152 -32.38 28.55 -43.92
N PHE B 153 -32.70 29.51 -43.05
CA PHE B 153 -31.99 29.72 -41.80
C PHE B 153 -32.94 29.58 -40.63
N GLU B 154 -32.42 29.09 -39.51
CA GLU B 154 -33.24 28.93 -38.31
C GLU B 154 -32.31 28.98 -37.10
N VAL B 155 -32.42 30.04 -36.30
CA VAL B 155 -31.62 30.20 -35.10
C VAL B 155 -32.30 29.44 -33.97
N ARG B 156 -31.75 28.29 -33.59
CA ARG B 156 -32.38 27.38 -32.64
C ARG B 156 -31.57 27.33 -31.36
N ASP B 157 -32.22 27.64 -30.25
CA ASP B 157 -31.60 27.46 -28.95
C ASP B 157 -31.52 25.97 -28.62
N CYS B 158 -30.43 25.56 -28.01
CA CYS B 158 -30.15 24.14 -27.76
C CYS B 158 -29.88 23.87 -26.29
N GLY B 159 -30.71 24.42 -25.42
CA GLY B 159 -30.57 24.19 -24.00
C GLY B 159 -29.57 25.12 -23.35
N GLY B 160 -29.34 24.88 -22.06
CA GLY B 160 -28.45 25.72 -21.29
C GLY B 160 -27.01 25.26 -21.31
N LEU B 161 -26.10 26.13 -21.76
CA LEU B 161 -24.69 25.79 -21.82
C LEU B 161 -24.00 26.33 -20.58
N PRO B 162 -23.50 25.47 -19.69
CA PRO B 162 -22.75 25.97 -18.54
C PRO B 162 -21.47 26.68 -18.97
N VAL B 163 -21.16 27.76 -18.27
CA VAL B 163 -19.99 28.58 -18.56
C VAL B 163 -19.16 28.72 -17.30
N MET B 164 -17.87 28.96 -17.48
CA MET B 164 -16.97 29.07 -16.34
C MET B 164 -16.93 30.51 -15.85
N LEU B 165 -16.82 30.67 -14.54
CA LEU B 165 -16.85 31.98 -13.94
C LEU B 165 -15.61 32.78 -14.33
N GLN B 166 -15.74 34.10 -14.30
CA GLN B 166 -14.68 35.03 -14.66
C GLN B 166 -14.27 34.89 -16.12
N SER B 167 -15.17 34.37 -16.95
CA SER B 167 -14.97 34.32 -18.39
C SER B 167 -15.95 35.28 -19.07
N ASN B 168 -15.69 35.54 -20.35
CA ASN B 168 -16.45 36.55 -21.08
C ASN B 168 -17.90 36.16 -21.28
N ARG B 169 -18.27 34.90 -21.02
CA ARG B 169 -19.66 34.50 -20.96
C ARG B 169 -20.20 34.51 -19.54
N CYS B 170 -19.57 35.28 -18.65
CA CYS B 170 -20.04 35.43 -17.28
C CYS B 170 -20.15 36.90 -16.95
N HIS B 171 -21.07 37.23 -16.05
CA HIS B 171 -21.31 38.62 -15.69
C HIS B 171 -20.19 39.19 -14.85
N LEU B 172 -19.34 38.35 -14.28
CA LEU B 172 -18.19 38.79 -13.48
C LEU B 172 -16.95 38.98 -14.33
N ASN B 173 -17.11 39.30 -15.61
CA ASN B 173 -15.99 39.24 -16.53
C ASN B 173 -14.91 40.25 -16.18
N LYS B 174 -15.28 41.46 -15.79
CA LYS B 174 -14.28 42.46 -15.47
C LYS B 174 -14.62 43.26 -14.22
N MET B 175 -15.51 42.75 -13.37
CA MET B 175 -15.89 43.49 -12.18
C MET B 175 -14.70 43.68 -11.27
N SER B 176 -14.53 44.90 -10.76
CA SER B 176 -13.47 45.21 -9.83
C SER B 176 -13.69 44.45 -8.53
N PRO B 177 -12.72 44.46 -7.61
CA PRO B 177 -12.99 43.87 -6.30
C PRO B 177 -14.19 44.46 -5.61
N TYR B 178 -14.40 45.77 -5.73
CA TYR B 178 -15.56 46.39 -5.08
C TYR B 178 -16.86 45.85 -5.67
N GLU B 179 -16.94 45.78 -7.00
CA GLU B 179 -18.16 45.27 -7.63
C GLU B 179 -18.35 43.79 -7.30
N LEU B 180 -17.27 43.02 -7.27
CA LEU B 180 -17.37 41.61 -6.93
C LEU B 180 -17.92 41.42 -5.54
N VAL B 181 -17.45 42.22 -4.58
CA VAL B 181 -17.99 42.15 -3.22
C VAL B 181 -19.44 42.60 -3.20
N GLN B 182 -19.79 43.60 -4.00
CA GLN B 182 -21.16 44.09 -4.04
C GLN B 182 -22.11 43.02 -4.55
N HIS B 183 -21.69 42.26 -5.57
CA HIS B 183 -22.51 41.19 -6.13
C HIS B 183 -22.30 39.86 -5.41
N LYS B 184 -21.92 39.91 -4.14
CA LYS B 184 -21.93 38.79 -3.20
C LYS B 184 -20.93 37.70 -3.54
N GLU B 185 -19.88 37.99 -4.31
CA GLU B 185 -19.02 36.90 -4.74
C GLU B 185 -17.78 36.70 -3.89
N GLU B 186 -16.85 37.65 -3.92
CA GLU B 186 -15.58 37.56 -3.19
C GLU B 186 -14.75 38.79 -3.54
N SER B 187 -13.75 39.08 -2.70
CA SER B 187 -12.92 40.24 -2.93
C SER B 187 -12.00 40.03 -4.13
N ASP B 188 -11.35 38.88 -4.20
CA ASP B 188 -10.38 38.56 -5.24
C ASP B 188 -10.71 37.21 -5.85
N GLU B 189 -11.98 37.07 -6.22
CA GLU B 189 -12.46 35.83 -6.82
C GLU B 189 -11.70 35.48 -8.08
N ILE B 190 -11.44 34.19 -8.26
CA ILE B 190 -10.92 33.62 -9.49
C ILE B 190 -11.93 32.61 -10.00
N GLY B 191 -12.22 32.65 -11.29
CA GLY B 191 -13.19 31.74 -11.85
C GLY B 191 -12.57 30.42 -12.26
N GLY B 192 -12.69 30.07 -13.54
CA GLY B 192 -12.08 28.88 -14.06
C GLY B 192 -12.85 27.61 -13.79
N TYR B 193 -13.98 27.69 -13.11
CA TYR B 193 -14.76 26.52 -12.76
C TYR B 193 -16.22 26.76 -13.11
N PHE B 194 -16.96 25.66 -13.21
CA PHE B 194 -18.36 25.66 -13.59
C PHE B 194 -19.22 25.36 -12.36
N ILE B 195 -20.48 25.78 -12.45
CA ILE B 195 -21.47 25.51 -11.40
C ILE B 195 -22.59 24.70 -12.02
N VAL B 196 -22.72 23.44 -11.62
CA VAL B 196 -23.74 22.56 -12.17
C VAL B 196 -24.46 21.87 -11.02
N ASN B 197 -25.78 22.04 -10.97
CA ASN B 197 -26.63 21.44 -9.93
C ASN B 197 -26.17 21.86 -8.54
N GLY B 198 -25.75 23.12 -8.40
CA GLY B 198 -25.33 23.61 -7.11
C GLY B 198 -24.08 22.95 -6.57
N ILE B 199 -23.30 22.33 -7.44
CA ILE B 199 -22.00 21.76 -7.09
C ILE B 199 -20.98 22.33 -8.06
N GLU B 200 -19.89 22.85 -7.55
CA GLU B 200 -18.86 23.45 -8.38
C GLU B 200 -18.01 22.35 -9.00
N LYS B 201 -17.69 22.50 -10.28
CA LYS B 201 -16.91 21.51 -11.01
C LYS B 201 -15.82 22.21 -11.80
N LEU B 202 -14.78 21.45 -12.13
CA LEU B 202 -13.62 21.97 -12.85
C LEU B 202 -13.16 20.90 -13.82
N ILE B 203 -12.52 21.32 -14.90
CA ILE B 203 -12.03 20.43 -15.94
C ILE B 203 -10.51 20.33 -15.81
N ARG B 204 -10.02 19.14 -15.45
CA ARG B 204 -8.60 18.94 -15.25
C ARG B 204 -7.84 19.10 -16.56
N MET B 205 -6.55 19.38 -16.43
CA MET B 205 -5.68 19.63 -17.58
C MET B 205 -4.87 18.37 -17.85
N LEU B 206 -5.30 17.60 -18.85
CA LEU B 206 -4.55 16.43 -19.25
C LEU B 206 -3.29 16.85 -19.99
N ILE B 207 -2.28 15.99 -19.96
CA ILE B 207 -1.02 16.24 -20.66
C ILE B 207 -0.90 15.19 -21.76
N VAL B 208 -0.67 15.66 -22.98
CA VAL B 208 -0.70 14.83 -24.17
C VAL B 208 0.56 15.07 -24.98
N GLN B 209 0.73 14.27 -26.03
CA GLN B 209 1.90 14.37 -26.88
C GLN B 209 1.94 15.73 -27.55
N ARG B 210 3.15 16.22 -27.77
CA ARG B 210 3.32 17.52 -28.41
C ARG B 210 2.65 17.51 -29.78
N ARG B 211 1.96 18.59 -30.11
CA ARG B 211 1.27 18.66 -31.38
C ARG B 211 2.25 18.84 -32.53
N ASN B 212 1.85 18.32 -33.70
CA ASN B 212 2.51 18.62 -34.98
C ASN B 212 4.01 18.38 -34.92
N HIS B 213 4.41 17.32 -34.26
CA HIS B 213 5.83 16.96 -34.25
C HIS B 213 5.97 15.45 -34.35
N PRO B 214 6.64 14.94 -35.39
CA PRO B 214 6.78 13.49 -35.54
C PRO B 214 7.91 12.97 -34.68
N MET B 215 7.59 12.16 -33.69
CA MET B 215 8.60 11.65 -32.77
C MET B 215 8.79 10.15 -32.99
N ALA B 216 10.04 9.75 -33.18
CA ALA B 216 10.36 8.34 -33.34
C ALA B 216 10.04 7.58 -32.06
N ILE B 217 9.42 6.41 -32.21
CA ILE B 217 8.97 5.63 -31.07
C ILE B 217 9.41 4.19 -31.27
N ILE B 218 9.90 3.56 -30.20
CA ILE B 218 10.14 2.13 -30.15
C ILE B 218 9.19 1.57 -29.10
N ARG B 219 8.23 0.75 -29.54
CA ARG B 219 7.22 0.25 -28.64
C ARG B 219 6.97 -1.24 -28.92
N PRO B 220 6.99 -2.09 -27.89
CA PRO B 220 6.71 -3.51 -28.12
C PRO B 220 5.30 -3.78 -28.64
N SER B 221 4.32 -2.97 -28.24
CA SER B 221 2.96 -3.16 -28.71
C SER B 221 2.86 -3.00 -30.22
N PHE B 222 3.72 -2.16 -30.81
CA PHE B 222 3.74 -2.02 -32.26
C PHE B 222 3.99 -3.35 -32.95
N ALA B 223 4.96 -4.12 -32.44
CA ALA B 223 5.21 -5.43 -33.01
C ALA B 223 4.12 -6.43 -32.62
N ASN B 224 3.60 -6.32 -31.40
CA ASN B 224 2.53 -7.20 -30.98
C ASN B 224 1.27 -7.03 -31.83
N ARG B 225 1.14 -5.90 -32.52
CA ARG B 225 -0.05 -5.65 -33.33
C ARG B 225 -0.28 -6.75 -34.38
N GLY B 226 0.77 -7.44 -34.80
CA GLY B 226 0.59 -8.54 -35.73
C GLY B 226 1.92 -9.02 -36.25
N ALA B 227 1.83 -10.01 -37.14
CA ALA B 227 3.02 -10.58 -37.75
C ALA B 227 3.72 -9.54 -38.63
N SER B 228 5.05 -9.62 -38.66
CA SER B 228 5.94 -8.76 -39.43
C SER B 228 5.97 -7.32 -38.91
N TYR B 229 5.13 -6.99 -37.93
CA TYR B 229 5.23 -5.69 -37.28
C TYR B 229 6.46 -5.66 -36.39
N SER B 230 7.14 -4.52 -36.35
CA SER B 230 8.31 -4.34 -35.51
C SER B 230 8.01 -3.33 -34.40
N HIS B 231 8.98 -3.19 -33.50
CA HIS B 231 8.86 -2.19 -32.44
C HIS B 231 8.84 -0.78 -33.01
N TYR B 232 9.64 -0.54 -34.05
CA TYR B 232 9.82 0.81 -34.56
C TYR B 232 8.52 1.37 -35.11
N GLY B 233 8.57 2.65 -35.43
CA GLY B 233 7.42 3.38 -35.92
C GLY B 233 7.57 4.85 -35.57
N ILE B 234 6.86 5.68 -36.31
CA ILE B 234 6.81 7.11 -36.06
C ILE B 234 5.38 7.50 -35.79
N GLN B 235 5.16 8.20 -34.69
CA GLN B 235 3.83 8.67 -34.31
C GLN B 235 3.85 10.18 -34.30
N ILE B 236 2.86 10.79 -34.92
CA ILE B 236 2.70 12.23 -34.93
C ILE B 236 1.28 12.54 -34.50
N ARG B 237 1.11 13.63 -33.77
CA ARG B 237 -0.20 14.14 -33.42
C ARG B 237 -0.37 15.47 -34.13
N SER B 238 -1.32 15.52 -35.05
CA SER B 238 -1.62 16.75 -35.77
C SER B 238 -2.93 17.33 -35.25
N VAL B 239 -2.99 18.65 -35.17
CA VAL B 239 -4.10 19.38 -34.57
C VAL B 239 -4.62 20.39 -35.58
N ARG B 240 -5.94 20.45 -35.71
CA ARG B 240 -6.61 21.42 -36.58
C ARG B 240 -6.72 22.77 -35.89
N PRO B 241 -6.99 23.83 -36.65
CA PRO B 241 -7.30 25.12 -36.00
C PRO B 241 -8.48 25.03 -35.06
N ASP B 242 -9.38 24.07 -35.29
CA ASP B 242 -10.45 23.78 -34.34
C ASP B 242 -9.91 23.26 -33.02
N GLN B 243 -8.64 22.87 -32.97
CA GLN B 243 -7.96 22.28 -31.82
C GLN B 243 -8.39 20.84 -31.58
N THR B 244 -8.87 20.15 -32.62
CA THR B 244 -9.11 18.73 -32.57
C THR B 244 -7.89 17.98 -33.10
N SER B 245 -7.75 16.74 -32.67
CA SER B 245 -6.51 15.99 -32.80
C SER B 245 -6.68 14.79 -33.72
N GLN B 246 -5.68 14.54 -34.57
CA GLN B 246 -5.65 13.38 -35.44
C GLN B 246 -4.27 12.73 -35.37
N THR B 247 -4.24 11.42 -35.17
CA THR B 247 -3.00 10.67 -35.01
C THR B 247 -2.66 9.95 -36.31
N ASN B 248 -1.39 10.05 -36.72
CA ASN B 248 -0.91 9.40 -37.94
C ASN B 248 0.36 8.61 -37.60
N VAL B 249 0.23 7.29 -37.52
CA VAL B 249 1.28 6.41 -37.03
C VAL B 249 1.89 5.70 -38.23
N LEU B 250 3.21 5.83 -38.40
CA LEU B 250 3.93 5.19 -39.50
C LEU B 250 4.65 3.96 -38.96
N HIS B 251 3.99 2.81 -39.03
CA HIS B 251 4.61 1.57 -38.60
C HIS B 251 5.71 1.14 -39.56
N TYR B 252 6.50 0.17 -39.13
CA TYR B 252 7.55 -0.40 -39.97
C TYR B 252 7.42 -1.91 -39.96
N LEU B 253 7.60 -2.52 -41.13
CA LEU B 253 7.47 -3.96 -41.29
C LEU B 253 8.78 -4.53 -41.79
N ASN B 254 9.20 -5.64 -41.17
CA ASN B 254 10.56 -6.15 -41.34
C ASN B 254 10.89 -6.55 -42.76
N ASP B 255 9.88 -6.83 -43.60
CA ASP B 255 10.16 -7.12 -44.99
C ASP B 255 10.63 -5.87 -45.74
N GLY B 256 10.10 -4.70 -45.40
CA GLY B 256 10.51 -3.48 -46.05
C GLY B 256 9.39 -2.46 -46.23
N GLN B 257 8.15 -2.89 -46.00
CA GLN B 257 7.00 -2.06 -46.26
C GLN B 257 6.61 -1.23 -45.05
N VAL B 258 6.15 0.00 -45.30
CA VAL B 258 5.73 0.95 -44.27
C VAL B 258 4.21 1.05 -44.31
N THR B 259 3.58 0.95 -43.14
CA THR B 259 2.12 0.90 -43.04
C THR B 259 1.61 2.12 -42.27
N PHE B 260 1.05 3.07 -43.00
CA PHE B 260 0.44 4.25 -42.41
C PHE B 260 -0.85 3.86 -41.70
N ARG B 261 -0.90 4.06 -40.39
CA ARG B 261 -2.08 3.76 -39.59
C ARG B 261 -2.76 5.05 -39.18
N PHE B 262 -4.09 5.05 -39.19
CA PHE B 262 -4.86 6.15 -38.65
C PHE B 262 -6.11 5.57 -37.98
N SER B 263 -7.00 6.45 -37.56
CA SER B 263 -8.21 5.99 -36.87
C SER B 263 -9.27 7.07 -37.04
N TRP B 264 -10.27 6.80 -37.89
CA TRP B 264 -11.32 7.79 -38.10
C TRP B 264 -12.46 7.64 -37.09
N ARG B 265 -13.11 6.49 -37.09
CA ARG B 265 -14.07 6.16 -36.04
C ARG B 265 -13.31 5.40 -34.95
N LYS B 266 -14.05 4.74 -34.06
CA LYS B 266 -13.40 3.98 -33.00
C LYS B 266 -12.53 2.85 -33.56
N ASN B 267 -12.72 2.47 -34.82
CA ASN B 267 -11.91 1.46 -35.46
C ASN B 267 -10.72 2.10 -36.17
N GLU B 268 -9.67 1.30 -36.37
CA GLU B 268 -8.44 1.75 -36.99
C GLU B 268 -8.31 1.23 -38.41
N TYR B 269 -7.43 1.87 -39.18
CA TYR B 269 -7.25 1.52 -40.59
C TYR B 269 -5.78 1.57 -40.95
N LEU B 270 -5.40 0.76 -41.94
CA LEU B 270 -4.01 0.64 -42.37
C LEU B 270 -3.90 0.89 -43.86
N VAL B 271 -2.96 1.73 -44.26
CA VAL B 271 -2.80 2.12 -45.66
C VAL B 271 -1.32 2.13 -46.03
N PRO B 272 -0.91 1.54 -47.15
CA PRO B 272 0.50 1.62 -47.54
C PRO B 272 0.90 3.08 -47.76
N VAL B 273 2.12 3.40 -47.32
CA VAL B 273 2.51 4.80 -47.23
C VAL B 273 2.69 5.41 -48.61
N VAL B 274 3.10 4.63 -49.60
CA VAL B 274 3.29 5.17 -50.94
C VAL B 274 1.94 5.49 -51.58
N MET B 275 0.90 4.70 -51.27
CA MET B 275 -0.42 5.01 -51.78
C MET B 275 -0.89 6.37 -51.31
N ILE B 276 -0.70 6.68 -50.02
CA ILE B 276 -1.09 7.98 -49.49
C ILE B 276 -0.18 9.07 -50.04
N LEU B 277 1.11 8.78 -50.18
CA LEU B 277 2.02 9.75 -50.78
C LEU B 277 1.55 10.17 -52.15
N LYS B 278 1.14 9.19 -52.98
CA LYS B 278 0.70 9.49 -54.33
C LYS B 278 -0.69 10.11 -54.36
N ALA B 279 -1.55 9.74 -53.41
CA ALA B 279 -2.84 10.41 -53.31
C ALA B 279 -2.69 11.88 -52.94
N LEU B 280 -1.64 12.21 -52.20
CA LEU B 280 -1.41 13.60 -51.81
C LEU B 280 -1.26 14.52 -53.02
N CYS B 281 -0.20 14.33 -53.80
CA CYS B 281 0.06 15.19 -54.93
C CYS B 281 0.61 14.36 -56.08
N HIS B 282 0.46 14.89 -57.29
CA HIS B 282 1.05 14.25 -58.46
C HIS B 282 2.56 14.22 -58.29
N THR B 283 3.11 13.02 -58.15
CA THR B 283 4.55 12.85 -57.99
C THR B 283 5.01 11.70 -58.88
N SER B 284 6.29 11.72 -59.20
CA SER B 284 6.92 10.57 -59.85
C SER B 284 7.35 9.59 -58.77
N ASP B 285 8.14 8.60 -59.14
CA ASP B 285 8.79 7.77 -58.14
C ASP B 285 10.21 8.23 -57.85
N ARG B 286 10.90 8.79 -58.85
CA ARG B 286 12.22 9.36 -58.61
C ARG B 286 12.15 10.52 -57.63
N GLU B 287 11.04 11.26 -57.64
CA GLU B 287 10.87 12.33 -56.66
C GLU B 287 10.69 11.78 -55.25
N ILE B 288 9.99 10.65 -55.10
CA ILE B 288 9.92 10.01 -53.79
C ILE B 288 11.30 9.54 -53.36
N PHE B 289 12.05 8.94 -54.27
CA PHE B 289 13.40 8.48 -53.97
C PHE B 289 14.27 9.64 -53.50
N ASP B 290 14.19 10.78 -54.18
CA ASP B 290 15.00 11.92 -53.80
C ASP B 290 14.52 12.58 -52.52
N GLY B 291 13.21 12.53 -52.25
CA GLY B 291 12.70 13.18 -51.05
C GLY B 291 12.92 12.38 -49.80
N ILE B 292 13.02 11.06 -49.93
CA ILE B 292 13.33 10.22 -48.77
C ILE B 292 14.83 10.04 -48.61
N ILE B 293 15.55 9.90 -49.72
CA ILE B 293 17.00 9.74 -49.73
C ILE B 293 17.60 11.02 -50.28
N GLY B 294 18.47 11.66 -49.52
CA GLY B 294 19.06 12.91 -49.99
C GLY B 294 20.21 12.67 -50.94
N ASN B 295 21.33 13.35 -50.71
CA ASN B 295 22.56 13.01 -51.40
C ASN B 295 23.18 11.73 -50.87
N ASP B 296 22.64 11.16 -49.80
CA ASP B 296 23.11 9.90 -49.22
C ASP B 296 22.64 8.75 -50.10
N VAL B 297 23.18 8.72 -51.32
CA VAL B 297 22.82 7.70 -52.30
C VAL B 297 23.76 6.50 -52.26
N LYS B 298 24.76 6.53 -51.38
CA LYS B 298 25.63 5.39 -51.15
C LYS B 298 25.22 4.57 -49.94
N ASP B 299 24.14 4.93 -49.26
CA ASP B 299 23.69 4.22 -48.06
C ASP B 299 22.84 3.03 -48.49
N SER B 300 23.45 1.85 -48.49
CA SER B 300 22.79 0.66 -49.00
C SER B 300 21.54 0.33 -48.19
N PHE B 301 21.58 0.57 -46.89
CA PHE B 301 20.41 0.36 -46.04
C PHE B 301 19.20 1.10 -46.59
N LEU B 302 19.38 2.40 -46.84
CA LEU B 302 18.28 3.22 -47.34
C LEU B 302 17.87 2.82 -48.74
N THR B 303 18.85 2.62 -49.63
CA THR B 303 18.48 2.28 -51.01
C THR B 303 17.66 1.00 -51.05
N ASP B 304 18.09 -0.03 -50.31
CA ASP B 304 17.36 -1.29 -50.33
C ASP B 304 15.98 -1.15 -49.69
N ARG B 305 15.88 -0.44 -48.56
CA ARG B 305 14.57 -0.29 -47.95
C ARG B 305 13.60 0.42 -48.89
N LEU B 306 14.05 1.49 -49.54
CA LEU B 306 13.16 2.26 -50.39
C LEU B 306 12.83 1.49 -51.66
N GLU B 307 13.80 0.74 -52.19
CA GLU B 307 13.52 -0.10 -53.35
C GLU B 307 12.48 -1.17 -53.02
N LEU B 308 12.59 -1.80 -51.86
CA LEU B 308 11.57 -2.74 -51.44
C LEU B 308 10.21 -2.08 -51.38
N LEU B 309 10.14 -0.88 -50.79
CA LEU B 309 8.87 -0.19 -50.66
C LEU B 309 8.27 0.15 -52.03
N LEU B 310 9.07 0.77 -52.90
CA LEU B 310 8.57 1.22 -54.19
C LEU B 310 8.14 0.05 -55.05
N ARG B 311 8.96 -1.00 -55.12
CA ARG B 311 8.60 -2.14 -55.94
C ARG B 311 7.43 -2.90 -55.37
N GLY B 312 7.30 -2.96 -54.04
CA GLY B 312 6.12 -3.60 -53.47
C GLY B 312 4.84 -2.88 -53.82
N PHE B 313 4.87 -1.54 -53.77
CA PHE B 313 3.68 -0.79 -54.16
C PHE B 313 3.40 -0.96 -55.65
N LYS B 314 4.43 -0.84 -56.49
CA LYS B 314 4.26 -0.98 -57.93
C LYS B 314 3.77 -2.38 -58.29
N LYS B 315 4.03 -3.37 -57.44
CA LYS B 315 3.49 -4.69 -57.64
C LYS B 315 2.03 -4.77 -57.21
N ARG B 316 1.75 -4.48 -55.94
CA ARG B 316 0.41 -4.72 -55.40
C ARG B 316 -0.63 -3.82 -56.05
N TYR B 317 -0.23 -2.66 -56.55
CA TYR B 317 -1.13 -1.74 -57.26
C TYR B 317 -0.44 -1.31 -58.55
N PRO B 318 -0.53 -2.13 -59.60
CA PRO B 318 0.11 -1.77 -60.86
C PRO B 318 -0.75 -0.87 -61.74
N HIS B 319 -2.07 -0.98 -61.58
CA HIS B 319 -2.97 -0.17 -62.40
C HIS B 319 -3.06 1.27 -61.93
N LEU B 320 -2.79 1.55 -60.65
CA LEU B 320 -2.86 2.90 -60.11
C LEU B 320 -1.66 3.68 -60.62
N GLN B 321 -1.76 4.12 -61.87
CA GLN B 321 -0.66 4.79 -62.54
C GLN B 321 -0.73 6.31 -62.45
N ASN B 322 -1.70 6.87 -61.72
CA ASN B 322 -1.72 8.32 -61.58
C ASN B 322 -2.49 8.69 -60.31
N ARG B 323 -2.38 9.97 -59.96
CA ARG B 323 -2.98 10.48 -58.73
C ARG B 323 -4.48 10.23 -58.70
N THR B 324 -5.16 10.40 -59.85
CA THR B 324 -6.60 10.21 -59.89
C THR B 324 -6.98 8.76 -59.61
N GLN B 325 -6.25 7.81 -60.20
CA GLN B 325 -6.53 6.41 -59.95
C GLN B 325 -6.30 6.05 -58.50
N VAL B 326 -5.22 6.57 -57.91
CA VAL B 326 -4.97 6.32 -56.49
C VAL B 326 -6.11 6.87 -55.64
N LEU B 327 -6.53 8.09 -55.93
CA LEU B 327 -7.60 8.73 -55.16
C LEU B 327 -8.91 7.97 -55.29
N GLN B 328 -9.23 7.51 -56.50
CA GLN B 328 -10.47 6.75 -56.68
C GLN B 328 -10.40 5.40 -55.99
N TYR B 329 -9.21 4.79 -55.95
CA TYR B 329 -9.07 3.56 -55.16
C TYR B 329 -9.37 3.83 -53.69
N LEU B 330 -8.81 4.91 -53.14
CA LEU B 330 -9.07 5.24 -51.75
C LEU B 330 -10.56 5.51 -51.52
N GLY B 331 -11.17 6.28 -52.42
CA GLY B 331 -12.59 6.59 -52.26
C GLY B 331 -13.47 5.36 -52.33
N ASP B 332 -13.10 4.42 -53.20
CA ASP B 332 -13.81 3.14 -53.24
C ASP B 332 -13.64 2.39 -51.93
N LYS B 333 -12.42 2.38 -51.39
CA LYS B 333 -12.16 1.63 -50.16
C LYS B 333 -12.91 2.20 -48.98
N PHE B 334 -13.02 3.52 -48.90
CA PHE B 334 -13.65 4.22 -47.77
C PHE B 334 -14.98 4.81 -48.22
N ARG B 335 -16.05 4.02 -48.10
CA ARG B 335 -17.39 4.50 -48.43
C ARG B 335 -18.36 4.49 -47.26
N VAL B 336 -18.52 3.37 -46.58
CA VAL B 336 -19.59 3.26 -45.60
C VAL B 336 -19.19 3.89 -44.26
N VAL B 337 -17.93 3.75 -43.87
CA VAL B 337 -17.48 4.29 -42.59
C VAL B 337 -17.46 5.82 -42.64
N PHE B 338 -17.06 6.39 -43.78
CA PHE B 338 -17.01 7.83 -43.94
C PHE B 338 -18.37 8.43 -44.27
N GLN B 339 -19.41 7.60 -44.36
CA GLN B 339 -20.78 8.06 -44.61
C GLN B 339 -20.83 8.94 -45.84
N ALA B 340 -20.10 8.53 -46.87
CA ALA B 340 -19.98 9.34 -48.08
C ALA B 340 -21.32 9.49 -48.76
N SER B 341 -21.52 10.65 -49.38
CA SER B 341 -22.79 10.93 -50.03
C SER B 341 -22.90 10.18 -51.35
N PRO B 342 -24.11 9.73 -51.71
CA PRO B 342 -24.29 9.12 -53.02
C PRO B 342 -24.01 10.07 -54.17
N ASP B 343 -24.03 11.38 -53.91
CA ASP B 343 -23.65 12.35 -54.93
C ASP B 343 -22.15 12.38 -55.17
N GLN B 344 -21.35 12.21 -54.11
CA GLN B 344 -19.93 12.48 -54.18
C GLN B 344 -19.21 11.46 -55.06
N SER B 345 -18.43 11.96 -56.01
CA SER B 345 -17.60 11.11 -56.84
C SER B 345 -16.54 10.42 -56.00
N ASP B 346 -16.05 9.29 -56.50
CA ASP B 346 -15.02 8.57 -55.78
C ASP B 346 -13.74 9.38 -55.66
N LEU B 347 -13.39 10.12 -56.72
CA LEU B 347 -12.21 10.98 -56.66
C LEU B 347 -12.33 12.00 -55.54
N GLU B 348 -13.48 12.70 -55.47
CA GLU B 348 -13.60 13.76 -54.49
C GLU B 348 -13.78 13.21 -53.08
N VAL B 349 -14.40 12.03 -52.92
CA VAL B 349 -14.46 11.45 -51.58
C VAL B 349 -13.08 10.93 -51.15
N GLY B 350 -12.25 10.48 -52.10
CA GLY B 350 -10.89 10.15 -51.76
C GLY B 350 -10.08 11.36 -51.34
N GLN B 351 -10.28 12.48 -52.03
CA GLN B 351 -9.66 13.72 -51.57
C GLN B 351 -10.21 14.13 -50.22
N GLU B 352 -11.48 13.82 -49.94
CA GLU B 352 -12.06 14.13 -48.65
C GLU B 352 -11.41 13.33 -47.53
N VAL B 353 -11.21 12.02 -47.73
CA VAL B 353 -10.53 11.24 -46.70
C VAL B 353 -9.09 11.70 -46.56
N LEU B 354 -8.42 12.00 -47.67
CA LEU B 354 -7.03 12.46 -47.60
C LEU B 354 -6.92 13.75 -46.79
N ASP B 355 -7.83 14.69 -47.00
CA ASP B 355 -7.77 15.95 -46.27
C ASP B 355 -8.45 15.90 -44.91
N ARG B 356 -9.18 14.84 -44.59
CA ARG B 356 -9.78 14.70 -43.28
C ARG B 356 -9.02 13.74 -42.37
N ILE B 357 -7.94 13.14 -42.87
CA ILE B 357 -7.15 12.23 -42.04
C ILE B 357 -5.68 12.63 -42.03
N VAL B 358 -5.07 12.73 -43.20
CA VAL B 358 -3.61 12.75 -43.31
C VAL B 358 -3.09 14.13 -42.93
N LEU B 359 -2.34 14.20 -41.83
CA LEU B 359 -1.62 15.40 -41.39
C LEU B 359 -2.52 16.63 -41.39
N VAL B 360 -3.58 16.55 -40.58
CA VAL B 360 -4.62 17.56 -40.62
C VAL B 360 -4.10 18.93 -40.24
N HIS B 361 -2.92 19.01 -39.64
CA HIS B 361 -2.42 20.30 -39.18
C HIS B 361 -1.94 21.18 -40.32
N LEU B 362 -1.67 20.62 -41.49
CA LEU B 362 -1.40 21.44 -42.66
C LEU B 362 -2.67 21.93 -43.34
N GLY B 363 -3.82 21.37 -42.99
CA GLY B 363 -5.07 21.79 -43.57
C GLY B 363 -5.19 21.40 -45.03
N LYS B 364 -6.32 21.79 -45.62
CA LYS B 364 -6.52 21.58 -47.04
C LYS B 364 -5.66 22.56 -47.84
N ASP B 365 -5.54 22.28 -49.13
CA ASP B 365 -4.73 23.10 -50.04
C ASP B 365 -3.27 23.17 -49.60
N GLY B 366 -2.80 22.13 -48.92
CA GLY B 366 -1.42 22.05 -48.48
C GLY B 366 -0.80 20.72 -48.83
N SER B 367 -1.15 20.20 -50.01
CA SER B 367 -0.72 18.85 -50.39
C SER B 367 0.79 18.76 -50.55
N GLN B 368 1.41 19.79 -51.13
CA GLN B 368 2.87 19.76 -51.29
C GLN B 368 3.56 19.73 -49.93
N ASP B 369 3.06 20.51 -48.98
CA ASP B 369 3.61 20.49 -47.63
C ASP B 369 3.40 19.15 -46.96
N LYS B 370 2.22 18.54 -47.12
CA LYS B 370 1.99 17.22 -46.57
C LYS B 370 2.93 16.19 -47.18
N PHE B 371 3.19 16.31 -48.48
CA PHE B 371 4.10 15.39 -49.15
C PHE B 371 5.51 15.50 -48.59
N ARG B 372 6.00 16.73 -48.42
CA ARG B 372 7.32 16.92 -47.82
C ARG B 372 7.36 16.38 -46.39
N MET B 373 6.29 16.61 -45.62
CA MET B 373 6.26 16.13 -44.24
C MET B 373 6.29 14.61 -44.18
N LEU B 374 5.56 13.94 -45.08
CA LEU B 374 5.55 12.49 -45.06
C LEU B 374 6.90 11.92 -45.49
N LEU B 375 7.55 12.57 -46.45
CA LEU B 375 8.90 12.13 -46.78
C LEU B 375 9.85 12.30 -45.60
N PHE B 376 9.71 13.41 -44.86
CA PHE B 376 10.52 13.60 -43.67
C PHE B 376 10.28 12.50 -42.66
N MET B 377 9.01 12.17 -42.41
CA MET B 377 8.69 11.14 -41.44
C MET B 377 9.24 9.78 -41.87
N ILE B 378 9.18 9.46 -43.16
CA ILE B 378 9.68 8.17 -43.62
C ILE B 378 11.20 8.09 -43.44
N ARG B 379 11.92 9.13 -43.85
CA ARG B 379 13.37 9.10 -43.68
C ARG B 379 13.74 9.06 -42.21
N LYS B 380 12.95 9.72 -41.36
CA LYS B 380 13.21 9.64 -39.92
C LYS B 380 13.00 8.23 -39.39
N LEU B 381 11.98 7.54 -39.90
CA LEU B 381 11.75 6.15 -39.48
C LEU B 381 12.90 5.25 -39.91
N TYR B 382 13.41 5.44 -41.11
CA TYR B 382 14.55 4.63 -41.53
C TYR B 382 15.79 4.96 -40.71
N SER B 383 15.95 6.23 -40.32
CA SER B 383 17.04 6.60 -39.43
C SER B 383 16.89 5.91 -38.08
N LEU B 384 15.67 5.83 -37.56
CA LEU B 384 15.44 5.14 -36.30
C LEU B 384 15.76 3.66 -36.40
N VAL B 385 15.32 3.00 -37.47
CA VAL B 385 15.52 1.56 -37.57
C VAL B 385 16.94 1.21 -37.94
N ALA B 386 17.71 2.15 -38.48
CA ALA B 386 19.13 1.90 -38.69
C ALA B 386 19.95 2.20 -37.46
N GLY B 387 19.32 2.65 -36.37
CA GLY B 387 20.05 3.00 -35.18
C GLY B 387 20.89 4.25 -35.31
N GLU B 388 20.55 5.13 -36.25
CA GLU B 388 21.23 6.40 -36.40
C GLU B 388 20.58 7.52 -35.61
N CYS B 389 19.48 7.24 -34.93
CA CYS B 389 18.84 8.23 -34.07
C CYS B 389 18.20 7.50 -32.91
N SER B 390 18.23 8.12 -31.75
CA SER B 390 17.66 7.53 -30.56
C SER B 390 16.14 7.67 -30.56
N PRO B 391 15.43 6.76 -29.90
CA PRO B 391 13.98 6.93 -29.75
C PRO B 391 13.65 8.18 -28.95
N ASP B 392 12.44 8.67 -29.15
CA ASP B 392 11.94 9.83 -28.43
C ASP B 392 11.05 9.35 -27.30
N ASN B 393 11.39 9.74 -26.08
CA ASN B 393 10.66 9.25 -24.92
C ASN B 393 9.27 9.87 -24.89
N PRO B 394 8.20 9.08 -24.97
CA PRO B 394 6.86 9.68 -25.03
C PRO B 394 6.38 10.24 -23.71
N ASP B 395 6.96 9.85 -22.57
CA ASP B 395 6.50 10.34 -21.29
C ASP B 395 7.50 11.29 -20.63
N ALA B 396 8.33 11.95 -21.43
CA ALA B 396 9.19 13.02 -20.97
C ALA B 396 8.58 14.36 -21.36
N THR B 397 8.70 15.35 -20.49
CA THR B 397 8.09 16.64 -20.76
C THR B 397 8.71 17.33 -21.98
N GLN B 398 9.86 16.85 -22.45
CA GLN B 398 10.47 17.42 -23.65
C GLN B 398 9.58 17.25 -24.87
N HIS B 399 8.67 16.28 -24.83
CA HIS B 399 7.79 15.95 -25.94
C HIS B 399 6.34 15.92 -25.49
N GLN B 400 5.90 16.96 -24.78
CA GLN B 400 4.55 16.96 -24.23
C GLN B 400 3.94 18.37 -24.28
N GLU B 401 2.64 18.40 -24.07
CA GLU B 401 1.86 19.62 -23.96
C GLU B 401 0.56 19.27 -23.26
N VAL B 402 -0.16 20.28 -22.80
CA VAL B 402 -1.25 20.11 -21.86
C VAL B 402 -2.57 20.52 -22.50
N LEU B 403 -3.60 19.68 -22.35
CA LEU B 403 -4.95 20.04 -22.78
C LEU B 403 -5.55 21.03 -21.80
N LEU B 404 -5.91 22.21 -22.29
CA LEU B 404 -6.22 23.32 -21.40
C LEU B 404 -7.47 23.08 -20.57
N GLY B 405 -8.51 22.51 -21.17
CA GLY B 405 -9.74 22.35 -20.43
C GLY B 405 -10.89 23.11 -21.04
N GLY B 406 -10.60 24.30 -21.58
CA GLY B 406 -11.56 24.96 -22.45
C GLY B 406 -11.53 24.39 -23.84
N PHE B 407 -10.39 23.88 -24.29
CA PHE B 407 -10.32 23.25 -25.60
C PHE B 407 -11.02 21.90 -25.60
N LEU B 408 -10.97 21.18 -24.47
CA LEU B 408 -11.80 20.00 -24.33
C LEU B 408 -13.28 20.36 -24.43
N TYR B 409 -13.65 21.50 -23.86
CA TYR B 409 -15.03 21.98 -23.98
C TYR B 409 -15.38 22.25 -25.43
N GLY B 410 -14.50 22.92 -26.17
CA GLY B 410 -14.78 23.20 -27.56
C GLY B 410 -14.92 21.95 -28.40
N MET B 411 -14.01 20.99 -28.20
CA MET B 411 -14.07 19.74 -28.95
C MET B 411 -15.34 18.96 -28.64
N ILE B 412 -15.73 18.88 -27.35
CA ILE B 412 -16.94 18.15 -27.02
C ILE B 412 -18.18 18.87 -27.56
N LEU B 413 -18.15 20.21 -27.60
CA LEU B 413 -19.27 20.92 -28.20
C LEU B 413 -19.36 20.64 -29.70
N LYS B 414 -18.22 20.62 -30.39
CA LYS B 414 -18.22 20.30 -31.80
C LYS B 414 -18.80 18.90 -32.02
N GLU B 415 -18.38 17.94 -31.20
CA GLU B 415 -18.92 16.59 -31.29
C GLU B 415 -20.43 16.57 -31.09
N LYS B 416 -20.93 17.31 -30.08
CA LYS B 416 -22.35 17.29 -29.80
C LYS B 416 -23.16 17.87 -30.95
N ILE B 417 -22.68 18.97 -31.54
CA ILE B 417 -23.44 19.54 -32.65
C ILE B 417 -23.35 18.66 -33.89
N ASP B 418 -22.24 17.94 -34.08
CA ASP B 418 -22.18 16.98 -35.18
C ASP B 418 -23.23 15.89 -35.00
N GLU B 419 -23.34 15.36 -33.78
CA GLU B 419 -24.40 14.39 -33.50
C GLU B 419 -25.78 15.02 -33.68
N TYR B 420 -25.91 16.32 -33.41
CA TYR B 420 -27.20 16.99 -33.59
C TYR B 420 -27.60 17.04 -35.06
N LEU B 421 -26.66 17.39 -35.94
CA LEU B 421 -26.92 17.36 -37.38
C LEU B 421 -27.27 15.95 -37.81
N GLN B 422 -26.52 14.95 -37.33
CA GLN B 422 -26.84 13.57 -37.68
C GLN B 422 -28.23 13.17 -37.19
N ASN B 423 -28.66 13.70 -36.03
CA ASN B 423 -29.98 13.36 -35.52
C ASN B 423 -31.09 13.95 -36.37
N ILE B 424 -30.93 15.21 -36.81
CA ILE B 424 -31.98 15.77 -37.66
C ILE B 424 -32.02 15.06 -39.01
N ILE B 425 -30.86 14.65 -39.54
CA ILE B 425 -30.86 13.88 -40.78
C ILE B 425 -31.51 12.52 -40.56
N ALA B 426 -31.28 11.91 -39.41
CA ALA B 426 -31.94 10.64 -39.12
C ALA B 426 -33.45 10.80 -39.05
N GLN B 427 -33.91 11.93 -38.51
CA GLN B 427 -35.35 12.16 -38.47
C GLN B 427 -35.93 12.35 -39.87
N VAL B 428 -35.24 13.12 -40.72
CA VAL B 428 -35.78 13.29 -42.08
C VAL B 428 -35.73 11.98 -42.85
N ARG B 429 -34.72 11.14 -42.60
CA ARG B 429 -34.67 9.84 -43.25
C ARG B 429 -35.77 8.92 -42.74
N MET B 430 -36.12 9.03 -41.46
CA MET B 430 -37.26 8.27 -40.95
C MET B 430 -38.55 8.74 -41.60
N ASP B 431 -38.67 10.04 -41.85
CA ASP B 431 -39.82 10.54 -42.60
C ASP B 431 -39.84 9.99 -44.01
N ILE B 432 -38.67 9.84 -44.63
CA ILE B 432 -38.58 9.21 -45.94
C ILE B 432 -39.08 7.77 -45.87
N ASN B 433 -38.61 7.02 -44.88
CA ASN B 433 -38.87 5.58 -44.84
C ASN B 433 -40.22 5.20 -44.24
N ARG B 434 -40.95 6.13 -43.62
CA ARG B 434 -42.28 5.80 -43.14
C ARG B 434 -43.38 6.36 -44.03
N GLY B 435 -43.27 7.62 -44.44
CA GLY B 435 -44.24 8.22 -45.33
C GLY B 435 -43.60 8.89 -46.53
N MET B 436 -44.32 9.82 -47.14
CA MET B 436 -43.76 10.57 -48.26
C MET B 436 -44.15 12.05 -48.25
N ALA B 437 -44.83 12.54 -47.21
CA ALA B 437 -45.25 13.94 -47.16
C ALA B 437 -44.05 14.79 -46.73
N ILE B 438 -43.06 14.84 -47.61
CA ILE B 438 -41.78 15.47 -47.31
C ILE B 438 -41.47 16.48 -48.40
N ASN B 439 -40.87 17.60 -48.00
CA ASN B 439 -40.44 18.63 -48.95
C ASN B 439 -39.39 19.49 -48.27
N PHE B 440 -38.24 19.64 -48.93
CA PHE B 440 -37.14 20.40 -48.34
C PHE B 440 -37.53 21.86 -48.15
N LYS B 441 -38.30 22.43 -49.08
CA LYS B 441 -38.74 23.81 -48.93
C LYS B 441 -39.89 23.97 -47.96
N ASP B 442 -40.58 22.89 -47.61
CA ASP B 442 -41.75 22.97 -46.73
C ASP B 442 -41.29 23.39 -45.35
N LYS B 443 -41.53 24.65 -44.99
CA LYS B 443 -41.12 25.13 -43.69
C LYS B 443 -41.93 24.50 -42.57
N ARG B 444 -43.18 24.15 -42.84
CA ARG B 444 -43.92 23.33 -41.89
C ARG B 444 -43.20 22.01 -41.65
N TYR B 445 -42.71 21.38 -42.72
CA TYR B 445 -41.97 20.13 -42.57
C TYR B 445 -40.69 20.34 -41.78
N MET B 446 -39.95 21.42 -42.07
CA MET B 446 -38.71 21.69 -41.35
C MET B 446 -38.98 21.90 -39.86
N SER B 447 -40.01 22.67 -39.53
CA SER B 447 -40.36 22.87 -38.13
C SER B 447 -40.81 21.56 -37.48
N ARG B 448 -41.59 20.76 -38.20
CA ARG B 448 -42.09 19.51 -37.62
C ARG B 448 -40.97 18.50 -37.41
N VAL B 449 -39.95 18.52 -38.26
CA VAL B 449 -38.88 17.55 -38.11
C VAL B 449 -37.84 18.02 -37.10
N LEU B 450 -37.55 19.32 -37.04
CA LEU B 450 -36.61 19.83 -36.05
C LEU B 450 -37.15 19.62 -34.65
N MET B 451 -38.44 19.87 -34.45
CA MET B 451 -39.07 19.75 -33.14
C MET B 451 -39.41 18.31 -32.79
N ARG B 452 -38.87 17.33 -33.51
CA ARG B 452 -39.01 15.94 -33.13
C ARG B 452 -37.66 15.25 -32.91
N VAL B 453 -36.58 16.02 -32.81
CA VAL B 453 -35.29 15.51 -32.37
C VAL B 453 -34.97 16.14 -31.02
N ASN B 454 -33.92 15.65 -30.37
CA ASN B 454 -33.52 16.11 -29.06
C ASN B 454 -32.41 17.15 -29.20
N GLU B 455 -32.76 18.42 -29.00
CA GLU B 455 -31.83 19.53 -29.15
C GLU B 455 -31.26 19.97 -27.80
N ASN B 456 -31.03 19.04 -26.89
CA ASN B 456 -30.48 19.36 -25.57
C ASN B 456 -28.96 19.19 -25.56
N ILE B 457 -28.31 19.95 -26.44
CA ILE B 457 -26.85 19.99 -26.46
C ILE B 457 -26.33 20.50 -25.12
N GLY B 458 -26.93 21.58 -24.61
CA GLY B 458 -26.51 22.11 -23.34
C GLY B 458 -26.70 21.13 -22.19
N SER B 459 -27.79 20.38 -22.21
CA SER B 459 -28.00 19.39 -21.16
C SER B 459 -26.99 18.26 -21.27
N LYS B 460 -26.59 17.91 -22.49
CA LYS B 460 -25.50 16.95 -22.64
C LYS B 460 -24.20 17.49 -22.04
N MET B 461 -23.93 18.78 -22.26
CA MET B 461 -22.72 19.39 -21.68
C MET B 461 -22.78 19.41 -20.17
N GLN B 462 -23.95 19.70 -19.61
CA GLN B 462 -24.11 19.64 -18.16
C GLN B 462 -23.90 18.23 -17.63
N TYR B 463 -24.37 17.23 -18.38
CA TYR B 463 -24.07 15.84 -18.00
C TYR B 463 -22.56 15.58 -18.04
N PHE B 464 -21.88 16.09 -19.06
CA PHE B 464 -20.44 15.89 -19.15
C PHE B 464 -19.72 16.50 -17.96
N LEU B 465 -20.12 17.71 -17.57
CA LEU B 465 -19.51 18.33 -16.39
C LEU B 465 -19.81 17.54 -15.13
N SER B 466 -21.07 17.15 -14.92
CA SER B 466 -21.44 16.57 -13.66
C SER B 466 -21.08 15.10 -13.53
N THR B 467 -20.64 14.44 -14.61
CA THR B 467 -20.23 13.05 -14.53
C THR B 467 -18.77 12.81 -14.87
N GLY B 468 -18.17 13.62 -15.74
CA GLY B 468 -16.82 13.37 -16.17
C GLY B 468 -16.68 12.29 -17.22
N ASN B 469 -17.80 11.77 -17.73
CA ASN B 469 -17.78 10.72 -18.74
C ASN B 469 -17.85 11.36 -20.13
N LEU B 470 -16.93 10.98 -21.00
CA LEU B 470 -16.87 11.51 -22.36
C LEU B 470 -17.71 10.60 -23.27
N VAL B 471 -19.01 10.87 -23.32
CA VAL B 471 -19.91 10.15 -24.20
C VAL B 471 -19.64 10.65 -25.62
N SER B 472 -18.90 9.88 -26.39
CA SER B 472 -18.49 10.27 -27.73
C SER B 472 -18.85 9.16 -28.71
N GLN B 473 -19.31 9.56 -29.90
CA GLN B 473 -19.56 8.58 -30.95
C GLN B 473 -18.24 8.09 -31.54
N SER B 474 -17.25 8.96 -31.63
CA SER B 474 -15.94 8.62 -32.18
C SER B 474 -14.84 8.58 -31.13
N GLY B 475 -14.84 9.52 -30.19
CA GLY B 475 -13.76 9.62 -29.24
C GLY B 475 -12.59 10.34 -29.86
N LEU B 476 -12.04 11.33 -29.16
CA LEU B 476 -10.90 12.07 -29.67
C LEU B 476 -9.66 11.21 -29.47
N ASP B 477 -8.48 11.78 -29.68
CA ASP B 477 -7.27 11.00 -29.44
C ASP B 477 -7.06 10.70 -27.97
N LEU B 478 -7.99 11.07 -27.11
CA LEU B 478 -7.88 10.76 -25.70
C LEU B 478 -7.94 9.26 -25.49
N GLN B 479 -7.04 8.75 -24.64
CA GLN B 479 -6.96 7.33 -24.37
C GLN B 479 -7.88 6.88 -23.24
N GLN B 480 -8.68 7.77 -22.69
CA GLN B 480 -9.56 7.44 -21.59
C GLN B 480 -10.95 7.99 -21.84
N VAL B 481 -11.93 7.39 -21.19
CA VAL B 481 -13.33 7.76 -21.34
C VAL B 481 -13.79 8.62 -20.17
N SER B 482 -13.54 8.18 -18.95
CA SER B 482 -14.02 8.84 -17.76
C SER B 482 -12.90 9.68 -17.14
N GLY B 483 -13.17 10.25 -15.96
CA GLY B 483 -12.18 11.03 -15.25
C GLY B 483 -11.73 12.29 -15.96
N TYR B 484 -12.63 13.24 -16.12
CA TYR B 484 -12.27 14.49 -16.78
C TYR B 484 -12.62 15.72 -15.97
N THR B 485 -13.73 15.69 -15.24
CA THR B 485 -14.13 16.77 -14.36
C THR B 485 -14.20 16.25 -12.93
N VAL B 486 -13.61 17.00 -12.01
CA VAL B 486 -13.65 16.68 -10.59
C VAL B 486 -14.23 17.87 -9.85
N VAL B 487 -14.84 17.60 -8.70
CA VAL B 487 -15.38 18.66 -7.87
C VAL B 487 -14.24 19.57 -7.42
N ALA B 488 -14.54 20.86 -7.28
CA ALA B 488 -13.59 21.84 -6.75
C ALA B 488 -13.97 22.09 -5.30
N GLU B 489 -13.40 21.29 -4.40
CA GLU B 489 -13.76 21.35 -2.99
C GLU B 489 -13.24 22.64 -2.36
N LYS B 490 -14.02 23.16 -1.41
CA LYS B 490 -13.70 24.41 -0.74
C LYS B 490 -13.42 24.18 0.74
N ILE B 491 -12.65 23.15 1.05
CA ILE B 491 -12.18 22.97 2.41
C ILE B 491 -11.27 24.12 2.81
N ASN B 492 -10.48 24.61 1.87
CA ASN B 492 -9.32 25.43 2.19
C ASN B 492 -8.80 26.05 0.90
N PHE B 493 -8.31 27.28 0.99
CA PHE B 493 -7.91 27.97 -0.23
C PHE B 493 -6.67 27.36 -0.86
N TYR B 494 -5.82 26.72 -0.07
CA TYR B 494 -4.71 25.97 -0.64
C TYR B 494 -5.23 24.89 -1.59
N ARG B 495 -6.22 24.13 -1.13
CA ARG B 495 -6.87 23.12 -1.97
C ARG B 495 -7.48 23.76 -3.20
N PHE B 496 -8.23 24.85 -3.01
CA PHE B 496 -8.93 25.46 -4.12
C PHE B 496 -7.95 25.93 -5.20
N ILE B 497 -6.91 26.67 -4.81
CA ILE B 497 -5.95 27.12 -5.81
C ILE B 497 -5.17 25.94 -6.38
N SER B 498 -5.06 24.84 -5.64
CA SER B 498 -4.31 23.70 -6.16
C SER B 498 -5.06 22.97 -7.25
N HIS B 499 -6.39 23.01 -7.23
CA HIS B 499 -7.15 22.38 -8.31
C HIS B 499 -6.77 22.95 -9.67
N PHE B 500 -6.43 24.23 -9.75
CA PHE B 500 -6.24 24.91 -11.02
C PHE B 500 -4.82 24.78 -11.57
N ARG B 501 -3.95 24.02 -10.91
CA ARG B 501 -2.58 23.91 -11.36
C ARG B 501 -2.13 22.46 -11.50
N MET B 502 -3.03 21.49 -11.36
CA MET B 502 -2.66 20.09 -11.38
C MET B 502 -2.79 19.51 -12.78
N VAL B 503 -1.81 18.69 -13.15
CA VAL B 503 -1.77 18.00 -14.44
C VAL B 503 -1.86 16.52 -14.18
N HIS B 504 -2.75 15.84 -14.89
CA HIS B 504 -2.83 14.39 -14.82
C HIS B 504 -2.39 13.80 -16.15
N ARG B 505 -1.59 12.74 -16.07
CA ARG B 505 -1.20 12.02 -17.27
C ARG B 505 -2.40 11.32 -17.91
N GLY B 506 -3.24 10.73 -17.09
CA GLY B 506 -4.44 10.04 -17.56
C GLY B 506 -4.74 8.82 -16.71
N SER B 507 -6.01 8.43 -16.71
CA SER B 507 -6.40 7.21 -15.98
C SER B 507 -5.75 5.97 -16.58
N PHE B 508 -5.46 5.99 -17.88
CA PHE B 508 -4.73 4.89 -18.50
C PHE B 508 -3.44 4.63 -17.74
N PHE B 509 -2.67 5.68 -17.46
CA PHE B 509 -1.45 5.53 -16.70
C PHE B 509 -1.71 5.36 -15.21
N ALA B 510 -2.88 5.80 -14.74
CA ALA B 510 -3.24 5.52 -13.36
C ALA B 510 -3.32 4.02 -13.12
N GLN B 511 -3.90 3.27 -14.05
CA GLN B 511 -3.92 1.81 -13.98
C GLN B 511 -2.85 1.28 -14.92
N LEU B 512 -1.63 1.19 -14.41
CA LEU B 512 -0.48 0.67 -15.13
C LEU B 512 0.54 0.24 -14.10
N LYS B 513 1.58 -0.46 -14.54
CA LYS B 513 2.61 -0.97 -13.63
C LYS B 513 4.02 -0.52 -13.99
N THR B 514 4.19 0.39 -14.94
CA THR B 514 5.51 0.85 -15.34
C THR B 514 5.89 2.03 -14.45
N THR B 515 6.89 1.82 -13.59
CA THR B 515 7.29 2.87 -12.67
C THR B 515 7.92 4.05 -13.41
N THR B 516 8.68 3.77 -14.46
CA THR B 516 9.48 4.81 -15.11
C THR B 516 8.63 5.99 -15.58
N VAL B 517 7.34 5.77 -15.85
CA VAL B 517 6.48 6.88 -16.19
C VAL B 517 6.25 7.80 -15.00
N ARG B 518 6.45 7.29 -13.78
CA ARG B 518 6.23 8.05 -12.56
C ARG B 518 7.48 8.78 -12.08
N LYS B 519 8.58 8.72 -12.82
CA LYS B 519 9.83 9.29 -12.35
C LYS B 519 9.73 10.81 -12.30
N LEU B 520 10.83 11.42 -11.88
CA LEU B 520 11.05 12.86 -11.96
C LEU B 520 12.24 13.09 -12.88
N LEU B 521 12.04 13.85 -13.94
CA LEU B 521 13.12 13.93 -14.91
C LEU B 521 13.72 15.32 -14.94
N PRO B 522 14.96 15.45 -15.39
CA PRO B 522 15.56 16.77 -15.55
C PRO B 522 15.02 17.55 -16.74
N GLU B 523 13.94 17.07 -17.35
CA GLU B 523 13.25 17.81 -18.39
C GLU B 523 12.09 18.64 -17.87
N SER B 524 11.74 18.51 -16.59
CA SER B 524 10.65 19.29 -16.00
C SER B 524 11.16 20.41 -15.11
N TRP B 525 12.40 20.83 -15.29
CA TRP B 525 12.97 21.90 -14.47
C TRP B 525 12.26 23.20 -14.77
N GLY B 526 11.41 23.64 -13.85
CA GLY B 526 10.70 24.88 -13.99
C GLY B 526 9.30 24.77 -14.55
N PHE B 527 8.90 23.60 -15.05
CA PHE B 527 7.58 23.40 -15.61
C PHE B 527 6.67 22.63 -14.66
N LEU B 528 7.11 21.46 -14.22
CA LEU B 528 6.41 20.71 -13.19
C LEU B 528 7.14 20.90 -11.86
N CYS B 529 6.38 21.10 -10.80
CA CYS B 529 6.98 21.27 -9.48
C CYS B 529 7.59 19.94 -9.05
N PRO B 530 8.87 19.89 -8.68
CA PRO B 530 9.45 18.62 -8.24
C PRO B 530 8.85 18.11 -6.95
N VAL B 531 8.23 18.96 -6.15
CA VAL B 531 7.84 18.63 -4.80
C VAL B 531 6.37 18.29 -4.71
N HIS B 532 5.51 19.10 -5.32
CA HIS B 532 4.08 18.95 -5.14
C HIS B 532 3.60 17.72 -5.89
N THR B 533 3.37 16.65 -5.16
CA THR B 533 2.81 15.40 -5.68
C THR B 533 2.26 14.58 -4.52
N PRO B 534 1.01 14.14 -4.58
CA PRO B 534 0.51 13.25 -3.52
C PRO B 534 1.26 11.94 -3.52
N ASP B 535 1.36 11.34 -2.35
CA ASP B 535 1.89 9.98 -2.24
C ASP B 535 0.73 9.02 -2.45
N GLY B 536 0.92 7.74 -2.12
CA GLY B 536 -0.17 6.82 -2.36
C GLY B 536 -0.29 6.52 -3.85
N SER B 537 -1.51 6.17 -4.26
CA SER B 537 -1.73 5.77 -5.65
C SER B 537 -1.30 6.83 -6.66
N PRO B 538 -1.69 8.11 -6.53
CA PRO B 538 -1.41 9.06 -7.62
C PRO B 538 -0.01 9.64 -7.61
N CYS B 539 0.92 9.05 -6.87
CA CYS B 539 2.28 9.57 -6.83
C CYS B 539 2.91 9.55 -8.21
N GLY B 540 3.56 10.65 -8.58
CA GLY B 540 4.22 10.76 -9.86
C GLY B 540 3.30 11.00 -11.04
N LEU B 541 2.01 10.73 -10.90
CA LEU B 541 1.05 10.93 -11.98
C LEU B 541 0.43 12.32 -11.91
N LEU B 542 -0.24 12.62 -10.80
CA LEU B 542 -0.88 13.90 -10.56
C LEU B 542 0.19 14.85 -10.04
N ASN B 543 0.86 15.56 -10.94
CA ASN B 543 1.94 16.46 -10.55
C ASN B 543 1.63 17.87 -11.04
N HIS B 544 1.83 18.85 -10.17
CA HIS B 544 1.33 20.21 -10.35
C HIS B 544 2.31 21.05 -11.18
N PHE B 545 1.90 22.29 -11.42
CA PHE B 545 2.62 23.22 -12.27
C PHE B 545 3.50 24.14 -11.43
N ALA B 546 4.68 24.46 -11.96
CA ALA B 546 5.50 25.49 -11.33
C ALA B 546 4.83 26.84 -11.51
N HIS B 547 4.85 27.65 -10.44
CA HIS B 547 3.97 28.81 -10.38
C HIS B 547 4.30 29.85 -11.44
N LYS B 548 5.48 29.80 -12.04
CA LYS B 548 5.82 30.70 -13.14
C LYS B 548 5.75 30.02 -14.49
N CYS B 549 5.14 28.84 -14.57
CA CYS B 549 4.98 28.12 -15.83
C CYS B 549 3.65 28.51 -16.45
N ARG B 550 3.70 29.17 -17.59
CA ARG B 550 2.52 29.63 -18.31
C ARG B 550 2.23 28.71 -19.48
N ILE B 551 0.94 28.57 -19.77
CA ILE B 551 0.45 27.76 -20.89
C ILE B 551 -0.11 28.70 -21.94
N SER B 552 0.44 28.66 -23.14
CA SER B 552 -0.02 29.56 -24.20
C SER B 552 -1.40 29.16 -24.67
N THR B 553 -2.29 30.14 -24.79
CA THR B 553 -3.66 29.90 -25.23
C THR B 553 -3.97 30.58 -26.55
N GLN B 554 -2.98 31.21 -27.18
CA GLN B 554 -3.17 31.87 -28.46
C GLN B 554 -2.07 31.42 -29.40
N GLN B 555 -2.40 31.35 -30.69
CA GLN B 555 -1.43 31.01 -31.70
C GLN B 555 -0.57 32.22 -32.01
N SER B 556 0.75 32.03 -31.98
CA SER B 556 1.66 33.10 -32.34
C SER B 556 1.57 33.38 -33.84
N ASP B 557 1.76 34.64 -34.20
CA ASP B 557 1.64 35.06 -35.60
C ASP B 557 2.94 34.76 -36.32
N VAL B 558 2.99 33.61 -36.98
CA VAL B 558 4.19 33.13 -37.64
C VAL B 558 4.20 33.48 -39.13
N SER B 559 3.34 34.42 -39.55
CA SER B 559 3.19 34.69 -40.97
C SER B 559 4.48 35.17 -41.62
N ARG B 560 5.37 35.78 -40.83
CA ARG B 560 6.58 36.38 -41.39
C ARG B 560 7.84 35.60 -41.13
N ILE B 561 7.83 34.65 -40.19
CA ILE B 561 9.06 33.90 -39.88
C ILE B 561 9.60 33.18 -41.09
N PRO B 562 8.81 32.52 -41.94
CA PRO B 562 9.38 31.95 -43.17
C PRO B 562 10.13 32.96 -44.01
N SER B 563 9.65 34.21 -44.04
CA SER B 563 10.35 35.24 -44.79
C SER B 563 11.69 35.59 -44.14
N ILE B 564 11.75 35.61 -42.81
CA ILE B 564 13.00 35.91 -42.12
C ILE B 564 14.00 34.77 -42.31
N LEU B 565 13.52 33.53 -42.22
CA LEU B 565 14.40 32.37 -42.29
C LEU B 565 15.09 32.28 -43.64
N TYR B 566 14.36 32.58 -44.72
CA TYR B 566 14.98 32.55 -46.05
C TYR B 566 16.09 33.57 -46.16
N SER B 567 15.90 34.76 -45.60
CA SER B 567 16.97 35.75 -45.58
C SER B 567 18.16 35.25 -44.79
N LEU B 568 17.90 34.53 -43.69
CA LEU B 568 18.96 34.03 -42.84
C LEU B 568 19.82 32.98 -43.54
N GLY B 569 19.22 32.16 -44.39
CA GLY B 569 19.99 31.14 -45.09
C GLY B 569 19.28 29.80 -45.20
N VAL B 570 18.04 29.74 -44.73
CA VAL B 570 17.26 28.51 -44.81
C VAL B 570 16.83 28.30 -46.25
N ALA B 571 17.57 27.47 -46.96
CA ALA B 571 17.30 27.27 -48.38
C ALA B 571 15.91 26.63 -48.54
N PRO B 572 15.08 27.14 -49.46
CA PRO B 572 13.68 26.72 -49.48
C PRO B 572 13.52 25.23 -49.77
N ALA B 573 12.47 24.66 -49.18
CA ALA B 573 12.25 23.21 -49.28
C ALA B 573 11.93 22.78 -50.70
N SER B 574 11.13 23.56 -51.42
CA SER B 574 10.49 23.06 -52.64
C SER B 574 11.50 22.75 -53.74
N HIS B 575 12.66 23.40 -53.73
CA HIS B 575 13.61 23.24 -54.81
C HIS B 575 15.02 23.07 -54.28
N THR B 576 15.20 22.27 -53.24
CA THR B 576 16.52 22.05 -52.67
C THR B 576 17.05 20.63 -52.85
N PHE B 577 16.17 19.63 -52.88
CA PHE B 577 16.54 18.24 -53.15
C PHE B 577 17.61 17.73 -52.19
N ALA B 578 17.25 17.71 -50.91
CA ALA B 578 18.13 17.22 -49.87
C ALA B 578 17.29 16.65 -48.74
N ALA B 579 17.90 15.75 -47.97
CA ALA B 579 17.24 15.10 -46.85
C ALA B 579 18.30 14.39 -46.02
N GLY B 580 17.86 13.80 -44.91
CA GLY B 580 18.74 13.04 -44.06
C GLY B 580 19.23 13.83 -42.86
N PRO B 581 19.58 13.13 -41.78
CA PRO B 581 20.10 13.81 -40.60
C PRO B 581 21.50 14.37 -40.76
N SER B 582 22.03 14.38 -41.97
CA SER B 582 23.30 15.05 -42.23
C SER B 582 23.13 16.54 -42.52
N LEU B 583 21.90 17.04 -42.53
CA LEU B 583 21.61 18.46 -42.64
C LEU B 583 20.47 18.81 -41.69
N CYS B 584 20.36 20.09 -41.37
CA CYS B 584 19.32 20.55 -40.46
C CYS B 584 18.01 20.80 -41.20
N CYS B 585 16.90 20.39 -40.60
CA CYS B 585 15.57 20.56 -41.17
C CYS B 585 14.85 21.64 -40.38
N VAL B 586 14.58 22.77 -41.02
CA VAL B 586 13.92 23.89 -40.37
C VAL B 586 12.41 23.72 -40.54
N GLN B 587 11.69 23.66 -39.43
CA GLN B 587 10.26 23.38 -39.44
C GLN B 587 9.53 24.32 -38.51
N ILE B 588 8.30 24.67 -38.89
CA ILE B 588 7.46 25.57 -38.09
C ILE B 588 6.09 24.94 -37.94
N ASP B 589 5.69 24.68 -36.70
CA ASP B 589 4.36 24.13 -36.41
C ASP B 589 4.10 22.84 -37.19
N GLY B 590 5.13 22.02 -37.33
CA GLY B 590 5.02 20.80 -38.12
C GLY B 590 4.82 21.06 -39.60
N LYS B 591 5.56 22.01 -40.16
CA LYS B 591 5.47 22.34 -41.57
C LYS B 591 6.86 22.70 -42.06
N ILE B 592 7.46 21.83 -42.88
CA ILE B 592 8.84 22.02 -43.28
C ILE B 592 8.98 23.35 -43.99
N ILE B 593 10.02 24.10 -43.65
CA ILE B 593 10.33 25.37 -44.29
C ILE B 593 11.50 25.23 -45.26
N GLY B 594 12.59 24.61 -44.82
CA GLY B 594 13.75 24.53 -45.65
C GLY B 594 14.81 23.65 -45.04
N TRP B 595 15.99 23.64 -45.68
CA TRP B 595 17.08 22.76 -45.33
C TRP B 595 18.38 23.55 -45.29
N VAL B 596 19.22 23.25 -44.30
CA VAL B 596 20.42 24.04 -44.05
C VAL B 596 21.41 23.17 -43.28
N SER B 597 22.68 23.57 -43.31
CA SER B 597 23.74 22.85 -42.62
C SER B 597 23.57 22.96 -41.10
N HIS B 598 24.30 22.13 -40.37
CA HIS B 598 24.15 22.15 -38.90
C HIS B 598 24.82 23.36 -38.27
N GLU B 599 26.00 23.75 -38.75
CA GLU B 599 26.64 24.96 -38.24
C GLU B 599 25.76 26.18 -38.48
N GLN B 600 25.28 26.33 -39.72
CA GLN B 600 24.40 27.44 -40.03
C GLN B 600 23.09 27.33 -39.28
N GLY B 601 22.64 26.12 -38.98
CA GLY B 601 21.41 25.97 -38.20
C GLY B 601 21.57 26.44 -36.77
N LYS B 602 22.73 26.14 -36.16
CA LYS B 602 23.02 26.67 -34.83
C LYS B 602 23.07 28.19 -34.87
N ILE B 603 23.71 28.75 -35.90
CA ILE B 603 23.78 30.21 -36.02
C ILE B 603 22.39 30.81 -36.20
N ILE B 604 21.53 30.14 -36.98
CA ILE B 604 20.17 30.62 -37.18
C ILE B 604 19.39 30.60 -35.88
N ALA B 605 19.55 29.54 -35.08
CA ALA B 605 18.85 29.48 -33.80
C ALA B 605 19.30 30.60 -32.87
N ASP B 606 20.62 30.84 -32.82
CA ASP B 606 21.13 31.96 -32.02
C ASP B 606 20.54 33.29 -32.48
N THR B 607 20.54 33.51 -33.80
CA THR B 607 20.04 34.78 -34.34
C THR B 607 18.55 34.94 -34.08
N LEU B 608 17.79 33.86 -34.20
CA LEU B 608 16.36 33.92 -33.89
C LEU B 608 16.14 34.29 -32.44
N ARG B 609 16.88 33.67 -31.52
CA ARG B 609 16.71 34.00 -30.11
C ARG B 609 17.08 35.45 -29.83
N TYR B 610 18.16 35.93 -30.44
CA TYR B 610 18.58 37.31 -30.21
C TYR B 610 17.55 38.31 -30.71
N TRP B 611 17.13 38.16 -31.97
CA TRP B 611 16.12 39.04 -32.55
C TRP B 611 14.77 38.92 -31.86
N LYS B 612 14.48 37.77 -31.25
CA LYS B 612 13.24 37.62 -30.52
C LYS B 612 13.31 38.33 -29.17
N VAL B 613 14.49 38.31 -28.54
CA VAL B 613 14.62 38.99 -27.25
C VAL B 613 14.60 40.50 -27.41
N GLU B 614 15.34 41.03 -28.39
CA GLU B 614 15.25 42.46 -28.68
C GLU B 614 14.07 42.66 -29.62
N GLY B 615 12.93 43.07 -29.05
CA GLY B 615 11.68 43.10 -29.79
C GLY B 615 11.60 44.20 -30.83
N LYS B 616 12.56 44.21 -31.76
CA LYS B 616 12.58 45.15 -32.87
C LYS B 616 12.03 44.54 -34.15
N THR B 617 12.46 43.33 -34.49
CA THR B 617 11.95 42.67 -35.69
C THR B 617 10.51 42.28 -35.47
N PRO B 618 9.56 42.74 -36.29
CA PRO B 618 8.15 42.45 -36.07
C PRO B 618 7.70 41.08 -36.54
N GLY B 619 8.63 40.17 -36.86
CA GLY B 619 8.24 38.85 -37.28
C GLY B 619 8.34 37.80 -36.19
N LEU B 620 9.03 38.12 -35.10
CA LEU B 620 9.35 37.14 -34.07
C LEU B 620 8.64 37.48 -32.76
N PRO B 621 7.54 36.82 -32.43
CA PRO B 621 6.90 37.06 -31.14
C PRO B 621 7.76 36.49 -30.02
N ILE B 622 7.49 36.96 -28.79
CA ILE B 622 8.26 36.49 -27.66
C ILE B 622 7.96 35.04 -27.33
N ASP B 623 6.78 34.54 -27.68
CA ASP B 623 6.42 33.17 -27.37
C ASP B 623 7.03 32.15 -28.31
N LEU B 624 7.76 32.59 -29.34
CA LEU B 624 8.36 31.65 -30.27
C LEU B 624 9.33 30.73 -29.55
N GLU B 625 9.27 29.44 -29.88
CA GLU B 625 10.07 28.41 -29.23
C GLU B 625 11.07 27.87 -30.25
N ILE B 626 12.34 28.20 -30.06
CA ILE B 626 13.37 27.86 -31.02
C ILE B 626 14.05 26.59 -30.52
N GLY B 627 13.52 25.44 -30.94
CA GLY B 627 14.12 24.18 -30.56
C GLY B 627 15.18 23.72 -31.55
N TYR B 628 16.44 23.98 -31.26
CA TYR B 628 17.54 23.51 -32.10
C TYR B 628 18.10 22.23 -31.50
N VAL B 629 18.27 21.21 -32.34
CA VAL B 629 18.80 19.92 -31.91
C VAL B 629 20.08 19.64 -32.69
N PRO B 630 21.24 19.76 -32.05
CA PRO B 630 22.51 19.63 -32.78
C PRO B 630 22.73 18.21 -33.25
N PRO B 631 23.69 17.99 -34.15
CA PRO B 631 23.99 16.63 -34.57
C PRO B 631 24.69 15.85 -33.48
N SER B 632 24.02 14.80 -32.97
CA SER B 632 24.55 13.99 -31.90
C SER B 632 24.60 12.53 -32.34
N THR B 633 25.69 11.85 -32.00
CA THR B 633 25.84 10.45 -32.36
C THR B 633 24.76 9.60 -31.71
N ARG B 634 23.88 9.04 -32.53
CA ARG B 634 22.78 8.20 -32.08
C ARG B 634 21.90 8.90 -31.05
N GLY B 635 21.82 10.22 -31.12
CA GLY B 635 21.01 11.00 -30.20
C GLY B 635 19.61 11.19 -30.70
N GLN B 636 18.98 12.27 -30.27
CA GLN B 636 17.71 12.68 -30.82
C GLN B 636 17.89 13.10 -32.28
N TYR B 637 16.82 13.00 -33.05
CA TYR B 637 16.89 13.34 -34.46
C TYR B 637 17.19 14.84 -34.60
N PRO B 638 18.24 15.21 -35.34
CA PRO B 638 18.61 16.63 -35.42
C PRO B 638 17.59 17.49 -36.15
N GLY B 639 17.90 18.77 -36.31
CA GLY B 639 17.00 19.69 -36.99
C GLY B 639 16.58 20.86 -36.12
N LEU B 640 16.21 21.97 -36.75
CA LEU B 640 15.75 23.16 -36.05
C LEU B 640 14.22 23.24 -36.13
N TYR B 641 13.57 23.25 -34.96
CA TYR B 641 12.12 23.15 -34.87
C TYR B 641 11.59 24.39 -34.17
N LEU B 642 10.67 25.10 -34.81
CA LEU B 642 10.03 26.28 -34.25
C LEU B 642 8.57 25.98 -33.96
N PHE B 643 8.06 26.52 -32.86
CA PHE B 643 6.69 26.27 -32.44
C PHE B 643 6.02 27.58 -32.10
N GLY B 644 4.69 27.63 -32.25
CA GLY B 644 3.94 28.79 -31.82
C GLY B 644 2.54 28.52 -31.33
N GLY B 645 2.16 27.25 -31.19
CA GLY B 645 0.77 26.89 -31.08
C GLY B 645 0.18 27.05 -29.69
N HIS B 646 -1.04 26.57 -29.54
CA HIS B 646 -1.69 26.48 -28.25
C HIS B 646 -0.99 25.43 -27.39
N SER B 647 -1.37 25.40 -26.12
CA SER B 647 -1.08 24.30 -25.20
C SER B 647 0.40 24.09 -24.95
N ARG B 648 1.26 24.97 -25.44
CA ARG B 648 2.66 24.86 -25.08
C ARG B 648 2.85 25.20 -23.60
N MET B 649 3.98 24.78 -23.06
CA MET B 649 4.40 25.13 -21.72
C MET B 649 5.55 26.11 -21.83
N LEU B 650 5.45 27.22 -21.12
CA LEU B 650 6.43 28.29 -21.24
C LEU B 650 6.76 28.82 -19.85
N ARG B 651 8.02 29.24 -19.68
CA ARG B 651 8.43 29.80 -18.41
C ARG B 651 9.51 30.84 -18.66
N PRO B 652 9.51 31.93 -17.89
CA PRO B 652 10.48 33.00 -18.14
C PRO B 652 11.88 32.63 -17.72
N VAL B 653 12.85 33.32 -18.33
CA VAL B 653 14.26 33.11 -18.03
C VAL B 653 14.99 34.35 -18.51
N ARG B 654 16.17 34.59 -17.95
CA ARG B 654 16.92 35.82 -18.24
C ARG B 654 17.97 35.52 -19.30
N TYR B 655 17.71 35.96 -20.52
CA TYR B 655 18.69 35.84 -21.60
C TYR B 655 19.89 36.71 -21.28
N LEU B 656 21.07 36.11 -21.15
CA LEU B 656 22.22 36.85 -20.64
C LEU B 656 22.62 38.01 -21.53
N PRO B 657 22.83 37.87 -22.83
CA PRO B 657 23.00 39.06 -23.66
C PRO B 657 21.72 39.89 -23.64
N LEU B 658 21.90 41.21 -23.60
CA LEU B 658 20.79 42.18 -23.56
C LEU B 658 20.07 42.15 -22.22
N ASP B 659 20.37 41.16 -21.38
CA ASP B 659 19.85 41.04 -20.02
C ASP B 659 18.37 41.39 -19.93
N LYS B 660 17.54 40.59 -20.61
CA LYS B 660 16.10 40.78 -20.53
C LYS B 660 15.39 39.44 -20.53
N GLU B 661 14.15 39.45 -20.06
CA GLU B 661 13.37 38.23 -19.89
C GLU B 661 13.14 37.52 -21.22
N ASP B 662 13.41 36.23 -21.23
CA ASP B 662 13.16 35.35 -22.35
C ASP B 662 12.09 34.35 -21.95
N ILE B 663 11.55 33.65 -22.94
CA ILE B 663 10.54 32.62 -22.71
C ILE B 663 11.03 31.34 -23.35
N VAL B 664 11.11 30.27 -22.55
CA VAL B 664 11.62 28.99 -23.02
C VAL B 664 10.54 27.93 -22.86
N GLY B 665 10.72 26.84 -23.61
CA GLY B 665 9.81 25.73 -23.55
C GLY B 665 10.55 24.44 -23.28
N PRO B 666 9.81 23.41 -22.85
CA PRO B 666 10.45 22.14 -22.50
C PRO B 666 11.22 21.50 -23.63
N PHE B 667 10.75 21.67 -24.87
CA PHE B 667 11.45 21.06 -25.99
C PHE B 667 12.83 21.65 -26.19
N GLU B 668 12.95 22.97 -26.10
CA GLU B 668 14.21 23.64 -26.38
C GLU B 668 15.11 23.77 -25.16
N GLN B 669 14.56 23.59 -23.96
CA GLN B 669 15.37 23.77 -22.75
C GLN B 669 16.47 22.72 -22.67
N VAL B 670 16.17 21.48 -23.03
CA VAL B 670 17.05 20.36 -22.72
C VAL B 670 18.35 20.42 -23.52
N TYR B 671 18.49 21.43 -24.38
CA TYR B 671 19.70 21.59 -25.16
C TYR B 671 20.40 22.92 -24.91
N MET B 672 19.97 23.69 -23.92
CA MET B 672 20.56 24.98 -23.63
C MET B 672 20.95 25.06 -22.16
N ASN B 673 22.03 25.79 -21.88
CA ASN B 673 22.58 25.89 -20.54
C ASN B 673 21.98 27.09 -19.84
N ILE B 674 21.29 26.84 -18.73
CA ILE B 674 20.54 27.85 -17.99
C ILE B 674 21.08 27.84 -16.57
N ALA B 675 21.99 28.76 -16.26
CA ALA B 675 22.57 28.83 -14.92
C ALA B 675 21.49 29.07 -13.87
N VAL B 676 21.63 28.42 -12.72
CA VAL B 676 20.56 28.48 -11.73
C VAL B 676 20.59 29.80 -10.97
N THR B 677 21.78 30.31 -10.67
CA THR B 677 21.96 31.62 -10.07
C THR B 677 23.10 32.33 -10.79
N PRO B 678 23.13 33.66 -10.75
CA PRO B 678 24.17 34.40 -11.47
C PRO B 678 25.58 34.18 -10.95
N GLN B 679 25.74 33.64 -9.73
CA GLN B 679 27.09 33.50 -9.18
C GLN B 679 27.89 32.44 -9.92
N GLU B 680 27.24 31.39 -10.41
CA GLU B 680 27.94 30.31 -11.11
C GLU B 680 27.67 30.34 -12.61
N ILE B 681 27.53 31.53 -13.17
CA ILE B 681 27.51 31.68 -14.62
C ILE B 681 28.93 31.44 -15.13
N GLN B 682 29.12 30.34 -15.84
CA GLN B 682 30.45 30.03 -16.34
C GLN B 682 30.74 30.81 -17.62
N ASN B 683 31.99 30.73 -18.05
CA ASN B 683 32.45 31.43 -19.25
C ASN B 683 32.21 30.54 -20.46
N ASN B 684 31.55 31.12 -21.47
CA ASN B 684 31.31 30.46 -22.75
C ASN B 684 30.51 29.16 -22.61
N VAL B 685 29.79 29.00 -21.50
CA VAL B 685 28.99 27.80 -21.32
C VAL B 685 27.52 28.18 -21.24
N HIS B 686 27.23 29.36 -20.70
CA HIS B 686 25.87 29.74 -20.40
C HIS B 686 25.40 30.91 -21.25
N THR B 687 24.11 30.91 -21.54
CA THR B 687 23.47 32.01 -22.23
C THR B 687 22.23 32.52 -21.52
N HIS B 688 21.72 31.81 -20.52
CA HIS B 688 20.54 32.20 -19.79
C HIS B 688 20.81 32.03 -18.30
N VAL B 689 19.83 32.45 -17.48
CA VAL B 689 19.90 32.28 -16.04
C VAL B 689 18.50 32.49 -15.50
N GLU B 690 18.16 31.79 -14.44
CA GLU B 690 16.87 32.01 -13.82
C GLU B 690 16.79 33.40 -13.21
N PHE B 691 15.57 33.92 -13.09
CA PHE B 691 15.36 35.08 -12.24
C PHE B 691 15.61 34.73 -10.78
N THR B 692 15.19 33.54 -10.37
CA THR B 692 15.40 33.05 -9.02
C THR B 692 15.13 31.56 -9.01
N PRO B 693 15.82 30.80 -8.16
CA PRO B 693 15.55 29.36 -8.10
C PRO B 693 14.17 29.03 -7.60
N THR B 694 13.50 29.95 -6.92
CA THR B 694 12.25 29.64 -6.26
C THR B 694 11.07 29.55 -7.22
N ASN B 695 11.26 29.89 -8.48
CA ASN B 695 10.17 29.82 -9.45
C ASN B 695 10.07 28.46 -10.13
N ILE B 696 10.77 27.45 -9.63
CA ILE B 696 10.66 26.10 -10.16
C ILE B 696 9.71 25.30 -9.28
N LEU B 697 9.09 25.96 -8.31
CA LEU B 697 8.24 25.31 -7.33
C LEU B 697 6.82 25.85 -7.40
N SER B 698 5.87 25.04 -6.97
CA SER B 698 4.48 25.44 -6.97
C SER B 698 4.23 26.48 -5.87
N ILE B 699 2.97 26.90 -5.75
CA ILE B 699 2.60 27.84 -4.69
C ILE B 699 2.69 27.16 -3.33
N LEU B 700 2.11 25.97 -3.21
CA LEU B 700 2.22 25.23 -1.96
C LEU B 700 3.66 24.86 -1.66
N ALA B 701 4.42 24.42 -2.66
CA ALA B 701 5.80 24.07 -2.47
C ALA B 701 6.72 25.27 -2.30
N ASN B 702 6.20 26.48 -2.48
CA ASN B 702 6.96 27.68 -2.24
C ASN B 702 6.59 28.36 -0.94
N LEU B 703 5.43 28.05 -0.38
CA LEU B 703 5.02 28.62 0.89
C LEU B 703 5.60 27.90 2.10
N THR B 704 6.30 26.79 1.90
CA THR B 704 6.95 26.08 3.01
C THR B 704 8.21 26.80 3.42
N PRO B 705 8.40 27.10 4.71
CA PRO B 705 9.55 27.90 5.13
C PRO B 705 10.82 27.06 5.25
N PHE B 706 11.91 27.58 4.71
CA PHE B 706 13.21 26.92 4.81
C PHE B 706 13.13 25.49 4.30
N SER B 707 12.42 25.29 3.20
CA SER B 707 12.22 23.95 2.69
C SER B 707 13.48 23.34 2.11
N ASP B 708 14.56 24.11 1.96
CA ASP B 708 15.81 23.51 1.52
C ASP B 708 16.61 22.90 2.67
N PHE B 709 16.14 23.05 3.91
CA PHE B 709 16.72 22.37 5.05
C PHE B 709 15.98 21.10 5.42
N ASN B 710 14.76 20.92 4.93
CA ASN B 710 14.00 19.70 5.19
C ASN B 710 14.44 18.59 4.25
N GLN B 711 14.08 17.37 4.63
CA GLN B 711 14.19 16.22 3.75
C GLN B 711 13.03 16.23 2.77
N SER B 712 13.29 15.83 1.52
CA SER B 712 12.30 15.98 0.46
C SER B 712 10.96 15.31 0.74
N PRO B 713 10.89 14.07 1.24
CA PRO B 713 9.56 13.50 1.52
C PRO B 713 8.77 14.35 2.49
N ARG B 714 9.44 15.03 3.40
CA ARG B 714 8.74 15.90 4.34
C ARG B 714 8.16 17.12 3.65
N ASN B 715 8.89 17.68 2.69
CA ASN B 715 8.33 18.76 1.89
C ASN B 715 7.11 18.29 1.10
N MET B 716 7.20 17.09 0.52
CA MET B 716 6.07 16.56 -0.24
C MET B 716 4.86 16.35 0.65
N TYR B 717 5.08 15.83 1.86
CA TYR B 717 3.97 15.66 2.77
C TYR B 717 3.39 16.99 3.22
N GLN B 718 4.22 18.02 3.34
CA GLN B 718 3.67 19.34 3.64
C GLN B 718 2.81 19.85 2.49
N CYS B 719 3.28 19.69 1.26
CA CYS B 719 2.46 20.08 0.11
C CYS B 719 1.11 19.38 0.16
N GLN B 720 1.10 18.11 0.58
CA GLN B 720 -0.15 17.39 0.66
C GLN B 720 -1.03 17.88 1.80
N MET B 721 -0.46 18.08 2.99
CA MET B 721 -1.25 18.38 4.18
C MET B 721 -1.60 19.85 4.31
N GLY B 722 -0.99 20.73 3.51
CA GLY B 722 -1.46 22.10 3.45
C GLY B 722 -2.80 22.22 2.75
N LYS B 723 -3.13 21.25 1.91
CA LYS B 723 -4.41 21.19 1.23
C LYS B 723 -5.48 20.46 2.04
N GLN B 724 -5.13 20.00 3.23
CA GLN B 724 -6.06 19.27 4.08
C GLN B 724 -6.39 20.00 5.37
N THR B 725 -5.85 21.19 5.57
CA THR B 725 -6.05 21.91 6.82
C THR B 725 -7.48 22.41 6.93
N MET B 726 -7.82 22.85 8.13
CA MET B 726 -9.05 23.58 8.38
C MET B 726 -8.65 25.05 8.46
N GLY B 727 -8.69 25.73 7.32
CA GLY B 727 -8.40 27.14 7.27
C GLY B 727 -9.67 27.94 7.08
N THR B 728 -9.66 28.86 6.12
CA THR B 728 -10.87 29.58 5.74
C THR B 728 -11.12 29.39 4.25
N PRO B 729 -12.29 28.93 3.85
CA PRO B 729 -12.59 28.79 2.43
C PRO B 729 -12.71 30.15 1.76
N GLY B 730 -13.53 31.00 2.36
CA GLY B 730 -13.75 32.34 1.86
C GLY B 730 -14.55 33.14 2.85
N VAL B 731 -14.94 34.33 2.44
CA VAL B 731 -15.66 35.24 3.32
C VAL B 731 -17.13 35.35 2.97
N ALA B 732 -17.55 34.91 1.79
CA ALA B 732 -18.93 35.04 1.35
C ALA B 732 -19.77 33.82 1.72
N LEU B 733 -19.44 33.18 2.83
CA LEU B 733 -20.07 31.93 3.24
C LEU B 733 -21.55 32.08 3.58
N CYS B 734 -22.05 33.30 3.75
CA CYS B 734 -23.47 33.47 3.99
C CYS B 734 -24.30 33.38 2.72
N HIS B 735 -23.64 33.28 1.56
CA HIS B 735 -24.31 33.23 0.26
C HIS B 735 -24.01 31.94 -0.48
N ARG B 736 -23.66 30.87 0.23
CA ARG B 736 -23.34 29.59 -0.38
C ARG B 736 -24.13 28.49 0.32
N SER B 737 -24.31 27.39 -0.39
CA SER B 737 -25.04 26.24 0.13
C SER B 737 -24.24 24.95 -0.09
N ASP B 738 -22.95 25.00 0.22
CA ASP B 738 -22.09 23.85 0.04
C ASP B 738 -22.46 22.73 1.01
N ASN B 739 -22.26 21.49 0.56
CA ASN B 739 -22.71 20.34 1.35
C ASN B 739 -22.01 20.28 2.70
N LYS B 740 -20.71 20.52 2.73
CA LYS B 740 -19.96 20.52 3.98
C LYS B 740 -18.82 21.52 3.86
N LEU B 741 -18.62 22.31 4.91
CA LEU B 741 -17.64 23.40 4.89
C LEU B 741 -16.93 23.45 6.23
N TYR B 742 -15.61 23.26 6.22
CA TYR B 742 -14.80 23.40 7.42
C TYR B 742 -14.21 24.80 7.44
N ARG B 743 -14.36 25.48 8.57
CA ARG B 743 -13.86 26.84 8.72
C ARG B 743 -13.09 26.99 10.02
N LEU B 744 -11.94 27.64 9.94
CA LEU B 744 -11.16 27.99 11.12
C LEU B 744 -11.65 29.31 11.65
N GLN B 745 -11.78 29.40 12.98
CA GLN B 745 -12.34 30.62 13.57
C GLN B 745 -11.35 31.77 13.50
N THR B 746 -10.22 31.64 14.18
CA THR B 746 -9.26 32.72 14.33
C THR B 746 -7.92 32.29 13.75
N GLY B 747 -7.64 32.71 12.53
CA GLY B 747 -6.34 32.47 11.94
C GLY B 747 -5.38 33.60 12.19
N GLN B 748 -4.13 33.39 11.77
CA GLN B 748 -3.08 34.39 11.93
C GLN B 748 -2.15 34.33 10.74
N THR B 749 -1.48 35.43 10.47
CA THR B 749 -0.42 35.37 9.49
C THR B 749 0.83 34.77 10.12
N PRO B 750 1.64 34.05 9.35
CA PRO B 750 2.88 33.52 9.90
C PRO B 750 3.91 34.61 10.13
N ILE B 751 4.63 34.51 11.24
CA ILE B 751 5.76 35.40 11.49
C ILE B 751 6.86 35.14 10.47
N VAL B 752 7.14 33.88 10.19
CA VAL B 752 8.16 33.49 9.24
C VAL B 752 7.46 32.91 8.03
N LYS B 753 7.67 33.53 6.87
CA LYS B 753 6.90 33.22 5.67
C LYS B 753 7.73 33.52 4.45
N ALA B 754 7.33 32.93 3.32
CA ALA B 754 7.99 33.24 2.06
C ALA B 754 7.51 34.59 1.56
N ASN B 755 8.30 35.19 0.66
CA ASN B 755 7.89 36.44 0.05
C ASN B 755 6.61 36.26 -0.76
N LEU B 756 6.47 35.12 -1.43
CA LEU B 756 5.31 34.86 -2.26
C LEU B 756 4.05 34.65 -1.44
N TYR B 757 4.14 34.59 -0.12
CA TYR B 757 2.93 34.54 0.70
C TYR B 757 2.09 35.78 0.49
N ASP B 758 2.73 36.96 0.46
CA ASP B 758 2.00 38.20 0.25
C ASP B 758 1.59 38.39 -1.20
N ASP B 759 2.42 37.96 -2.16
CA ASP B 759 2.14 38.20 -3.56
C ASP B 759 0.87 37.50 -4.00
N TYR B 760 0.63 36.29 -3.52
CA TYR B 760 -0.59 35.57 -3.85
C TYR B 760 -1.73 35.91 -2.89
N GLY B 761 -1.53 36.90 -2.03
CA GLY B 761 -2.61 37.36 -1.19
C GLY B 761 -3.17 36.30 -0.27
N MET B 762 -2.29 35.50 0.34
CA MET B 762 -2.77 34.43 1.20
C MET B 762 -3.34 34.95 2.50
N ASP B 763 -3.01 36.18 2.89
CA ASP B 763 -3.51 36.73 4.13
C ASP B 763 -5.02 36.91 4.13
N ASN B 764 -5.65 36.85 2.96
CA ASN B 764 -7.10 36.85 2.89
C ASN B 764 -7.68 35.54 3.37
N PHE B 765 -6.90 34.46 3.36
CA PHE B 765 -7.34 33.13 3.79
C PHE B 765 -6.28 32.55 4.70
N PRO B 766 -6.21 33.00 5.96
CA PRO B 766 -5.25 32.40 6.89
C PRO B 766 -5.52 30.92 7.09
N ASN B 767 -4.44 30.15 7.22
CA ASN B 767 -4.55 28.70 7.33
C ASN B 767 -4.21 28.15 8.70
N GLY B 768 -3.31 28.80 9.43
CA GLY B 768 -2.89 28.28 10.72
C GLY B 768 -2.64 29.41 11.70
N PHE B 769 -2.23 29.01 12.89
CA PHE B 769 -1.99 29.92 13.99
C PHE B 769 -0.53 29.80 14.41
N ASN B 770 0.06 30.92 14.80
CA ASN B 770 1.36 30.87 15.44
C ASN B 770 1.21 30.34 16.86
N ALA B 771 2.07 29.42 17.24
CA ALA B 771 2.00 28.80 18.55
C ALA B 771 3.40 28.67 19.12
N VAL B 772 3.49 28.69 20.44
CA VAL B 772 4.77 28.51 21.13
C VAL B 772 4.99 27.01 21.32
N VAL B 773 5.99 26.47 20.65
CA VAL B 773 6.19 25.02 20.56
C VAL B 773 7.49 24.66 21.25
N ALA B 774 7.41 23.77 22.23
CA ALA B 774 8.56 23.29 22.98
C ALA B 774 8.97 21.92 22.44
N VAL B 775 10.23 21.79 22.05
CA VAL B 775 10.78 20.51 21.60
C VAL B 775 11.31 19.81 22.86
N ILE B 776 10.40 19.16 23.58
CA ILE B 776 10.72 18.65 24.90
C ILE B 776 10.12 17.25 25.07
N SER B 777 10.88 16.36 25.68
CA SER B 777 10.39 15.08 26.15
C SER B 777 10.07 15.27 27.62
N TYR B 778 8.81 15.58 27.90
CA TYR B 778 8.42 15.90 29.26
C TYR B 778 7.18 15.12 29.66
N THR B 779 6.33 14.84 28.69
CA THR B 779 4.99 14.34 28.98
C THR B 779 4.95 12.82 29.09
N GLY B 780 5.56 12.12 28.14
CA GLY B 780 5.36 10.71 28.01
C GLY B 780 4.13 10.33 27.23
N TYR B 781 3.25 11.29 26.94
CA TYR B 781 2.07 11.07 26.12
C TYR B 781 2.28 11.49 24.69
N ASP B 782 3.50 11.81 24.28
CA ASP B 782 3.76 12.16 22.89
C ASP B 782 5.12 11.55 22.51
N MET B 783 5.10 10.33 22.00
CA MET B 783 6.36 9.70 21.62
C MET B 783 6.44 9.44 20.12
N ASP B 784 5.51 8.69 19.55
CA ASP B 784 5.70 8.32 18.15
C ASP B 784 5.41 9.51 17.24
N ASP B 785 4.17 9.96 17.21
CA ASP B 785 3.80 11.15 16.47
C ASP B 785 2.87 12.07 17.22
N ALA B 786 2.30 11.63 18.34
CA ALA B 786 1.35 12.44 19.08
C ALA B 786 1.99 13.75 19.52
N MET B 787 1.14 14.66 19.96
CA MET B 787 1.57 15.95 20.48
C MET B 787 0.64 16.35 21.60
N ILE B 788 1.12 17.23 22.45
CA ILE B 788 0.38 17.67 23.63
C ILE B 788 -0.06 19.11 23.40
N ILE B 789 -1.32 19.39 23.72
CA ILE B 789 -1.88 20.73 23.61
C ILE B 789 -2.15 21.24 25.01
N ASN B 790 -1.73 22.46 25.28
CA ASN B 790 -2.02 23.11 26.56
C ASN B 790 -3.53 23.21 26.74
N LYS B 791 -4.02 22.79 27.90
CA LYS B 791 -5.46 22.82 28.13
C LYS B 791 -5.96 24.24 28.22
N SER B 792 -5.21 25.13 28.88
CA SER B 792 -5.63 26.52 29.00
C SER B 792 -5.73 27.19 27.65
N ALA B 793 -4.76 26.95 26.76
CA ALA B 793 -4.85 27.50 25.43
C ALA B 793 -6.09 27.01 24.71
N ASP B 794 -6.42 25.74 24.87
CA ASP B 794 -7.64 25.20 24.27
C ASP B 794 -8.88 25.90 24.82
N GLU B 795 -8.89 26.21 26.12
CA GLU B 795 -10.02 26.96 26.65
C GLU B 795 -10.02 28.43 26.23
N ARG B 796 -8.94 28.92 25.61
CA ARG B 796 -8.85 30.30 25.17
C ARG B 796 -9.06 30.44 23.67
N GLY B 797 -9.54 29.39 23.00
CA GLY B 797 -9.81 29.47 21.59
C GLY B 797 -8.67 29.06 20.69
N PHE B 798 -7.67 28.37 21.21
CA PHE B 798 -6.53 27.98 20.39
C PHE B 798 -6.92 26.83 19.48
N GLY B 799 -6.82 27.05 18.17
CA GLY B 799 -7.19 26.03 17.20
C GLY B 799 -8.65 25.65 17.18
N TYR B 800 -9.55 26.63 17.26
CA TYR B 800 -10.98 26.38 17.27
C TYR B 800 -11.56 26.55 15.87
N GLY B 801 -12.57 25.75 15.55
CA GLY B 801 -13.20 25.84 14.25
C GLY B 801 -14.62 25.28 14.31
N THR B 802 -15.41 25.67 13.31
CA THR B 802 -16.77 25.17 13.16
C THR B 802 -16.93 24.55 11.79
N MET B 803 -17.94 23.68 11.66
CA MET B 803 -18.27 23.04 10.41
C MET B 803 -19.68 23.42 9.98
N TYR B 804 -19.86 23.72 8.70
CA TYR B 804 -21.15 24.02 8.13
C TYR B 804 -21.56 22.90 7.19
N LYS B 805 -22.75 22.35 7.40
CA LYS B 805 -23.32 21.33 6.53
C LYS B 805 -24.69 21.79 6.07
N THR B 806 -24.94 21.71 4.76
CA THR B 806 -26.19 22.14 4.17
C THR B 806 -26.93 20.96 3.55
N GLU B 807 -28.18 20.75 3.96
CA GLU B 807 -29.03 19.73 3.38
C GLU B 807 -30.21 20.38 2.67
N LYS B 808 -30.60 19.81 1.54
CA LYS B 808 -31.69 20.33 0.73
C LYS B 808 -32.92 19.48 0.96
N VAL B 809 -33.95 20.07 1.56
CA VAL B 809 -35.20 19.37 1.83
C VAL B 809 -36.14 19.73 0.68
N ASP B 810 -36.09 18.93 -0.38
CA ASP B 810 -36.90 19.16 -1.58
C ASP B 810 -38.17 18.33 -1.46
N LEU B 811 -39.27 18.98 -1.10
CA LEU B 811 -40.53 18.28 -0.88
C LEU B 811 -41.16 17.79 -2.17
N ALA B 812 -40.62 18.19 -3.33
CA ALA B 812 -41.17 17.82 -4.63
C ALA B 812 -40.53 16.56 -5.20
N LEU B 813 -40.07 15.65 -4.36
CA LEU B 813 -39.46 14.42 -4.88
C LEU B 813 -40.51 13.47 -5.44
N ASN B 814 -41.69 13.43 -4.81
CA ASN B 814 -42.77 12.56 -5.29
C ASN B 814 -43.52 13.22 -6.45
N ARG B 815 -44.16 14.35 -6.21
CA ARG B 815 -44.91 15.01 -7.25
C ARG B 815 -43.98 15.53 -8.35
N ASN B 816 -44.46 15.48 -9.59
CA ASN B 816 -43.63 15.87 -10.72
C ASN B 816 -44.51 16.01 -11.95
N ARG B 817 -44.19 17.02 -12.78
CA ARG B 817 -44.84 17.23 -14.08
C ARG B 817 -46.33 17.50 -13.94
N GLY B 818 -46.67 18.50 -13.13
CA GLY B 818 -48.03 19.00 -13.10
C GLY B 818 -49.02 18.21 -12.27
N ASP B 819 -48.60 17.12 -11.64
CA ASP B 819 -49.51 16.40 -10.76
C ASP B 819 -49.79 17.23 -9.51
N PRO B 820 -50.89 16.93 -8.80
CA PRO B 820 -51.29 17.80 -7.69
C PRO B 820 -50.22 17.88 -6.61
N ILE B 821 -50.16 19.02 -5.94
CA ILE B 821 -49.21 19.24 -4.86
C ILE B 821 -49.59 18.32 -3.71
N THR B 822 -48.77 17.31 -3.45
CA THR B 822 -49.12 16.32 -2.44
C THR B 822 -48.95 16.86 -1.03
N GLN B 823 -47.95 17.72 -0.82
CA GLN B 823 -47.61 18.21 0.52
C GLN B 823 -47.42 19.72 0.50
N HIS B 824 -47.64 20.34 1.65
CA HIS B 824 -47.46 21.77 1.83
C HIS B 824 -46.69 22.02 3.11
N PHE B 825 -45.75 22.96 3.07
CA PHE B 825 -44.96 23.29 4.24
C PHE B 825 -45.85 23.97 5.28
N GLY B 826 -45.96 23.37 6.44
CA GLY B 826 -46.77 23.92 7.51
C GLY B 826 -47.31 22.80 8.36
N PHE B 827 -48.24 23.18 9.23
CA PHE B 827 -48.91 22.25 10.14
C PHE B 827 -50.37 22.13 9.74
N GLY B 828 -50.87 20.90 9.71
CA GLY B 828 -52.28 20.64 9.51
C GLY B 828 -53.06 20.68 10.81
N ASN B 829 -54.32 20.28 10.71
CA ASN B 829 -55.22 20.25 11.85
C ASN B 829 -55.38 18.84 12.45
N ASP B 830 -54.48 17.92 12.10
CA ASP B 830 -54.59 16.55 12.58
C ASP B 830 -54.10 16.48 14.04
N GLU B 831 -53.99 15.26 14.55
CA GLU B 831 -53.52 15.01 15.91
C GLU B 831 -52.00 15.02 15.91
N TRP B 832 -51.41 16.16 16.28
CA TRP B 832 -49.97 16.27 16.30
C TRP B 832 -49.48 16.72 17.68
N PRO B 833 -48.37 16.17 18.16
CA PRO B 833 -47.86 16.55 19.48
C PRO B 833 -47.36 17.99 19.48
N LYS B 834 -47.72 18.72 20.54
CA LYS B 834 -47.39 20.13 20.63
C LYS B 834 -45.91 20.37 20.88
N GLU B 835 -45.15 19.34 21.26
CA GLU B 835 -43.73 19.49 21.49
C GLU B 835 -42.94 19.75 20.22
N TRP B 836 -43.61 19.92 19.08
CA TRP B 836 -42.92 20.16 17.82
C TRP B 836 -42.67 21.63 17.55
N LEU B 837 -43.38 22.53 18.22
CA LEU B 837 -43.20 23.96 18.00
C LEU B 837 -41.92 24.49 18.63
N GLU B 838 -41.24 23.70 19.45
CA GLU B 838 -39.98 24.16 20.04
C GLU B 838 -38.92 24.36 18.97
N LYS B 839 -38.81 23.43 18.02
CA LYS B 839 -37.82 23.52 16.97
C LYS B 839 -38.42 23.88 15.62
N LEU B 840 -39.69 24.27 15.58
CA LEU B 840 -40.36 24.56 14.33
C LEU B 840 -41.18 25.82 14.45
N ASP B 841 -41.06 26.70 13.45
CA ASP B 841 -41.87 27.90 13.38
C ASP B 841 -43.24 27.56 12.83
N GLU B 842 -44.18 28.51 12.96
CA GLU B 842 -45.55 28.27 12.56
C GLU B 842 -45.66 27.87 11.09
N ASP B 843 -44.70 28.28 10.27
CA ASP B 843 -44.69 27.95 8.85
C ASP B 843 -43.94 26.66 8.54
N GLY B 844 -43.82 25.75 9.50
CA GLY B 844 -43.23 24.46 9.21
C GLY B 844 -41.76 24.49 8.89
N LEU B 845 -41.04 25.52 9.31
CA LEU B 845 -39.61 25.63 9.15
C LEU B 845 -38.98 25.91 10.50
N PRO B 846 -37.74 25.50 10.71
CA PRO B 846 -37.13 25.67 12.03
C PRO B 846 -36.66 27.08 12.27
N TYR B 847 -36.62 27.46 13.55
CA TYR B 847 -36.12 28.77 13.91
C TYR B 847 -34.62 28.84 13.73
N ILE B 848 -34.14 30.01 13.31
CA ILE B 848 -32.70 30.20 13.11
C ILE B 848 -32.04 30.35 14.47
N GLY B 849 -31.03 29.51 14.73
CA GLY B 849 -30.33 29.52 15.98
C GLY B 849 -30.75 28.47 16.97
N THR B 850 -31.67 27.58 16.61
CA THR B 850 -32.04 26.50 17.51
C THR B 850 -30.96 25.42 17.51
N TYR B 851 -31.05 24.54 18.51
CA TYR B 851 -30.09 23.47 18.71
C TYR B 851 -30.80 22.14 18.48
N VAL B 852 -30.37 21.40 17.46
CA VAL B 852 -31.06 20.20 17.02
C VAL B 852 -30.19 18.98 17.33
N GLU B 853 -30.82 17.93 17.83
CA GLU B 853 -30.18 16.64 18.07
C GLU B 853 -30.91 15.57 17.25
N GLU B 854 -30.50 14.32 17.46
CA GLU B 854 -31.19 13.20 16.83
C GLU B 854 -32.61 13.07 17.38
N GLY B 855 -33.56 12.83 16.48
CA GLY B 855 -34.95 12.78 16.88
C GLY B 855 -35.65 14.12 16.94
N ASP B 856 -34.99 15.20 16.53
CA ASP B 856 -35.56 16.53 16.55
C ASP B 856 -36.14 16.88 15.21
N PRO B 857 -37.38 17.34 15.15
CA PRO B 857 -37.96 17.74 13.87
C PRO B 857 -37.17 18.85 13.20
N ILE B 858 -37.12 18.80 11.88
CA ILE B 858 -36.42 19.78 11.06
C ILE B 858 -37.41 20.63 10.27
N CYS B 859 -38.37 20.00 9.61
CA CYS B 859 -39.37 20.71 8.82
C CYS B 859 -40.67 19.94 8.88
N ALA B 860 -41.78 20.67 9.05
CA ALA B 860 -43.10 20.07 9.18
C ALA B 860 -43.92 20.36 7.93
N TYR B 861 -44.58 19.32 7.41
CA TYR B 861 -45.47 19.49 6.28
C TYR B 861 -46.75 18.71 6.54
N PHE B 862 -47.83 19.17 5.93
CA PHE B 862 -49.13 18.53 6.00
C PHE B 862 -49.51 18.05 4.61
N ASP B 863 -49.63 16.73 4.45
CA ASP B 863 -50.06 16.14 3.20
C ASP B 863 -51.55 15.84 3.28
N ASP B 864 -52.32 16.43 2.37
CA ASP B 864 -53.76 16.17 2.33
C ASP B 864 -54.08 14.72 2.03
N THR B 865 -53.13 13.99 1.44
CA THR B 865 -53.37 12.60 1.08
C THR B 865 -53.60 11.75 2.33
N LEU B 866 -52.72 11.85 3.31
CA LEU B 866 -52.81 11.04 4.50
C LEU B 866 -53.62 11.68 5.61
N ASN B 867 -54.01 12.95 5.45
CA ASN B 867 -54.74 13.70 6.49
C ASN B 867 -53.99 13.66 7.81
N LYS B 868 -52.67 13.89 7.73
CA LYS B 868 -51.79 13.81 8.87
C LYS B 868 -50.66 14.82 8.70
N THR B 869 -49.97 15.10 9.79
CA THR B 869 -48.79 15.96 9.78
C THR B 869 -47.54 15.09 9.78
N LYS B 870 -46.71 15.26 8.76
CA LYS B 870 -45.45 14.55 8.66
C LYS B 870 -44.29 15.54 8.73
N ILE B 871 -43.19 15.09 9.33
CA ILE B 871 -41.98 15.88 9.47
C ILE B 871 -40.79 15.09 8.94
N LYS B 872 -39.72 15.81 8.63
CA LYS B 872 -38.42 15.23 8.39
C LYS B 872 -37.53 15.55 9.58
N THR B 873 -36.84 14.54 10.09
CA THR B 873 -36.07 14.66 11.31
C THR B 873 -34.59 14.84 11.00
N TYR B 874 -33.88 15.53 11.90
CA TYR B 874 -32.44 15.64 11.80
C TYR B 874 -31.81 14.27 11.99
N HIS B 875 -31.06 13.81 10.99
CA HIS B 875 -30.42 12.50 11.01
C HIS B 875 -28.92 12.73 11.02
N SER B 876 -28.36 12.94 12.21
CA SER B 876 -26.91 13.07 12.38
C SER B 876 -26.55 13.01 13.85
N SER B 877 -25.56 12.18 14.19
CA SER B 877 -25.20 12.00 15.59
C SER B 877 -24.65 13.28 16.20
N GLU B 878 -23.83 14.01 15.45
CA GLU B 878 -23.17 15.19 15.99
C GLU B 878 -24.18 16.34 16.10
N PRO B 879 -24.40 16.90 17.28
CA PRO B 879 -25.38 17.99 17.41
C PRO B 879 -24.97 19.20 16.60
N ALA B 880 -25.98 19.92 16.10
CA ALA B 880 -25.72 21.08 15.27
C ALA B 880 -26.71 22.18 15.63
N TYR B 881 -26.34 23.40 15.27
CA TYR B 881 -27.24 24.54 15.31
C TYR B 881 -27.66 24.87 13.89
N ILE B 882 -28.69 25.69 13.76
CA ILE B 882 -29.24 26.05 12.46
C ILE B 882 -28.74 27.43 12.09
N GLU B 883 -27.84 27.48 11.10
CA GLU B 883 -27.29 28.76 10.67
C GLU B 883 -28.31 29.57 9.87
N GLU B 884 -29.00 28.93 8.93
CA GLU B 884 -29.97 29.63 8.12
C GLU B 884 -30.96 28.64 7.51
N VAL B 885 -32.06 29.19 7.00
CA VAL B 885 -33.11 28.44 6.32
C VAL B 885 -33.54 29.20 5.08
N ASN B 886 -33.09 28.78 3.91
CA ASN B 886 -33.45 29.46 2.68
C ASN B 886 -34.77 28.93 2.12
N LEU B 887 -35.41 29.77 1.31
CA LEU B 887 -36.61 29.40 0.57
C LEU B 887 -36.29 29.53 -0.90
N ILE B 888 -36.29 28.40 -1.61
CA ILE B 888 -35.93 28.35 -3.03
C ILE B 888 -37.20 28.17 -3.85
N GLY B 889 -37.38 29.03 -4.84
CA GLY B 889 -38.46 28.86 -5.79
C GLY B 889 -38.04 28.07 -7.00
N ASP B 890 -39.02 27.59 -7.75
CA ASP B 890 -38.75 26.79 -8.94
C ASP B 890 -38.67 27.67 -10.18
N GLU B 891 -38.31 27.04 -11.30
CA GLU B 891 -38.23 27.75 -12.58
C GLU B 891 -39.59 28.02 -13.19
N SER B 892 -40.65 27.47 -12.62
CA SER B 892 -42.00 27.72 -13.10
C SER B 892 -42.46 29.08 -12.59
N ASN B 893 -42.71 30.01 -13.51
CA ASN B 893 -43.15 31.35 -13.15
C ASN B 893 -44.54 31.37 -12.54
N LYS B 894 -45.30 30.28 -12.69
CA LYS B 894 -46.59 30.18 -12.02
C LYS B 894 -46.42 30.29 -10.51
N PHE B 895 -47.31 31.06 -9.89
CA PHE B 895 -47.21 31.37 -8.45
C PHE B 895 -47.62 30.14 -7.66
N GLN B 896 -46.67 29.22 -7.54
CA GLN B 896 -46.85 27.97 -6.82
C GLN B 896 -46.31 28.09 -5.40
N GLU B 897 -46.57 27.07 -4.60
CA GLU B 897 -46.02 27.04 -3.25
C GLU B 897 -44.53 26.71 -3.30
N LEU B 898 -43.88 26.85 -2.14
CA LEU B 898 -42.48 26.47 -2.04
C LEU B 898 -42.39 24.96 -1.84
N GLN B 899 -41.62 24.30 -2.71
CA GLN B 899 -41.34 22.88 -2.58
C GLN B 899 -39.88 22.62 -2.29
N THR B 900 -39.09 23.67 -2.08
CA THR B 900 -37.66 23.54 -1.82
C THR B 900 -37.29 24.46 -0.67
N VAL B 901 -36.73 23.88 0.39
CA VAL B 901 -36.19 24.64 1.50
C VAL B 901 -34.78 24.15 1.74
N SER B 902 -33.83 25.08 1.80
CA SER B 902 -32.43 24.76 2.07
C SER B 902 -32.12 25.14 3.51
N ILE B 903 -31.40 24.26 4.20
CA ILE B 903 -31.03 24.47 5.59
C ILE B 903 -29.55 24.26 5.74
N LYS B 904 -28.86 25.21 6.39
CA LYS B 904 -27.44 25.12 6.67
C LYS B 904 -27.24 24.96 8.16
N TYR B 905 -26.54 23.91 8.56
CA TYR B 905 -26.27 23.63 9.96
C TYR B 905 -24.90 24.17 10.37
N ARG B 906 -24.71 24.28 11.68
CA ARG B 906 -23.45 24.75 12.24
C ARG B 906 -23.07 23.82 13.38
N ILE B 907 -21.91 23.18 13.26
CA ILE B 907 -21.41 22.26 14.28
C ILE B 907 -20.11 22.82 14.85
N ARG B 908 -19.95 22.72 16.16
CA ARG B 908 -18.76 23.21 16.85
C ARG B 908 -17.67 22.14 16.82
N ARG B 909 -16.58 22.41 16.11
CA ARG B 909 -15.44 21.49 16.10
C ARG B 909 -14.35 21.99 17.06
N THR B 910 -14.69 21.96 18.34
CA THR B 910 -13.72 22.24 19.38
C THR B 910 -12.64 21.16 19.35
N PRO B 911 -11.35 21.52 19.41
CA PRO B 911 -10.30 20.49 19.33
C PRO B 911 -10.35 19.51 20.49
N GLN B 912 -10.67 18.26 20.19
CA GLN B 912 -10.59 17.19 21.17
C GLN B 912 -9.24 16.52 21.05
N ILE B 913 -9.05 15.39 21.72
CA ILE B 913 -7.88 14.58 21.50
C ILE B 913 -8.15 13.63 20.34
N GLY B 914 -7.08 13.17 19.70
CA GLY B 914 -7.22 12.38 18.50
C GLY B 914 -7.39 13.18 17.23
N ASP B 915 -7.37 14.50 17.31
CA ASP B 915 -7.46 15.37 16.13
C ASP B 915 -6.07 15.75 15.68
N LYS B 916 -5.83 15.66 14.38
CA LYS B 916 -4.49 15.87 13.85
C LYS B 916 -4.19 17.36 13.71
N PHE B 917 -3.04 17.76 14.23
CA PHE B 917 -2.42 19.05 13.95
C PHE B 917 -1.12 18.81 13.20
N SER B 918 -0.65 19.83 12.51
CA SER B 918 0.61 19.71 11.80
C SER B 918 1.25 21.07 11.69
N SER B 919 2.56 21.07 11.48
CA SER B 919 3.30 22.27 11.17
C SER B 919 3.40 22.39 9.66
N ARG B 920 4.12 23.39 9.17
CA ARG B 920 4.35 23.53 7.75
C ARG B 920 5.54 22.72 7.27
N HIS B 921 5.91 21.66 8.00
CA HIS B 921 7.02 20.80 7.65
C HIS B 921 6.64 19.32 7.75
N GLY B 922 5.38 19.00 7.46
CA GLY B 922 4.94 17.62 7.48
C GLY B 922 5.11 16.94 8.82
N GLN B 923 5.04 17.69 9.91
CA GLN B 923 5.16 17.13 11.25
C GLN B 923 3.78 16.92 11.87
N LYS B 924 2.99 16.07 11.22
CA LYS B 924 1.66 15.83 11.72
C LYS B 924 1.71 14.98 12.99
N GLY B 925 0.60 14.99 13.72
CA GLY B 925 0.47 14.12 14.86
C GLY B 925 -0.80 14.42 15.62
N VAL B 926 -1.50 13.40 16.07
CA VAL B 926 -2.78 13.62 16.72
C VAL B 926 -2.56 14.20 18.11
N CYS B 927 -3.47 15.06 18.54
CA CYS B 927 -3.43 15.57 19.90
C CYS B 927 -3.68 14.43 20.86
N SER B 928 -2.66 14.09 21.64
CA SER B 928 -2.78 12.97 22.57
C SER B 928 -3.60 13.33 23.79
N ARG B 929 -3.13 14.29 24.58
CA ARG B 929 -3.86 14.74 25.75
C ARG B 929 -3.75 16.24 25.86
N LYS B 930 -4.77 16.86 26.45
CA LYS B 930 -4.77 18.28 26.75
C LYS B 930 -4.17 18.48 28.13
N TRP B 931 -2.90 18.80 28.17
CA TRP B 931 -2.17 18.91 29.41
C TRP B 931 -2.64 20.14 30.19
N PRO B 932 -2.88 20.03 31.49
CA PRO B 932 -3.22 21.22 32.27
C PRO B 932 -2.07 22.21 32.29
N THR B 933 -2.42 23.50 32.37
CA THR B 933 -1.41 24.55 32.26
C THR B 933 -0.43 24.50 33.44
N ILE B 934 -0.92 24.24 34.65
CA ILE B 934 -0.04 24.16 35.80
C ILE B 934 0.90 22.97 35.68
N ASP B 935 0.45 21.88 35.07
CA ASP B 935 1.31 20.74 34.84
C ASP B 935 2.29 20.95 33.69
N MET B 936 2.02 21.90 32.81
CA MET B 936 2.94 22.19 31.72
C MET B 936 4.24 22.78 32.27
N PRO B 937 5.36 22.50 31.62
CA PRO B 937 6.60 23.18 32.01
C PRO B 937 6.51 24.67 31.73
N PHE B 938 7.03 25.47 32.65
CA PHE B 938 7.04 26.91 32.50
C PHE B 938 8.47 27.39 32.39
N SER B 939 8.66 28.49 31.67
CA SER B 939 9.99 29.00 31.42
C SER B 939 10.33 30.09 32.44
N GLU B 940 11.51 30.67 32.29
CA GLU B 940 11.93 31.73 33.19
C GLU B 940 11.16 33.02 32.92
N THR B 941 10.61 33.17 31.73
CA THR B 941 9.83 34.35 31.36
C THR B 941 8.35 34.18 31.66
N GLY B 942 7.94 33.03 32.20
CA GLY B 942 6.58 32.81 32.62
C GLY B 942 5.67 32.18 31.59
N ILE B 943 6.15 31.95 30.37
CA ILE B 943 5.31 31.43 29.29
C ILE B 943 5.34 29.90 29.33
N GLN B 944 4.19 29.31 29.07
CA GLN B 944 4.03 27.88 28.94
C GLN B 944 3.66 27.56 27.50
N PRO B 945 4.39 26.68 26.83
CA PRO B 945 4.10 26.42 25.42
C PRO B 945 2.68 25.89 25.25
N ASP B 946 2.08 26.22 24.11
CA ASP B 946 0.78 25.66 23.78
C ASP B 946 0.88 24.34 23.05
N ILE B 947 2.04 24.05 22.46
CA ILE B 947 2.30 22.80 21.75
C ILE B 947 3.57 22.20 22.34
N ILE B 948 3.53 20.92 22.67
CA ILE B 948 4.71 20.14 23.02
C ILE B 948 4.94 19.13 21.91
N ILE B 949 6.12 19.16 21.31
CA ILE B 949 6.50 18.22 20.28
C ILE B 949 7.68 17.40 20.78
N ASN B 950 7.59 16.09 20.63
CA ASN B 950 8.64 15.21 21.11
C ASN B 950 9.94 15.45 20.34
N PRO B 951 11.08 15.51 21.02
CA PRO B 951 12.35 15.69 20.30
C PRO B 951 12.69 14.52 19.41
N HIS B 952 12.05 13.37 19.60
CA HIS B 952 12.35 12.18 18.82
C HIS B 952 11.67 12.18 17.46
N ALA B 953 10.83 13.17 17.17
CA ALA B 953 10.25 13.28 15.85
C ALA B 953 11.28 13.64 14.80
N PHE B 954 12.30 14.37 15.16
CA PHE B 954 13.27 14.96 14.24
C PHE B 954 14.38 14.04 13.72
N PRO B 955 14.99 13.18 14.54
CA PRO B 955 16.20 12.47 14.05
C PRO B 955 15.96 11.62 12.82
N SER B 956 14.76 11.11 12.64
CA SER B 956 14.43 10.26 11.49
C SER B 956 13.79 11.06 10.36
N ARG B 957 12.82 11.91 10.70
CA ARG B 957 12.19 12.77 9.69
C ARG B 957 13.18 13.77 9.11
N MET B 958 14.03 14.35 9.95
CA MET B 958 15.09 15.26 9.53
C MET B 958 14.51 16.54 8.92
N THR B 959 13.58 17.17 9.66
CA THR B 959 13.01 18.45 9.28
C THR B 959 13.67 19.55 10.08
N ILE B 960 14.91 19.87 9.69
CA ILE B 960 15.66 20.95 10.34
C ILE B 960 15.00 22.30 10.08
N GLY B 961 14.18 22.37 9.04
CA GLY B 961 13.43 23.58 8.78
C GLY B 961 12.55 23.97 9.94
N MET B 962 12.01 22.99 10.67
CA MET B 962 11.18 23.33 11.83
C MET B 962 12.01 23.95 12.93
N PHE B 963 13.24 23.47 13.13
CA PHE B 963 14.14 24.07 14.11
C PHE B 963 14.43 25.52 13.74
N VAL B 964 14.86 25.76 12.50
CA VAL B 964 15.24 27.11 12.13
C VAL B 964 14.01 28.02 12.08
N GLU B 965 12.84 27.47 11.75
CA GLU B 965 11.63 28.27 11.78
C GLU B 965 11.26 28.66 13.20
N SER B 966 11.38 27.75 14.16
CA SER B 966 11.07 28.11 15.54
C SER B 966 12.02 29.19 16.03
N LEU B 967 13.30 29.07 15.68
CA LEU B 967 14.27 30.11 15.99
C LEU B 967 13.83 31.46 15.44
N ALA B 968 13.55 31.51 14.13
CA ALA B 968 13.20 32.77 13.49
C ALA B 968 11.86 33.30 13.97
N GLY B 969 10.91 32.43 14.28
CA GLY B 969 9.63 32.89 14.79
C GLY B 969 9.73 33.50 16.17
N LYS B 970 10.55 32.92 17.04
CA LYS B 970 10.80 33.55 18.32
C LYS B 970 11.46 34.91 18.15
N ALA B 971 12.47 34.99 17.28
CA ALA B 971 13.15 36.27 17.07
C ALA B 971 12.21 37.32 16.50
N GLY B 972 11.37 36.92 15.54
CA GLY B 972 10.42 37.86 14.97
C GLY B 972 9.36 38.30 15.94
N ALA B 973 8.86 37.39 16.78
CA ALA B 973 7.88 37.78 17.77
C ALA B 973 8.49 38.71 18.81
N LEU B 974 9.78 38.57 19.07
CA LEU B 974 10.46 39.50 19.98
C LEU B 974 10.59 40.87 19.35
N HIS B 975 11.32 40.95 18.24
CA HIS B 975 11.62 42.23 17.61
C HIS B 975 10.41 42.87 16.96
N GLY B 976 9.28 42.17 16.88
CA GLY B 976 8.15 42.71 16.16
C GLY B 976 8.41 42.86 14.67
N ILE B 977 9.09 41.89 14.06
CA ILE B 977 9.36 41.89 12.64
C ILE B 977 8.91 40.57 12.06
N ALA B 978 9.05 40.43 10.74
CA ALA B 978 8.81 39.18 10.04
C ALA B 978 10.04 38.85 9.22
N GLN B 979 10.36 37.56 9.11
CA GLN B 979 11.54 37.11 8.39
C GLN B 979 11.12 36.27 7.20
N ASP B 980 11.69 36.55 6.04
CA ASP B 980 11.39 35.74 4.88
C ASP B 980 12.04 34.38 5.01
N SER B 981 11.36 33.37 4.51
CA SER B 981 11.87 32.01 4.56
C SER B 981 11.78 31.35 3.20
N THR B 982 11.92 32.13 2.14
CA THR B 982 12.07 31.54 0.83
C THR B 982 13.34 30.71 0.82
N PRO B 983 13.32 29.51 0.25
CA PRO B 983 14.54 28.71 0.20
C PRO B 983 15.64 29.39 -0.60
N TRP B 984 16.89 29.09 -0.22
CA TRP B 984 18.11 29.45 -0.92
C TRP B 984 18.52 30.89 -0.75
N ILE B 985 18.00 31.59 0.26
CA ILE B 985 18.56 32.90 0.60
C ILE B 985 19.79 32.73 1.48
N PHE B 986 19.78 31.74 2.35
CA PHE B 986 20.94 31.40 3.17
C PHE B 986 21.81 30.38 2.42
N ASN B 987 23.12 30.54 2.55
CA ASN B 987 24.02 29.58 1.92
C ASN B 987 24.98 29.03 2.97
N GLU B 988 26.01 28.31 2.54
CA GLU B 988 26.90 27.63 3.48
C GLU B 988 27.68 28.59 4.36
N ASP B 989 27.77 29.87 3.98
CA ASP B 989 28.43 30.86 4.83
C ASP B 989 27.44 31.62 5.69
N ASP B 990 26.39 32.18 5.08
CA ASP B 990 25.38 32.94 5.81
C ASP B 990 24.36 31.95 6.36
N THR B 991 24.74 31.28 7.44
CA THR B 991 23.91 30.24 8.00
C THR B 991 22.69 30.85 8.68
N PRO B 992 21.49 30.31 8.45
CA PRO B 992 20.32 30.82 9.17
C PRO B 992 20.43 30.70 10.67
N ALA B 993 21.11 29.66 11.16
CA ALA B 993 21.31 29.52 12.60
C ALA B 993 22.10 30.70 13.14
N ASP B 994 23.19 31.06 12.49
CA ASP B 994 23.96 32.24 12.91
C ASP B 994 23.14 33.51 12.81
N TYR B 995 22.43 33.70 11.70
CA TYR B 995 21.63 34.90 11.51
C TYR B 995 20.60 35.07 12.62
N PHE B 996 19.67 34.12 12.73
CA PHE B 996 18.61 34.25 13.71
C PHE B 996 19.12 34.08 15.13
N GLY B 997 20.30 33.48 15.33
CA GLY B 997 20.88 33.43 16.65
C GLY B 997 21.44 34.77 17.10
N GLU B 998 22.08 35.50 16.19
CA GLU B 998 22.48 36.86 16.50
C GLU B 998 21.27 37.71 16.82
N GLN B 999 20.20 37.54 16.04
CA GLN B 999 18.96 38.27 16.34
C GLN B 999 18.40 37.90 17.70
N LEU B 1000 18.48 36.62 18.08
CA LEU B 1000 17.96 36.19 19.38
C LEU B 1000 18.82 36.73 20.51
N ALA B 1001 20.14 36.73 20.34
CA ALA B 1001 21.02 37.22 21.39
C ALA B 1001 20.82 38.71 21.60
N LYS B 1002 20.64 39.47 20.52
CA LYS B 1002 20.48 40.90 20.70
C LYS B 1002 19.17 41.29 21.34
N ALA B 1003 18.34 40.36 21.79
CA ALA B 1003 17.16 40.69 22.58
C ALA B 1003 17.23 40.14 23.99
N GLY B 1004 18.37 39.57 24.38
CA GLY B 1004 18.56 39.05 25.71
C GLY B 1004 18.41 37.56 25.81
N TYR B 1005 17.79 36.91 24.83
CA TYR B 1005 17.57 35.48 24.86
C TYR B 1005 18.83 34.72 24.46
N ASN B 1006 18.71 33.41 24.39
CA ASN B 1006 19.86 32.55 24.14
C ASN B 1006 20.13 32.43 22.65
N TYR B 1007 21.41 32.42 22.29
CA TYR B 1007 21.83 32.38 20.90
C TYR B 1007 21.35 31.10 20.20
N HIS B 1008 21.14 30.03 20.95
CA HIS B 1008 20.74 28.76 20.39
C HIS B 1008 19.25 28.50 20.54
N GLY B 1009 18.49 29.50 21.00
CA GLY B 1009 17.06 29.34 21.13
C GLY B 1009 16.61 28.57 22.34
N ASN B 1010 17.53 28.14 23.20
CA ASN B 1010 17.18 27.42 24.41
C ASN B 1010 16.65 28.37 25.47
N GLU B 1011 15.81 27.83 26.34
CA GLU B 1011 15.25 28.61 27.44
C GLU B 1011 15.29 27.78 28.72
N PRO B 1012 15.88 28.30 29.79
CA PRO B 1012 15.74 27.63 31.08
C PRO B 1012 14.28 27.48 31.46
N MET B 1013 13.79 26.25 31.53
CA MET B 1013 12.41 25.99 31.92
C MET B 1013 12.39 25.14 33.18
N TYR B 1014 11.29 25.25 33.91
CA TYR B 1014 11.09 24.54 35.16
C TYR B 1014 9.92 23.58 35.02
N SER B 1015 10.00 22.47 35.73
CA SER B 1015 8.93 21.48 35.69
C SER B 1015 7.73 21.96 36.49
N GLY B 1016 6.57 21.99 35.86
CA GLY B 1016 5.38 22.41 36.56
C GLY B 1016 4.73 21.36 37.42
N ALA B 1017 5.22 20.13 37.35
CA ALA B 1017 4.66 19.05 38.16
C ALA B 1017 5.25 19.02 39.56
N THR B 1018 6.58 18.98 39.65
CA THR B 1018 7.26 19.04 40.94
C THR B 1018 7.61 20.48 41.30
N GLY B 1019 8.39 21.14 40.44
CA GLY B 1019 8.74 22.52 40.65
C GLY B 1019 10.19 22.78 40.33
N GLU B 1020 11.02 21.74 40.37
CA GLU B 1020 12.44 21.91 40.17
C GLU B 1020 12.76 22.25 38.72
N GLU B 1021 13.93 22.85 38.52
CA GLU B 1021 14.38 23.16 37.18
C GLU B 1021 14.79 21.90 36.43
N LEU B 1022 14.49 21.86 35.14
CA LEU B 1022 14.84 20.72 34.30
C LEU B 1022 16.34 20.69 34.05
N ARG B 1023 16.83 19.50 33.66
CA ARG B 1023 18.27 19.25 33.63
C ARG B 1023 18.99 20.15 32.63
N ALA B 1024 18.42 20.34 31.46
CA ALA B 1024 19.05 21.14 30.42
C ALA B 1024 18.13 22.27 29.99
N ASP B 1025 18.68 23.18 29.19
CA ASP B 1025 17.89 24.25 28.62
C ASP B 1025 16.93 23.70 27.56
N ILE B 1026 15.66 24.05 27.67
CA ILE B 1026 14.66 23.57 26.73
C ILE B 1026 14.72 24.42 25.46
N TYR B 1027 14.46 23.80 24.32
CA TYR B 1027 14.44 24.50 23.04
C TYR B 1027 13.01 24.94 22.76
N VAL B 1028 12.77 26.25 22.75
CA VAL B 1028 11.44 26.81 22.55
C VAL B 1028 11.49 27.79 21.39
N GLY B 1029 10.30 28.20 20.95
CA GLY B 1029 10.16 29.10 19.83
C GLY B 1029 8.71 29.15 19.43
N VAL B 1030 8.42 29.91 18.38
CA VAL B 1030 7.09 29.97 17.81
C VAL B 1030 7.16 29.37 16.41
N VAL B 1031 6.24 28.45 16.12
CA VAL B 1031 6.11 27.85 14.81
C VAL B 1031 4.64 27.90 14.41
N TYR B 1032 4.41 27.92 13.11
CA TYR B 1032 3.08 28.07 12.54
C TYR B 1032 2.42 26.70 12.47
N TYR B 1033 1.27 26.55 13.11
CA TYR B 1033 0.62 25.26 13.24
C TYR B 1033 -0.74 25.27 12.54
N GLN B 1034 -1.00 24.23 11.77
CA GLN B 1034 -2.22 24.07 11.00
C GLN B 1034 -3.07 22.98 11.63
N ARG B 1035 -4.38 23.20 11.67
CA ARG B 1035 -5.31 22.21 12.19
C ARG B 1035 -5.91 21.45 11.03
N LEU B 1036 -5.57 20.17 10.90
CA LEU B 1036 -6.12 19.35 9.84
C LEU B 1036 -7.56 18.96 10.17
N ARG B 1037 -8.27 18.47 9.16
CA ARG B 1037 -9.71 18.29 9.22
C ARG B 1037 -10.14 16.89 9.64
N HIS B 1038 -9.21 16.01 9.98
CA HIS B 1038 -9.54 14.63 10.32
C HIS B 1038 -9.82 14.50 11.81
N MET B 1039 -10.92 15.12 12.23
CA MET B 1039 -11.31 15.09 13.63
C MET B 1039 -11.78 13.68 14.02
N VAL B 1040 -11.72 13.40 15.32
CA VAL B 1040 -11.97 12.05 15.82
C VAL B 1040 -13.45 11.76 16.03
N ASN B 1041 -14.32 12.77 15.92
CA ASN B 1041 -15.75 12.50 16.02
C ASN B 1041 -16.30 11.81 14.79
N ASP B 1042 -15.54 11.75 13.70
CA ASP B 1042 -15.94 11.05 12.49
C ASP B 1042 -15.31 9.66 12.37
N LYS B 1043 -14.68 9.17 13.42
CA LYS B 1043 -13.92 7.93 13.34
C LYS B 1043 -14.41 6.84 14.27
N PHE B 1044 -14.77 7.17 15.51
CA PHE B 1044 -15.17 6.15 16.46
C PHE B 1044 -16.55 5.61 16.14
N GLN B 1045 -16.74 4.32 16.39
CA GLN B 1045 -18.05 3.68 16.29
C GLN B 1045 -18.09 2.49 17.23
N VAL B 1046 -19.25 2.26 17.84
CA VAL B 1046 -19.45 1.13 18.73
C VAL B 1046 -20.82 0.52 18.45
N ARG B 1047 -20.90 -0.80 18.45
CA ARG B 1047 -22.13 -1.51 18.23
C ARG B 1047 -22.18 -2.71 19.16
N SER B 1048 -23.29 -2.86 19.89
CA SER B 1048 -23.56 -4.06 20.66
C SER B 1048 -24.57 -4.96 19.96
N THR B 1049 -25.76 -4.44 19.66
CA THR B 1049 -26.74 -5.10 18.82
C THR B 1049 -27.40 -4.05 17.95
N GLY B 1050 -28.07 -4.50 16.89
CA GLY B 1050 -28.79 -3.58 16.04
C GLY B 1050 -29.21 -4.14 14.70
N PRO B 1051 -29.33 -3.26 13.70
CA PRO B 1051 -29.80 -3.69 12.37
C PRO B 1051 -28.89 -4.75 11.76
N VAL B 1052 -29.51 -5.66 11.02
CA VAL B 1052 -28.80 -6.79 10.43
C VAL B 1052 -29.14 -6.88 8.94
N ASN B 1053 -28.27 -7.55 8.21
CA ASN B 1053 -28.39 -7.68 6.77
C ASN B 1053 -29.59 -8.54 6.40
N SER B 1054 -29.98 -8.46 5.14
CA SER B 1054 -31.27 -9.01 4.72
C SER B 1054 -31.26 -10.54 4.75
N LEU B 1055 -30.41 -11.15 3.95
CA LEU B 1055 -30.44 -12.60 3.77
C LEU B 1055 -29.47 -13.35 4.67
N THR B 1056 -28.48 -12.68 5.24
CA THR B 1056 -27.49 -13.34 6.07
C THR B 1056 -27.74 -13.19 7.57
N MET B 1057 -28.61 -12.27 7.97
CA MET B 1057 -28.87 -12.01 9.40
C MET B 1057 -27.58 -11.65 10.12
N GLN B 1058 -26.74 -10.86 9.48
CA GLN B 1058 -25.46 -10.40 9.99
C GLN B 1058 -25.44 -8.88 10.02
N PRO B 1059 -24.55 -8.28 10.82
CA PRO B 1059 -24.54 -6.82 10.94
C PRO B 1059 -24.37 -6.11 9.61
N VAL B 1060 -25.00 -4.94 9.51
CA VAL B 1060 -24.94 -4.11 8.31
C VAL B 1060 -23.57 -3.48 8.20
N LYS B 1061 -23.28 -2.90 7.04
CA LYS B 1061 -22.05 -2.15 6.83
C LYS B 1061 -22.28 -0.69 7.20
N GLY B 1062 -21.19 0.00 7.55
CA GLY B 1062 -21.24 1.44 7.65
C GLY B 1062 -21.33 2.01 9.05
N ARG B 1063 -20.48 3.01 9.31
CA ARG B 1063 -20.49 3.68 10.61
C ARG B 1063 -21.81 4.40 10.86
N LYS B 1064 -22.37 5.03 9.83
CA LYS B 1064 -23.52 5.90 9.99
C LYS B 1064 -24.85 5.15 10.05
N ARG B 1065 -24.88 3.86 9.75
CA ARG B 1065 -26.11 3.08 9.73
C ARG B 1065 -26.24 2.15 10.92
N HIS B 1066 -25.34 2.27 11.90
CA HIS B 1066 -25.26 1.36 13.05
C HIS B 1066 -24.94 -0.06 12.61
N GLY B 1067 -23.76 -0.22 12.02
CA GLY B 1067 -23.34 -1.54 11.56
C GLY B 1067 -22.13 -2.06 12.28
N GLY B 1068 -21.94 -3.38 12.26
CA GLY B 1068 -20.75 -3.97 12.85
C GLY B 1068 -19.56 -3.88 11.93
N ILE B 1069 -18.39 -4.17 12.50
CA ILE B 1069 -17.14 -4.16 11.76
C ILE B 1069 -16.82 -5.59 11.36
N ARG B 1070 -15.93 -5.74 10.37
CA ARG B 1070 -15.72 -7.03 9.73
C ARG B 1070 -14.51 -7.73 10.34
N VAL B 1071 -14.71 -8.99 10.73
CA VAL B 1071 -13.63 -9.90 11.07
C VAL B 1071 -13.31 -10.69 9.82
N GLY B 1072 -12.25 -10.31 9.12
CA GLY B 1072 -11.98 -10.82 7.80
C GLY B 1072 -11.19 -12.12 7.78
N GLU B 1073 -10.67 -12.42 6.59
CA GLU B 1073 -9.89 -13.64 6.40
C GLU B 1073 -8.63 -13.64 7.25
N MET B 1074 -7.90 -12.52 7.27
CA MET B 1074 -6.66 -12.46 8.02
C MET B 1074 -6.91 -12.48 9.52
N GLU B 1075 -8.00 -11.84 9.95
CA GLU B 1075 -8.37 -11.91 11.36
C GLU B 1075 -8.71 -13.35 11.74
N ARG B 1076 -9.42 -14.06 10.87
CA ARG B 1076 -9.75 -15.46 11.13
C ARG B 1076 -8.49 -16.31 11.20
N ASP B 1077 -7.54 -16.09 10.28
CA ASP B 1077 -6.31 -16.85 10.28
C ASP B 1077 -5.48 -16.59 11.52
N ALA B 1078 -5.42 -15.33 11.97
CA ALA B 1078 -4.71 -15.01 13.20
C ALA B 1078 -5.42 -15.56 14.42
N LEU B 1079 -6.75 -15.63 14.39
CA LEU B 1079 -7.49 -16.17 15.53
C LEU B 1079 -7.37 -17.69 15.61
N ILE B 1080 -7.15 -18.36 14.48
CA ILE B 1080 -6.85 -19.79 14.53
C ILE B 1080 -5.44 -20.02 15.06
N GLY B 1081 -4.47 -19.24 14.58
CA GLY B 1081 -3.08 -19.47 14.94
C GLY B 1081 -2.80 -19.35 16.42
N HIS B 1082 -3.65 -18.61 17.14
CA HIS B 1082 -3.53 -18.57 18.59
C HIS B 1082 -3.98 -19.87 19.24
N GLY B 1083 -4.56 -20.79 18.49
CA GLY B 1083 -5.26 -21.89 19.10
C GLY B 1083 -6.52 -21.48 19.81
N THR B 1084 -6.90 -20.21 19.71
CA THR B 1084 -8.12 -19.70 20.32
C THR B 1084 -9.29 -20.13 19.46
N SER B 1085 -9.96 -21.19 19.87
CA SER B 1085 -11.06 -21.75 19.08
C SER B 1085 -12.43 -21.32 19.59
N PHE B 1086 -12.65 -21.28 20.90
CA PHE B 1086 -13.89 -20.72 21.42
C PHE B 1086 -13.98 -19.23 21.11
N LEU B 1087 -12.86 -18.53 21.14
CA LEU B 1087 -12.84 -17.12 20.78
C LEU B 1087 -13.19 -16.93 19.31
N LEU B 1088 -12.60 -17.76 18.44
CA LEU B 1088 -12.91 -17.68 17.01
C LEU B 1088 -14.36 -17.99 16.74
N GLN B 1089 -14.92 -19.00 17.41
CA GLN B 1089 -16.33 -19.30 17.24
C GLN B 1089 -17.20 -18.17 17.78
N ASP B 1090 -16.81 -17.55 18.88
CA ASP B 1090 -17.59 -16.45 19.43
C ASP B 1090 -17.63 -15.28 18.47
N ARG B 1091 -16.51 -14.96 17.83
CA ARG B 1091 -16.51 -13.83 16.92
C ARG B 1091 -17.19 -14.17 15.60
N LEU B 1092 -16.84 -15.30 14.98
CA LEU B 1092 -17.36 -15.61 13.65
C LEU B 1092 -18.80 -16.10 13.68
N LEU B 1093 -19.18 -16.89 14.68
CA LEU B 1093 -20.50 -17.49 14.70
C LEU B 1093 -21.37 -16.98 15.84
N ASN B 1094 -20.91 -17.12 17.08
CA ASN B 1094 -21.78 -16.89 18.23
C ASN B 1094 -22.27 -15.45 18.33
N SER B 1095 -21.57 -14.51 17.69
CA SER B 1095 -21.95 -13.10 17.73
C SER B 1095 -22.12 -12.50 16.34
N SER B 1096 -22.24 -13.32 15.30
CA SER B 1096 -22.51 -12.80 13.97
C SER B 1096 -23.86 -13.26 13.43
N ASP B 1097 -24.07 -14.57 13.27
CA ASP B 1097 -25.33 -15.10 12.73
C ASP B 1097 -25.71 -16.41 13.39
N TYR B 1098 -25.62 -16.47 14.72
CA TYR B 1098 -25.98 -17.71 15.42
C TYR B 1098 -27.48 -17.94 15.33
N THR B 1099 -27.86 -19.10 14.80
CA THR B 1099 -29.26 -19.45 14.62
C THR B 1099 -29.47 -20.89 15.08
N GLN B 1100 -30.54 -21.13 15.81
CA GLN B 1100 -30.90 -22.47 16.25
C GLN B 1100 -32.02 -22.99 15.36
N ALA B 1101 -31.64 -23.46 14.17
CA ALA B 1101 -32.60 -23.88 13.18
C ALA B 1101 -33.09 -25.29 13.48
N SER B 1102 -34.03 -25.77 12.67
CA SER B 1102 -34.56 -27.11 12.76
C SER B 1102 -34.18 -27.89 11.51
N VAL B 1103 -33.67 -29.10 11.71
CA VAL B 1103 -33.22 -29.96 10.62
C VAL B 1103 -34.05 -31.24 10.66
N CYS B 1104 -34.05 -31.94 9.54
CA CYS B 1104 -34.70 -33.25 9.48
C CYS B 1104 -33.68 -34.31 9.87
N ARG B 1105 -33.93 -34.96 11.00
CA ARG B 1105 -33.08 -36.05 11.46
C ARG B 1105 -33.06 -37.22 10.49
N GLU B 1106 -34.08 -37.31 9.63
CA GLU B 1106 -34.19 -38.38 8.65
C GLU B 1106 -33.63 -37.97 7.29
N CYS B 1107 -34.17 -36.90 6.69
CA CYS B 1107 -33.78 -36.54 5.34
C CYS B 1107 -32.50 -35.70 5.28
N GLY B 1108 -32.04 -35.16 6.41
CA GLY B 1108 -30.81 -34.42 6.45
C GLY B 1108 -30.80 -33.15 5.62
N SER B 1109 -31.86 -32.35 5.73
CA SER B 1109 -31.96 -31.10 4.97
C SER B 1109 -32.32 -29.96 5.92
N ILE B 1110 -31.79 -28.78 5.63
CA ILE B 1110 -31.88 -27.65 6.55
C ILE B 1110 -33.24 -26.96 6.44
N LEU B 1111 -33.56 -26.46 5.25
CA LEU B 1111 -34.71 -25.57 5.08
C LEU B 1111 -35.88 -26.25 4.39
N THR B 1112 -35.85 -27.56 4.25
CA THR B 1112 -37.00 -28.26 3.69
C THR B 1112 -38.13 -28.43 4.70
N THR B 1113 -37.87 -28.19 5.97
CA THR B 1113 -38.87 -28.37 7.01
C THR B 1113 -39.70 -27.10 7.17
N GLN B 1114 -40.75 -27.21 7.98
CA GLN B 1114 -41.64 -26.09 8.23
C GLN B 1114 -42.36 -26.32 9.54
N GLN B 1115 -42.89 -25.24 10.10
CA GLN B 1115 -43.74 -25.34 11.27
C GLN B 1115 -45.12 -25.80 10.85
N SER B 1116 -45.60 -26.88 11.46
CA SER B 1116 -46.97 -27.29 11.21
C SER B 1116 -47.92 -26.24 11.74
N VAL B 1117 -48.95 -25.90 10.96
CA VAL B 1117 -49.95 -24.95 11.43
C VAL B 1117 -50.69 -25.61 12.59
N PRO B 1118 -50.59 -25.05 13.79
CA PRO B 1118 -51.28 -25.66 14.93
C PRO B 1118 -52.78 -25.59 14.77
N ARG B 1119 -53.46 -26.56 15.36
CA ARG B 1119 -54.90 -26.68 15.28
C ARG B 1119 -55.50 -26.46 16.66
N ILE B 1120 -56.82 -26.28 16.68
CA ILE B 1120 -57.51 -26.05 17.95
C ILE B 1120 -57.35 -27.29 18.82
N GLY B 1121 -56.75 -27.11 19.99
CA GLY B 1121 -56.39 -28.23 20.84
C GLY B 1121 -54.97 -28.72 20.63
N SER B 1122 -54.64 -29.11 19.41
CA SER B 1122 -53.32 -29.66 19.12
C SER B 1122 -52.24 -28.58 19.21
N ILE B 1123 -51.01 -29.03 19.42
CA ILE B 1123 -49.87 -28.15 19.59
C ILE B 1123 -49.03 -28.15 18.33
N SER B 1124 -48.51 -26.98 17.96
CA SER B 1124 -47.65 -26.88 16.79
C SER B 1124 -46.38 -27.69 16.98
N THR B 1125 -45.87 -28.23 15.88
CA THR B 1125 -44.62 -28.97 15.90
C THR B 1125 -43.90 -28.73 14.59
N VAL B 1126 -42.59 -28.96 14.61
CA VAL B 1126 -41.78 -28.83 13.40
C VAL B 1126 -41.89 -30.13 12.61
N CYS B 1127 -42.16 -30.01 11.32
CA CYS B 1127 -42.40 -31.17 10.47
C CYS B 1127 -41.69 -30.98 9.14
N CYS B 1128 -41.33 -32.10 8.52
CA CYS B 1128 -40.59 -32.10 7.27
C CYS B 1128 -41.53 -32.01 6.08
N ARG B 1129 -41.03 -31.43 4.99
CA ARG B 1129 -41.78 -31.34 3.75
C ARG B 1129 -41.13 -32.11 2.61
N ARG B 1130 -39.98 -32.74 2.86
CA ARG B 1130 -39.40 -33.68 1.93
C ARG B 1130 -39.63 -35.13 2.33
N CYS B 1131 -39.73 -35.40 3.62
CA CYS B 1131 -40.04 -36.73 4.14
C CYS B 1131 -41.50 -36.84 4.58
N SER B 1132 -42.38 -36.05 3.97
CA SER B 1132 -43.81 -36.12 4.21
C SER B 1132 -44.50 -36.56 2.93
N MET B 1133 -45.33 -37.59 3.03
CA MET B 1133 -46.13 -38.04 1.91
C MET B 1133 -47.55 -37.51 2.04
N ARG B 1134 -48.16 -37.24 0.88
CA ARG B 1134 -49.48 -36.63 0.85
C ARG B 1134 -50.50 -37.52 1.55
N PHE B 1135 -51.46 -36.89 2.24
CA PHE B 1135 -52.51 -37.65 2.89
C PHE B 1135 -53.51 -38.21 1.89
N GLU B 1136 -53.49 -37.72 0.66
CA GLU B 1136 -54.35 -38.23 -0.39
C GLU B 1136 -53.62 -39.20 -1.32
N ASP B 1137 -52.42 -39.63 -0.94
CA ASP B 1137 -51.64 -40.55 -1.77
C ASP B 1137 -50.95 -41.60 -0.91
N SER B 1156 -52.30 -39.93 14.81
CA SER B 1156 -52.16 -38.54 15.22
C SER B 1156 -50.90 -37.92 14.63
N GLN B 1157 -50.32 -38.64 13.67
CA GLN B 1157 -49.08 -38.20 13.02
C GLN B 1157 -49.34 -37.31 11.81
N ILE B 1158 -50.49 -36.64 11.77
CA ILE B 1158 -50.82 -35.75 10.66
C ILE B 1158 -50.65 -34.30 11.12
N TRP B 1159 -50.54 -33.41 10.14
CA TRP B 1159 -50.49 -31.99 10.40
C TRP B 1159 -50.98 -31.26 9.17
N GLU B 1160 -51.42 -30.01 9.36
CA GLU B 1160 -52.00 -29.23 8.30
C GLU B 1160 -51.01 -28.18 7.79
N ASP B 1161 -51.41 -27.45 6.77
CA ASP B 1161 -50.70 -26.29 6.26
C ASP B 1161 -51.53 -25.04 6.46
N GLY B 1162 -50.99 -23.91 6.01
CA GLY B 1162 -51.78 -22.69 5.96
C GLY B 1162 -52.87 -22.75 4.91
N GLN B 1163 -52.67 -23.56 3.87
CA GLN B 1163 -53.69 -23.80 2.86
C GLN B 1163 -54.64 -24.92 3.25
N GLY B 1164 -54.45 -25.53 4.42
CA GLY B 1164 -55.33 -26.56 4.89
C GLY B 1164 -55.10 -27.92 4.28
N ASN B 1165 -54.12 -28.06 3.39
CA ASN B 1165 -53.85 -29.33 2.71
C ASN B 1165 -53.01 -30.18 3.65
N LYS B 1166 -53.68 -30.91 4.54
CA LYS B 1166 -53.01 -31.70 5.55
C LYS B 1166 -52.37 -32.95 4.94
N PHE B 1167 -51.29 -33.41 5.58
CA PHE B 1167 -50.70 -34.69 5.21
C PHE B 1167 -49.81 -35.19 6.33
N VAL B 1168 -49.54 -36.50 6.31
CA VAL B 1168 -48.69 -37.15 7.28
C VAL B 1168 -47.22 -37.05 6.84
N GLY B 1169 -46.33 -36.83 7.80
CA GLY B 1169 -44.92 -36.76 7.50
C GLY B 1169 -44.08 -37.09 8.71
N GLY B 1170 -42.81 -37.38 8.45
CA GLY B 1170 -41.90 -37.78 9.50
C GLY B 1170 -41.67 -36.65 10.49
N ASN B 1171 -41.91 -36.93 11.77
CA ASN B 1171 -41.62 -36.00 12.86
C ASN B 1171 -40.17 -36.06 13.31
N GLU B 1172 -39.34 -36.90 12.67
CA GLU B 1172 -37.95 -37.04 13.05
C GLU B 1172 -37.18 -35.80 12.59
N THR B 1173 -37.36 -34.72 13.34
CA THR B 1173 -36.69 -33.48 13.06
C THR B 1173 -36.06 -32.95 14.34
N THR B 1174 -34.96 -32.22 14.18
CA THR B 1174 -34.12 -31.86 15.31
C THR B 1174 -33.89 -30.37 15.38
N THR B 1175 -33.00 -29.94 16.29
CA THR B 1175 -32.64 -28.54 16.43
C THR B 1175 -31.13 -28.45 16.59
N VAL B 1176 -30.46 -27.85 15.61
CA VAL B 1176 -29.02 -27.68 15.66
C VAL B 1176 -28.70 -26.20 15.79
N ALA B 1177 -27.43 -25.87 15.90
CA ALA B 1177 -26.94 -24.50 15.92
C ALA B 1177 -26.12 -24.28 14.68
N ILE B 1178 -26.58 -23.38 13.82
CA ILE B 1178 -25.93 -23.12 12.53
C ILE B 1178 -25.97 -21.64 12.25
N PRO B 1179 -25.06 -21.15 11.40
CA PRO B 1179 -25.21 -19.80 10.86
C PRO B 1179 -26.39 -19.73 9.91
N PHE B 1180 -26.96 -18.53 9.77
CA PHE B 1180 -28.01 -18.32 8.79
C PHE B 1180 -27.47 -18.29 7.38
N VAL B 1181 -26.21 -17.88 7.22
CA VAL B 1181 -25.61 -17.88 5.90
C VAL B 1181 -25.51 -19.29 5.36
N LEU B 1182 -25.45 -20.30 6.24
CA LEU B 1182 -25.53 -21.68 5.78
C LEU B 1182 -26.85 -21.96 5.11
N LYS B 1183 -27.95 -21.50 5.71
CA LYS B 1183 -29.28 -21.69 5.13
C LYS B 1183 -29.39 -20.96 3.80
N TYR B 1184 -28.87 -19.73 3.72
CA TYR B 1184 -28.90 -19.01 2.45
C TYR B 1184 -28.06 -19.69 1.38
N LEU B 1185 -26.92 -20.26 1.76
CA LEU B 1185 -26.10 -20.99 0.80
C LEU B 1185 -26.83 -22.24 0.33
N ASP B 1186 -27.57 -22.90 1.23
CA ASP B 1186 -28.34 -24.06 0.82
C ASP B 1186 -29.44 -23.69 -0.15
N SER B 1187 -30.06 -22.52 0.04
CA SER B 1187 -31.01 -22.03 -0.96
C SER B 1187 -30.33 -21.80 -2.30
N GLU B 1188 -29.21 -21.08 -2.30
CA GLU B 1188 -28.51 -20.82 -3.55
C GLU B 1188 -28.07 -22.11 -4.23
N LEU B 1189 -27.82 -23.16 -3.44
CA LEU B 1189 -27.48 -24.47 -4.00
C LEU B 1189 -28.70 -25.19 -4.54
N SER B 1190 -29.87 -25.02 -3.92
CA SER B 1190 -31.09 -25.52 -4.53
C SER B 1190 -31.33 -24.86 -5.89
N ALA B 1191 -31.03 -23.57 -6.00
CA ALA B 1191 -31.15 -22.89 -7.29
C ALA B 1191 -30.21 -23.46 -8.34
N MET B 1192 -29.18 -24.20 -7.93
CA MET B 1192 -28.30 -24.91 -8.86
C MET B 1192 -28.65 -26.38 -9.03
N GLY B 1193 -29.75 -26.84 -8.42
CA GLY B 1193 -30.08 -28.25 -8.49
C GLY B 1193 -29.19 -29.14 -7.67
N ILE B 1194 -28.53 -28.60 -6.65
CA ILE B 1194 -27.55 -29.32 -5.85
C ILE B 1194 -28.08 -29.39 -4.43
N ARG B 1195 -28.15 -30.59 -3.87
CA ARG B 1195 -28.63 -30.79 -2.52
C ARG B 1195 -27.48 -31.13 -1.59
N LEU B 1196 -27.54 -30.60 -0.38
CA LEU B 1196 -26.58 -30.90 0.68
C LEU B 1196 -27.27 -31.74 1.75
N ARG B 1197 -26.62 -32.82 2.16
CA ARG B 1197 -27.15 -33.72 3.18
C ARG B 1197 -26.33 -33.53 4.46
N TYR B 1198 -26.91 -32.87 5.44
CA TYR B 1198 -26.27 -32.66 6.73
C TYR B 1198 -26.66 -33.80 7.66
N ASN B 1199 -25.68 -34.58 8.10
CA ASN B 1199 -25.93 -35.73 8.95
C ASN B 1199 -25.93 -35.29 10.41
N VAL B 1200 -27.04 -35.56 11.11
CA VAL B 1200 -27.12 -35.22 12.53
C VAL B 1200 -26.43 -36.32 13.34
N GLU B 1201 -25.54 -35.91 14.23
CA GLU B 1201 -24.74 -36.88 14.98
C GLU B 1201 -25.59 -37.78 15.88
N PRO B 1202 -26.55 -37.28 16.67
CA PRO B 1202 -27.46 -38.21 17.36
C PRO B 1202 -28.68 -38.52 16.51
N LYS B 1203 -28.93 -39.80 16.28
CA LYS B 1203 -30.08 -40.23 15.51
C LYS B 1203 -31.01 -41.09 16.36
N GLU C 30 18.05 18.33 61.57
CA GLU C 30 16.61 18.32 61.85
C GLU C 30 15.94 19.56 61.27
N TRP C 31 14.67 19.41 60.87
CA TRP C 31 13.86 20.51 60.38
C TRP C 31 12.68 20.70 61.31
N ASN C 32 12.42 21.94 61.69
CA ASN C 32 11.35 22.26 62.61
C ASN C 32 10.60 23.47 62.07
N VAL C 33 9.41 23.71 62.62
CA VAL C 33 8.67 24.92 62.28
C VAL C 33 9.51 26.15 62.58
N GLU C 34 10.14 26.18 63.74
CA GLU C 34 10.98 27.33 64.10
C GLU C 34 12.26 27.38 63.28
N LYS C 35 12.84 26.22 62.96
CA LYS C 35 14.04 26.23 62.14
C LYS C 35 13.75 26.67 60.71
N PHE C 36 12.50 26.58 60.27
CA PHE C 36 12.12 27.18 58.99
C PHE C 36 11.76 28.66 59.15
N LYS C 37 11.07 29.00 60.24
CA LYS C 37 10.62 30.37 60.48
C LYS C 37 11.79 31.31 60.76
N LYS C 38 12.92 30.76 61.20
CA LYS C 38 14.10 31.59 61.44
C LYS C 38 14.74 32.02 60.13
N ASP C 39 14.80 31.12 59.15
CA ASP C 39 15.54 31.39 57.92
C ASP C 39 14.67 31.89 56.78
N PHE C 40 13.35 31.71 56.85
CA PHE C 40 12.47 32.16 55.78
C PHE C 40 12.33 33.69 55.84
N GLU C 41 12.47 34.33 54.67
CA GLU C 41 12.32 35.79 54.61
C GLU C 41 11.78 36.20 53.25
N VAL C 42 11.04 37.30 53.23
CA VAL C 42 10.29 37.76 52.06
C VAL C 42 10.75 39.17 51.72
N ASN C 43 11.02 39.41 50.44
CA ASN C 43 11.39 40.73 49.93
C ASN C 43 10.42 41.13 48.83
N ILE C 44 9.59 42.13 49.11
CA ILE C 44 8.60 42.60 48.13
C ILE C 44 9.27 43.67 47.28
N SER C 45 9.81 43.27 46.14
CA SER C 45 10.58 44.19 45.31
C SER C 45 9.71 45.32 44.76
N SER C 46 8.50 44.99 44.31
CA SER C 46 7.59 46.00 43.79
C SER C 46 6.17 45.50 43.92
N LEU C 47 5.22 46.42 43.81
CA LEU C 47 3.82 46.08 43.99
C LEU C 47 2.96 47.18 43.37
N ASP C 48 2.23 46.82 42.32
CA ASP C 48 1.18 47.64 41.76
C ASP C 48 -0.16 47.02 42.12
N ALA C 49 -1.24 47.58 41.57
CA ALA C 49 -2.54 46.96 41.70
C ALA C 49 -2.77 45.86 40.68
N ARG C 50 -1.82 45.63 39.77
CA ARG C 50 -1.92 44.57 38.78
C ARG C 50 -0.75 43.60 38.83
N GLU C 51 0.46 44.04 39.15
CA GLU C 51 1.63 43.17 39.19
C GLU C 51 2.40 43.39 40.48
N ALA C 52 2.82 42.30 41.12
CA ALA C 52 3.63 42.34 42.33
C ALA C 52 4.78 41.37 42.18
N ASN C 53 6.00 41.89 42.19
CA ASN C 53 7.23 41.11 42.07
C ASN C 53 7.92 41.05 43.42
N PHE C 54 8.03 39.85 43.99
CA PHE C 54 8.55 39.68 45.34
C PHE C 54 9.45 38.45 45.39
N ASP C 55 9.94 38.14 46.58
CA ASP C 55 10.85 37.03 46.80
C ASP C 55 10.38 36.14 47.94
N LEU C 56 10.64 34.85 47.79
CA LEU C 56 10.57 33.89 48.88
C LEU C 56 11.94 33.25 48.99
N ILE C 57 12.57 33.39 50.16
CA ILE C 57 13.92 32.91 50.38
C ILE C 57 13.87 31.76 51.37
N ASN C 58 14.81 30.82 51.23
CA ASN C 58 14.97 29.73 52.16
C ASN C 58 13.68 28.92 52.34
N ILE C 59 13.04 28.63 51.21
CA ILE C 59 11.87 27.76 51.16
C ILE C 59 12.15 26.73 50.07
N ASP C 60 11.41 25.63 50.09
CA ASP C 60 11.67 24.56 49.14
C ASP C 60 10.78 24.69 47.91
N THR C 61 11.31 24.21 46.77
CA THR C 61 10.54 24.23 45.53
C THR C 61 9.22 23.50 45.71
N SER C 62 9.18 22.50 46.59
CA SER C 62 7.96 21.75 46.81
C SER C 62 6.83 22.64 47.31
N ILE C 63 7.16 23.75 47.96
CA ILE C 63 6.16 24.68 48.49
C ILE C 63 6.00 25.88 47.58
N ALA C 64 7.10 26.38 47.00
CA ALA C 64 6.98 27.47 46.05
C ALA C 64 6.12 27.07 44.86
N ASN C 65 6.30 25.85 44.35
CA ASN C 65 5.48 25.38 43.24
C ASN C 65 4.05 25.13 43.68
N ALA C 66 3.83 24.72 44.92
CA ALA C 66 2.47 24.60 45.41
C ALA C 66 1.77 25.95 45.37
N PHE C 67 2.47 26.99 45.81
CA PHE C 67 1.90 28.33 45.76
C PHE C 67 1.60 28.73 44.32
N ARG C 68 2.54 28.50 43.41
CA ARG C 68 2.35 28.90 42.02
C ARG C 68 1.14 28.20 41.40
N ARG C 69 1.02 26.89 41.62
CA ARG C 69 -0.09 26.14 41.06
C ARG C 69 -1.42 26.58 41.65
N ILE C 70 -1.46 26.82 42.95
CA ILE C 70 -2.71 27.25 43.57
C ILE C 70 -3.12 28.62 43.03
N MET C 71 -2.16 29.53 42.86
CA MET C 71 -2.49 30.83 42.29
C MET C 71 -3.08 30.68 40.90
N ILE C 72 -2.43 29.90 40.05
CA ILE C 72 -2.86 29.82 38.65
C ILE C 72 -4.23 29.16 38.54
N SER C 73 -4.45 28.07 39.28
CA SER C 73 -5.57 27.19 38.96
C SER C 73 -6.47 26.87 40.13
N GLU C 74 -6.40 27.62 41.23
CA GLU C 74 -7.24 27.29 42.37
C GLU C 74 -7.93 28.49 43.01
N VAL C 75 -7.44 29.71 42.82
CA VAL C 75 -8.03 30.90 43.40
C VAL C 75 -9.34 31.19 42.67
N PRO C 76 -10.46 31.27 43.37
CA PRO C 76 -11.74 31.50 42.69
C PRO C 76 -11.82 32.90 42.10
N SER C 77 -12.63 33.02 41.06
CA SER C 77 -12.89 34.30 40.42
C SER C 77 -14.27 34.24 39.76
N VAL C 78 -14.63 35.31 39.08
CA VAL C 78 -15.93 35.45 38.45
C VAL C 78 -15.75 35.68 36.96
N ALA C 79 -16.45 34.89 36.16
CA ALA C 79 -16.48 35.05 34.72
C ALA C 79 -17.85 34.60 34.24
N ALA C 80 -18.22 35.07 33.06
CA ALA C 80 -19.53 34.72 32.52
C ALA C 80 -19.55 33.24 32.13
N GLU C 81 -20.57 32.53 32.56
CA GLU C 81 -20.69 31.11 32.28
C GLU C 81 -21.88 30.77 31.41
N TYR C 82 -23.07 31.22 31.80
CA TYR C 82 -24.30 30.93 31.06
C TYR C 82 -24.71 32.17 30.30
N VAL C 83 -24.94 32.00 29.00
CA VAL C 83 -25.34 33.07 28.10
C VAL C 83 -26.68 32.70 27.51
N TYR C 84 -27.63 33.64 27.53
CA TYR C 84 -28.98 33.40 27.06
C TYR C 84 -29.25 34.34 25.90
N PHE C 85 -28.90 33.92 24.69
CA PHE C 85 -29.14 34.75 23.53
C PHE C 85 -30.63 34.85 23.24
N PHE C 86 -31.09 36.08 23.03
CA PHE C 86 -32.46 36.31 22.58
C PHE C 86 -32.52 36.60 21.09
N ASN C 87 -31.57 37.37 20.59
CA ASN C 87 -31.48 37.64 19.15
C ASN C 87 -30.04 37.99 18.82
N ASN C 88 -29.51 37.36 17.78
CA ASN C 88 -28.16 37.63 17.32
C ASN C 88 -28.16 37.51 15.81
N THR C 89 -27.62 38.53 15.14
CA THR C 89 -27.56 38.53 13.68
C THR C 89 -26.20 38.93 13.15
N SER C 90 -25.23 39.16 14.03
CA SER C 90 -23.92 39.61 13.57
C SER C 90 -23.17 38.47 12.91
N VAL C 91 -22.00 38.82 12.37
CA VAL C 91 -21.13 37.80 11.76
C VAL C 91 -20.67 36.81 12.83
N ILE C 92 -20.45 37.27 14.05
CA ILE C 92 -20.00 36.40 15.13
C ILE C 92 -21.13 35.46 15.50
N GLN C 93 -20.88 34.16 15.40
CA GLN C 93 -21.91 33.19 15.76
C GLN C 93 -22.05 33.13 17.28
N ASP C 94 -23.16 32.51 17.71
CA ASP C 94 -23.51 32.56 19.12
C ASP C 94 -22.46 31.92 20.00
N GLU C 95 -21.90 30.77 19.57
CA GLU C 95 -20.93 30.09 20.41
C GLU C 95 -19.66 30.92 20.59
N VAL C 96 -19.17 31.52 19.51
CA VAL C 96 -17.99 32.38 19.61
C VAL C 96 -18.28 33.59 20.48
N LEU C 97 -19.46 34.19 20.32
CA LEU C 97 -19.79 35.38 21.10
C LEU C 97 -19.87 35.06 22.58
N ALA C 98 -20.53 33.94 22.93
CA ALA C 98 -20.62 33.55 24.33
C ALA C 98 -19.25 33.18 24.89
N HIS C 99 -18.40 32.58 24.06
CA HIS C 99 -17.04 32.29 24.49
C HIS C 99 -16.28 33.57 24.83
N ARG C 100 -16.37 34.58 23.96
CA ARG C 100 -15.68 35.83 24.23
C ARG C 100 -16.24 36.50 25.48
N ILE C 101 -17.56 36.49 25.64
CA ILE C 101 -18.17 37.13 26.80
C ILE C 101 -17.74 36.43 28.08
N GLY C 102 -17.61 35.10 28.04
CA GLY C 102 -17.06 34.40 29.19
C GLY C 102 -15.61 34.76 29.45
N LEU C 103 -14.82 34.90 28.40
CA LEU C 103 -13.41 35.21 28.57
C LEU C 103 -13.15 36.59 29.14
N VAL C 104 -14.13 37.48 29.15
CA VAL C 104 -13.91 38.85 29.61
C VAL C 104 -13.79 38.87 31.13
N PRO C 105 -12.66 39.32 31.68
CA PRO C 105 -12.54 39.40 33.14
C PRO C 105 -13.44 40.47 33.71
N LEU C 106 -14.01 40.17 34.87
CA LEU C 106 -14.96 41.06 35.54
C LEU C 106 -14.36 41.55 36.84
N LYS C 107 -14.38 42.86 37.05
CA LYS C 107 -13.90 43.44 38.31
C LYS C 107 -14.97 43.23 39.38
N VAL C 108 -14.97 42.01 39.93
CA VAL C 108 -15.80 41.66 41.07
C VAL C 108 -14.91 41.02 42.12
N ASP C 109 -15.08 41.43 43.36
CA ASP C 109 -14.42 40.72 44.44
C ASP C 109 -15.14 39.41 44.68
N PRO C 110 -14.47 38.26 44.52
CA PRO C 110 -15.18 36.97 44.63
C PRO C 110 -15.81 36.71 45.97
N ASP C 111 -15.31 37.32 47.04
CA ASP C 111 -15.89 37.09 48.37
C ASP C 111 -17.33 37.55 48.47
N MET C 112 -17.77 38.43 47.58
CA MET C 112 -19.09 39.05 47.68
C MET C 112 -20.23 38.10 47.35
N LEU C 113 -19.94 36.90 46.84
CA LEU C 113 -20.98 35.98 46.40
C LEU C 113 -20.54 34.55 46.68
N THR C 114 -21.53 33.65 46.71
CA THR C 114 -21.29 32.27 47.12
C THR C 114 -21.27 31.34 45.90
N TRP C 115 -21.03 30.06 46.17
CA TRP C 115 -20.89 29.05 45.14
C TRP C 115 -22.25 28.50 44.72
N VAL C 116 -22.27 27.83 43.57
CA VAL C 116 -23.49 27.37 42.93
C VAL C 116 -23.56 25.85 43.04
N ASP C 117 -24.75 25.34 43.36
CA ASP C 117 -25.00 23.90 43.46
C ASP C 117 -25.46 23.39 42.10
N SER C 118 -24.61 22.63 41.43
CA SER C 118 -24.97 22.11 40.11
C SER C 118 -26.03 21.02 40.18
N ASN C 119 -26.32 20.48 41.36
CA ASN C 119 -27.36 19.47 41.47
C ASN C 119 -28.76 20.09 41.39
N LEU C 120 -28.89 21.35 41.79
CA LEU C 120 -30.20 22.00 41.80
C LEU C 120 -30.71 22.21 40.37
N PRO C 121 -32.02 22.30 40.18
CA PRO C 121 -32.55 22.53 38.84
C PRO C 121 -32.15 23.91 38.32
N ASP C 122 -32.04 24.01 37.00
CA ASP C 122 -31.52 25.21 36.38
C ASP C 122 -32.43 26.42 36.59
N ASP C 123 -33.68 26.22 37.00
CA ASP C 123 -34.51 27.36 37.37
C ASP C 123 -34.02 27.99 38.67
N GLU C 124 -33.81 27.17 39.69
CA GLU C 124 -33.41 27.64 41.02
C GLU C 124 -31.93 27.48 41.27
N LYS C 125 -31.15 27.13 40.25
CA LYS C 125 -29.71 27.03 40.41
C LYS C 125 -29.05 28.39 40.63
N PHE C 126 -29.73 29.47 40.25
CA PHE C 126 -29.21 30.82 40.38
C PHE C 126 -30.07 31.62 41.33
N THR C 127 -29.42 32.54 42.06
CA THR C 127 -30.10 33.43 42.98
C THR C 127 -29.42 34.79 42.88
N ASP C 128 -29.69 35.66 43.86
CA ASP C 128 -29.10 36.98 43.86
C ASP C 128 -27.79 37.08 44.63
N GLU C 129 -27.40 36.02 45.34
CA GLU C 129 -26.18 36.02 46.13
C GLU C 129 -25.08 35.15 45.54
N ASN C 130 -25.32 34.50 44.41
CA ASN C 130 -24.30 33.67 43.78
C ASN C 130 -24.21 33.87 42.28
N THR C 131 -25.05 34.72 41.69
CA THR C 131 -25.03 34.95 40.26
C THR C 131 -25.14 36.45 40.00
N ILE C 132 -24.24 36.95 39.16
CA ILE C 132 -24.26 38.34 38.70
C ILE C 132 -24.73 38.34 37.26
N VAL C 133 -25.75 39.15 36.97
CA VAL C 133 -26.38 39.16 35.66
C VAL C 133 -25.82 40.30 34.83
N LEU C 134 -25.42 39.98 33.61
CA LEU C 134 -24.98 40.98 32.64
C LEU C 134 -25.88 40.89 31.41
N SER C 135 -26.13 42.02 30.78
CA SER C 135 -26.96 42.09 29.59
C SER C 135 -26.22 42.85 28.51
N LEU C 136 -26.59 42.60 27.25
CA LEU C 136 -25.97 43.30 26.13
C LEU C 136 -27.03 43.43 25.03
N ASN C 137 -27.73 44.55 25.02
CA ASN C 137 -28.74 44.85 24.01
C ASN C 137 -28.23 46.01 23.16
N VAL C 138 -28.11 45.76 21.86
CA VAL C 138 -27.49 46.73 20.97
C VAL C 138 -28.00 46.46 19.57
N LYS C 139 -28.25 47.54 18.82
CA LYS C 139 -28.65 47.48 17.42
C LYS C 139 -27.81 48.47 16.64
N CYS C 140 -27.30 48.03 15.49
CA CYS C 140 -26.54 48.91 14.61
C CYS C 140 -27.46 49.61 13.64
N THR C 141 -27.11 50.84 13.28
CA THR C 141 -27.83 51.62 12.29
C THR C 141 -26.86 52.53 11.56
N ARG C 142 -27.08 52.70 10.27
CA ARG C 142 -26.19 53.53 9.46
C ARG C 142 -26.37 55.00 9.83
N ASN C 143 -25.27 55.70 9.99
CA ASN C 143 -25.31 57.12 10.33
C ASN C 143 -25.59 57.94 9.08
N PRO C 144 -26.66 58.74 9.05
CA PRO C 144 -26.95 59.54 7.85
C PRO C 144 -26.02 60.73 7.67
N ASP C 145 -25.23 61.10 8.67
CA ASP C 145 -24.36 62.27 8.60
C ASP C 145 -22.95 61.93 8.15
N ALA C 146 -22.72 60.74 7.65
CA ALA C 146 -21.37 60.35 7.24
C ALA C 146 -20.93 61.14 6.01
N PRO C 147 -19.78 61.80 6.06
CA PRO C 147 -19.32 62.58 4.91
C PRO C 147 -19.00 61.69 3.72
N LYS C 148 -19.14 62.28 2.53
CA LYS C 148 -18.81 61.55 1.31
C LYS C 148 -17.34 61.17 1.30
N GLY C 149 -17.06 59.93 0.89
CA GLY C 149 -15.72 59.41 0.89
C GLY C 149 -15.20 58.97 2.24
N SER C 150 -16.02 59.00 3.28
CA SER C 150 -15.57 58.57 4.60
C SER C 150 -15.62 57.06 4.71
N THR C 151 -14.58 56.48 5.29
CA THR C 151 -14.48 55.04 5.47
C THR C 151 -14.34 54.62 6.92
N ASP C 152 -14.40 55.54 7.86
CA ASP C 152 -14.29 55.19 9.26
C ASP C 152 -15.59 54.53 9.72
N PRO C 153 -15.55 53.29 10.20
CA PRO C 153 -16.80 52.61 10.58
C PRO C 153 -17.56 53.31 11.69
N LYS C 154 -16.87 53.98 12.61
CA LYS C 154 -17.58 54.68 13.68
C LYS C 154 -18.32 55.89 13.13
N GLU C 155 -17.79 56.53 12.10
CA GLU C 155 -18.49 57.63 11.47
C GLU C 155 -19.65 57.13 10.61
N LEU C 156 -19.44 56.03 9.87
CA LEU C 156 -20.47 55.57 8.95
C LEU C 156 -21.67 54.99 9.69
N TYR C 157 -21.43 54.23 10.76
CA TYR C 157 -22.48 53.48 11.42
C TYR C 157 -22.52 53.81 12.90
N ASN C 158 -23.69 53.61 13.50
CA ASN C 158 -23.89 53.77 14.92
C ASN C 158 -23.80 52.41 15.60
N ASN C 159 -23.00 52.33 16.66
CA ASN C 159 -22.76 51.08 17.37
C ASN C 159 -22.14 50.03 16.45
N ALA C 160 -21.26 50.47 15.55
CA ALA C 160 -20.55 49.55 14.69
C ALA C 160 -19.62 48.64 15.47
N HIS C 161 -19.20 49.04 16.67
CA HIS C 161 -18.36 48.24 17.54
C HIS C 161 -19.09 47.97 18.85
N VAL C 162 -19.04 46.73 19.32
CA VAL C 162 -19.59 46.35 20.61
C VAL C 162 -18.42 46.10 21.55
N TYR C 163 -18.32 46.92 22.59
CA TYR C 163 -17.22 46.86 23.54
C TYR C 163 -17.67 46.21 24.84
N ALA C 164 -16.69 45.74 25.61
CA ALA C 164 -17.02 45.09 26.88
C ALA C 164 -17.72 46.04 27.83
N ARG C 165 -17.46 47.35 27.70
CA ARG C 165 -18.16 48.33 28.53
C ARG C 165 -19.66 48.32 28.30
N ASP C 166 -20.11 47.82 27.14
CA ASP C 166 -21.54 47.75 26.86
C ASP C 166 -22.27 46.75 27.73
N LEU C 167 -21.55 45.87 28.43
CA LEU C 167 -22.22 44.88 29.27
C LEU C 167 -22.80 45.55 30.51
N LYS C 168 -24.07 45.91 30.44
CA LYS C 168 -24.70 46.53 31.60
C LYS C 168 -24.85 45.51 32.73
N PHE C 169 -25.01 46.02 33.94
CA PHE C 169 -25.21 45.20 35.11
C PHE C 169 -26.66 45.33 35.57
N GLU C 170 -27.33 44.20 35.76
CA GLU C 170 -28.73 44.16 36.17
C GLU C 170 -28.82 43.66 37.61
N PRO C 171 -28.72 44.53 38.61
CA PRO C 171 -28.78 44.06 40.00
C PRO C 171 -30.16 43.51 40.32
N GLN C 172 -30.17 42.32 40.91
CA GLN C 172 -31.40 41.59 41.18
C GLN C 172 -31.53 41.32 42.66
N GLY C 173 -32.73 41.51 43.19
CA GLY C 173 -32.98 41.21 44.59
C GLY C 173 -32.09 42.02 45.52
N ARG C 174 -31.48 41.32 46.48
CA ARG C 174 -30.72 41.99 47.52
C ARG C 174 -29.44 42.60 47.00
N GLN C 175 -28.90 42.13 45.89
CA GLN C 175 -27.59 42.58 45.44
C GLN C 175 -27.60 44.03 44.96
N SER C 176 -28.79 44.63 44.78
CA SER C 176 -28.86 46.02 44.36
C SER C 176 -28.20 46.95 45.37
N THR C 177 -28.27 46.61 46.66
CA THR C 177 -27.62 47.41 47.68
C THR C 177 -26.30 46.85 48.16
N THR C 178 -26.04 45.55 47.93
CA THR C 178 -24.72 45.02 48.26
C THR C 178 -23.67 45.46 47.26
N PHE C 179 -24.01 45.48 45.96
CA PHE C 179 -23.09 45.96 44.95
C PHE C 179 -23.23 47.45 44.69
N ALA C 180 -24.06 48.15 45.46
CA ALA C 180 -24.19 49.60 45.29
C ALA C 180 -22.87 50.31 45.58
N ASP C 181 -22.10 49.80 46.54
CA ASP C 181 -20.82 50.44 46.89
C ASP C 181 -19.86 50.44 45.72
N CYS C 182 -19.96 49.46 44.82
CA CYS C 182 -19.10 49.39 43.65
C CYS C 182 -19.81 48.65 42.53
N PRO C 183 -20.13 49.32 41.43
CA PRO C 183 -20.80 48.64 40.32
C PRO C 183 -19.89 47.64 39.63
N VAL C 184 -20.52 46.67 38.99
CA VAL C 184 -19.79 45.64 38.26
C VAL C 184 -19.39 46.17 36.89
N VAL C 185 -18.10 46.10 36.58
CA VAL C 185 -17.60 46.48 35.25
C VAL C 185 -16.55 45.46 34.82
N PRO C 186 -16.30 45.37 33.52
CA PRO C 186 -15.15 44.57 33.07
C PRO C 186 -13.84 45.17 33.53
N ALA C 187 -12.84 44.30 33.67
CA ALA C 187 -11.50 44.76 34.02
C ALA C 187 -10.93 45.64 32.93
N ASP C 188 -11.12 45.25 31.67
CA ASP C 188 -10.71 46.07 30.53
C ASP C 188 -11.96 46.39 29.71
N PRO C 189 -12.48 47.61 29.79
CA PRO C 189 -13.72 47.94 29.07
C PRO C 189 -13.51 48.25 27.61
N ASP C 190 -12.29 48.14 27.10
CA ASP C 190 -11.99 48.38 25.70
C ASP C 190 -11.86 47.10 24.89
N ILE C 191 -12.26 45.96 25.46
CA ILE C 191 -12.22 44.70 24.73
C ILE C 191 -13.25 44.74 23.61
N LEU C 192 -12.83 44.37 22.42
CA LEU C 192 -13.68 44.39 21.23
C LEU C 192 -14.48 43.09 21.18
N LEU C 193 -15.71 43.15 21.68
CA LEU C 193 -16.54 41.95 21.75
C LEU C 193 -17.10 41.55 20.39
N ALA C 194 -17.46 42.53 19.56
CA ALA C 194 -18.12 42.23 18.30
C ALA C 194 -18.06 43.48 17.42
N LYS C 195 -18.40 43.28 16.16
CA LYS C 195 -18.60 44.36 15.21
C LYS C 195 -19.96 44.17 14.54
N LEU C 196 -20.63 45.27 14.24
CA LEU C 196 -21.97 45.22 13.67
C LEU C 196 -22.03 46.07 12.40
N ARG C 197 -23.03 45.78 11.59
CA ARG C 197 -23.40 46.55 10.41
C ARG C 197 -24.89 46.83 10.47
N PRO C 198 -25.37 47.90 9.83
CA PRO C 198 -26.74 48.35 10.06
C PRO C 198 -27.76 47.25 9.79
N GLY C 199 -28.76 47.16 10.66
CA GLY C 199 -29.72 46.08 10.62
C GLY C 199 -29.39 45.01 11.63
N GLN C 200 -28.11 44.74 11.83
CA GLN C 200 -27.67 43.69 12.72
C GLN C 200 -27.78 44.13 14.17
N GLU C 201 -28.25 43.21 15.03
CA GLU C 201 -28.42 43.48 16.44
C GLU C 201 -27.89 42.31 17.25
N ILE C 202 -27.62 42.57 18.52
CA ILE C 202 -27.20 41.56 19.48
C ILE C 202 -27.96 41.79 20.78
N SER C 203 -28.56 40.73 21.31
CA SER C 203 -29.30 40.84 22.56
C SER C 203 -29.11 39.56 23.37
N LEU C 204 -28.61 39.70 24.59
CA LEU C 204 -28.28 38.52 25.38
C LEU C 204 -28.27 38.88 26.85
N LYS C 205 -28.29 37.84 27.67
CA LYS C 205 -28.03 37.93 29.10
C LYS C 205 -26.95 36.93 29.45
N ALA C 206 -25.98 37.36 30.24
CA ALA C 206 -24.90 36.49 30.69
C ALA C 206 -24.98 36.32 32.20
N HIS C 207 -24.86 35.08 32.66
CA HIS C 207 -24.82 34.79 34.08
C HIS C 207 -23.40 34.48 34.51
N CYS C 208 -22.92 35.19 35.52
CA CYS C 208 -21.55 35.08 35.98
C CYS C 208 -21.55 34.43 37.35
N ILE C 209 -20.84 33.31 37.47
CA ILE C 209 -20.79 32.56 38.72
C ILE C 209 -19.36 32.49 39.20
N LEU C 210 -19.13 31.81 40.31
CA LEU C 210 -17.78 31.59 40.81
C LEU C 210 -17.20 30.32 40.21
N GLY C 211 -15.89 30.31 40.05
CA GLY C 211 -15.21 29.15 39.48
C GLY C 211 -13.72 29.27 39.66
N ILE C 212 -13.02 28.19 39.34
CA ILE C 212 -11.58 28.11 39.48
C ILE C 212 -10.97 27.73 38.15
N GLY C 213 -9.71 28.12 37.97
CA GLY C 213 -9.03 27.90 36.70
C GLY C 213 -8.83 26.44 36.37
N GLY C 214 -9.02 25.54 37.33
CA GLY C 214 -8.94 24.13 37.04
C GLY C 214 -10.05 23.66 36.11
N ASP C 215 -11.26 24.17 36.31
CA ASP C 215 -12.36 23.84 35.42
C ASP C 215 -12.15 24.46 34.05
N HIS C 216 -12.09 25.78 33.99
CA HIS C 216 -11.91 26.50 32.74
C HIS C 216 -10.87 27.59 32.94
N ALA C 217 -10.08 27.82 31.90
CA ALA C 217 -8.97 28.78 31.97
C ALA C 217 -9.46 30.21 32.12
N LYS C 218 -10.74 30.48 31.94
CA LYS C 218 -11.23 31.84 32.08
C LYS C 218 -11.31 32.27 33.54
N PHE C 219 -11.44 31.33 34.47
CA PHE C 219 -11.56 31.69 35.88
C PHE C 219 -10.23 32.01 36.54
N SER C 220 -9.12 31.75 35.88
CA SER C 220 -7.81 31.98 36.51
C SER C 220 -7.59 33.47 36.71
N PRO C 221 -7.29 33.94 37.93
CA PRO C 221 -7.20 35.38 38.16
C PRO C 221 -5.90 36.00 37.70
N VAL C 222 -4.89 35.23 37.37
CA VAL C 222 -3.57 35.75 37.04
C VAL C 222 -3.35 35.63 35.54
N SER C 223 -2.81 36.68 34.93
CA SER C 223 -2.34 36.56 33.57
C SER C 223 -1.26 35.50 33.47
N THR C 224 -0.29 35.55 34.39
CA THR C 224 0.62 34.44 34.63
C THR C 224 1.36 34.64 35.94
N ALA C 225 1.33 33.63 36.80
CA ALA C 225 2.08 33.62 38.06
C ALA C 225 3.17 32.57 37.94
N SER C 226 4.41 32.98 38.20
CA SER C 226 5.51 32.04 38.12
C SER C 226 6.71 32.60 38.87
N TYR C 227 7.66 31.73 39.14
CA TYR C 227 8.89 32.10 39.83
C TYR C 227 10.08 31.74 38.98
N ARG C 228 11.26 32.18 39.41
CA ARG C 228 12.51 31.81 38.76
C ARG C 228 13.61 31.80 39.81
N LEU C 229 14.42 30.76 39.78
CA LEU C 229 15.52 30.65 40.74
C LEU C 229 16.48 31.81 40.55
N LEU C 230 16.93 32.37 41.65
CA LEU C 230 17.86 33.48 41.59
C LEU C 230 19.14 33.03 40.89
N PRO C 231 19.52 33.66 39.79
CA PRO C 231 20.79 33.29 39.15
C PRO C 231 21.96 33.49 40.08
N GLN C 232 22.96 32.63 39.94
CA GLN C 232 24.18 32.73 40.70
C GLN C 232 25.35 32.70 39.74
N ILE C 233 26.28 33.62 39.89
CA ILE C 233 27.40 33.77 38.97
C ILE C 233 28.67 33.67 39.80
N ASN C 234 29.24 32.46 39.86
CA ASN C 234 30.49 32.22 40.56
C ASN C 234 31.63 32.54 39.62
N ILE C 235 32.34 33.63 39.89
CA ILE C 235 33.52 33.99 39.10
C ILE C 235 34.71 33.22 39.66
N LEU C 236 35.21 32.24 38.89
CA LEU C 236 36.25 31.36 39.41
C LEU C 236 37.61 32.06 39.49
N GLN C 237 37.94 32.86 38.48
CA GLN C 237 39.26 33.44 38.34
C GLN C 237 39.17 34.94 38.13
N PRO C 238 40.22 35.68 38.47
CA PRO C 238 40.23 37.13 38.21
C PRO C 238 40.11 37.43 36.72
N ILE C 239 39.38 38.50 36.41
CA ILE C 239 39.10 38.91 35.04
C ILE C 239 39.58 40.34 34.81
N LYS C 240 40.69 40.71 35.43
CA LYS C 240 41.25 42.05 35.25
C LYS C 240 41.56 42.33 33.78
N GLY C 241 41.55 43.61 33.43
CA GLY C 241 41.88 44.04 32.08
C GLY C 241 40.66 44.44 31.28
N GLU C 242 40.87 44.62 29.98
CA GLU C 242 39.75 44.86 29.08
C GLU C 242 38.91 43.61 28.85
N SER C 243 39.37 42.45 29.33
CA SER C 243 38.54 41.26 29.28
C SER C 243 37.32 41.40 30.18
N ALA C 244 37.41 42.23 31.21
CA ALA C 244 36.23 42.48 32.04
C ALA C 244 35.18 43.28 31.28
N ARG C 245 35.62 44.22 30.44
CA ARG C 245 34.67 45.01 29.66
C ARG C 245 33.81 44.11 28.78
N ARG C 246 34.44 43.15 28.10
CA ARG C 246 33.65 42.23 27.29
C ARG C 246 32.94 41.18 28.13
N PHE C 247 33.49 40.81 29.29
CA PHE C 247 32.79 39.90 30.18
C PHE C 247 31.46 40.51 30.63
N GLN C 248 31.50 41.76 31.08
CA GLN C 248 30.26 42.44 31.44
C GLN C 248 29.38 42.64 30.22
N LYS C 249 29.99 42.77 29.04
CA LYS C 249 29.23 42.94 27.81
C LYS C 249 28.43 41.69 27.45
N CYS C 250 28.79 40.53 28.00
CA CYS C 250 28.08 39.28 27.79
C CYS C 250 26.98 39.05 28.81
N PHE C 251 26.44 40.12 29.39
CA PHE C 251 25.42 40.04 30.42
C PHE C 251 24.45 41.20 30.23
N PRO C 252 23.28 41.14 30.85
CA PRO C 252 22.40 42.31 30.89
C PRO C 252 23.12 43.52 31.44
N PRO C 253 22.63 44.73 31.18
CA PRO C 253 23.48 45.92 31.33
C PRO C 253 24.09 46.11 32.71
N GLY C 254 23.34 45.85 33.77
CA GLY C 254 23.82 46.08 35.12
C GLY C 254 24.14 44.87 35.95
N VAL C 255 24.27 43.68 35.35
CA VAL C 255 24.52 42.47 36.12
C VAL C 255 25.94 42.47 36.68
N ILE C 256 26.91 42.92 35.90
CA ILE C 256 28.30 42.92 36.29
C ILE C 256 28.78 44.36 36.40
N GLY C 257 29.62 44.63 37.40
CA GLY C 257 30.27 45.91 37.54
C GLY C 257 31.78 45.82 37.42
N ILE C 258 32.42 46.93 37.10
CA ILE C 258 33.88 47.02 37.05
C ILE C 258 34.37 47.65 38.34
N ASP C 259 35.31 46.98 39.00
CA ASP C 259 35.77 47.43 40.30
C ASP C 259 36.48 48.77 40.17
N GLU C 260 36.23 49.66 41.14
CA GLU C 260 36.76 51.02 41.05
C GLU C 260 38.26 51.05 41.30
N GLY C 261 38.74 50.34 42.32
CA GLY C 261 40.16 50.35 42.62
C GLY C 261 41.00 49.63 41.60
N SER C 262 40.88 48.31 41.54
CA SER C 262 41.52 47.51 40.51
C SER C 262 40.51 47.19 39.41
N ASP C 263 41.02 46.83 38.24
CA ASP C 263 40.15 46.64 37.09
C ASP C 263 39.53 45.24 37.11
N GLU C 264 38.96 44.85 38.25
CA GLU C 264 38.37 43.54 38.40
C GLU C 264 36.86 43.58 38.11
N ALA C 265 36.31 42.42 37.82
CA ALA C 265 34.89 42.26 37.55
C ALA C 265 34.21 41.55 38.71
N TYR C 266 32.96 41.93 38.97
CA TYR C 266 32.21 41.39 40.08
C TYR C 266 30.72 41.49 39.78
N VAL C 267 29.93 40.72 40.52
CA VAL C 267 28.50 40.61 40.27
C VAL C 267 27.78 41.66 41.10
N LYS C 268 27.23 42.68 40.43
CA LYS C 268 26.44 43.69 41.13
C LYS C 268 25.09 43.14 41.57
N ASP C 269 24.25 42.78 40.60
CA ASP C 269 22.92 42.27 40.87
C ASP C 269 22.71 40.99 40.08
N ALA C 270 22.20 39.96 40.74
CA ALA C 270 21.96 38.69 40.08
C ALA C 270 20.53 38.53 39.59
N ARG C 271 19.58 39.23 40.22
CA ARG C 271 18.22 39.20 39.72
C ARG C 271 18.13 39.72 38.30
N LYS C 272 18.98 40.69 37.95
CA LYS C 272 18.95 41.31 36.64
C LYS C 272 19.35 40.35 35.52
N ASP C 273 19.91 39.19 35.86
CA ASP C 273 20.43 38.31 34.82
C ASP C 273 19.33 37.43 34.27
N THR C 274 19.05 37.58 32.98
CA THR C 274 18.34 36.56 32.23
C THR C 274 19.37 35.54 31.76
N VAL C 275 19.12 34.27 32.05
CA VAL C 275 20.16 33.26 31.84
C VAL C 275 20.26 32.97 30.35
N SER C 276 21.18 33.65 29.68
CA SER C 276 21.35 33.54 28.25
C SER C 276 22.62 32.82 27.84
N ARG C 277 23.59 32.69 28.74
CA ARG C 277 24.81 31.93 28.50
C ARG C 277 25.58 32.42 27.29
N GLU C 278 25.62 33.75 27.09
CA GLU C 278 26.51 34.28 26.06
C GLU C 278 27.97 34.18 26.46
N VAL C 279 28.25 34.05 27.75
CA VAL C 279 29.62 33.93 28.22
C VAL C 279 30.24 32.63 27.70
N LEU C 280 29.51 31.53 27.80
CA LEU C 280 30.02 30.24 27.39
C LEU C 280 30.26 30.16 25.89
N ARG C 281 29.74 31.11 25.12
CA ARG C 281 29.89 31.11 23.69
C ARG C 281 31.29 31.51 23.24
N TYR C 282 32.15 31.95 24.15
CA TYR C 282 33.49 32.38 23.82
C TYR C 282 34.51 31.53 24.56
N GLU C 283 35.59 31.17 23.85
CA GLU C 283 36.62 30.32 24.43
C GLU C 283 37.44 31.01 25.50
N GLU C 284 37.30 32.33 25.65
CA GLU C 284 38.08 33.04 26.66
C GLU C 284 37.66 32.66 28.06
N PHE C 285 36.35 32.69 28.32
CA PHE C 285 35.81 32.43 29.65
C PHE C 285 35.42 30.98 29.85
N ALA C 286 36.12 30.07 29.17
CA ALA C 286 35.82 28.65 29.29
C ALA C 286 36.04 28.14 30.71
N ASP C 287 37.09 28.61 31.36
CA ASP C 287 37.45 28.18 32.70
C ASP C 287 37.58 29.38 33.63
N LYS C 288 36.65 30.33 33.53
CA LYS C 288 36.69 31.52 34.37
C LYS C 288 35.39 31.79 35.11
N VAL C 289 34.33 31.03 34.87
CA VAL C 289 33.05 31.30 35.50
C VAL C 289 32.17 30.06 35.35
N LYS C 290 31.35 29.82 36.36
CA LYS C 290 30.33 28.78 36.33
C LYS C 290 28.99 29.40 36.70
N LEU C 291 27.98 29.20 35.86
CA LEU C 291 26.65 29.75 36.07
C LEU C 291 25.76 28.70 36.72
N GLY C 292 25.21 29.03 37.88
CA GLY C 292 24.34 28.12 38.60
C GLY C 292 23.12 28.83 39.11
N ARG C 293 22.51 28.34 40.18
CA ARG C 293 21.31 28.97 40.73
C ARG C 293 21.27 28.74 42.23
N VAL C 294 20.40 29.48 42.90
CA VAL C 294 20.17 29.35 44.33
C VAL C 294 18.82 28.67 44.49
N ARG C 295 18.83 27.40 44.87
CA ARG C 295 17.62 26.58 44.83
C ARG C 295 16.60 26.94 45.90
N ASN C 296 16.94 27.81 46.83
CA ASN C 296 16.01 28.22 47.88
C ASN C 296 15.54 29.65 47.71
N HIS C 297 15.81 30.26 46.55
CA HIS C 297 15.60 31.69 46.33
C HIS C 297 14.69 31.83 45.10
N PHE C 298 13.41 32.12 45.32
CA PHE C 298 12.43 32.19 44.25
C PHE C 298 12.01 33.63 44.04
N ILE C 299 12.20 34.13 42.83
CA ILE C 299 11.77 35.49 42.47
C ILE C 299 10.37 35.35 41.86
N PHE C 300 9.36 35.35 42.72
CA PHE C 300 8.00 35.24 42.26
C PHE C 300 7.61 36.47 41.45
N ASN C 301 6.78 36.27 40.43
CA ASN C 301 6.24 37.36 39.63
C ASN C 301 4.77 37.07 39.37
N VAL C 302 3.90 37.95 39.84
CA VAL C 302 2.46 37.75 39.76
C VAL C 302 1.85 38.94 39.04
N GLU C 303 1.04 38.67 38.01
CA GLU C 303 0.28 39.69 37.32
C GLU C 303 -1.20 39.32 37.40
N SER C 304 -2.04 40.25 37.80
CA SER C 304 -3.45 39.97 37.96
C SER C 304 -4.21 40.25 36.67
N ALA C 305 -5.35 39.58 36.52
CA ALA C 305 -6.24 39.86 35.39
C ALA C 305 -6.93 41.22 35.56
N GLY C 306 -7.30 41.56 36.79
CA GLY C 306 -7.97 42.81 37.07
C GLY C 306 -9.01 42.74 38.17
N ALA C 307 -9.48 41.53 38.48
CA ALA C 307 -10.53 41.40 39.49
C ALA C 307 -9.98 41.55 40.91
N MET C 308 -8.75 41.11 41.15
CA MET C 308 -8.10 41.21 42.45
C MET C 308 -6.69 41.77 42.25
N THR C 309 -6.01 41.97 43.34
CA THR C 309 -4.64 42.46 43.32
C THR C 309 -3.66 41.33 43.63
N PRO C 310 -2.46 41.37 43.05
CA PRO C 310 -1.54 40.24 43.18
C PRO C 310 -1.18 39.87 44.61
N GLU C 311 -1.10 40.84 45.51
CA GLU C 311 -0.89 40.49 46.92
C GLU C 311 -2.05 39.68 47.45
N GLU C 312 -3.28 40.04 47.09
CA GLU C 312 -4.41 39.25 47.54
C GLU C 312 -4.46 37.89 46.84
N ILE C 313 -3.96 37.80 45.61
CA ILE C 313 -3.87 36.51 44.95
C ILE C 313 -2.95 35.58 45.73
N PHE C 314 -1.78 36.08 46.12
CA PHE C 314 -0.84 35.26 46.88
C PHE C 314 -1.42 34.90 48.24
N PHE C 315 -2.08 35.85 48.90
CA PHE C 315 -2.69 35.57 50.19
C PHE C 315 -3.75 34.49 50.06
N LYS C 316 -4.58 34.57 49.02
CA LYS C 316 -5.60 33.55 48.79
C LYS C 316 -4.97 32.18 48.56
N SER C 317 -3.88 32.13 47.79
CA SER C 317 -3.24 30.85 47.53
C SER C 317 -2.72 30.22 48.82
N VAL C 318 -2.07 31.02 49.66
CA VAL C 318 -1.56 30.49 50.92
C VAL C 318 -2.70 30.01 51.81
N ARG C 319 -3.76 30.81 51.92
CA ARG C 319 -4.90 30.39 52.72
C ARG C 319 -5.51 29.11 52.18
N ILE C 320 -5.49 28.94 50.85
CA ILE C 320 -6.09 27.75 50.23
C ILE C 320 -5.29 26.52 50.58
N LEU C 321 -3.95 26.60 50.47
CA LEU C 321 -3.12 25.45 50.84
C LEU C 321 -3.33 25.10 52.31
N LYS C 322 -3.37 26.11 53.18
CA LYS C 322 -3.55 25.85 54.60
C LYS C 322 -4.90 25.21 54.89
N ASN C 323 -5.98 25.71 54.27
CA ASN C 323 -7.30 25.16 54.56
C ASN C 323 -7.48 23.79 53.94
N LYS C 324 -6.78 23.50 52.84
CA LYS C 324 -6.80 22.15 52.28
C LYS C 324 -6.13 21.17 53.22
N ALA C 325 -4.96 21.53 53.74
CA ALA C 325 -4.31 20.67 54.72
C ALA C 325 -5.17 20.51 55.97
N GLU C 326 -5.85 21.58 56.40
CA GLU C 326 -6.71 21.50 57.57
C GLU C 326 -7.91 20.60 57.31
N TYR C 327 -8.47 20.66 56.10
CA TYR C 327 -9.56 19.76 55.77
C TYR C 327 -9.11 18.32 55.83
N LEU C 328 -7.90 18.04 55.33
CA LEU C 328 -7.38 16.68 55.43
C LEU C 328 -7.19 16.25 56.88
N LYS C 329 -6.68 17.15 57.73
CA LYS C 329 -6.55 16.82 59.15
C LYS C 329 -7.90 16.45 59.74
N ASN C 330 -8.90 17.29 59.53
CA ASN C 330 -10.23 17.06 60.09
C ASN C 330 -10.97 15.93 59.40
N CYS C 331 -10.46 15.42 58.29
CA CYS C 331 -11.12 14.32 57.60
C CYS C 331 -10.96 13.03 58.41
N PRO C 332 -12.04 12.40 58.85
CA PRO C 332 -11.91 11.14 59.58
C PRO C 332 -11.36 10.05 58.68
N ILE C 333 -10.56 9.18 59.26
CA ILE C 333 -9.90 8.11 58.52
C ILE C 333 -10.33 6.76 59.05
N THR D 12 -41.57 -23.31 25.36
CA THR D 12 -41.57 -24.49 26.21
C THR D 12 -41.09 -25.71 25.45
N ALA D 13 -41.06 -26.86 26.13
CA ALA D 13 -40.69 -28.13 25.52
C ALA D 13 -39.29 -28.08 24.91
N THR D 14 -38.39 -27.38 25.57
CA THR D 14 -37.03 -27.19 25.07
C THR D 14 -36.15 -28.35 25.55
N THR D 15 -34.83 -28.24 25.32
CA THR D 15 -33.92 -29.29 25.75
C THR D 15 -33.89 -29.46 27.26
N LEU D 16 -34.39 -28.48 28.01
CA LEU D 16 -34.36 -28.55 29.46
C LEU D 16 -35.61 -29.18 30.05
N ASN D 17 -36.60 -29.52 29.23
CA ASN D 17 -37.74 -30.30 29.67
C ASN D 17 -37.87 -31.61 28.92
N THR D 18 -37.78 -31.58 27.60
CA THR D 18 -37.96 -32.79 26.81
C THR D 18 -36.62 -33.31 26.31
N PRO D 19 -36.47 -34.64 26.24
CA PRO D 19 -35.22 -35.21 25.75
C PRO D 19 -35.02 -34.92 24.27
N VAL D 20 -33.75 -34.98 23.85
CA VAL D 20 -33.45 -34.76 22.44
C VAL D 20 -34.10 -35.82 21.57
N VAL D 21 -33.95 -37.09 21.95
CA VAL D 21 -34.50 -38.20 21.19
C VAL D 21 -34.86 -39.33 22.13
N ILE D 22 -36.05 -39.89 21.93
CA ILE D 22 -36.51 -41.06 22.67
C ILE D 22 -36.45 -42.27 21.75
N HIS D 23 -35.87 -43.36 22.24
CA HIS D 23 -35.83 -44.63 21.53
C HIS D 23 -36.28 -45.73 22.47
N ALA D 24 -37.05 -46.68 21.94
CA ALA D 24 -37.42 -47.87 22.68
C ALA D 24 -36.44 -48.99 22.36
N THR D 25 -35.91 -49.63 23.40
CA THR D 25 -34.93 -50.69 23.23
C THR D 25 -35.57 -52.07 23.13
N GLN D 26 -36.75 -52.26 23.71
CA GLN D 26 -37.43 -53.54 23.66
C GLN D 26 -38.92 -53.32 23.43
N LEU D 27 -39.55 -54.29 22.78
CA LEU D 27 -40.99 -54.25 22.60
C LEU D 27 -41.67 -54.39 23.96
N PRO D 28 -42.94 -53.94 24.08
CA PRO D 28 -43.58 -53.88 25.40
C PRO D 28 -43.38 -55.11 26.26
N GLN D 29 -42.69 -54.93 27.38
CA GLN D 29 -42.37 -56.02 28.28
C GLN D 29 -43.58 -56.43 29.11
N ASP E 2 44.55 -43.04 -29.23
CA ASP E 2 43.18 -43.16 -28.73
C ASP E 2 42.71 -41.82 -28.16
N GLN E 3 41.45 -41.48 -28.46
CA GLN E 3 40.87 -40.24 -27.94
C GLN E 3 39.54 -40.45 -27.22
N GLU E 4 38.69 -41.34 -27.72
CA GLU E 4 37.32 -41.43 -27.24
C GLU E 4 36.95 -42.78 -26.64
N ASN E 5 37.57 -43.87 -27.10
CA ASN E 5 37.27 -45.16 -26.51
C ASN E 5 37.68 -45.20 -25.05
N GLU E 6 38.71 -44.42 -24.67
CA GLU E 6 39.02 -44.25 -23.26
C GLU E 6 37.80 -43.73 -22.49
N ARG E 7 37.13 -42.71 -23.05
CA ARG E 7 35.95 -42.16 -22.40
C ARG E 7 34.82 -43.18 -22.36
N ASN E 8 34.62 -43.92 -23.45
CA ASN E 8 33.55 -44.91 -23.47
C ASN E 8 33.80 -46.00 -22.43
N ILE E 9 35.05 -46.45 -22.32
CA ILE E 9 35.40 -47.44 -21.31
C ILE E 9 35.17 -46.88 -19.90
N SER E 10 35.57 -45.63 -19.68
CA SER E 10 35.39 -45.04 -18.35
C SER E 10 33.92 -44.92 -18.00
N ARG E 11 33.09 -44.51 -18.97
CA ARG E 11 31.67 -44.39 -18.74
C ARG E 11 31.06 -45.74 -18.41
N LEU E 12 31.43 -46.78 -19.16
CA LEU E 12 30.90 -48.11 -18.88
C LEU E 12 31.36 -48.61 -17.53
N TRP E 13 32.62 -48.35 -17.17
CA TRP E 13 33.12 -48.77 -15.87
C TRP E 13 32.38 -48.08 -14.73
N ARG E 14 32.14 -46.77 -14.85
CA ARG E 14 31.38 -46.07 -13.82
C ARG E 14 29.97 -46.60 -13.71
N ALA E 15 29.33 -46.89 -14.85
CA ALA E 15 28.01 -47.48 -14.81
C ALA E 15 28.02 -48.83 -14.13
N PHE E 16 29.00 -49.67 -14.44
CA PHE E 16 29.08 -51.00 -13.81
C PHE E 16 29.36 -50.88 -12.32
N ARG E 17 30.23 -49.95 -11.94
CA ARG E 17 30.55 -49.76 -10.53
C ARG E 17 29.33 -49.32 -9.73
N THR E 18 28.57 -48.37 -10.26
CA THR E 18 27.36 -47.97 -9.55
C THR E 18 26.29 -49.03 -9.62
N VAL E 19 26.33 -49.90 -10.63
CA VAL E 19 25.42 -51.05 -10.66
C VAL E 19 25.72 -51.98 -9.50
N LYS E 20 27.00 -52.26 -9.27
CA LYS E 20 27.39 -53.10 -8.14
C LYS E 20 27.00 -52.45 -6.82
N GLU E 21 27.23 -51.15 -6.68
CA GLU E 21 26.82 -50.46 -5.46
C GLU E 21 25.31 -50.52 -5.28
N MET E 22 24.57 -50.39 -6.38
CA MET E 22 23.12 -50.48 -6.31
C MET E 22 22.68 -51.83 -5.78
N VAL E 23 23.26 -52.90 -6.30
CA VAL E 23 22.88 -54.23 -5.84
C VAL E 23 23.25 -54.42 -4.37
N LYS E 24 24.45 -53.98 -3.99
CA LYS E 24 24.88 -54.14 -2.60
C LYS E 24 23.94 -53.41 -1.66
N ASP E 25 23.53 -52.18 -2.00
CA ASP E 25 22.57 -51.46 -1.18
C ASP E 25 21.19 -52.10 -1.23
N ARG E 26 20.84 -52.76 -2.33
CA ARG E 26 19.61 -53.52 -2.37
C ARG E 26 19.64 -54.66 -1.37
N GLY E 27 20.82 -55.20 -1.08
CA GLY E 27 20.93 -56.15 0.00
C GLY E 27 21.36 -57.54 -0.43
N TYR E 28 22.18 -57.60 -1.48
CA TYR E 28 22.71 -58.84 -1.99
C TYR E 28 24.20 -58.93 -1.70
N PHE E 29 24.73 -60.14 -1.71
CA PHE E 29 26.14 -60.33 -1.39
C PHE E 29 27.00 -59.74 -2.49
N ILE E 30 27.64 -58.62 -2.20
CA ILE E 30 28.66 -58.04 -3.07
C ILE E 30 29.88 -57.74 -2.22
N THR E 31 31.05 -57.98 -2.78
CA THR E 31 32.30 -57.80 -2.05
C THR E 31 32.86 -56.41 -2.28
N GLN E 32 33.52 -55.87 -1.25
CA GLN E 32 34.21 -54.59 -1.39
C GLN E 32 35.29 -54.66 -2.45
N GLU E 33 35.95 -55.81 -2.58
CA GLU E 33 36.93 -56.00 -3.64
C GLU E 33 36.30 -55.80 -5.01
N GLU E 34 35.09 -56.32 -5.20
CA GLU E 34 34.40 -56.15 -6.47
C GLU E 34 33.94 -54.72 -6.67
N VAL E 35 33.41 -54.09 -5.62
CA VAL E 35 32.86 -52.74 -5.76
C VAL E 35 33.97 -51.75 -6.13
N GLU E 36 35.11 -51.84 -5.43
CA GLU E 36 36.25 -50.98 -5.75
C GLU E 36 37.09 -51.70 -6.80
N LEU E 37 36.82 -51.41 -8.08
CA LEU E 37 37.53 -52.04 -9.17
C LEU E 37 38.38 -51.01 -9.92
N PRO E 38 39.69 -51.16 -9.96
CA PRO E 38 40.52 -50.24 -10.75
C PRO E 38 40.26 -50.35 -12.24
N LEU E 39 40.56 -49.25 -12.93
CA LEU E 39 40.27 -49.18 -14.36
C LEU E 39 41.09 -50.19 -15.16
N GLU E 40 42.35 -50.37 -14.79
CA GLU E 40 43.18 -51.37 -15.47
C GLU E 40 42.59 -52.76 -15.32
N ASP E 41 42.13 -53.10 -14.11
CA ASP E 41 41.53 -54.41 -13.89
C ASP E 41 40.24 -54.57 -14.67
N PHE E 42 39.42 -53.51 -14.73
CA PHE E 42 38.21 -53.58 -15.53
C PHE E 42 38.52 -53.82 -17.00
N LYS E 43 39.52 -53.10 -17.53
CA LYS E 43 39.90 -53.29 -18.93
C LYS E 43 40.42 -54.69 -19.18
N ALA E 44 41.26 -55.19 -18.26
CA ALA E 44 41.81 -56.53 -18.45
C ALA E 44 40.71 -57.59 -18.42
N LYS E 45 39.75 -57.45 -17.50
CA LYS E 45 38.72 -58.47 -17.36
C LYS E 45 37.67 -58.39 -18.46
N TYR E 46 37.41 -57.21 -19.02
CA TYR E 46 36.28 -57.05 -19.93
C TYR E 46 36.62 -56.50 -21.31
N CYS E 47 37.82 -55.97 -21.52
CA CYS E 47 38.18 -55.38 -22.81
C CYS E 47 39.27 -56.20 -23.46
N ASP E 48 39.00 -56.65 -24.69
CA ASP E 48 39.92 -57.52 -25.41
C ASP E 48 41.08 -56.70 -25.96
N SER E 49 41.93 -57.35 -26.77
CA SER E 49 43.13 -56.67 -27.27
C SER E 49 42.76 -55.48 -28.15
N MET E 50 41.75 -55.64 -29.01
CA MET E 50 41.30 -54.54 -29.84
C MET E 50 40.64 -53.43 -29.03
N GLY E 51 40.34 -53.68 -27.75
CA GLY E 51 39.82 -52.65 -26.87
C GLY E 51 38.33 -52.44 -26.93
N ARG E 52 37.63 -53.13 -27.81
CA ARG E 52 36.19 -52.96 -27.91
C ARG E 52 35.52 -53.66 -26.74
N PRO E 53 34.80 -52.95 -25.87
CA PRO E 53 34.18 -53.60 -24.72
C PRO E 53 32.98 -54.45 -25.14
N GLN E 54 32.90 -55.63 -24.56
CA GLN E 54 31.80 -56.55 -24.78
C GLN E 54 31.01 -56.72 -23.49
N ARG E 55 29.71 -56.48 -23.56
CA ARG E 55 28.86 -56.48 -22.39
C ARG E 55 28.15 -57.81 -22.15
N LYS E 56 28.45 -58.83 -22.96
CA LYS E 56 27.80 -60.12 -22.75
C LYS E 56 28.21 -60.75 -21.43
N MET E 57 29.49 -60.64 -21.06
CA MET E 57 29.96 -61.21 -19.81
C MET E 57 29.97 -60.21 -18.67
N MET E 58 29.49 -58.98 -18.90
CA MET E 58 29.32 -58.03 -17.80
C MET E 58 28.17 -58.42 -16.88
N SER E 59 27.29 -59.32 -17.31
CA SER E 59 26.18 -59.73 -16.49
C SER E 59 26.65 -60.60 -15.33
N PHE E 60 25.86 -60.61 -14.26
CA PHE E 60 26.20 -61.39 -13.06
C PHE E 60 24.95 -61.68 -12.27
N GLN E 61 25.07 -62.64 -11.37
CA GLN E 61 23.99 -63.04 -10.47
C GLN E 61 24.35 -62.68 -9.04
N ALA E 62 23.40 -62.13 -8.31
CA ALA E 62 23.62 -61.71 -6.93
C ALA E 62 22.71 -62.48 -6.00
N ASN E 63 23.24 -62.89 -4.86
CA ASN E 63 22.51 -63.64 -3.87
C ASN E 63 22.28 -62.80 -2.62
N PRO E 64 21.18 -63.01 -1.92
CA PRO E 64 20.97 -62.32 -0.65
C PRO E 64 22.00 -62.72 0.40
N THR E 65 22.32 -61.79 1.27
CA THR E 65 23.15 -62.07 2.42
C THR E 65 22.31 -62.69 3.54
N GLU E 66 23.01 -63.17 4.57
CA GLU E 66 22.31 -63.81 5.68
C GLU E 66 21.40 -62.83 6.41
N GLU E 67 21.90 -61.62 6.70
CA GLU E 67 21.08 -60.63 7.39
C GLU E 67 19.89 -60.23 6.54
N SER E 68 20.10 -60.05 5.23
CA SER E 68 19.02 -59.68 4.33
C SER E 68 17.95 -60.78 4.28
N ILE E 69 18.38 -62.04 4.20
CA ILE E 69 17.44 -63.15 4.19
C ILE E 69 16.65 -63.19 5.50
N SER E 70 17.33 -62.97 6.61
CA SER E 70 16.64 -62.96 7.90
C SER E 70 15.61 -61.84 7.97
N LYS E 71 15.96 -60.65 7.47
CA LYS E 71 15.07 -59.51 7.62
C LYS E 71 13.89 -59.59 6.66
N PHE E 72 14.13 -59.97 5.40
CA PHE E 72 13.07 -60.18 4.41
C PHE E 72 13.08 -61.64 4.01
N PRO E 73 12.15 -62.46 4.50
CA PRO E 73 12.20 -63.89 4.19
C PRO E 73 12.05 -64.22 2.71
N ASP E 74 11.44 -63.33 1.93
CA ASP E 74 10.98 -63.64 0.59
C ASP E 74 11.93 -63.18 -0.50
N MET E 75 13.12 -62.70 -0.15
CA MET E 75 14.10 -62.33 -1.16
C MET E 75 14.45 -63.54 -2.00
N GLY E 76 14.51 -63.35 -3.32
CA GLY E 76 14.91 -64.42 -4.22
C GLY E 76 16.33 -64.20 -4.71
N SER E 77 16.63 -64.64 -5.92
CA SER E 77 17.91 -64.35 -6.56
C SER E 77 17.76 -63.19 -7.53
N LEU E 78 18.86 -62.49 -7.76
CA LEU E 78 18.88 -61.33 -8.65
C LEU E 78 19.73 -61.63 -9.86
N TRP E 79 19.26 -61.21 -11.03
CA TRP E 79 20.01 -61.32 -12.27
C TRP E 79 20.10 -59.94 -12.90
N VAL E 80 21.32 -59.50 -13.19
CA VAL E 80 21.59 -58.19 -13.76
C VAL E 80 22.23 -58.40 -15.12
N GLU E 81 21.62 -57.84 -16.17
CA GLU E 81 22.05 -58.06 -17.54
C GLU E 81 22.42 -56.76 -18.21
N PHE E 82 23.62 -56.72 -18.78
CA PHE E 82 24.07 -55.62 -19.62
C PHE E 82 24.00 -56.04 -21.07
N CYS E 83 23.30 -55.25 -21.88
CA CYS E 83 23.15 -55.54 -23.30
C CYS E 83 24.18 -54.75 -24.09
N ASP E 84 24.78 -55.39 -25.10
CA ASP E 84 25.81 -54.76 -25.90
C ASP E 84 25.24 -54.05 -27.14
N GLU E 85 24.02 -54.38 -27.53
CA GLU E 85 23.43 -53.76 -28.70
C GLU E 85 23.06 -52.30 -28.41
N PRO E 86 23.06 -51.45 -29.43
CA PRO E 86 22.65 -50.04 -29.20
C PRO E 86 21.23 -49.89 -28.71
N SER E 87 20.30 -50.73 -29.17
CA SER E 87 18.90 -50.62 -28.79
C SER E 87 18.35 -51.99 -28.43
N VAL E 88 17.49 -52.03 -27.42
CA VAL E 88 16.89 -53.29 -26.98
C VAL E 88 15.92 -53.78 -28.04
N GLY E 89 16.23 -54.94 -28.63
CA GLY E 89 15.35 -55.55 -29.61
C GLY E 89 14.29 -56.43 -28.98
N VAL E 90 13.28 -56.77 -29.77
CA VAL E 90 12.23 -57.64 -29.28
C VAL E 90 12.79 -59.03 -29.00
N LYS E 91 13.75 -59.48 -29.82
CA LYS E 91 14.40 -60.76 -29.56
C LYS E 91 15.15 -60.75 -28.24
N THR E 92 15.90 -59.67 -27.98
CA THR E 92 16.63 -59.56 -26.73
C THR E 92 15.68 -59.51 -25.54
N MET E 93 14.59 -58.76 -25.67
CA MET E 93 13.60 -58.71 -24.60
C MET E 93 13.01 -60.09 -24.35
N LYS E 94 12.69 -60.82 -25.42
CA LYS E 94 12.14 -62.17 -25.26
C LYS E 94 13.10 -63.07 -24.52
N THR E 95 14.37 -63.04 -24.91
CA THR E 95 15.37 -63.88 -24.26
C THR E 95 15.50 -63.53 -22.78
N PHE E 96 15.53 -62.24 -22.46
CA PHE E 96 15.71 -61.82 -21.07
C PHE E 96 14.51 -62.24 -20.22
N VAL E 97 13.30 -61.97 -20.69
CA VAL E 97 12.12 -62.31 -19.90
C VAL E 97 12.01 -63.82 -19.73
N ILE E 98 12.30 -64.58 -20.79
CA ILE E 98 12.24 -66.04 -20.69
C ILE E 98 13.28 -66.53 -19.70
N HIS E 99 14.48 -65.93 -19.70
CA HIS E 99 15.51 -66.34 -18.76
C HIS E 99 15.08 -66.08 -17.32
N ILE E 100 14.48 -64.92 -17.08
CA ILE E 100 14.02 -64.59 -15.73
C ILE E 100 12.92 -65.55 -15.29
N GLN E 101 11.97 -65.87 -16.17
CA GLN E 101 10.91 -66.81 -15.81
C GLN E 101 11.45 -68.24 -15.67
N GLU E 102 12.55 -68.56 -16.35
CA GLU E 102 13.06 -69.91 -16.45
C GLU E 102 14.01 -70.29 -15.32
N LYS E 103 14.86 -69.37 -14.86
CA LYS E 103 15.79 -69.68 -13.80
C LYS E 103 15.26 -69.31 -12.41
N ASN E 104 13.94 -69.25 -12.25
CA ASN E 104 13.30 -69.07 -10.94
C ASN E 104 13.74 -67.78 -10.26
N PHE E 105 14.06 -66.76 -11.04
CA PHE E 105 14.55 -65.50 -10.48
C PHE E 105 13.39 -64.67 -9.94
N GLN E 106 13.54 -64.17 -8.71
CA GLN E 106 12.52 -63.29 -8.16
C GLN E 106 12.52 -61.94 -8.87
N THR E 107 13.69 -61.41 -9.15
CA THR E 107 13.81 -60.10 -9.78
C THR E 107 14.88 -60.14 -10.86
N GLY E 108 14.73 -59.26 -11.84
CA GLY E 108 15.72 -59.13 -12.89
C GLY E 108 15.98 -57.69 -13.25
N ILE E 109 17.24 -57.28 -13.25
CA ILE E 109 17.64 -55.94 -13.63
C ILE E 109 18.21 -56.02 -15.04
N PHE E 110 17.66 -55.24 -15.95
CA PHE E 110 18.17 -55.11 -17.31
C PHE E 110 18.60 -53.67 -17.53
N VAL E 111 19.80 -53.50 -18.08
CA VAL E 111 20.31 -52.18 -18.42
C VAL E 111 20.47 -52.11 -19.93
N TYR E 112 20.09 -50.99 -20.52
CA TYR E 112 20.15 -50.81 -21.97
C TYR E 112 20.90 -49.53 -22.30
N GLN E 113 21.51 -49.51 -23.47
CA GLN E 113 22.50 -48.49 -23.78
C GLN E 113 21.85 -47.15 -24.12
N ASN E 114 21.03 -47.11 -25.17
CA ASN E 114 20.55 -45.83 -25.69
C ASN E 114 19.05 -45.63 -25.53
N ASN E 115 18.23 -46.53 -26.05
CA ASN E 115 16.79 -46.31 -26.12
C ASN E 115 16.07 -47.62 -25.80
N ILE E 116 14.75 -47.52 -25.65
CA ILE E 116 13.91 -48.70 -25.47
C ILE E 116 12.73 -48.61 -26.42
N THR E 117 12.45 -49.71 -27.12
CA THR E 117 11.30 -49.77 -28.00
C THR E 117 10.02 -49.97 -27.18
N PRO E 118 8.88 -49.55 -27.72
CA PRO E 118 7.61 -49.95 -27.09
C PRO E 118 7.43 -51.46 -27.03
N SER E 119 7.95 -52.21 -28.01
CA SER E 119 7.80 -53.65 -28.03
C SER E 119 8.57 -54.35 -26.91
N ALA E 120 9.45 -53.65 -26.21
CA ALA E 120 10.10 -54.18 -25.02
C ALA E 120 9.41 -53.74 -23.73
N MET E 121 9.00 -52.47 -23.66
CA MET E 121 8.35 -51.96 -22.46
C MET E 121 7.00 -52.62 -22.20
N LYS E 122 6.44 -53.30 -23.19
CA LYS E 122 5.11 -53.87 -23.06
C LYS E 122 5.11 -55.17 -22.25
N LEU E 123 6.26 -55.60 -21.75
CA LEU E 123 6.38 -56.86 -21.03
C LEU E 123 6.81 -56.69 -19.59
N VAL E 124 6.98 -55.45 -19.12
CA VAL E 124 7.45 -55.22 -17.76
C VAL E 124 6.51 -55.83 -16.72
N PRO E 125 5.21 -55.55 -16.73
CA PRO E 125 4.30 -56.22 -15.78
C PRO E 125 3.70 -57.53 -16.28
N SER E 126 4.23 -58.07 -17.38
CA SER E 126 3.62 -59.23 -18.04
C SER E 126 4.00 -60.55 -17.41
N ILE E 127 4.96 -60.59 -16.50
CA ILE E 127 5.47 -61.86 -15.99
C ILE E 127 5.41 -61.85 -14.46
N PRO E 128 4.24 -62.10 -13.87
CA PRO E 128 4.18 -62.31 -12.43
C PRO E 128 4.66 -63.71 -12.07
N PRO E 129 5.01 -63.96 -10.81
CA PRO E 129 5.05 -63.04 -9.67
C PRO E 129 6.38 -62.34 -9.57
N ALA E 130 7.25 -62.53 -10.57
CA ALA E 130 8.56 -61.92 -10.59
C ALA E 130 8.47 -60.45 -10.98
N THR E 131 9.62 -59.81 -11.09
CA THR E 131 9.71 -58.40 -11.43
C THR E 131 10.93 -58.17 -12.31
N ILE E 132 10.76 -57.33 -13.33
CA ILE E 132 11.86 -56.87 -14.18
C ILE E 132 11.95 -55.36 -14.03
N GLU E 133 13.15 -54.85 -13.81
CA GLU E 133 13.40 -53.42 -13.80
C GLU E 133 14.40 -53.07 -14.89
N THR E 134 14.27 -51.85 -15.41
CA THR E 134 15.07 -51.37 -16.52
C THR E 134 15.82 -50.10 -16.13
N PHE E 135 17.06 -50.00 -16.59
CA PHE E 135 17.88 -48.82 -16.36
C PHE E 135 18.62 -48.48 -17.65
N ASN E 136 19.01 -47.22 -17.77
CA ASN E 136 19.80 -46.75 -18.89
C ASN E 136 21.26 -46.70 -18.47
N GLU E 137 22.15 -47.19 -19.35
CA GLU E 137 23.58 -47.07 -19.07
C GLU E 137 24.00 -45.62 -18.95
N ALA E 138 23.52 -44.77 -19.86
CA ALA E 138 23.66 -43.34 -19.68
C ALA E 138 22.75 -42.88 -18.54
N ALA E 139 23.10 -41.74 -17.95
CA ALA E 139 22.42 -41.23 -16.76
C ALA E 139 22.45 -42.27 -15.64
N LEU E 140 23.54 -43.03 -15.58
CA LEU E 140 23.81 -43.91 -14.47
C LEU E 140 25.23 -43.82 -13.97
N VAL E 141 26.11 -43.11 -14.69
CA VAL E 141 27.51 -43.00 -14.30
C VAL E 141 27.69 -42.37 -12.93
N VAL E 142 26.63 -41.85 -12.33
CA VAL E 142 26.68 -41.23 -11.01
C VAL E 142 25.57 -41.82 -10.16
N ASN E 143 25.92 -42.25 -8.95
CA ASN E 143 24.95 -42.76 -8.01
C ASN E 143 24.21 -41.61 -7.34
N ILE E 144 22.88 -41.66 -7.40
CA ILE E 144 22.07 -40.59 -6.83
C ILE E 144 22.03 -40.63 -5.30
N THR E 145 22.55 -41.68 -4.68
CA THR E 145 22.59 -41.73 -3.23
C THR E 145 23.86 -41.09 -2.66
N HIS E 146 24.94 -41.05 -3.43
CA HIS E 146 26.17 -40.43 -2.93
C HIS E 146 26.10 -38.90 -2.93
N HIS E 147 25.18 -38.32 -3.69
CA HIS E 147 24.96 -36.89 -3.62
C HIS E 147 24.55 -36.50 -2.21
N GLU E 148 25.19 -35.46 -1.67
CA GLU E 148 25.02 -35.13 -0.26
C GLU E 148 23.62 -34.61 0.07
N LEU E 149 22.85 -34.19 -0.94
CA LEU E 149 21.50 -33.71 -0.70
C LEU E 149 20.51 -34.83 -0.49
N VAL E 150 20.86 -36.06 -0.88
CA VAL E 150 19.94 -37.20 -0.79
C VAL E 150 20.19 -37.90 0.54
N PRO E 151 19.19 -38.07 1.39
CA PRO E 151 19.39 -38.75 2.67
C PRO E 151 19.60 -40.24 2.47
N LYS E 152 20.08 -40.86 3.54
CA LYS E 152 20.22 -42.32 3.56
C LYS E 152 18.84 -42.95 3.53
N HIS E 153 18.53 -43.64 2.43
CA HIS E 153 17.27 -44.36 2.30
C HIS E 153 17.49 -45.82 2.65
N ILE E 154 16.72 -46.31 3.60
CA ILE E 154 16.79 -47.69 4.06
C ILE E 154 15.41 -48.31 3.90
N ARG E 155 15.31 -49.30 3.03
CA ARG E 155 14.03 -49.97 2.85
C ARG E 155 13.59 -50.63 4.14
N LEU E 156 12.32 -50.49 4.46
CA LEU E 156 11.78 -51.06 5.68
C LEU E 156 11.16 -52.41 5.37
N SER E 157 11.39 -53.38 6.25
CA SER E 157 10.69 -54.65 6.16
C SER E 157 9.26 -54.47 6.66
N SER E 158 8.43 -55.49 6.41
CA SER E 158 7.06 -55.42 6.90
C SER E 158 6.99 -55.52 8.41
N ASP E 159 7.96 -56.21 9.02
CA ASP E 159 7.91 -56.47 10.45
C ASP E 159 7.92 -55.18 11.24
N GLU E 160 8.79 -54.25 10.86
CA GLU E 160 8.82 -52.95 11.51
C GLU E 160 7.82 -51.97 10.91
N LYS E 161 7.34 -52.23 9.70
CA LYS E 161 6.33 -51.36 9.10
C LYS E 161 5.01 -51.46 9.84
N ARG E 162 4.57 -52.68 10.16
CA ARG E 162 3.36 -52.81 10.97
C ARG E 162 3.55 -52.18 12.33
N GLU E 163 4.76 -52.26 12.87
CA GLU E 163 5.04 -51.66 14.17
C GLU E 163 4.92 -50.15 14.13
N LEU E 164 5.48 -49.53 13.09
CA LEU E 164 5.32 -48.09 12.90
C LEU E 164 3.86 -47.71 12.75
N LEU E 165 3.11 -48.46 11.95
CA LEU E 165 1.72 -48.13 11.71
C LEU E 165 0.88 -48.26 12.99
N LYS E 166 1.17 -49.26 13.82
CA LYS E 166 0.42 -49.38 15.06
C LYS E 166 0.86 -48.35 16.09
N ARG E 167 2.13 -47.96 16.06
CA ARG E 167 2.62 -46.96 16.99
C ARG E 167 1.98 -45.61 16.72
N TYR E 168 1.80 -45.26 15.45
CA TYR E 168 1.20 -43.97 15.10
C TYR E 168 -0.28 -44.04 14.75
N ARG E 169 -0.89 -45.22 14.77
CA ARG E 169 -2.30 -45.39 14.42
C ARG E 169 -2.58 -44.79 13.04
N LEU E 170 -1.96 -45.39 12.03
CA LEU E 170 -2.03 -44.90 10.67
C LEU E 170 -2.52 -45.98 9.73
N LYS E 171 -3.16 -45.54 8.65
CA LYS E 171 -3.31 -46.36 7.47
C LYS E 171 -2.06 -46.21 6.60
N GLU E 172 -1.94 -47.07 5.59
CA GLU E 172 -0.77 -46.99 4.71
C GLU E 172 -0.73 -45.65 4.00
N SER E 173 -1.87 -45.17 3.52
CA SER E 173 -1.91 -44.04 2.61
C SER E 173 -1.81 -42.69 3.31
N GLN E 174 -1.86 -42.65 4.64
CA GLN E 174 -1.78 -41.37 5.35
C GLN E 174 -0.35 -40.92 5.57
N LEU E 175 0.65 -41.69 5.15
CA LEU E 175 2.04 -41.29 5.23
C LEU E 175 2.40 -40.37 4.07
N PRO E 176 3.49 -39.61 4.19
CA PRO E 176 4.06 -38.98 3.01
C PRO E 176 4.44 -40.05 2.00
N ARG E 177 4.19 -39.77 0.74
CA ARG E 177 4.33 -40.78 -0.30
C ARG E 177 5.57 -40.51 -1.14
N ILE E 178 6.24 -41.58 -1.55
CA ILE E 178 7.36 -41.50 -2.47
C ILE E 178 6.91 -42.07 -3.81
N GLN E 179 7.26 -41.38 -4.88
CA GLN E 179 6.81 -41.79 -6.20
C GLN E 179 7.40 -43.13 -6.58
N ARG E 180 6.58 -43.99 -7.17
CA ARG E 180 7.06 -45.27 -7.67
C ARG E 180 8.11 -45.09 -8.75
N ALA E 181 8.16 -43.92 -9.40
CA ALA E 181 9.07 -43.67 -10.49
C ALA E 181 10.24 -42.78 -10.12
N ASP E 182 10.33 -42.31 -8.87
CA ASP E 182 11.44 -41.42 -8.56
C ASP E 182 12.74 -42.22 -8.41
N PRO E 183 13.88 -41.61 -8.68
CA PRO E 183 15.12 -42.39 -8.80
C PRO E 183 15.48 -43.17 -7.54
N VAL E 184 15.04 -42.71 -6.37
CA VAL E 184 15.36 -43.43 -5.14
C VAL E 184 14.67 -44.78 -5.11
N ALA E 185 13.37 -44.79 -5.44
CA ALA E 185 12.67 -46.07 -5.53
C ALA E 185 13.19 -46.92 -6.67
N LEU E 186 13.63 -46.29 -7.78
CA LEU E 186 14.32 -47.04 -8.82
C LEU E 186 15.60 -47.66 -8.29
N TYR E 187 16.38 -46.89 -7.52
CA TYR E 187 17.63 -47.41 -6.98
C TYR E 187 17.37 -48.59 -6.04
N LEU E 188 16.36 -48.46 -5.17
CA LEU E 188 16.13 -49.46 -4.14
C LEU E 188 15.22 -50.59 -4.59
N GLY E 189 14.66 -50.53 -5.80
CA GLY E 189 13.71 -51.56 -6.21
C GLY E 189 12.47 -51.59 -5.36
N LEU E 190 12.02 -50.44 -4.89
CA LEU E 190 10.93 -50.39 -3.92
C LEU E 190 9.61 -50.69 -4.60
N LYS E 191 8.84 -51.62 -4.03
CA LYS E 191 7.55 -51.97 -4.57
C LYS E 191 6.47 -51.11 -3.92
N ARG E 192 5.22 -51.32 -4.33
CA ARG E 192 4.12 -50.55 -3.79
C ARG E 192 3.65 -51.13 -2.48
N GLY E 193 3.55 -50.28 -1.47
CA GLY E 193 3.08 -50.68 -0.16
C GLY E 193 4.17 -50.80 0.89
N GLU E 194 5.42 -51.02 0.49
CA GLU E 194 6.51 -51.13 1.44
C GLU E 194 7.09 -49.75 1.69
N VAL E 195 7.00 -49.30 2.94
CA VAL E 195 7.45 -47.96 3.32
C VAL E 195 8.97 -47.95 3.36
N VAL E 196 9.56 -46.77 3.39
CA VAL E 196 11.00 -46.61 3.36
C VAL E 196 11.40 -45.74 4.55
N LYS E 197 12.64 -45.92 5.00
CA LYS E 197 13.17 -45.16 6.12
C LYS E 197 14.16 -44.13 5.59
N ILE E 198 14.02 -42.89 6.05
CA ILE E 198 14.84 -41.78 5.59
C ILE E 198 15.49 -41.14 6.80
N ILE E 199 16.81 -40.99 6.75
CA ILE E 199 17.57 -40.36 7.82
C ILE E 199 17.90 -38.95 7.35
N ARG E 200 17.03 -38.01 7.68
CA ARG E 200 17.21 -36.62 7.27
C ARG E 200 18.18 -35.94 8.23
N LYS E 201 19.27 -35.40 7.69
CA LYS E 201 20.24 -34.65 8.48
C LYS E 201 19.74 -33.22 8.59
N SER E 202 18.94 -32.97 9.62
CA SER E 202 18.33 -31.66 9.79
C SER E 202 19.33 -30.63 10.29
N GLU E 203 19.17 -29.39 9.82
CA GLU E 203 20.06 -28.31 10.23
C GLU E 203 19.90 -27.98 11.71
N THR E 204 18.71 -28.18 12.27
CA THR E 204 18.42 -27.77 13.63
C THR E 204 18.54 -28.92 14.63
N SER E 205 17.88 -30.04 14.35
CA SER E 205 17.84 -31.19 15.26
C SER E 205 18.90 -32.23 14.95
N GLY E 206 19.84 -31.94 14.05
CA GLY E 206 20.85 -32.90 13.71
C GLY E 206 20.34 -34.01 12.82
N ARG E 207 20.17 -35.21 13.38
CA ARG E 207 19.66 -36.37 12.66
C ARG E 207 18.27 -36.71 13.16
N TYR E 208 17.37 -37.03 12.23
CA TYR E 208 16.09 -37.61 12.60
C TYR E 208 15.57 -38.45 11.44
N ALA E 209 14.66 -39.36 11.74
CA ALA E 209 14.19 -40.34 10.79
C ALA E 209 12.72 -40.08 10.46
N SER E 210 12.40 -40.11 9.18
CA SER E 210 11.03 -40.02 8.69
C SER E 210 10.77 -41.16 7.72
N TYR E 211 9.51 -41.51 7.57
CA TYR E 211 9.11 -42.69 6.80
C TYR E 211 8.14 -42.30 5.69
N ARG E 212 8.58 -42.44 4.45
CA ARG E 212 7.70 -42.36 3.29
C ARG E 212 7.21 -43.76 2.91
N ILE E 213 6.19 -43.79 2.07
CA ILE E 213 5.63 -45.03 1.56
C ILE E 213 5.60 -44.96 0.04
N CYS E 214 5.91 -46.08 -0.62
CA CYS E 214 5.88 -46.15 -2.07
C CYS E 214 4.50 -46.57 -2.53
N MET E 215 3.83 -45.70 -3.28
CA MET E 215 2.42 -45.88 -3.57
C MET E 215 1.96 -44.96 -4.70
N GLY F 54 -38.21 -53.40 14.92
CA GLY F 54 -38.14 -52.02 15.38
C GLY F 54 -37.02 -51.79 16.38
N PRO F 55 -37.31 -52.02 17.67
CA PRO F 55 -36.28 -51.83 18.69
C PRO F 55 -35.06 -52.72 18.51
N GLU F 56 -35.18 -53.83 17.78
CA GLU F 56 -34.00 -54.64 17.49
C GLU F 56 -33.00 -53.88 16.64
N ASP F 57 -33.50 -53.10 15.67
CA ASP F 57 -32.63 -52.29 14.83
C ASP F 57 -31.87 -51.26 15.66
N PHE F 58 -32.57 -50.55 16.54
CA PHE F 58 -31.91 -49.57 17.38
C PHE F 58 -30.92 -50.23 18.33
N GLN F 59 -31.29 -51.38 18.90
CA GLN F 59 -30.37 -52.08 19.79
C GLN F 59 -29.11 -52.49 19.05
N GLN F 60 -29.24 -52.95 17.82
CA GLN F 60 -28.06 -53.27 17.02
C GLN F 60 -27.20 -52.03 16.80
N HIS F 61 -27.82 -50.91 16.44
CA HIS F 61 -27.05 -49.69 16.21
C HIS F 61 -26.31 -49.26 17.47
N GLU F 62 -27.00 -49.29 18.61
CA GLU F 62 -26.40 -48.90 19.87
C GLU F 62 -25.25 -49.82 20.23
N GLN F 63 -25.42 -51.13 20.04
CA GLN F 63 -24.33 -52.06 20.33
C GLN F 63 -23.12 -51.78 19.45
N ILE F 64 -23.33 -51.52 18.17
CA ILE F 64 -22.19 -51.28 17.29
C ILE F 64 -21.48 -49.98 17.68
N ARG F 65 -22.25 -48.94 18.00
CA ARG F 65 -21.64 -47.68 18.43
C ARG F 65 -20.84 -47.86 19.71
N ARG F 66 -21.38 -48.59 20.67
CA ARG F 66 -20.65 -48.85 21.91
C ARG F 66 -19.40 -49.68 21.65
N LYS F 67 -19.48 -50.65 20.74
CA LYS F 67 -18.31 -51.45 20.41
C LYS F 67 -17.21 -50.59 19.84
N THR F 68 -17.55 -49.70 18.91
CA THR F 68 -16.53 -48.80 18.38
C THR F 68 -16.00 -47.88 19.46
N LEU F 69 -16.88 -47.40 20.34
CA LEU F 69 -16.45 -46.53 21.43
C LEU F 69 -15.39 -47.22 22.29
N LYS F 70 -15.66 -48.45 22.72
CA LYS F 70 -14.71 -49.15 23.58
C LYS F 70 -13.49 -49.62 22.80
N GLU F 71 -13.62 -49.79 21.49
CA GLU F 71 -12.44 -50.03 20.67
C GLU F 71 -11.56 -48.79 20.61
N LYS F 72 -12.15 -47.61 20.82
CA LYS F 72 -11.38 -46.37 20.76
C LYS F 72 -10.86 -45.92 22.11
N ALA F 73 -11.42 -46.39 23.22
CA ALA F 73 -10.97 -45.98 24.54
C ALA F 73 -9.62 -46.64 24.84
N ILE F 74 -8.56 -45.84 24.89
CA ILE F 74 -7.22 -46.36 25.17
C ILE F 74 -7.07 -46.57 26.67
N PRO F 75 -6.74 -47.78 27.12
CA PRO F 75 -6.72 -48.07 28.56
C PRO F 75 -5.59 -47.36 29.29
N LYS F 76 -5.81 -47.16 30.59
CA LYS F 76 -4.88 -46.39 31.41
C LYS F 76 -3.49 -47.00 31.44
N ASP F 77 -3.38 -48.30 31.21
CA ASP F 77 -2.08 -48.96 31.28
C ASP F 77 -1.15 -48.47 30.19
N GLN F 78 -1.67 -48.09 29.03
CA GLN F 78 -0.83 -47.80 27.86
C GLN F 78 -1.28 -46.51 27.18
N ARG F 79 -1.50 -45.46 27.96
CA ARG F 79 -1.71 -44.13 27.41
C ARG F 79 -0.38 -43.38 27.45
N ALA F 80 0.09 -42.95 26.29
CA ALA F 80 1.45 -42.44 26.14
C ALA F 80 1.46 -41.00 25.64
N THR F 81 0.57 -40.18 26.16
CA THR F 81 0.57 -38.75 25.87
C THR F 81 1.26 -38.01 27.01
N THR F 82 1.47 -36.71 26.80
CA THR F 82 2.30 -35.91 27.69
C THR F 82 1.70 -35.86 29.09
N PRO F 83 2.49 -36.09 30.13
CA PRO F 83 1.94 -36.05 31.50
C PRO F 83 1.42 -34.68 31.91
N TYR F 84 2.04 -33.60 31.43
CA TYR F 84 1.62 -32.26 31.79
C TYR F 84 0.37 -31.85 31.03
N MET F 85 -0.34 -30.89 31.59
CA MET F 85 -1.54 -30.34 30.97
C MET F 85 -1.14 -29.20 30.03
N THR F 86 -1.52 -29.31 28.77
CA THR F 86 -1.15 -28.33 27.77
C THR F 86 -1.87 -27.01 28.03
N LYS F 87 -1.36 -25.94 27.42
CA LYS F 87 -1.93 -24.62 27.69
C LYS F 87 -3.36 -24.51 27.18
N TYR F 88 -3.65 -25.15 26.04
CA TYR F 88 -5.01 -25.17 25.53
C TYR F 88 -5.94 -25.91 26.47
N GLU F 89 -5.48 -27.05 26.98
CA GLU F 89 -6.29 -27.80 27.94
C GLU F 89 -6.55 -26.99 29.19
N ARG F 90 -5.52 -26.30 29.69
CA ARG F 90 -5.70 -25.46 30.87
C ARG F 90 -6.72 -24.36 30.62
N ALA F 91 -6.60 -23.69 29.47
CA ALA F 91 -7.52 -22.59 29.15
C ALA F 91 -8.95 -23.08 29.06
N ARG F 92 -9.17 -24.20 28.36
CA ARG F 92 -10.54 -24.69 28.20
C ARG F 92 -11.10 -25.23 29.51
N ILE F 93 -10.27 -25.89 30.31
CA ILE F 93 -10.74 -26.39 31.60
C ILE F 93 -11.19 -25.23 32.47
N LEU F 94 -10.39 -24.16 32.50
CA LEU F 94 -10.77 -22.97 33.25
C LEU F 94 -12.06 -22.37 32.72
N GLY F 95 -12.19 -22.27 31.39
CA GLY F 95 -13.37 -21.66 30.82
C GLY F 95 -14.63 -22.45 31.11
N THR F 96 -14.58 -23.77 30.93
CA THR F 96 -15.75 -24.60 31.19
C THR F 96 -16.10 -24.63 32.67
N ARG F 97 -15.10 -24.68 33.54
CA ARG F 97 -15.38 -24.62 34.96
C ARG F 97 -16.01 -23.29 35.33
N ALA F 98 -15.54 -22.20 34.73
CA ALA F 98 -16.14 -20.90 34.96
C ALA F 98 -17.59 -20.88 34.50
N LEU F 99 -17.86 -21.49 33.34
CA LEU F 99 -19.25 -21.58 32.87
C LEU F 99 -20.12 -22.34 33.85
N GLN F 100 -19.60 -23.45 34.38
CA GLN F 100 -20.39 -24.26 35.30
C GLN F 100 -20.67 -23.50 36.59
N ILE F 101 -19.66 -22.83 37.13
CA ILE F 101 -19.88 -22.04 38.34
C ILE F 101 -20.88 -20.92 38.08
N SER F 102 -20.77 -20.28 36.92
CA SER F 102 -21.71 -19.22 36.55
C SER F 102 -23.13 -19.76 36.47
N MET F 103 -23.30 -20.99 35.98
CA MET F 103 -24.60 -21.64 35.93
C MET F 103 -24.87 -22.50 37.15
N ASN F 104 -24.35 -22.09 38.31
CA ASN F 104 -24.78 -22.57 39.62
C ASN F 104 -24.28 -23.98 39.96
N ALA F 105 -23.22 -24.44 39.29
CA ALA F 105 -22.63 -25.71 39.68
C ALA F 105 -21.89 -25.57 41.00
N PRO F 106 -21.88 -26.62 41.82
CA PRO F 106 -21.28 -26.51 43.16
C PRO F 106 -19.79 -26.23 43.09
N VAL F 107 -19.32 -25.46 44.06
CA VAL F 107 -17.93 -25.02 44.14
C VAL F 107 -17.27 -25.73 45.30
N PHE F 108 -16.07 -26.27 45.07
CA PHE F 108 -15.38 -27.05 46.07
C PHE F 108 -14.27 -26.28 46.78
N VAL F 109 -14.24 -24.96 46.63
CA VAL F 109 -13.31 -24.11 47.36
C VAL F 109 -14.11 -23.02 48.07
N ASP F 110 -13.44 -22.33 48.99
CA ASP F 110 -14.03 -21.24 49.73
C ASP F 110 -13.59 -19.92 49.08
N LEU F 111 -14.57 -19.15 48.61
CA LEU F 111 -14.27 -17.85 48.03
C LEU F 111 -13.76 -16.90 49.11
N GLU F 112 -12.78 -16.09 48.75
CA GLU F 112 -12.39 -14.97 49.60
C GLU F 112 -13.30 -13.76 49.34
N GLY F 113 -14.59 -14.02 49.38
CA GLY F 113 -15.58 -13.01 49.00
C GLY F 113 -15.49 -12.63 47.54
N GLU F 114 -15.17 -13.58 46.68
CA GLU F 114 -14.92 -13.30 45.27
C GLU F 114 -16.21 -13.37 44.47
N THR F 115 -16.18 -12.77 43.28
CA THR F 115 -17.35 -12.74 42.42
C THR F 115 -17.03 -12.94 40.95
N ASP F 116 -15.77 -13.17 40.57
CA ASP F 116 -15.44 -13.46 39.19
C ASP F 116 -15.39 -14.97 38.99
N PRO F 117 -16.28 -15.55 38.18
CA PRO F 117 -16.28 -17.01 38.04
C PRO F 117 -14.99 -17.56 37.50
N LEU F 118 -14.31 -16.83 36.63
CA LEU F 118 -13.02 -17.30 36.13
C LEU F 118 -11.99 -17.32 37.25
N ARG F 119 -12.03 -16.33 38.14
CA ARG F 119 -11.15 -16.34 39.30
C ARG F 119 -11.46 -17.51 40.21
N ILE F 120 -12.74 -17.82 40.39
CA ILE F 120 -13.12 -18.99 41.19
C ILE F 120 -12.59 -20.27 40.57
N ALA F 121 -12.70 -20.38 39.25
CA ALA F 121 -12.18 -21.55 38.56
C ALA F 121 -10.68 -21.67 38.72
N MET F 122 -9.96 -20.55 38.64
CA MET F 122 -8.52 -20.60 38.87
C MET F 122 -8.21 -21.01 40.30
N LYS F 123 -9.06 -20.61 41.25
CA LYS F 123 -8.89 -21.05 42.63
C LYS F 123 -9.03 -22.57 42.73
N GLU F 124 -10.10 -23.12 42.15
CA GLU F 124 -10.30 -24.56 42.20
C GLU F 124 -9.19 -25.30 41.50
N LEU F 125 -8.72 -24.79 40.37
CA LEU F 125 -7.60 -25.42 39.67
C LEU F 125 -6.35 -25.37 40.53
N ALA F 126 -6.19 -24.31 41.32
CA ALA F 126 -5.08 -24.26 42.26
C ALA F 126 -5.21 -25.33 43.33
N GLU F 127 -6.41 -25.51 43.87
CA GLU F 127 -6.64 -26.50 44.92
C GLU F 127 -6.98 -27.88 44.39
N LYS F 128 -6.92 -28.07 43.07
CA LYS F 128 -7.17 -29.37 42.44
C LYS F 128 -8.54 -29.93 42.82
N LYS F 129 -9.57 -29.18 42.45
CA LYS F 129 -10.95 -29.53 42.78
C LYS F 129 -11.86 -29.33 41.58
N ILE F 130 -11.36 -29.51 40.37
CA ILE F 130 -12.16 -29.36 39.16
C ILE F 130 -12.49 -30.76 38.65
N PRO F 131 -13.76 -31.18 38.69
CA PRO F 131 -14.14 -32.53 38.22
C PRO F 131 -14.33 -32.60 36.72
N LEU F 132 -13.23 -32.48 35.99
CA LEU F 132 -13.27 -32.54 34.53
C LEU F 132 -12.24 -33.55 34.03
N VAL F 133 -12.47 -34.04 32.82
CA VAL F 133 -11.60 -35.04 32.19
C VAL F 133 -11.28 -34.55 30.78
N ILE F 134 -10.01 -34.61 30.42
CA ILE F 134 -9.54 -34.15 29.11
C ILE F 134 -9.40 -35.37 28.20
N ARG F 135 -10.36 -35.53 27.29
CA ARG F 135 -10.37 -36.66 26.37
C ARG F 135 -9.44 -36.34 25.21
N ARG F 136 -8.19 -36.73 25.35
CA ARG F 136 -7.20 -36.42 24.33
C ARG F 136 -7.41 -37.28 23.10
N TYR F 137 -8.16 -36.77 22.13
CA TYR F 137 -8.42 -37.54 20.92
C TYR F 137 -7.17 -37.68 20.09
N LEU F 138 -6.97 -38.87 19.56
CA LEU F 138 -5.88 -39.21 18.67
C LEU F 138 -6.32 -39.07 17.22
N PRO F 139 -5.38 -38.91 16.29
CA PRO F 139 -5.78 -38.70 14.89
C PRO F 139 -6.62 -39.83 14.32
N ASP F 140 -6.39 -41.06 14.75
CA ASP F 140 -7.17 -42.19 14.26
C ASP F 140 -8.57 -42.24 14.82
N GLY F 141 -8.86 -41.50 15.88
CA GLY F 141 -10.13 -41.56 16.56
C GLY F 141 -10.08 -42.17 17.94
N SER F 142 -8.97 -42.81 18.31
CA SER F 142 -8.82 -43.30 19.66
C SER F 142 -8.58 -42.14 20.62
N PHE F 143 -8.76 -42.41 21.90
CA PHE F 143 -8.61 -41.35 22.88
C PHE F 143 -8.20 -41.91 24.23
N GLU F 144 -7.66 -41.04 25.06
CA GLU F 144 -7.32 -41.33 26.44
C GLU F 144 -8.03 -40.33 27.32
N ASP F 145 -8.51 -40.79 28.48
CA ASP F 145 -9.16 -39.91 29.45
C ASP F 145 -8.18 -39.64 30.58
N TRP F 146 -7.64 -38.42 30.59
CA TRP F 146 -6.84 -37.92 31.71
C TRP F 146 -7.69 -37.01 32.56
N SER F 147 -7.60 -37.17 33.88
CA SER F 147 -8.30 -36.28 34.78
C SER F 147 -7.42 -35.08 35.10
N VAL F 148 -8.07 -33.95 35.42
CA VAL F 148 -7.32 -32.74 35.73
C VAL F 148 -6.46 -32.94 36.96
N GLU F 149 -6.96 -33.71 37.93
CA GLU F 149 -6.16 -34.03 39.11
C GLU F 149 -4.88 -34.74 38.72
N GLU F 150 -4.97 -35.72 37.82
CA GLU F 150 -3.80 -36.46 37.37
C GLU F 150 -2.87 -35.62 36.52
N LEU F 151 -3.31 -34.44 36.10
CA LEU F 151 -2.49 -33.55 35.28
C LEU F 151 -1.91 -32.44 36.15
N ILE F 152 -0.63 -32.16 35.94
CA ILE F 152 0.07 -31.12 36.68
C ILE F 152 0.13 -29.87 35.82
N VAL F 153 -0.34 -28.75 36.36
CA VAL F 153 -0.28 -27.51 35.61
C VAL F 153 1.15 -27.03 35.50
N ASP F 154 1.45 -26.36 34.39
CA ASP F 154 2.77 -25.79 34.12
C ASP F 154 3.88 -26.84 34.21
N ILE G 38 -51.56 -52.12 30.09
CA ILE G 38 -50.69 -51.75 31.20
C ILE G 38 -49.38 -52.52 31.11
N VAL G 39 -48.36 -51.91 30.50
CA VAL G 39 -47.11 -52.57 30.19
C VAL G 39 -45.95 -51.69 30.61
N ARG G 40 -44.77 -52.30 30.66
CA ARG G 40 -43.52 -51.63 31.03
C ARG G 40 -42.60 -51.56 29.83
N VAL G 41 -42.12 -50.38 29.49
CA VAL G 41 -41.36 -50.16 28.26
C VAL G 41 -39.98 -49.61 28.58
N PRO G 42 -38.91 -50.32 28.25
CA PRO G 42 -37.57 -49.74 28.39
C PRO G 42 -37.29 -48.73 27.29
N ILE G 43 -36.52 -47.72 27.64
CA ILE G 43 -36.31 -46.55 26.78
C ILE G 43 -34.84 -46.15 26.81
N ALA G 44 -34.30 -45.81 25.64
CA ALA G 44 -32.99 -45.18 25.53
C ALA G 44 -33.20 -43.68 25.34
N LEU G 45 -32.58 -42.89 26.20
CA LEU G 45 -32.84 -41.46 26.31
C LEU G 45 -31.54 -40.69 26.13
N TYR G 46 -31.62 -39.54 25.45
CA TYR G 46 -30.48 -38.65 25.26
C TYR G 46 -30.88 -37.30 25.82
N VAL G 47 -30.57 -37.07 27.09
CA VAL G 47 -31.05 -35.91 27.83
C VAL G 47 -29.87 -35.01 28.17
N SER G 48 -30.20 -33.76 28.50
CA SER G 48 -29.21 -32.76 28.88
C SER G 48 -29.23 -32.57 30.38
N LEU G 49 -28.06 -32.66 31.00
CA LEU G 49 -27.93 -32.53 32.45
C LEU G 49 -27.42 -31.13 32.78
N ALA G 50 -28.19 -30.41 33.59
CA ALA G 50 -27.85 -29.04 33.94
C ALA G 50 -26.64 -29.00 34.88
N PRO G 51 -25.87 -27.91 34.87
CA PRO G 51 -24.73 -27.82 35.79
C PRO G 51 -25.15 -27.81 37.25
N MET G 52 -26.37 -27.38 37.57
CA MET G 52 -26.78 -27.28 38.96
C MET G 52 -26.99 -28.64 39.61
N TYR G 53 -26.97 -29.73 38.84
CA TYR G 53 -27.29 -31.05 39.35
C TYR G 53 -26.10 -32.00 39.28
N LEU G 54 -24.88 -31.48 39.33
CA LEU G 54 -23.70 -32.33 39.23
C LEU G 54 -23.32 -32.98 40.56
N GLU G 55 -24.26 -33.08 41.49
CA GLU G 55 -24.09 -33.87 42.70
C GLU G 55 -25.09 -34.99 42.85
N ASN G 56 -26.25 -34.89 42.20
CA ASN G 56 -27.21 -35.99 42.12
C ASN G 56 -27.73 -36.07 40.69
N PRO G 57 -26.89 -36.51 39.75
CA PRO G 57 -27.32 -36.52 38.35
C PRO G 57 -28.55 -37.35 38.08
N LEU G 58 -28.78 -38.40 38.88
CA LEU G 58 -29.99 -39.20 38.72
C LEU G 58 -31.22 -38.35 39.03
N GLN G 59 -31.21 -37.65 40.16
CA GLN G 59 -32.31 -36.76 40.49
C GLN G 59 -32.44 -35.65 39.46
N GLY G 60 -31.32 -35.17 38.95
CA GLY G 60 -31.38 -34.10 37.96
C GLY G 60 -32.05 -34.52 36.67
N VAL G 61 -31.68 -35.68 36.16
CA VAL G 61 -32.33 -36.20 34.96
C VAL G 61 -33.80 -36.48 35.23
N MET G 62 -34.09 -37.04 36.41
CA MET G 62 -35.48 -37.25 36.81
C MET G 62 -36.28 -35.97 36.71
N LYS G 63 -35.80 -34.91 37.34
CA LYS G 63 -36.59 -33.69 37.45
C LYS G 63 -36.65 -32.92 36.15
N GLN G 64 -35.59 -32.98 35.35
CA GLN G 64 -35.60 -32.27 34.07
C GLN G 64 -36.48 -32.97 33.05
N HIS G 65 -36.46 -34.29 32.98
CA HIS G 65 -37.15 -34.95 31.88
C HIS G 65 -38.19 -35.96 32.29
N LEU G 66 -37.91 -36.79 33.30
CA LEU G 66 -38.80 -37.89 33.61
C LEU G 66 -40.07 -37.42 34.31
N ASN G 67 -39.95 -36.49 35.25
CA ASN G 67 -41.15 -35.91 35.85
C ASN G 67 -42.04 -35.19 34.84
N PRO G 68 -41.53 -34.40 33.88
CA PRO G 68 -42.41 -33.80 32.87
C PRO G 68 -42.91 -34.77 31.82
N LEU G 69 -42.68 -36.08 32.01
CA LEU G 69 -43.16 -37.09 31.08
C LEU G 69 -44.25 -37.97 31.68
N VAL G 70 -44.84 -37.57 32.80
CA VAL G 70 -45.83 -38.38 33.51
C VAL G 70 -47.22 -37.89 33.15
N MET G 71 -48.16 -38.84 33.00
CA MET G 71 -49.57 -38.54 32.76
C MET G 71 -49.77 -37.75 31.47
N LYS G 72 -48.85 -37.89 30.53
CA LYS G 72 -48.90 -37.18 29.26
C LYS G 72 -48.73 -38.19 28.13
N TYR G 73 -49.53 -38.04 27.08
CA TYR G 73 -49.44 -38.93 25.93
C TYR G 73 -48.12 -38.71 25.20
N ASN G 74 -47.27 -39.73 25.20
CA ASN G 74 -45.96 -39.65 24.57
C ASN G 74 -46.02 -40.26 23.18
N ASN G 75 -45.54 -39.52 22.18
CA ASN G 75 -45.66 -39.93 20.80
C ASN G 75 -44.82 -41.15 20.47
N LYS G 76 -43.91 -41.56 21.35
CA LYS G 76 -43.03 -42.69 21.09
C LYS G 76 -43.50 -43.96 21.80
N VAL G 77 -43.59 -43.92 23.14
CA VAL G 77 -43.84 -45.13 23.90
C VAL G 77 -45.23 -45.69 23.66
N GLY G 78 -46.15 -44.88 23.13
CA GLY G 78 -47.49 -45.34 22.85
C GLY G 78 -48.55 -44.47 23.51
N GLY G 79 -48.28 -44.02 24.73
CA GLY G 79 -49.27 -43.24 25.44
C GLY G 79 -48.75 -42.52 26.67
N VAL G 80 -49.53 -42.56 27.75
CA VAL G 80 -49.20 -41.86 28.99
C VAL G 80 -48.15 -42.65 29.75
N VAL G 81 -47.58 -42.05 30.79
CA VAL G 81 -46.65 -42.72 31.68
C VAL G 81 -47.12 -42.50 33.11
N LEU G 82 -47.19 -43.57 33.89
CA LEU G 82 -47.55 -43.44 35.29
C LEU G 82 -46.35 -43.28 36.20
N GLY G 83 -45.20 -43.79 35.80
CA GLY G 83 -44.03 -43.73 36.66
C GLY G 83 -42.84 -44.35 35.97
N TYR G 84 -41.78 -44.56 36.75
CA TYR G 84 -40.58 -45.20 36.23
C TYR G 84 -39.79 -45.74 37.43
N GLU G 85 -38.84 -46.61 37.13
CA GLU G 85 -37.94 -47.10 38.16
C GLU G 85 -36.67 -47.66 37.50
N GLY G 86 -35.62 -47.75 38.31
CA GLY G 86 -34.35 -48.25 37.80
C GLY G 86 -33.72 -47.38 36.73
N LEU G 87 -33.71 -46.07 36.94
CA LEU G 87 -33.01 -45.19 36.00
C LEU G 87 -31.53 -45.50 35.99
N LYS G 88 -30.96 -45.63 34.80
CA LYS G 88 -29.54 -45.87 34.64
C LYS G 88 -28.97 -44.90 33.61
N ILE G 89 -27.78 -44.38 33.90
CA ILE G 89 -27.10 -43.42 33.04
C ILE G 89 -25.91 -44.13 32.39
N LEU G 90 -25.78 -44.00 31.08
CA LEU G 90 -24.61 -44.51 30.40
C LEU G 90 -23.37 -43.72 30.84
N ASP G 91 -22.21 -44.14 30.33
CA ASP G 91 -20.96 -43.50 30.68
C ASP G 91 -20.20 -43.08 29.42
N ALA G 92 -19.59 -41.90 29.47
CA ALA G 92 -18.76 -41.43 28.38
C ALA G 92 -17.40 -42.09 28.33
N ASP G 93 -16.99 -42.80 29.38
CA ASP G 93 -15.74 -43.56 29.34
C ASP G 93 -16.07 -45.04 29.40
N PRO G 94 -16.08 -45.75 28.26
CA PRO G 94 -16.56 -47.13 28.24
C PRO G 94 -15.72 -48.10 29.05
N LEU G 95 -14.46 -47.77 29.33
CA LEU G 95 -13.63 -48.69 30.11
C LEU G 95 -14.18 -48.88 31.52
N SER G 96 -14.69 -47.81 32.12
CA SER G 96 -15.26 -47.90 33.46
C SER G 96 -16.39 -48.92 33.48
N LYS G 97 -16.16 -50.04 34.17
CA LYS G 97 -17.17 -51.07 34.28
C LYS G 97 -18.40 -50.53 34.99
N GLU G 98 -19.54 -51.21 34.80
CA GLU G 98 -20.79 -50.74 35.35
C GLU G 98 -20.81 -50.76 36.87
N ASP G 99 -19.84 -51.41 37.51
CA ASP G 99 -19.71 -51.40 38.97
C ASP G 99 -19.03 -50.09 39.39
N THR G 100 -19.74 -48.99 39.16
CA THR G 100 -19.22 -47.67 39.50
C THR G 100 -20.37 -46.71 39.74
N SER G 101 -20.05 -45.59 40.39
CA SER G 101 -20.99 -44.50 40.59
C SER G 101 -20.51 -43.18 40.01
N GLU G 102 -19.23 -43.06 39.68
CA GLU G 102 -18.64 -41.82 39.17
C GLU G 102 -18.48 -41.98 37.66
N LYS G 103 -19.53 -41.61 36.93
CA LYS G 103 -19.54 -41.71 35.48
C LYS G 103 -19.23 -40.37 34.84
N LEU G 104 -18.59 -40.40 33.68
CA LEU G 104 -18.32 -39.19 32.94
C LEU G 104 -19.54 -38.76 32.14
N ILE G 105 -19.66 -37.45 31.93
CA ILE G 105 -20.72 -36.86 31.12
C ILE G 105 -20.06 -35.97 30.07
N LYS G 106 -20.40 -36.18 28.81
CA LYS G 106 -19.92 -35.31 27.75
C LYS G 106 -20.50 -33.92 27.92
N ILE G 107 -19.65 -32.90 27.80
CA ILE G 107 -20.04 -31.51 28.04
C ILE G 107 -20.09 -30.79 26.70
N THR G 108 -21.16 -30.05 26.47
CA THR G 108 -21.34 -29.30 25.23
C THR G 108 -20.22 -28.27 25.09
N PRO G 109 -19.59 -28.15 23.92
CA PRO G 109 -18.49 -27.19 23.78
C PRO G 109 -18.90 -25.76 24.08
N ASP G 110 -20.11 -25.36 23.72
CA ASP G 110 -20.54 -23.98 23.81
C ASP G 110 -21.29 -23.64 25.10
N THR G 111 -21.46 -24.61 25.99
CA THR G 111 -22.46 -24.50 27.03
C THR G 111 -22.06 -25.38 28.20
N PRO G 112 -22.32 -24.97 29.44
CA PRO G 112 -21.97 -25.83 30.58
C PRO G 112 -22.81 -27.09 30.67
N PHE G 113 -23.94 -27.16 29.97
CA PHE G 113 -24.81 -28.33 30.03
C PHE G 113 -24.10 -29.56 29.49
N GLY G 114 -24.39 -30.71 30.09
CA GLY G 114 -23.81 -31.98 29.69
C GLY G 114 -24.86 -32.90 29.09
N PHE G 115 -24.45 -33.67 28.09
CA PHE G 115 -25.33 -34.59 27.38
C PHE G 115 -24.82 -36.01 27.51
N THR G 116 -25.74 -36.95 27.70
CA THR G 116 -25.37 -38.37 27.75
C THR G 116 -26.62 -39.20 27.51
N TRP G 117 -26.40 -40.49 27.27
CA TRP G 117 -27.49 -41.44 27.07
C TRP G 117 -27.96 -42.00 28.40
N CYS G 118 -29.22 -42.42 28.44
CA CYS G 118 -29.83 -42.91 29.66
C CYS G 118 -30.72 -44.12 29.37
N HIS G 119 -30.97 -44.92 30.40
CA HIS G 119 -31.86 -46.05 30.34
C HIS G 119 -32.86 -45.98 31.49
N VAL G 120 -34.12 -46.32 31.20
CA VAL G 120 -35.16 -46.24 32.21
C VAL G 120 -36.35 -47.07 31.73
N ASN G 121 -36.98 -47.76 32.67
CA ASN G 121 -38.23 -48.47 32.41
C ASN G 121 -39.40 -47.54 32.67
N LEU G 122 -40.27 -47.42 31.68
CA LEU G 122 -41.43 -46.53 31.75
C LEU G 122 -42.70 -47.37 31.77
N TYR G 123 -43.62 -47.03 32.67
CA TYR G 123 -44.87 -47.75 32.83
C TYR G 123 -45.97 -46.99 32.10
N VAL G 124 -46.43 -47.53 30.98
CA VAL G 124 -47.40 -46.85 30.13
C VAL G 124 -48.77 -47.50 30.30
N TRP G 125 -49.78 -46.88 29.70
CA TRP G 125 -51.17 -47.35 29.70
C TRP G 125 -51.60 -47.41 28.24
N GLN G 126 -51.30 -48.53 27.59
CA GLN G 126 -51.41 -48.62 26.14
C GLN G 126 -52.87 -48.47 25.70
N PRO G 127 -53.15 -47.59 24.74
CA PRO G 127 -54.50 -47.42 24.19
C PRO G 127 -54.90 -48.60 23.31
N ASN H 3 35.23 -4.53 61.03
CA ASN H 3 36.65 -4.23 61.19
C ASN H 3 37.28 -4.04 59.82
N THR H 4 38.46 -3.43 59.76
CA THR H 4 39.10 -3.11 58.50
C THR H 4 39.50 -4.39 57.76
N LEU H 5 39.67 -4.24 56.44
CA LEU H 5 40.14 -5.32 55.60
C LEU H 5 41.32 -4.92 54.73
N PHE H 6 41.62 -3.63 54.62
CA PHE H 6 42.70 -3.13 53.79
C PHE H 6 42.95 -1.68 54.18
N ASP H 7 44.20 -1.24 54.08
CA ASP H 7 44.54 0.14 54.35
C ASP H 7 45.87 0.45 53.68
N ASP H 8 45.99 1.68 53.16
CA ASP H 8 47.19 2.09 52.45
C ASP H 8 47.10 3.59 52.21
N ILE H 9 48.22 4.16 51.74
CA ILE H 9 48.31 5.55 51.35
C ILE H 9 48.63 5.59 49.87
N PHE H 10 47.85 6.36 49.10
CA PHE H 10 47.97 6.39 47.66
C PHE H 10 48.34 7.77 47.17
N GLN H 11 49.13 7.80 46.09
CA GLN H 11 49.58 9.04 45.45
C GLN H 11 48.87 9.14 44.10
N VAL H 12 47.89 10.03 44.01
CA VAL H 12 47.09 10.13 42.78
C VAL H 12 47.97 10.60 41.64
N SER H 13 47.93 9.87 40.53
CA SER H 13 48.69 10.23 39.35
C SER H 13 47.88 11.10 38.39
N GLU H 14 46.62 10.74 38.15
CA GLU H 14 45.77 11.47 37.23
C GLU H 14 44.34 11.48 37.74
N VAL H 15 43.66 12.60 37.55
CA VAL H 15 42.22 12.72 37.73
C VAL H 15 41.65 13.05 36.37
N ASP H 16 40.87 12.14 35.80
CA ASP H 16 40.39 12.24 34.43
C ASP H 16 38.88 12.42 34.43
N PRO H 17 38.35 13.53 33.92
CA PRO H 17 36.91 13.78 34.03
C PRO H 17 36.08 12.96 33.06
N GLY H 18 36.63 12.70 31.87
CA GLY H 18 35.84 12.10 30.83
C GLY H 18 34.76 13.06 30.34
N ARG H 19 33.62 12.50 29.95
CA ARG H 19 32.47 13.28 29.52
C ARG H 19 31.44 13.43 30.63
N TYR H 20 31.89 13.48 31.88
CA TYR H 20 31.00 13.57 33.03
C TYR H 20 31.10 14.95 33.66
N ASN H 21 30.18 15.22 34.58
CA ASN H 21 30.22 16.43 35.39
C ASN H 21 30.74 16.15 36.78
N LYS H 22 30.09 15.23 37.50
CA LYS H 22 30.38 15.01 38.91
C LYS H 22 31.50 14.00 39.13
N VAL H 23 31.44 12.86 38.46
CA VAL H 23 32.38 11.79 38.75
C VAL H 23 33.66 12.01 37.94
N CYS H 24 34.76 11.44 38.44
CA CYS H 24 36.05 11.48 37.78
C CYS H 24 36.77 10.17 38.02
N ARG H 25 37.77 9.91 37.19
CA ARG H 25 38.55 8.68 37.27
C ARG H 25 39.91 8.98 37.88
N ILE H 26 40.22 8.29 38.97
CA ILE H 26 41.43 8.51 39.74
C ILE H 26 42.37 7.33 39.51
N GLU H 27 43.57 7.62 39.01
CA GLU H 27 44.63 6.63 38.92
C GLU H 27 45.65 6.95 40.00
N ALA H 28 45.68 6.12 41.05
CA ALA H 28 46.51 6.36 42.23
C ALA H 28 47.45 5.19 42.43
N ALA H 29 48.72 5.50 42.67
CA ALA H 29 49.73 4.48 42.97
C ALA H 29 50.04 4.51 44.46
N SER H 30 50.20 3.33 45.04
CA SER H 30 50.48 3.24 46.48
C SER H 30 51.87 3.75 46.79
N THR H 31 51.99 4.48 47.89
CA THR H 31 53.27 4.96 48.38
C THR H 31 53.92 4.01 49.38
N THR H 32 53.30 2.87 49.66
CA THR H 32 53.84 1.89 50.58
C THR H 32 54.24 0.58 49.93
N GLN H 33 53.66 0.23 48.78
CA GLN H 33 53.97 -1.01 48.08
C GLN H 33 54.47 -0.70 46.68
N ASP H 34 55.53 -1.39 46.28
CA ASP H 34 56.10 -1.18 44.96
C ASP H 34 55.16 -1.55 43.82
N GLN H 35 54.21 -2.46 44.06
CA GLN H 35 53.41 -3.02 42.99
C GLN H 35 51.91 -2.92 43.24
N CYS H 36 51.47 -1.99 44.08
CA CYS H 36 50.06 -1.79 44.37
C CYS H 36 49.60 -0.48 43.74
N LYS H 37 48.57 -0.55 42.91
CA LYS H 37 47.99 0.62 42.26
C LYS H 37 46.48 0.57 42.39
N LEU H 38 45.82 1.60 41.90
CA LEU H 38 44.40 1.76 42.17
C LEU H 38 43.74 2.56 41.05
N THR H 39 42.49 2.21 40.75
CA THR H 39 41.61 2.99 39.91
C THR H 39 40.28 3.12 40.64
N LEU H 40 39.70 4.32 40.64
CA LEU H 40 38.50 4.55 41.40
C LEU H 40 37.69 5.68 40.77
N ASP H 41 36.37 5.58 40.88
CA ASP H 41 35.46 6.61 40.38
C ASP H 41 34.72 7.22 41.56
N ILE H 42 34.96 8.50 41.81
CA ILE H 42 34.30 9.25 42.87
C ILE H 42 33.70 10.50 42.25
N ASN H 43 32.65 11.02 42.87
CA ASN H 43 32.03 12.25 42.39
C ASN H 43 32.75 13.44 43.02
N VAL H 44 33.50 14.18 42.21
CA VAL H 44 34.33 15.27 42.72
C VAL H 44 33.51 16.49 43.09
N GLU H 45 32.18 16.43 42.95
CA GLU H 45 31.34 17.45 43.54
C GLU H 45 31.34 17.39 45.05
N LEU H 46 31.66 16.23 45.62
CA LEU H 46 31.70 16.02 47.06
C LEU H 46 33.11 15.83 47.61
N PHE H 47 33.98 15.14 46.88
CA PHE H 47 35.35 14.89 47.32
C PHE H 47 36.32 15.27 46.21
N PRO H 48 36.47 16.56 45.93
CA PRO H 48 37.33 16.98 44.81
C PRO H 48 38.77 16.56 45.01
N VAL H 49 39.40 16.11 43.93
CA VAL H 49 40.72 15.51 43.97
C VAL H 49 41.54 16.06 42.81
N ALA H 50 42.80 16.37 43.07
CA ALA H 50 43.72 16.84 42.04
C ALA H 50 44.88 15.86 41.90
N ALA H 51 45.53 15.92 40.73
CA ALA H 51 46.68 15.06 40.48
C ALA H 51 47.84 15.44 41.40
N GLN H 52 48.65 14.44 41.74
CA GLN H 52 49.73 14.58 42.72
C GLN H 52 49.20 14.99 44.09
N ASP H 53 48.20 14.25 44.57
CA ASP H 53 47.70 14.38 45.93
C ASP H 53 48.01 13.10 46.71
N SER H 54 47.50 13.04 47.93
CA SER H 54 47.68 11.88 48.79
C SER H 54 46.35 11.52 49.45
N LEU H 55 45.96 10.26 49.34
CA LEU H 55 44.69 9.77 49.85
C LEU H 55 44.91 8.56 50.75
N THR H 56 44.17 8.54 51.86
CA THR H 56 44.18 7.41 52.79
C THR H 56 42.96 6.55 52.48
N VAL H 57 43.16 5.47 51.73
CA VAL H 57 42.08 4.60 51.28
C VAL H 57 41.98 3.42 52.24
N THR H 58 40.77 3.17 52.73
CA THR H 58 40.54 2.09 53.69
C THR H 58 39.28 1.34 53.31
N ILE H 59 39.40 0.03 53.16
CA ILE H 59 38.26 -0.84 52.87
C ILE H 59 37.91 -1.57 54.16
N ALA H 60 36.66 -1.45 54.58
CA ALA H 60 36.21 -2.00 55.85
C ALA H 60 35.03 -2.93 55.63
N SER H 61 34.98 -3.99 56.43
CA SER H 61 33.83 -4.88 56.40
C SER H 61 32.59 -4.26 57.02
N SER H 62 32.75 -3.23 57.85
CA SER H 62 31.62 -2.59 58.48
C SER H 62 32.08 -1.24 59.01
N LEU H 63 31.13 -0.51 59.60
CA LEU H 63 31.40 0.79 60.20
C LEU H 63 31.21 0.82 61.70
N ASN H 64 30.55 -0.19 62.28
CA ASN H 64 30.28 -0.19 63.71
C ASN H 64 31.58 -0.26 64.51
N LEU H 65 31.57 0.41 65.66
CA LEU H 65 32.72 0.40 66.57
C LEU H 65 32.33 -0.16 67.93
N SER H 78 17.64 -1.79 57.70
CA SER H 78 19.09 -1.81 57.76
C SER H 78 19.66 -0.42 57.95
N TRP H 79 20.05 0.21 56.85
CA TRP H 79 20.57 1.56 56.90
C TRP H 79 19.47 2.53 57.34
N ARG H 80 19.90 3.63 57.94
CA ARG H 80 18.97 4.60 58.52
C ARG H 80 19.73 5.90 58.68
N PRO H 81 19.12 7.04 58.38
CA PRO H 81 19.84 8.29 58.49
C PRO H 81 20.30 8.53 59.91
N PRO H 82 21.44 9.19 60.10
CA PRO H 82 21.97 9.37 61.44
C PRO H 82 21.00 10.11 62.35
N GLN H 83 20.97 9.71 63.62
CA GLN H 83 20.19 10.40 64.63
C GLN H 83 21.13 10.85 65.74
N ALA H 84 20.68 11.84 66.51
CA ALA H 84 21.51 12.45 67.53
C ALA H 84 22.01 11.41 68.52
N GLY H 85 23.33 11.24 68.58
CA GLY H 85 23.94 10.25 69.44
C GLY H 85 24.33 8.97 68.73
N ASP H 86 24.99 9.10 67.58
CA ASP H 86 25.46 7.95 66.80
C ASP H 86 26.94 8.07 66.55
N ARG H 87 27.64 6.93 66.63
CA ARG H 87 29.06 6.86 66.33
C ARG H 87 29.29 5.77 65.28
N SER H 88 30.28 5.98 64.44
CA SER H 88 30.59 5.03 63.37
C SER H 88 32.03 5.26 62.93
N LEU H 89 32.55 4.29 62.18
CA LEU H 89 33.92 4.38 61.70
C LEU H 89 34.12 5.53 60.73
N ALA H 90 33.06 5.94 60.03
CA ALA H 90 33.19 6.94 58.99
C ALA H 90 33.65 8.31 59.51
N ASP H 91 33.56 8.55 60.81
CA ASP H 91 33.92 9.84 61.36
C ASP H 91 35.40 10.14 61.23
N ASP H 92 36.23 9.12 60.99
CA ASP H 92 37.65 9.32 60.74
C ASP H 92 37.97 9.67 59.30
N TYR H 93 36.99 9.58 58.40
CA TYR H 93 37.23 9.74 56.98
C TYR H 93 36.24 10.73 56.39
N ASP H 94 36.64 11.34 55.28
CA ASP H 94 35.81 12.36 54.64
C ASP H 94 34.84 11.77 53.63
N TYR H 95 35.27 10.76 52.89
CA TYR H 95 34.51 10.21 51.78
C TYR H 95 34.41 8.71 51.99
N VAL H 96 33.19 8.21 52.15
CA VAL H 96 32.95 6.79 52.36
C VAL H 96 31.87 6.32 51.39
N MET H 97 32.22 5.36 50.54
CA MET H 97 31.28 4.74 49.61
C MET H 97 31.02 3.30 50.05
N TYR H 98 29.87 2.78 49.63
CA TYR H 98 29.45 1.43 49.93
C TYR H 98 29.12 0.71 48.63
N GLY H 99 29.66 -0.48 48.45
CA GLY H 99 29.45 -1.24 47.23
C GLY H 99 29.54 -2.71 47.46
N THR H 100 30.15 -3.42 46.52
CA THR H 100 30.34 -4.86 46.62
C THR H 100 31.38 -5.27 45.58
N ALA H 101 31.94 -6.45 45.78
CA ALA H 101 32.92 -7.02 44.88
C ALA H 101 32.23 -7.98 43.92
N TYR H 102 32.68 -7.98 42.67
CA TYR H 102 32.08 -8.82 41.66
C TYR H 102 33.11 -9.56 40.80
N LYS H 103 34.40 -9.36 41.03
CA LYS H 103 35.39 -10.08 40.25
C LYS H 103 36.67 -10.16 41.07
N PHE H 104 37.44 -11.22 40.81
CA PHE H 104 38.74 -11.44 41.45
C PHE H 104 39.65 -11.99 40.36
N GLU H 105 40.40 -11.11 39.71
CA GLU H 105 41.29 -11.50 38.63
C GLU H 105 42.72 -11.58 39.14
N GLU H 106 43.43 -12.64 38.77
CA GLU H 106 44.84 -12.78 39.08
C GLU H 106 45.65 -12.24 37.90
N VAL H 107 46.31 -11.10 38.10
CA VAL H 107 47.10 -10.49 37.04
C VAL H 107 48.24 -11.43 36.62
N SER H 108 48.94 -11.98 37.60
CA SER H 108 50.02 -12.93 37.36
C SER H 108 50.22 -13.70 38.66
N LYS H 109 51.33 -14.43 38.74
CA LYS H 109 51.72 -15.01 40.02
C LYS H 109 52.08 -13.89 40.98
N ASP H 110 51.64 -14.04 42.24
CA ASP H 110 51.89 -13.04 43.29
C ASP H 110 51.33 -11.67 42.93
N LEU H 111 50.19 -11.66 42.22
CA LEU H 111 49.44 -10.44 41.97
C LEU H 111 47.97 -10.81 41.90
N ILE H 112 47.11 -9.86 42.22
CA ILE H 112 45.67 -10.10 42.21
C ILE H 112 44.97 -8.75 42.09
N ALA H 113 43.87 -8.74 41.35
CA ALA H 113 43.05 -7.55 41.17
C ALA H 113 41.65 -7.86 41.68
N VAL H 114 41.08 -6.94 42.45
CA VAL H 114 39.76 -7.09 43.01
C VAL H 114 38.90 -5.92 42.55
N TYR H 115 37.76 -6.23 41.93
CA TYR H 115 36.90 -5.23 41.32
C TYR H 115 35.71 -4.97 42.24
N TYR H 116 35.52 -3.70 42.59
CA TYR H 116 34.40 -3.28 43.41
C TYR H 116 33.48 -2.36 42.61
N SER H 117 32.20 -2.44 42.90
CA SER H 117 31.21 -1.60 42.23
C SER H 117 30.33 -0.96 43.30
N PHE H 118 30.44 0.36 43.44
CA PHE H 118 29.68 1.10 44.44
C PHE H 118 28.51 1.77 43.75
N GLY H 119 27.44 0.99 43.57
CA GLY H 119 26.26 1.51 42.88
C GLY H 119 26.55 1.97 41.47
N GLY H 120 27.44 1.29 40.77
CA GLY H 120 27.87 1.69 39.45
C GLY H 120 29.21 2.39 39.42
N LEU H 121 29.69 2.89 40.56
CA LEU H 121 31.01 3.48 40.64
C LEU H 121 32.05 2.38 40.83
N LEU H 122 33.02 2.32 39.92
CA LEU H 122 33.87 1.16 39.77
C LEU H 122 35.27 1.40 40.33
N MET H 123 35.72 0.48 41.17
CA MET H 123 37.09 0.48 41.69
C MET H 123 37.77 -0.83 41.32
N ARG H 124 38.96 -0.73 40.76
CA ARG H 124 39.81 -1.89 40.47
C ARG H 124 41.05 -1.79 41.34
N LEU H 125 41.05 -2.46 42.48
CA LEU H 125 42.17 -2.44 43.40
C LEU H 125 43.10 -3.61 43.07
N GLU H 126 44.37 -3.30 42.81
CA GLU H 126 45.35 -4.29 42.42
C GLU H 126 46.56 -4.21 43.35
N GLY H 127 47.19 -5.35 43.58
CA GLY H 127 48.38 -5.39 44.42
C GLY H 127 48.89 -6.79 44.54
N ASN H 128 49.85 -6.97 45.42
CA ASN H 128 50.35 -8.30 45.73
C ASN H 128 49.29 -9.10 46.49
N TYR H 129 49.29 -10.41 46.28
CA TYR H 129 48.34 -11.25 47.01
C TYR H 129 48.60 -11.27 48.50
N ARG H 130 49.82 -10.94 48.91
CA ARG H 130 50.22 -11.08 50.32
C ARG H 130 49.42 -10.14 51.22
N ASN H 131 49.16 -8.91 50.77
CA ASN H 131 48.43 -7.95 51.57
C ASN H 131 47.04 -7.63 51.04
N LEU H 132 46.63 -8.27 49.94
CA LEU H 132 45.26 -8.18 49.45
C LEU H 132 44.44 -9.40 49.80
N ASN H 133 45.01 -10.35 50.54
CA ASN H 133 44.39 -11.64 50.82
C ASN H 133 43.28 -11.56 51.85
N ASN H 134 42.77 -10.36 52.15
CA ASN H 134 41.70 -10.19 53.13
C ASN H 134 40.42 -9.67 52.51
N LEU H 135 40.38 -9.52 51.19
CA LEU H 135 39.23 -8.97 50.49
C LEU H 135 38.47 -10.10 49.80
N LYS H 136 37.17 -10.21 50.09
CA LYS H 136 36.35 -11.28 49.56
C LYS H 136 35.02 -10.73 49.06
N GLN H 137 34.28 -11.60 48.36
CA GLN H 137 33.06 -11.20 47.65
C GLN H 137 31.95 -10.95 48.66
N GLU H 138 32.01 -9.78 49.29
CA GLU H 138 31.02 -9.36 50.27
C GLU H 138 30.73 -7.88 50.07
N ASN H 139 29.73 -7.39 50.79
CA ASN H 139 29.40 -5.97 50.80
C ASN H 139 30.42 -5.26 51.69
N ALA H 140 31.32 -4.50 51.08
CA ALA H 140 32.41 -3.85 51.79
C ALA H 140 32.36 -2.34 51.59
N TYR H 141 32.56 -1.60 52.68
CA TYR H 141 32.65 -0.15 52.61
C TYR H 141 34.02 0.28 52.13
N LEU H 142 34.06 1.45 51.51
CA LEU H 142 35.30 2.08 51.10
C LEU H 142 35.35 3.47 51.70
N LEU H 143 36.42 3.77 52.44
CA LEU H 143 36.57 5.06 53.09
C LEU H 143 37.85 5.72 52.62
N ILE H 144 37.78 7.01 52.33
CA ILE H 144 38.91 7.77 51.83
C ILE H 144 39.14 8.96 52.76
N ARG H 145 40.42 9.28 52.98
CA ARG H 145 40.83 10.41 53.81
C ARG H 145 42.01 11.09 53.14
N ARG H 146 42.09 12.40 53.32
CA ARG H 146 43.16 13.19 52.73
C ARG H 146 44.57 12.78 53.21
N SER I 2 18.88 7.81 -64.39
CA SER I 2 19.07 6.52 -65.04
C SER I 2 19.12 5.41 -64.00
N VAL I 3 20.24 4.70 -63.96
CA VAL I 3 20.43 3.58 -63.03
C VAL I 3 21.30 4.05 -61.87
N VAL I 4 20.83 3.77 -60.65
CA VAL I 4 21.54 4.16 -59.44
C VAL I 4 21.70 2.92 -58.58
N GLY I 5 22.92 2.42 -58.45
CA GLY I 5 23.16 1.24 -57.65
C GLY I 5 22.38 0.04 -58.14
N SER I 6 21.34 -0.35 -57.40
CA SER I 6 20.47 -1.46 -57.74
C SER I 6 19.13 -1.01 -58.30
N LEU I 7 18.97 0.27 -58.62
CA LEU I 7 17.71 0.78 -59.12
C LEU I 7 17.92 1.51 -60.44
N ILE I 8 16.90 1.47 -61.29
CA ILE I 8 16.88 2.20 -62.55
C ILE I 8 15.63 3.05 -62.58
N PHE I 9 15.80 4.34 -62.85
CA PHE I 9 14.68 5.27 -63.00
C PHE I 9 14.65 5.80 -64.41
N CYS I 10 13.45 6.08 -64.91
CA CYS I 10 13.31 6.62 -66.24
C CYS I 10 13.89 8.03 -66.32
N LEU I 11 14.56 8.33 -67.42
CA LEU I 11 15.19 9.63 -67.59
C LEU I 11 14.20 10.71 -67.96
N ASP I 12 13.00 10.35 -68.41
CA ASP I 12 12.06 11.30 -68.98
C ASP I 12 10.86 11.60 -68.10
N CYS I 13 10.44 10.65 -67.26
CA CYS I 13 9.39 10.90 -66.29
C CYS I 13 9.76 10.51 -64.87
N GLY I 14 10.81 9.72 -64.67
CA GLY I 14 11.25 9.34 -63.35
C GLY I 14 10.55 8.16 -62.75
N ASP I 15 9.70 7.46 -63.50
CA ASP I 15 9.06 6.27 -62.98
C ASP I 15 10.08 5.15 -62.82
N LEU I 16 9.82 4.27 -61.85
CA LEU I 16 10.75 3.19 -61.52
C LEU I 16 10.64 2.08 -62.55
N LEU I 17 11.73 1.82 -63.28
CA LEU I 17 11.72 0.82 -64.32
C LEU I 17 11.69 -0.58 -63.73
N GLU I 18 11.15 -1.53 -64.50
CA GLU I 18 11.16 -2.92 -64.09
C GLU I 18 12.56 -3.49 -64.17
N ASN I 19 12.87 -4.42 -63.26
CA ASN I 19 14.19 -5.03 -63.24
C ASN I 19 14.43 -5.78 -64.54
N PRO I 20 15.57 -5.56 -65.21
CA PRO I 20 15.73 -6.12 -66.56
C PRO I 20 15.60 -7.62 -66.63
N ASN I 21 16.16 -8.35 -65.68
CA ASN I 21 16.16 -9.80 -65.73
C ASN I 21 14.80 -10.40 -65.39
N ALA I 22 13.76 -9.58 -65.26
CA ALA I 22 12.41 -10.06 -65.04
C ALA I 22 11.51 -9.87 -66.26
N VAL I 23 12.04 -9.35 -67.37
CA VAL I 23 11.27 -9.07 -68.57
C VAL I 23 12.03 -9.60 -69.78
N LEU I 24 11.46 -9.35 -70.96
CA LEU I 24 11.97 -9.89 -72.21
C LEU I 24 13.34 -9.30 -72.55
N GLY I 25 13.88 -9.74 -73.68
CA GLY I 25 15.27 -9.46 -74.01
C GLY I 25 15.47 -8.13 -74.70
N SER I 26 16.59 -7.48 -74.36
CA SER I 26 17.19 -6.39 -75.13
C SER I 26 16.42 -5.08 -75.06
N ASN I 27 15.24 -5.06 -74.46
CA ASN I 27 14.45 -3.83 -74.41
C ASN I 27 13.51 -3.86 -73.22
N VAL I 28 13.51 -2.80 -72.42
CA VAL I 28 12.54 -2.64 -71.34
C VAL I 28 11.76 -1.36 -71.62
N GLU I 29 10.55 -1.31 -71.08
CA GLU I 29 9.59 -0.26 -71.37
C GLU I 29 9.30 0.54 -70.12
N CYS I 30 9.35 1.86 -70.23
CA CYS I 30 8.83 2.72 -69.19
C CYS I 30 7.31 2.59 -69.16
N SER I 31 6.76 2.39 -67.96
CA SER I 31 5.31 2.25 -67.84
C SER I 31 4.60 3.56 -68.18
N GLN I 32 5.20 4.70 -67.86
CA GLN I 32 4.55 5.99 -68.07
C GLN I 32 4.91 6.58 -69.43
N CYS I 33 6.20 6.80 -69.69
CA CYS I 33 6.61 7.39 -70.94
C CYS I 33 6.46 6.46 -72.13
N LYS I 34 6.28 5.16 -71.87
CA LYS I 34 6.23 4.13 -72.91
C LYS I 34 7.50 4.10 -73.74
N ALA I 35 8.59 4.67 -73.23
CA ALA I 35 9.85 4.72 -73.95
C ALA I 35 10.49 3.33 -73.99
N ILE I 36 11.67 3.26 -74.59
CA ILE I 36 12.41 2.02 -74.75
C ILE I 36 13.79 2.20 -74.12
N TYR I 37 14.18 1.24 -73.29
CA TYR I 37 15.52 1.20 -72.72
C TYR I 37 16.16 -0.15 -73.02
N PRO I 38 17.30 -0.19 -73.70
CA PRO I 38 17.95 -1.46 -73.96
C PRO I 38 18.43 -2.12 -72.68
N LYS I 39 18.47 -3.45 -72.68
CA LYS I 39 19.00 -4.16 -71.52
C LYS I 39 20.52 -4.10 -71.46
N SER I 40 21.16 -3.54 -72.48
CA SER I 40 22.53 -3.12 -72.34
C SER I 40 22.59 -1.86 -71.48
N GLN I 41 23.82 -1.43 -71.14
CA GLN I 41 24.09 -0.31 -70.25
C GLN I 41 23.62 -0.55 -68.83
N PHE I 42 23.11 -1.74 -68.53
CA PHE I 42 22.66 -2.12 -67.20
C PHE I 42 23.22 -3.50 -66.85
N SER I 43 24.54 -3.64 -67.06
CA SER I 43 25.17 -4.96 -66.96
C SER I 43 25.00 -5.56 -65.58
N ASN I 44 25.20 -4.77 -64.53
CA ASN I 44 25.09 -5.27 -63.17
C ASN I 44 24.33 -4.27 -62.31
N LEU I 45 23.53 -4.81 -61.40
CA LEU I 45 22.83 -4.01 -60.39
C LEU I 45 23.35 -4.48 -59.04
N LYS I 46 24.43 -3.84 -58.59
CA LYS I 46 25.15 -4.26 -57.40
C LYS I 46 24.74 -3.43 -56.19
N VAL I 47 24.66 -4.07 -55.04
CA VAL I 47 24.43 -3.39 -53.77
C VAL I 47 25.23 -4.12 -52.70
N VAL I 48 26.24 -3.44 -52.16
CA VAL I 48 27.13 -4.03 -51.16
C VAL I 48 26.69 -3.53 -49.79
N THR I 49 26.21 -4.45 -48.95
CA THR I 49 25.70 -4.10 -47.64
C THR I 49 26.41 -4.91 -46.57
N THR I 50 26.89 -4.23 -45.54
CA THR I 50 27.48 -4.88 -44.38
C THR I 50 26.51 -4.80 -43.20
N THR I 51 26.90 -5.41 -42.09
CA THR I 51 25.98 -5.59 -40.97
C THR I 51 25.97 -4.36 -40.07
N ALA I 52 25.02 -4.35 -39.14
CA ALA I 52 24.67 -3.15 -38.39
C ALA I 52 25.74 -2.68 -37.42
N ASP I 53 26.77 -3.48 -37.15
CA ASP I 53 27.84 -3.15 -36.22
C ASP I 53 27.32 -3.07 -34.78
N ASP I 54 26.01 -3.19 -34.62
CA ASP I 54 25.39 -3.52 -33.35
C ASP I 54 24.57 -4.79 -33.48
N ALA I 55 24.80 -5.55 -34.56
CA ALA I 55 24.00 -6.73 -34.82
C ALA I 55 24.42 -7.90 -33.93
N PHE I 56 25.72 -8.04 -33.66
CA PHE I 56 26.28 -9.20 -32.97
C PHE I 56 26.86 -8.74 -31.64
N PRO I 57 26.08 -8.80 -30.56
CA PRO I 57 26.61 -8.43 -29.24
C PRO I 57 27.44 -9.57 -28.67
N SER I 58 28.76 -9.42 -28.68
CA SER I 58 29.66 -10.46 -28.25
C SER I 58 30.67 -9.90 -27.25
N SER I 59 31.21 -10.79 -26.44
CA SER I 59 32.21 -10.38 -25.46
C SER I 59 33.41 -9.75 -26.14
N LEU I 60 33.77 -10.24 -27.33
CA LEU I 60 34.82 -9.61 -28.11
C LEU I 60 34.36 -8.27 -28.69
N ARG I 61 33.09 -8.15 -29.06
CA ARG I 61 32.57 -6.86 -29.52
C ARG I 61 32.61 -5.83 -28.39
N ALA I 62 32.36 -6.27 -27.16
CA ALA I 62 32.55 -5.38 -26.02
C ALA I 62 34.01 -4.98 -25.88
N LYS I 63 34.90 -5.95 -25.94
CA LYS I 63 36.34 -5.65 -25.88
C LYS I 63 36.85 -5.04 -27.17
N LYS I 64 36.05 -5.04 -28.23
CA LYS I 64 36.43 -4.34 -29.44
C LYS I 64 36.47 -2.84 -29.21
N SER I 65 35.65 -2.34 -28.29
CA SER I 65 35.53 -0.91 -28.05
C SER I 65 36.80 -0.37 -27.39
N VAL I 66 36.78 0.93 -27.14
CA VAL I 66 37.90 1.59 -26.49
C VAL I 66 37.56 2.05 -25.08
N VAL I 67 36.28 2.11 -24.71
CA VAL I 67 35.85 2.45 -23.37
C VAL I 67 35.96 1.22 -22.48
N LYS I 68 35.82 1.41 -21.18
CA LYS I 68 35.76 0.29 -20.25
C LYS I 68 34.36 -0.29 -20.25
N THR I 69 34.25 -1.58 -20.57
CA THR I 69 32.97 -2.26 -20.69
C THR I 69 32.63 -3.16 -19.53
N SER I 70 33.61 -3.86 -18.96
CA SER I 70 33.39 -4.88 -17.95
C SER I 70 33.82 -4.39 -16.58
N LEU I 71 32.99 -4.66 -15.58
CA LEU I 71 33.27 -4.28 -14.19
C LEU I 71 33.51 -5.54 -13.37
N LYS I 72 34.72 -5.68 -12.85
CA LYS I 72 35.06 -6.85 -12.07
C LYS I 72 34.40 -6.80 -10.70
N LYS I 73 34.17 -7.99 -10.13
CA LYS I 73 33.67 -8.04 -8.77
C LYS I 73 34.69 -7.47 -7.79
N ASN I 74 35.97 -7.78 -8.00
CA ASN I 74 37.02 -7.25 -7.11
C ASN I 74 37.11 -5.73 -7.21
N GLU I 75 37.07 -5.18 -8.42
CA GLU I 75 37.26 -3.76 -8.62
C GLU I 75 36.10 -2.91 -8.11
N LEU I 76 34.97 -3.52 -7.77
CA LEU I 76 33.83 -2.77 -7.25
C LEU I 76 33.94 -2.71 -5.73
N LYS I 77 34.29 -1.54 -5.21
CA LYS I 77 34.25 -1.25 -3.78
C LYS I 77 32.97 -0.47 -3.52
N ASP I 78 31.99 -1.13 -2.88
CA ASP I 78 30.66 -0.55 -2.76
C ASP I 78 30.66 0.73 -1.94
N GLY I 79 31.72 1.00 -1.20
CA GLY I 79 31.79 2.26 -0.50
C GLY I 79 30.82 2.30 0.67
N ALA I 80 30.50 3.53 1.08
CA ALA I 80 29.56 3.76 2.18
C ALA I 80 30.01 3.03 3.45
N THR I 81 31.18 3.43 3.95
CA THR I 81 31.75 2.84 5.15
C THR I 81 31.28 3.63 6.36
N ILE I 82 30.79 2.92 7.38
CA ILE I 82 30.39 3.53 8.64
C ILE I 82 31.01 2.71 9.76
N LYS I 83 31.02 3.30 10.96
CA LYS I 83 31.67 2.71 12.13
C LYS I 83 30.69 1.98 13.05
N GLU I 84 29.68 1.33 12.48
CA GLU I 84 28.79 0.47 13.25
C GLU I 84 29.56 -0.74 13.78
N LYS I 85 29.07 -1.34 14.86
CA LYS I 85 29.70 -2.51 15.46
C LYS I 85 29.16 -3.78 14.82
N CYS I 86 30.07 -4.67 14.40
CA CYS I 86 29.69 -5.92 13.75
C CYS I 86 29.22 -6.94 14.79
N PRO I 87 28.03 -7.51 14.62
CA PRO I 87 27.54 -8.51 15.59
C PRO I 87 28.22 -9.87 15.49
N GLN I 88 29.05 -10.12 14.47
CA GLN I 88 29.73 -11.40 14.33
C GLN I 88 31.15 -11.37 14.89
N CYS I 89 32.00 -10.52 14.34
CA CYS I 89 33.44 -10.54 14.64
C CYS I 89 33.91 -9.32 15.42
N GLY I 90 33.45 -8.13 15.07
CA GLY I 90 33.89 -6.92 15.72
C GLY I 90 34.76 -6.00 14.88
N ASN I 91 34.88 -6.25 13.58
CA ASN I 91 35.63 -5.34 12.72
C ASN I 91 34.88 -4.02 12.58
N GLU I 92 35.64 -2.91 12.60
CA GLU I 92 35.02 -1.58 12.66
C GLU I 92 34.18 -1.28 11.44
N GLU I 93 34.69 -1.59 10.24
CA GLU I 93 33.96 -1.32 9.01
C GLU I 93 32.67 -2.14 8.95
N MET I 94 31.58 -1.49 8.56
CA MET I 94 30.32 -2.21 8.34
C MET I 94 29.47 -1.36 7.39
N ASN I 95 29.45 -1.73 6.11
CA ASN I 95 28.77 -0.95 5.10
C ASN I 95 27.28 -0.83 5.41
N TYR I 96 26.61 0.07 4.69
CA TYR I 96 25.24 0.42 5.02
C TYR I 96 24.48 0.83 3.76
N HIS I 97 23.16 0.81 3.86
CA HIS I 97 22.27 1.45 2.91
C HIS I 97 20.87 1.51 3.50
N THR I 98 20.20 2.65 3.30
CA THR I 98 18.90 2.92 3.89
C THR I 98 17.83 2.88 2.81
N LEU I 99 16.70 2.23 3.12
CA LEU I 99 15.61 2.09 2.16
C LEU I 99 14.28 2.18 2.92
N GLN I 100 13.60 3.32 2.78
CA GLN I 100 12.34 3.56 3.48
C GLN I 100 11.27 2.56 3.04
N LEU I 101 10.51 2.06 4.01
CA LEU I 101 9.62 0.93 3.79
C LEU I 101 8.27 1.18 4.45
N ARG I 102 7.25 0.52 3.90
CA ARG I 102 6.00 0.20 4.60
C ARG I 102 5.07 1.40 4.79
N SER I 103 5.51 2.58 4.39
CA SER I 103 4.71 3.79 4.49
C SER I 103 5.51 4.95 3.89
N ALA I 104 4.83 6.10 3.79
CA ALA I 104 5.49 7.38 3.62
C ALA I 104 5.83 8.04 4.95
N ASP I 105 5.58 7.34 6.07
CA ASP I 105 5.89 7.86 7.40
C ASP I 105 6.62 6.87 8.30
N GLU I 106 6.68 5.59 7.94
CA GLU I 106 7.30 4.58 8.78
C GLU I 106 8.81 4.82 8.87
N GLY I 107 9.42 4.26 9.92
CA GLY I 107 10.83 4.44 10.15
C GLY I 107 11.70 3.80 9.08
N ALA I 108 12.98 4.18 9.10
CA ALA I 108 13.94 3.70 8.11
C ALA I 108 14.67 2.45 8.60
N THR I 109 15.18 1.68 7.65
CA THR I 109 15.97 0.49 7.92
C THR I 109 17.27 0.57 7.14
N VAL I 110 18.34 0.07 7.75
CA VAL I 110 19.69 0.17 7.20
C VAL I 110 20.25 -1.23 7.01
N PHE I 111 20.78 -1.50 5.82
CA PHE I 111 21.33 -2.82 5.48
C PHE I 111 22.79 -2.87 5.90
N TYR I 112 23.01 -3.05 7.20
CA TYR I 112 24.38 -3.14 7.69
C TYR I 112 25.02 -4.42 7.17
N THR I 113 26.27 -4.30 6.72
CA THR I 113 26.98 -5.41 6.10
C THR I 113 28.45 -5.32 6.48
N CYS I 114 28.98 -6.37 7.11
CA CYS I 114 30.38 -6.37 7.49
C CYS I 114 31.26 -6.49 6.25
N THR I 115 32.53 -6.09 6.39
CA THR I 115 33.50 -6.25 5.32
C THR I 115 34.48 -7.39 5.58
N SER I 116 34.56 -7.90 6.80
CA SER I 116 35.50 -8.97 7.11
C SER I 116 34.86 -10.34 7.00
N CYS I 117 33.82 -10.60 7.80
CA CYS I 117 33.17 -11.90 7.83
C CYS I 117 32.00 -12.00 6.86
N GLY I 118 31.61 -10.89 6.22
CA GLY I 118 30.52 -10.91 5.28
C GLY I 118 29.14 -10.97 5.91
N TYR I 119 29.06 -10.80 7.23
CA TYR I 119 27.78 -10.88 7.92
C TYR I 119 26.84 -9.78 7.45
N LYS I 120 25.56 -10.09 7.38
CA LYS I 120 24.53 -9.15 6.96
C LYS I 120 23.62 -8.83 8.14
N PHE I 121 23.15 -7.59 8.19
CA PHE I 121 22.24 -7.16 9.25
C PHE I 121 21.38 -6.03 8.69
N ARG I 122 20.09 -6.28 8.54
CA ARG I 122 19.13 -5.29 8.09
C ARG I 122 18.23 -4.97 9.27
N THR I 123 18.65 -4.00 10.08
CA THR I 123 17.99 -3.66 11.33
C THR I 123 17.37 -2.26 11.24
N ASN I 124 16.09 -2.16 11.58
CA ASN I 124 15.41 -0.87 11.54
C ASN I 124 15.97 0.07 12.61
N ASN I 125 16.09 -0.39 13.84
CA ASN I 125 16.57 0.43 14.94
C ASN I 125 17.23 -0.41 16.02
N MET J 1 -10.55 35.74 12.95
CA MET J 1 -11.58 36.65 12.46
C MET J 1 -11.45 38.00 13.15
N ILE J 2 -11.61 38.00 14.46
CA ILE J 2 -11.60 39.20 15.27
C ILE J 2 -10.60 38.97 16.40
N VAL J 3 -10.14 40.08 16.99
CA VAL J 3 -9.03 40.02 17.94
C VAL J 3 -9.39 39.09 19.10
N PRO J 4 -8.51 38.16 19.49
CA PRO J 4 -8.82 37.28 20.61
C PRO J 4 -8.84 38.05 21.92
N VAL J 5 -9.77 37.67 22.80
CA VAL J 5 -9.93 38.38 24.06
C VAL J 5 -8.68 38.26 24.92
N ARG J 6 -8.09 37.07 24.98
CA ARG J 6 -6.92 36.80 25.81
C ARG J 6 -5.81 36.18 25.00
N CYS J 7 -4.59 36.34 25.46
CA CYS J 7 -3.46 35.63 24.88
C CYS J 7 -3.61 34.14 25.15
N PHE J 8 -3.28 33.32 24.15
CA PHE J 8 -3.47 31.88 24.29
C PHE J 8 -2.57 31.31 25.37
N SER J 9 -1.29 31.69 25.37
CA SER J 9 -0.30 31.04 26.22
C SER J 9 -0.49 31.44 27.68
N CYS J 10 -0.36 32.72 28.00
CA CYS J 10 -0.45 33.17 29.38
C CYS J 10 -1.88 33.54 29.77
N GLY J 11 -2.53 34.40 29.00
CA GLY J 11 -3.89 34.76 29.32
C GLY J 11 -4.03 36.25 29.55
N LYS J 12 -2.97 36.99 29.24
CA LYS J 12 -3.01 38.43 29.34
C LYS J 12 -4.00 38.99 28.33
N VAL J 13 -4.91 39.84 28.81
CA VAL J 13 -6.01 40.31 27.97
C VAL J 13 -5.43 41.19 26.87
N VAL J 14 -5.38 40.67 25.65
CA VAL J 14 -4.90 41.40 24.50
C VAL J 14 -6.06 41.82 23.60
N GLY J 15 -7.30 41.58 24.03
CA GLY J 15 -8.45 41.91 23.22
C GLY J 15 -8.80 43.37 23.18
N ASP J 16 -8.20 44.18 24.06
CA ASP J 16 -8.50 45.60 24.14
C ASP J 16 -7.36 46.45 23.58
N LYS J 17 -6.50 45.87 22.76
CA LYS J 17 -5.32 46.57 22.29
C LYS J 17 -5.19 46.62 20.78
N TRP J 18 -6.11 46.01 20.04
CA TRP J 18 -5.97 45.97 18.58
C TRP J 18 -6.15 47.35 17.96
N GLU J 19 -7.18 48.08 18.38
CA GLU J 19 -7.40 49.43 17.85
C GLU J 19 -6.25 50.35 18.21
N SER J 20 -5.73 50.24 19.43
CA SER J 20 -4.60 51.06 19.83
C SER J 20 -3.35 50.72 19.03
N TYR J 21 -3.12 49.43 18.76
CA TYR J 21 -2.00 49.05 17.92
C TYR J 21 -2.14 49.63 16.52
N LEU J 22 -3.35 49.59 15.98
CA LEU J 22 -3.58 50.16 14.66
C LEU J 22 -3.33 51.66 14.65
N ASN J 23 -3.78 52.37 15.70
CA ASN J 23 -3.56 53.81 15.77
C ASN J 23 -2.08 54.14 15.88
N LEU J 24 -1.36 53.43 16.75
CA LEU J 24 0.06 53.68 16.89
C LEU J 24 0.81 53.35 15.61
N LEU J 25 0.31 52.41 14.82
CA LEU J 25 0.94 52.10 13.55
C LEU J 25 0.64 53.18 12.51
N GLN J 26 -0.60 53.67 12.47
CA GLN J 26 -1.01 54.57 11.40
C GLN J 26 -0.59 56.01 11.69
N GLU J 27 -1.07 56.58 12.78
CA GLU J 27 -0.80 57.97 13.10
C GLU J 27 0.69 58.21 13.29
N ASP J 28 1.28 57.60 14.31
CA ASP J 28 2.72 57.66 14.46
C ASP J 28 3.38 56.69 13.51
N GLU J 29 4.61 57.00 13.12
CA GLU J 29 5.35 56.08 12.26
C GLU J 29 6.14 55.07 13.10
N LEU J 30 5.45 54.43 14.04
CA LEU J 30 6.08 53.47 14.92
C LEU J 30 6.29 52.14 14.21
N ASP J 31 7.38 51.46 14.56
CA ASP J 31 7.54 50.08 14.18
C ASP J 31 6.57 49.22 14.99
N GLU J 32 6.35 47.99 14.50
CA GLU J 32 5.47 47.08 15.23
C GLU J 32 6.05 46.74 16.59
N GLY J 33 7.36 46.51 16.67
CA GLY J 33 7.97 46.22 17.96
C GLY J 33 7.85 47.37 18.94
N THR J 34 8.15 48.59 18.48
CA THR J 34 8.02 49.75 19.34
C THR J 34 6.58 49.97 19.78
N ALA J 35 5.63 49.79 18.86
CA ALA J 35 4.22 49.96 19.22
C ALA J 35 3.78 48.93 20.23
N LEU J 36 4.20 47.68 20.08
CA LEU J 36 3.82 46.63 21.02
C LEU J 36 4.46 46.86 22.38
N SER J 37 5.72 47.30 22.41
CA SER J 37 6.34 47.64 23.69
C SER J 37 5.59 48.76 24.37
N ARG J 38 5.23 49.81 23.62
CA ARG J 38 4.45 50.90 24.19
C ARG J 38 3.01 50.50 24.48
N LEU J 39 2.57 49.34 24.02
CA LEU J 39 1.23 48.85 24.35
C LEU J 39 1.21 48.01 25.61
N GLY J 40 2.37 47.64 26.15
CA GLY J 40 2.41 46.83 27.35
C GLY J 40 2.50 45.34 27.13
N LEU J 41 3.00 44.91 25.98
CA LEU J 41 3.19 43.50 25.66
C LEU J 41 4.69 43.21 25.67
N LYS J 42 5.14 42.46 26.67
CA LYS J 42 6.56 42.19 26.88
C LYS J 42 6.96 40.80 26.46
N ARG J 43 6.23 39.78 26.92
CA ARG J 43 6.49 38.41 26.50
C ARG J 43 6.14 38.24 25.03
N TYR J 44 7.00 37.56 24.28
CA TYR J 44 6.73 37.39 22.87
C TYR J 44 5.50 36.53 22.62
N CYS J 45 5.08 35.75 23.61
CA CYS J 45 3.80 35.05 23.51
C CYS J 45 2.65 36.03 23.38
N CYS J 46 2.70 37.12 24.13
CA CYS J 46 1.68 38.18 24.00
C CYS J 46 1.92 39.06 22.80
N ARG J 47 3.19 39.26 22.41
CA ARG J 47 3.48 40.10 21.27
C ARG J 47 2.94 39.50 19.98
N ARG J 48 3.07 38.18 19.82
CA ARG J 48 2.65 37.55 18.58
C ARG J 48 1.15 37.65 18.37
N MET J 49 0.37 37.68 19.45
CA MET J 49 -1.08 37.66 19.33
C MET J 49 -1.62 38.92 18.68
N ILE J 50 -0.86 40.01 18.71
CA ILE J 50 -1.30 41.26 18.09
C ILE J 50 -0.45 41.51 16.86
N LEU J 51 0.80 41.02 16.86
CA LEU J 51 1.65 41.19 15.69
C LEU J 51 1.10 40.43 14.49
N THR J 52 0.47 39.28 14.72
CA THR J 52 0.09 38.39 13.64
C THR J 52 -1.42 38.31 13.43
N HIS J 53 -2.20 39.09 14.14
CA HIS J 53 -3.64 39.06 13.94
C HIS J 53 -3.98 39.63 12.57
N VAL J 54 -4.97 39.03 11.91
CA VAL J 54 -5.28 39.34 10.53
C VAL J 54 -6.57 40.17 10.41
N ASP J 55 -7.54 39.92 11.30
CA ASP J 55 -8.81 40.67 11.32
C ASP J 55 -9.61 40.47 10.04
N LEU J 56 -9.98 39.20 9.80
CA LEU J 56 -10.82 38.85 8.67
C LEU J 56 -12.26 39.28 8.85
N ILE J 57 -12.65 39.70 10.06
CA ILE J 57 -14.05 40.04 10.29
C ILE J 57 -14.45 41.25 9.46
N GLU J 58 -13.51 42.17 9.21
CA GLU J 58 -13.84 43.32 8.38
C GLU J 58 -14.22 42.89 6.98
N LYS J 59 -13.49 41.94 6.41
CA LYS J 59 -13.86 41.38 5.12
C LYS J 59 -15.19 40.65 5.21
N PHE J 60 -15.41 39.90 6.29
CA PHE J 60 -16.67 39.21 6.47
C PHE J 60 -17.85 40.16 6.49
N LEU J 61 -17.67 41.36 7.05
CA LEU J 61 -18.80 42.25 7.32
C LEU J 61 -19.36 42.89 6.06
N ARG J 62 -18.59 42.93 4.97
CA ARG J 62 -19.07 43.58 3.76
C ARG J 62 -20.23 42.84 3.10
N TYR J 63 -20.53 41.63 3.55
CA TYR J 63 -21.64 40.84 3.04
C TYR J 63 -22.75 40.87 4.09
N ASN J 64 -23.57 41.91 4.04
CA ASN J 64 -24.62 42.10 5.03
C ASN J 64 -25.97 41.72 4.43
N PRO J 65 -26.58 40.62 4.87
CA PRO J 65 -27.91 40.27 4.33
C PRO J 65 -28.99 41.28 4.64
N LEU J 66 -28.84 42.07 5.69
CA LEU J 66 -29.92 42.90 6.19
C LEU J 66 -29.83 44.35 5.74
N GLU J 67 -28.97 44.67 4.79
CA GLU J 67 -28.86 46.02 4.25
C GLU J 67 -28.80 45.97 2.74
N LYS J 68 -29.59 46.82 2.09
CA LYS J 68 -29.50 46.95 0.65
C LYS J 68 -28.11 47.43 0.25
N ARG J 69 -27.63 46.93 -0.87
CA ARG J 69 -26.26 47.19 -1.28
C ARG J 69 -26.19 48.10 -2.49
N GLU K 45 -14.59 8.92 52.49
CA GLU K 45 -15.05 9.95 51.57
C GLU K 45 -13.89 10.63 50.89
N LYS K 46 -13.39 11.69 51.50
CA LYS K 46 -12.26 12.43 50.93
C LYS K 46 -10.97 11.62 51.04
N ILE K 47 -10.54 11.35 52.25
CA ILE K 47 -9.32 10.58 52.51
C ILE K 47 -9.69 9.13 52.69
N LYS K 48 -8.85 8.23 52.19
CA LYS K 48 -9.14 6.81 52.25
C LYS K 48 -7.88 6.03 52.58
N LEU K 49 -8.01 5.06 53.48
CA LEU K 49 -6.92 4.16 53.82
C LEU K 49 -7.11 2.85 53.07
N LEU K 50 -6.11 2.49 52.27
CA LEU K 50 -6.19 1.29 51.44
C LEU K 50 -5.89 0.07 52.31
N THR K 51 -6.94 -0.70 52.63
CA THR K 51 -6.79 -1.84 53.53
C THR K 51 -5.88 -2.92 52.95
N GLN K 52 -5.65 -2.91 51.64
CA GLN K 52 -4.75 -3.86 51.01
C GLN K 52 -3.29 -3.56 51.31
N ALA K 53 -2.99 -2.41 51.90
CA ALA K 53 -1.62 -2.02 52.21
C ALA K 53 -1.37 -1.76 53.69
N THR K 54 -2.40 -1.53 54.48
CA THR K 54 -2.23 -1.37 55.92
C THR K 54 -1.77 -2.68 56.54
N SER K 55 -0.93 -2.55 57.56
CA SER K 55 -0.37 -3.70 58.26
C SER K 55 -0.91 -3.76 59.69
N GLU K 56 -0.64 -4.88 60.35
CA GLU K 56 -1.09 -5.05 61.72
C GLU K 56 -0.40 -4.06 62.65
N ASP K 57 0.91 -3.89 62.50
CA ASP K 57 1.62 -2.91 63.30
C ASP K 57 1.26 -1.48 62.93
N GLY K 58 0.61 -1.27 61.79
CA GLY K 58 0.18 0.05 61.39
C GLY K 58 1.30 0.96 60.95
N THR K 59 2.55 0.52 61.02
CA THR K 59 3.68 1.38 60.71
C THR K 59 3.83 1.65 59.23
N SER K 60 3.08 0.94 58.39
CA SER K 60 3.18 1.12 56.94
C SER K 60 1.79 1.04 56.35
N ALA K 61 1.35 2.13 55.72
CA ALA K 61 0.01 2.22 55.17
C ALA K 61 0.07 2.98 53.85
N SER K 62 -1.07 3.00 53.15
CA SER K 62 -1.22 3.77 51.93
C SER K 62 -2.56 4.47 51.94
N PHE K 63 -2.56 5.73 51.52
CA PHE K 63 -3.74 6.58 51.59
C PHE K 63 -4.12 7.04 50.19
N GLN K 64 -5.41 6.98 49.89
CA GLN K 64 -5.96 7.42 48.62
C GLN K 64 -6.78 8.67 48.87
N ILE K 65 -6.32 9.80 48.36
CA ILE K 65 -6.98 11.08 48.53
C ILE K 65 -7.55 11.51 47.19
N VAL K 66 -8.85 11.82 47.17
CA VAL K 66 -9.51 12.28 45.95
C VAL K 66 -9.40 13.80 45.87
N GLU K 67 -9.57 14.32 44.65
CA GLU K 67 -9.53 15.76 44.41
C GLU K 67 -8.21 16.38 44.81
N GLU K 68 -7.11 15.64 44.70
CA GLU K 68 -5.79 16.15 44.97
C GLU K 68 -4.86 15.77 43.84
N ASP K 69 -3.72 16.45 43.78
CA ASP K 69 -2.79 16.27 42.69
C ASP K 69 -1.38 16.56 43.21
N HIS K 70 -0.46 16.85 42.28
CA HIS K 70 0.91 17.16 42.66
C HIS K 70 0.98 18.27 43.69
N THR K 71 0.05 19.23 43.63
CA THR K 71 0.18 20.42 44.45
C THR K 71 0.22 20.08 45.93
N LEU K 72 -0.76 19.33 46.41
CA LEU K 72 -0.73 18.89 47.80
C LEU K 72 0.22 17.72 47.99
N GLY K 73 0.32 16.84 47.00
CA GLY K 73 1.12 15.65 47.18
C GLY K 73 2.58 15.96 47.48
N ASN K 74 3.18 16.84 46.68
CA ASN K 74 4.61 17.08 46.81
C ASN K 74 4.93 17.81 48.10
N ALA K 75 4.13 18.82 48.46
CA ALA K 75 4.36 19.54 49.71
C ALA K 75 4.19 18.62 50.91
N LEU K 76 3.14 17.80 50.91
CA LEU K 76 2.94 16.86 52.00
C LEU K 76 4.07 15.85 52.08
N ARG K 77 4.55 15.38 50.94
CA ARG K 77 5.63 14.40 50.93
C ARG K 77 6.90 14.99 51.53
N TYR K 78 7.25 16.21 51.13
CA TYR K 78 8.44 16.86 51.67
C TYR K 78 8.31 17.04 53.18
N VAL K 79 7.16 17.56 53.62
CA VAL K 79 6.99 17.82 55.05
C VAL K 79 7.05 16.52 55.85
N ILE K 80 6.43 15.46 55.35
CA ILE K 80 6.44 14.20 56.09
C ILE K 80 7.85 13.62 56.12
N MET K 81 8.60 13.76 55.03
CA MET K 81 9.99 13.34 55.06
C MET K 81 10.82 14.14 56.06
N LYS K 82 10.39 15.35 56.39
CA LYS K 82 11.09 16.08 57.45
C LYS K 82 10.95 15.43 58.82
N ASN K 83 10.05 14.47 58.99
CA ASN K 83 9.97 13.71 60.22
C ASN K 83 11.05 12.63 60.22
N PRO K 84 11.97 12.62 61.20
CA PRO K 84 13.00 11.57 61.22
C PRO K 84 12.45 10.20 61.54
N ASP K 85 11.22 10.09 62.04
CA ASP K 85 10.66 8.81 62.43
C ASP K 85 10.19 7.98 61.26
N VAL K 86 9.83 8.60 60.15
CA VAL K 86 9.33 7.85 58.99
C VAL K 86 10.49 7.36 58.17
N GLU K 87 10.34 6.17 57.58
CA GLU K 87 11.39 5.58 56.77
C GLU K 87 11.11 5.64 55.28
N PHE K 88 9.85 5.76 54.88
CA PHE K 88 9.52 5.83 53.46
C PHE K 88 8.33 6.76 53.28
N CYS K 89 8.51 7.76 52.42
CA CYS K 89 7.41 8.61 52.00
C CYS K 89 7.55 8.91 50.52
N GLY K 90 6.42 8.89 49.83
CA GLY K 90 6.35 9.23 48.42
C GLY K 90 4.91 9.43 48.05
N TYR K 91 4.69 10.03 46.89
CA TYR K 91 3.34 10.20 46.39
C TYR K 91 3.24 9.64 44.99
N SER K 92 2.12 8.97 44.71
CA SER K 92 1.87 8.33 43.44
C SER K 92 0.54 8.81 42.88
N ILE K 93 0.54 9.17 41.60
CA ILE K 93 -0.69 9.54 40.90
C ILE K 93 -1.07 8.39 40.00
N PRO K 94 -2.13 7.63 40.32
CA PRO K 94 -2.47 6.46 39.49
C PRO K 94 -2.71 6.80 38.03
N HIS K 95 -3.37 7.91 37.74
CA HIS K 95 -3.64 8.29 36.37
C HIS K 95 -3.87 9.80 36.28
N PRO K 96 -3.21 10.47 35.33
CA PRO K 96 -3.36 11.93 35.23
C PRO K 96 -4.77 12.39 34.94
N SER K 97 -5.62 11.52 34.41
CA SER K 97 -6.98 11.91 34.05
C SER K 97 -7.99 11.62 35.16
N GLU K 98 -7.55 11.18 36.33
CA GLU K 98 -8.43 10.94 37.46
C GLU K 98 -7.89 11.68 38.67
N ASN K 99 -8.79 12.22 39.49
CA ASN K 99 -8.41 13.04 40.64
C ASN K 99 -8.13 12.15 41.84
N LEU K 100 -7.04 11.38 41.74
CA LEU K 100 -6.65 10.43 42.78
C LEU K 100 -5.18 10.63 43.09
N LEU K 101 -4.85 10.65 44.39
CA LEU K 101 -3.48 10.79 44.85
C LEU K 101 -3.20 9.67 45.84
N ASN K 102 -2.05 9.01 45.68
CA ASN K 102 -1.62 7.96 46.59
C ASN K 102 -0.43 8.44 47.41
N ILE K 103 -0.50 8.28 48.72
CA ILE K 103 0.59 8.62 49.63
C ILE K 103 0.97 7.37 50.39
N ARG K 104 2.26 7.09 50.46
CA ARG K 104 2.79 5.93 51.15
C ARG K 104 3.66 6.41 52.30
N ILE K 105 3.39 5.94 53.51
CA ILE K 105 4.21 6.25 54.67
C ILE K 105 4.55 4.95 55.38
N GLN K 106 5.84 4.66 55.49
CA GLN K 106 6.34 3.56 56.32
C GLN K 106 7.20 4.17 57.42
N THR K 107 6.88 3.84 58.66
CA THR K 107 7.59 4.40 59.80
C THR K 107 8.63 3.42 60.31
N TYR K 108 9.51 3.92 61.17
CA TYR K 108 10.55 3.07 61.72
C TYR K 108 10.08 2.23 62.89
N GLY K 109 8.94 2.55 63.48
CA GLY K 109 8.36 1.68 64.49
C GLY K 109 8.07 2.34 65.81
N GLU K 110 8.10 3.66 65.86
CA GLU K 110 7.70 4.40 67.05
C GLU K 110 6.37 5.11 66.88
N THR K 111 6.00 5.44 65.65
CA THR K 111 4.74 6.10 65.35
C THR K 111 4.05 5.33 64.23
N THR K 112 2.72 5.41 64.21
CA THR K 112 1.99 4.83 63.09
C THR K 112 2.03 5.77 61.89
N ALA K 113 1.80 5.20 60.71
CA ALA K 113 1.81 6.01 59.50
C ALA K 113 0.69 7.04 59.50
N VAL K 114 -0.45 6.72 60.13
CA VAL K 114 -1.55 7.67 60.18
C VAL K 114 -1.15 8.91 60.97
N ASP K 115 -0.51 8.71 62.12
CA ASP K 115 -0.07 9.86 62.90
C ASP K 115 1.12 10.55 62.25
N ALA K 116 1.92 9.83 61.47
CA ALA K 116 2.93 10.50 60.67
C ALA K 116 2.28 11.43 59.65
N LEU K 117 1.19 10.99 59.03
CA LEU K 117 0.43 11.85 58.13
C LEU K 117 -0.16 13.04 58.86
N GLN K 118 -0.70 12.82 60.07
CA GLN K 118 -1.25 13.92 60.85
C GLN K 118 -0.17 14.95 61.19
N LYS K 119 1.02 14.49 61.59
CA LYS K 119 2.10 15.42 61.86
C LYS K 119 2.51 16.18 60.60
N GLY K 120 2.57 15.49 59.47
CA GLY K 120 2.90 16.19 58.23
C GLY K 120 1.87 17.24 57.87
N LEU K 121 0.59 16.93 58.04
CA LEU K 121 -0.46 17.90 57.76
C LEU K 121 -0.36 19.11 58.68
N LYS K 122 -0.18 18.88 59.97
CA LYS K 122 -0.06 19.99 60.91
C LYS K 122 1.17 20.83 60.60
N ASP K 123 2.28 20.19 60.24
CA ASP K 123 3.49 20.93 59.92
C ASP K 123 3.32 21.76 58.65
N LEU K 124 2.62 21.23 57.66
CA LEU K 124 2.33 22.02 56.47
C LEU K 124 1.44 23.21 56.79
N MET K 125 0.44 23.00 57.65
CA MET K 125 -0.41 24.12 58.05
C MET K 125 0.39 25.20 58.76
N ASP K 126 1.26 24.80 59.69
CA ASP K 126 2.08 25.79 60.39
C ASP K 126 3.02 26.50 59.43
N LEU K 127 3.57 25.78 58.46
CA LEU K 127 4.44 26.40 57.47
C LEU K 127 3.69 27.45 56.68
N CYS K 128 2.46 27.14 56.26
CA CYS K 128 1.66 28.12 55.53
C CYS K 128 1.34 29.33 56.41
N ASP K 129 1.04 29.10 57.68
CA ASP K 129 0.75 30.21 58.58
C ASP K 129 1.95 31.14 58.72
N VAL K 130 3.15 30.58 58.87
CA VAL K 130 4.31 31.45 59.04
C VAL K 130 4.63 32.18 57.73
N VAL K 131 4.43 31.53 56.59
CA VAL K 131 4.65 32.21 55.31
C VAL K 131 3.69 33.39 55.18
N GLU K 132 2.42 33.16 55.51
CA GLU K 132 1.42 34.22 55.42
C GLU K 132 1.74 35.36 56.37
N SER K 133 2.15 35.05 57.61
CA SER K 133 2.46 36.10 58.57
C SER K 133 3.64 36.94 58.12
N LYS K 134 4.69 36.30 57.60
CA LYS K 134 5.83 37.07 57.13
C LYS K 134 5.47 37.91 55.91
N PHE K 135 4.60 37.38 55.04
CA PHE K 135 4.14 38.17 53.91
C PHE K 135 3.34 39.38 54.35
N THR K 136 2.47 39.21 55.36
CA THR K 136 1.70 40.33 55.89
C THR K 136 2.62 41.37 56.54
N GLU K 137 3.67 40.91 57.22
CA GLU K 137 4.64 41.84 57.79
C GLU K 137 5.31 42.67 56.70
N LYS K 138 5.74 42.01 55.63
CA LYS K 138 6.39 42.77 54.57
C LYS K 138 5.40 43.63 53.79
N ILE K 139 4.11 43.27 53.81
CA ILE K 139 3.10 44.13 53.20
C ILE K 139 2.91 45.39 54.01
N LYS K 140 2.81 45.26 55.33
CA LYS K 140 2.70 46.44 56.18
C LYS K 140 3.94 47.31 56.08
N SER K 141 5.12 46.70 56.08
CA SER K 141 6.36 47.45 55.92
C SER K 141 6.40 48.15 54.57
N MET K 142 6.45 47.37 53.50
CA MET K 142 6.40 47.87 52.12
C MET K 142 7.39 49.01 51.88
N LEU L 27 -43.08 39.85 9.01
CA LEU L 27 -41.87 40.02 8.24
C LEU L 27 -40.87 38.91 8.56
N LYS L 28 -41.19 37.70 8.14
CA LYS L 28 -40.40 36.52 8.51
C LYS L 28 -39.37 36.13 7.47
N TYR L 29 -39.23 36.88 6.38
CA TYR L 29 -38.29 36.52 5.34
C TYR L 29 -37.67 37.79 4.76
N ILE L 30 -36.45 37.63 4.25
CA ILE L 30 -35.68 38.71 3.65
C ILE L 30 -35.40 38.34 2.22
N CYS L 31 -35.60 39.27 1.29
CA CYS L 31 -35.23 39.02 -0.09
C CYS L 31 -33.72 38.86 -0.20
N ALA L 32 -33.29 37.83 -0.93
CA ALA L 32 -31.88 37.52 -0.99
C ALA L 32 -31.06 38.55 -1.75
N GLU L 33 -31.69 39.44 -2.50
CA GLU L 33 -30.97 40.46 -3.26
C GLU L 33 -31.27 41.88 -2.78
N CYS L 34 -32.54 42.25 -2.67
CA CYS L 34 -32.91 43.59 -2.23
C CYS L 34 -33.11 43.71 -0.73
N SER L 35 -33.05 42.60 0.00
CA SER L 35 -33.06 42.61 1.47
C SER L 35 -34.28 43.33 2.05
N SER L 36 -35.44 43.07 1.47
CA SER L 36 -36.68 43.70 1.92
C SER L 36 -37.46 42.73 2.79
N LYS L 37 -37.69 43.12 4.04
CA LYS L 37 -38.45 42.29 4.96
C LYS L 37 -39.87 42.11 4.45
N LEU L 38 -40.35 40.86 4.47
CA LEU L 38 -41.68 40.55 3.98
C LEU L 38 -42.22 39.34 4.74
N SER L 39 -43.54 39.22 4.76
CA SER L 39 -44.21 38.07 5.35
C SER L 39 -44.95 37.31 4.26
N LEU L 40 -44.74 36.01 4.21
CA LEU L 40 -45.24 35.17 3.13
C LEU L 40 -46.32 34.24 3.68
N SER L 41 -47.55 34.42 3.22
CA SER L 41 -48.63 33.55 3.65
C SER L 41 -48.45 32.14 3.05
N ARG L 42 -49.11 31.18 3.67
CA ARG L 42 -49.09 29.81 3.17
C ARG L 42 -49.80 29.74 1.83
N THR L 43 -49.38 28.76 1.02
CA THR L 43 -49.85 28.54 -0.36
C THR L 43 -50.06 29.86 -1.09
N ASP L 44 -49.01 30.66 -1.11
CA ASP L 44 -48.98 31.93 -1.82
C ASP L 44 -47.82 31.92 -2.82
N ALA L 45 -47.58 33.07 -3.44
CA ALA L 45 -46.47 33.21 -4.37
C ALA L 45 -45.18 33.44 -3.57
N VAL L 46 -44.18 32.59 -3.80
CA VAL L 46 -42.92 32.64 -3.05
C VAL L 46 -41.95 33.47 -3.87
N ARG L 47 -41.98 34.79 -3.66
CA ARG L 47 -41.12 35.73 -4.35
C ARG L 47 -41.16 37.04 -3.57
N CYS L 48 -40.43 38.03 -4.06
CA CYS L 48 -40.42 39.35 -3.45
C CYS L 48 -41.27 40.31 -4.27
N LYS L 49 -42.00 41.18 -3.58
CA LYS L 49 -42.85 42.14 -4.27
C LYS L 49 -42.02 43.16 -5.05
N ASP L 50 -40.96 43.68 -4.43
CA ASP L 50 -40.19 44.75 -5.07
C ASP L 50 -39.46 44.26 -6.31
N CYS L 51 -38.90 43.06 -6.24
CA CYS L 51 -38.21 42.46 -7.39
C CYS L 51 -38.57 40.99 -7.46
N GLY L 52 -38.70 40.48 -8.67
CA GLY L 52 -39.10 39.09 -8.83
C GLY L 52 -37.97 38.14 -8.50
N HIS L 53 -37.58 38.06 -7.24
CA HIS L 53 -36.53 37.16 -6.80
C HIS L 53 -37.17 35.99 -6.07
N ARG L 54 -36.78 34.77 -6.45
CA ARG L 54 -37.40 33.57 -5.91
C ARG L 54 -36.66 33.00 -4.72
N ILE L 55 -35.59 33.63 -4.26
CA ILE L 55 -34.87 33.20 -3.07
C ILE L 55 -35.24 34.09 -1.91
N LEU L 56 -35.71 33.48 -0.83
CA LEU L 56 -36.04 34.20 0.39
C LEU L 56 -35.29 33.58 1.55
N LEU L 57 -34.63 34.42 2.35
CA LEU L 57 -33.88 33.99 3.51
C LEU L 57 -34.74 34.17 4.75
N LYS L 58 -34.81 33.14 5.59
CA LYS L 58 -35.62 33.24 6.79
C LYS L 58 -34.94 34.15 7.80
N ALA L 59 -35.70 35.06 8.39
CA ALA L 59 -35.18 36.04 9.33
C ALA L 59 -35.17 35.47 10.74
N ARG L 60 -34.06 35.62 11.43
CA ARG L 60 -33.97 35.13 12.80
C ARG L 60 -34.83 36.00 13.71
N THR L 61 -35.62 35.34 14.56
CA THR L 61 -36.53 36.00 15.47
C THR L 61 -36.02 35.88 16.90
N LYS L 62 -36.77 36.47 17.83
CA LYS L 62 -36.36 36.55 19.23
C LYS L 62 -36.77 35.27 19.95
N ARG L 63 -35.79 34.45 20.32
CA ARG L 63 -36.05 33.23 21.07
C ARG L 63 -34.87 32.96 22.01
N LEU L 64 -35.19 32.45 23.20
CA LEU L 64 -34.16 32.19 24.19
C LEU L 64 -33.34 30.97 23.80
N VAL L 65 -32.03 31.14 23.76
CA VAL L 65 -31.09 30.10 23.31
C VAL L 65 -29.98 30.01 24.35
N GLN L 66 -30.08 29.06 25.27
CA GLN L 66 -29.09 28.94 26.33
C GLN L 66 -27.76 28.49 25.76
N PHE L 67 -26.69 28.80 26.49
CA PHE L 67 -25.35 28.54 26.00
C PHE L 67 -24.40 28.32 27.17
N GLU L 68 -23.22 27.80 26.85
CA GLU L 68 -22.13 27.69 27.80
C GLU L 68 -20.97 28.54 27.30
N ALA L 69 -20.47 29.41 28.17
CA ALA L 69 -19.36 30.29 27.81
C ALA L 69 -18.03 29.58 28.00
N ARG L 70 -17.84 28.53 27.22
CA ARG L 70 -16.61 27.76 27.23
C ARG L 70 -16.03 27.58 25.83
N SER M 8 38.70 38.79 -52.13
CA SER M 8 38.40 40.00 -52.89
C SER M 8 36.91 40.09 -53.23
N GLU M 9 36.52 41.15 -53.92
CA GLU M 9 35.14 41.38 -54.31
C GLU M 9 35.03 41.45 -55.83
N ILE M 10 33.82 41.19 -56.33
CA ILE M 10 33.55 41.09 -57.76
C ILE M 10 32.55 42.18 -58.13
N GLU M 11 32.84 42.89 -59.21
CA GLU M 11 31.99 43.98 -59.68
C GLU M 11 30.75 43.45 -60.41
N ILE M 12 29.75 44.32 -60.50
CA ILE M 12 28.48 44.00 -61.15
C ILE M 12 28.32 44.91 -62.37
N GLU M 13 28.00 44.32 -63.52
CA GLU M 13 27.80 45.14 -64.71
C GLU M 13 26.39 45.73 -64.74
N SER M 14 25.37 44.88 -64.83
CA SER M 14 24.00 45.39 -64.93
C SER M 14 23.03 44.30 -64.52
N VAL M 15 22.24 44.58 -63.48
CA VAL M 15 21.17 43.69 -63.05
C VAL M 15 20.02 43.81 -64.03
N GLN M 16 19.54 42.67 -64.53
CA GLN M 16 18.54 42.63 -65.59
C GLN M 16 17.20 42.23 -64.99
N ASP M 17 16.42 43.24 -64.60
CA ASP M 17 15.13 42.96 -63.96
C ASP M 17 14.11 42.36 -64.93
N GLN M 18 14.27 42.58 -66.23
CA GLN M 18 13.30 42.03 -67.16
C GLN M 18 13.55 40.53 -67.39
N PRO M 19 12.49 39.72 -67.48
CA PRO M 19 12.66 38.27 -67.65
C PRO M 19 13.52 37.94 -68.86
N SER M 20 14.65 37.30 -68.58
CA SER M 20 15.61 36.90 -69.60
C SER M 20 15.98 35.43 -69.52
N VAL M 21 16.05 34.87 -68.31
CA VAL M 21 16.42 33.48 -68.08
C VAL M 21 15.47 32.89 -67.04
N ALA M 22 15.36 31.56 -67.05
CA ALA M 22 14.57 30.83 -66.08
C ALA M 22 15.37 29.63 -65.59
N VAL M 23 14.99 29.11 -64.43
CA VAL M 23 15.67 27.96 -63.83
C VAL M 23 14.64 26.89 -63.52
N GLY M 24 14.94 25.65 -63.91
CA GLY M 24 14.04 24.54 -63.71
C GLY M 24 14.65 23.49 -62.80
N SER M 25 13.80 22.86 -61.99
CA SER M 25 14.20 21.81 -61.05
C SER M 25 13.21 20.66 -61.20
N PHE M 26 13.50 19.74 -62.12
CA PHE M 26 12.58 18.63 -62.39
C PHE M 26 12.78 17.49 -61.41
N PHE M 27 13.96 16.87 -61.45
CA PHE M 27 14.39 15.86 -60.50
C PHE M 27 15.87 15.59 -60.79
N LYS M 28 16.42 14.61 -60.08
CA LYS M 28 17.85 14.31 -60.25
C LYS M 28 18.08 13.62 -61.59
N GLY M 29 19.19 13.98 -62.23
CA GLY M 29 19.59 13.34 -63.47
C GLY M 29 18.58 13.44 -64.58
N PHE M 30 17.98 14.62 -64.75
CA PHE M 30 16.96 14.82 -65.77
C PHE M 30 17.60 15.27 -67.08
N ARG M 31 17.19 14.63 -68.17
CA ARG M 31 17.59 15.04 -69.51
C ARG M 31 16.35 15.11 -70.38
N ALA M 32 16.38 16.05 -71.33
CA ALA M 32 15.20 16.32 -72.14
C ALA M 32 15.54 16.21 -73.61
N PRO M 33 14.56 15.90 -74.45
CA PRO M 33 14.81 15.87 -75.90
C PRO M 33 15.15 17.24 -76.44
N SER M 34 15.83 17.25 -77.58
CA SER M 34 16.22 18.50 -78.21
C SER M 34 15.04 19.32 -78.71
N ASP M 35 13.84 18.74 -78.73
CA ASP M 35 12.65 19.41 -79.25
C ASP M 35 11.64 19.71 -78.15
N THR M 36 12.11 20.16 -76.99
CA THR M 36 11.24 20.58 -75.90
C THR M 36 11.40 22.09 -75.71
N THR M 37 10.27 22.79 -75.62
CA THR M 37 10.23 24.21 -75.36
C THR M 37 9.17 24.48 -74.30
N PHE M 38 9.33 25.59 -73.58
CA PHE M 38 8.52 25.88 -72.41
C PHE M 38 7.89 27.26 -72.53
N ASP M 39 6.65 27.39 -72.06
CA ASP M 39 5.88 28.62 -72.19
C ASP M 39 5.95 29.42 -70.89
N LEU M 40 6.57 30.59 -70.97
CA LEU M 40 6.87 31.40 -69.80
C LEU M 40 5.82 32.50 -69.66
N TYR M 41 5.04 32.44 -68.58
CA TYR M 41 4.03 33.43 -68.29
C TYR M 41 4.43 34.21 -67.03
N LYS M 42 3.91 35.43 -66.90
CA LYS M 42 4.28 36.32 -65.80
C LYS M 42 3.05 36.92 -65.16
N LYS M 43 3.14 37.19 -63.86
CA LYS M 43 2.07 37.85 -63.11
C LYS M 43 2.62 38.53 -61.85
N ASP M 49 6.79 38.79 -59.65
CA ASP M 49 7.76 38.13 -60.52
C ASP M 49 7.42 36.66 -60.71
N GLU M 50 6.20 36.29 -60.31
CA GLU M 50 5.77 34.90 -60.37
C GLU M 50 5.58 34.44 -61.81
N PHE M 51 5.96 33.21 -62.08
CA PHE M 51 5.83 32.58 -63.39
C PHE M 51 5.05 31.27 -63.26
N VAL M 52 4.43 30.85 -64.36
CA VAL M 52 3.84 29.52 -64.48
C VAL M 52 4.25 28.95 -65.84
N LEU M 53 5.12 27.95 -65.83
CA LEU M 53 5.70 27.40 -67.04
C LEU M 53 4.86 26.27 -67.60
N HIS M 54 5.07 25.98 -68.89
CA HIS M 54 4.42 24.85 -69.54
C HIS M 54 5.21 24.45 -70.77
N GLY M 55 5.54 23.17 -70.85
CA GLY M 55 6.18 22.61 -72.02
C GLY M 55 5.55 21.30 -72.40
N GLU M 56 5.39 21.05 -73.69
CA GLU M 56 4.69 19.86 -74.16
C GLU M 56 5.55 19.12 -75.18
N ASN M 57 5.26 17.83 -75.29
CA ASN M 57 5.81 16.98 -76.34
C ASN M 57 4.78 15.91 -76.65
N GLU M 58 5.20 14.88 -77.39
CA GLU M 58 4.25 13.86 -77.85
C GLU M 58 3.62 13.13 -76.67
N ARG M 59 4.40 12.81 -75.65
CA ARG M 59 3.97 11.93 -74.58
C ARG M 59 4.02 12.54 -73.19
N LEU M 60 4.49 13.78 -73.04
CA LEU M 60 4.75 14.35 -71.74
C LEU M 60 4.30 15.81 -71.69
N GLU M 61 4.05 16.28 -70.48
CA GLU M 61 3.72 17.68 -70.22
C GLU M 61 4.63 18.20 -69.12
N TYR M 62 5.24 19.37 -69.35
CA TYR M 62 6.10 19.99 -68.35
C TYR M 62 5.33 21.04 -67.54
N GLU M 63 4.33 20.56 -66.81
CA GLU M 63 3.49 21.43 -66.01
C GLU M 63 4.25 21.88 -64.77
N GLY M 64 4.42 23.19 -64.61
CA GLY M 64 5.18 23.72 -63.51
C GLY M 64 4.68 25.07 -63.08
N TYR M 65 5.13 25.49 -61.89
CA TYR M 65 4.76 26.78 -61.33
C TYR M 65 5.70 27.11 -60.20
N THR M 66 5.74 28.39 -59.83
CA THR M 66 6.55 28.85 -58.72
C THR M 66 5.80 28.72 -57.41
N ASP M 67 6.54 28.80 -56.31
CA ASP M 67 5.97 28.77 -54.97
C ASP M 67 5.95 30.20 -54.43
N SER M 68 4.73 30.75 -54.26
CA SER M 68 4.61 32.13 -53.82
C SER M 68 5.12 32.32 -52.40
N SER M 69 5.07 31.28 -51.57
CA SER M 69 5.58 31.40 -50.21
C SER M 69 7.08 31.66 -50.19
N SER M 70 7.84 30.96 -51.03
CA SER M 70 9.29 31.12 -51.04
C SER M 70 9.73 32.39 -51.77
N GLN M 71 9.04 32.74 -52.86
CA GLN M 71 9.53 33.82 -53.71
C GLN M 71 9.41 35.18 -53.03
N ALA M 72 8.39 35.37 -52.18
CA ALA M 72 8.16 36.68 -51.57
C ALA M 72 9.29 37.08 -50.63
N SER M 73 10.17 36.15 -50.27
CA SER M 73 11.33 36.45 -49.44
C SER M 73 12.65 36.28 -50.20
N ASN M 74 12.89 35.11 -50.76
CA ASN M 74 14.15 34.84 -51.44
C ASN M 74 14.05 35.17 -52.92
N GLN M 75 15.16 35.62 -53.48
CA GLN M 75 15.27 35.92 -54.90
C GLN M 75 16.61 35.43 -55.41
N TYR M 76 16.60 34.74 -56.54
CA TYR M 76 17.81 34.15 -57.10
C TYR M 76 18.35 34.99 -58.24
N VAL M 77 19.54 34.62 -58.71
CA VAL M 77 20.22 35.33 -59.79
C VAL M 77 21.11 34.34 -60.53
N VAL M 78 21.15 34.47 -61.85
CA VAL M 78 22.09 33.76 -62.70
C VAL M 78 23.08 34.77 -63.26
N GLY M 79 24.37 34.47 -63.16
CA GLY M 79 25.38 35.41 -63.59
C GLY M 79 26.55 34.82 -64.36
N LEU M 80 27.03 35.55 -65.35
CA LEU M 80 28.20 35.16 -66.13
C LEU M 80 29.39 35.99 -65.68
N PHE M 81 30.45 35.31 -65.24
CA PHE M 81 31.59 35.93 -64.59
C PHE M 81 32.80 35.85 -65.50
N ASN M 82 33.36 37.00 -65.84
CA ASN M 82 34.52 37.03 -66.73
C ASN M 82 35.78 36.64 -65.98
N PRO M 83 36.56 35.70 -66.49
CA PRO M 83 37.87 35.41 -65.89
C PRO M 83 38.89 36.48 -66.21
N GLU M 84 38.92 36.92 -67.48
CA GLU M 84 39.86 37.94 -67.91
C GLU M 84 39.49 39.33 -67.42
N LYS M 85 38.32 39.48 -66.80
CA LYS M 85 37.91 40.75 -66.21
C LYS M 85 37.52 40.58 -64.76
N LYS M 86 36.92 41.61 -64.17
CA LYS M 86 36.46 41.60 -62.79
C LYS M 86 34.99 41.98 -62.74
N SER M 87 34.19 41.45 -63.66
CA SER M 87 32.80 41.83 -63.81
C SER M 87 31.93 40.59 -63.94
N ILE M 88 30.66 40.74 -63.54
CA ILE M 88 29.68 39.66 -63.54
C ILE M 88 28.47 40.12 -64.34
N GLN M 89 27.98 39.25 -65.24
CA GLN M 89 26.78 39.53 -66.01
C GLN M 89 25.59 38.97 -65.24
N LEU M 90 25.03 39.78 -64.34
CA LEU M 90 23.94 39.34 -63.49
C LEU M 90 22.63 39.31 -64.26
N TYR M 91 21.74 38.39 -63.88
CA TYR M 91 20.41 38.29 -64.45
C TYR M 91 19.42 37.85 -63.39
N LYS M 92 18.17 38.23 -63.58
CA LYS M 92 17.09 37.89 -62.66
C LYS M 92 16.37 36.67 -63.24
N ALA M 93 16.85 35.49 -62.88
CA ALA M 93 16.30 34.22 -63.36
C ALA M 93 15.75 33.41 -62.21
N PRO M 94 14.45 33.40 -61.98
CA PRO M 94 13.89 32.63 -60.87
C PRO M 94 13.90 31.15 -61.17
N VAL M 95 13.63 30.37 -60.13
CA VAL M 95 13.62 28.91 -60.21
C VAL M 95 12.18 28.44 -60.07
N LEU M 96 11.76 27.56 -60.98
CA LEU M 96 10.42 27.00 -60.97
C LEU M 96 10.51 25.51 -60.70
N VAL M 97 9.67 25.02 -59.81
CA VAL M 97 9.52 23.59 -59.63
C VAL M 97 8.67 23.04 -60.77
N SER M 98 9.02 21.84 -61.25
CA SER M 98 8.37 21.28 -62.42
C SER M 98 7.98 19.83 -62.16
N LYS M 99 6.72 19.51 -62.40
CA LYS M 99 6.22 18.14 -62.34
C LYS M 99 6.02 17.66 -63.77
N VAL M 100 6.78 16.65 -64.19
CA VAL M 100 6.68 16.12 -65.54
C VAL M 100 5.50 15.15 -65.58
N VAL M 101 4.42 15.56 -66.22
CA VAL M 101 3.30 14.68 -66.45
C VAL M 101 3.53 13.93 -67.77
N SER M 102 2.77 12.86 -67.97
CA SER M 102 2.85 12.07 -69.19
C SER M 102 1.52 12.15 -69.92
N LYS M 103 1.58 12.44 -71.23
CA LYS M 103 0.38 12.40 -72.05
C LYS M 103 -0.18 10.99 -72.14
N SER M 104 0.67 9.98 -71.92
CA SER M 104 0.23 8.60 -72.09
C SER M 104 -0.88 8.23 -71.11
N SER M 105 -0.76 8.67 -69.86
CA SER M 105 -1.76 8.34 -68.83
C SER M 105 -2.08 9.55 -67.97
N LYS M 106 -2.29 10.71 -68.58
CA LYS M 106 -2.77 11.85 -67.83
C LYS M 106 -4.29 11.87 -67.72
N ASN M 107 -4.97 11.44 -68.76
CA ASN M 107 -6.43 11.48 -68.83
C ASN M 107 -7.03 10.08 -68.71
N LEU M 108 -6.48 9.25 -67.83
CA LEU M 108 -6.92 7.88 -67.64
C LEU M 108 -7.60 7.78 -66.28
N ARG M 109 -8.92 7.56 -66.28
CA ARG M 109 -9.70 7.59 -65.06
C ARG M 109 -10.51 6.31 -64.90
N GLY M 110 -11.42 6.31 -63.92
CA GLY M 110 -12.32 5.20 -63.71
C GLY M 110 -13.75 5.66 -63.57
N PRO M 111 -14.68 4.72 -63.39
CA PRO M 111 -16.08 5.10 -63.23
C PRO M 111 -16.32 5.86 -61.94
N LYS M 112 -17.35 6.71 -61.96
CA LYS M 112 -17.57 7.68 -60.90
C LYS M 112 -17.84 7.00 -59.56
N ILE M 113 -18.81 6.10 -59.51
CA ILE M 113 -19.18 5.41 -58.29
C ILE M 113 -19.41 3.94 -58.61
N LYS M 114 -18.88 3.06 -57.75
CA LYS M 114 -19.15 1.64 -57.88
C LYS M 114 -20.48 1.32 -57.22
N SER M 115 -21.35 0.62 -57.94
CA SER M 115 -22.69 0.29 -57.47
C SER M 115 -22.66 -0.54 -56.20
N SER N 24 -4.53 24.89 -70.45
CA SER N 24 -5.26 25.73 -69.51
C SER N 24 -4.39 26.90 -69.05
N ILE N 25 -4.37 27.97 -69.83
CA ILE N 25 -3.54 29.13 -69.48
C ILE N 25 -4.11 29.78 -68.22
N PRO N 26 -3.29 30.03 -67.20
CA PRO N 26 -3.80 30.66 -65.99
C PRO N 26 -4.26 32.09 -66.26
N ASP N 27 -5.31 32.49 -65.54
CA ASP N 27 -5.82 33.85 -65.66
C ASP N 27 -4.83 34.83 -65.06
N GLY N 28 -4.71 35.99 -65.69
CA GLY N 28 -3.80 37.02 -65.23
C GLY N 28 -2.35 36.82 -65.62
N PHE N 29 -2.03 35.73 -66.31
CA PHE N 29 -0.67 35.45 -66.73
C PHE N 29 -0.52 35.77 -68.21
N LYS N 30 0.48 36.58 -68.53
CA LYS N 30 0.75 37.00 -69.90
C LYS N 30 2.07 36.40 -70.36
N LYS N 31 2.03 35.71 -71.50
CA LYS N 31 3.23 35.10 -72.07
C LYS N 31 4.22 36.18 -72.49
N CYS N 32 5.51 35.90 -72.30
CA CYS N 32 6.56 36.82 -72.70
C CYS N 32 6.83 36.63 -74.19
N LYS N 33 6.20 37.47 -75.02
CA LYS N 33 6.33 37.33 -76.46
C LYS N 33 7.76 37.59 -76.93
N HIS N 34 8.51 38.42 -76.20
CA HIS N 34 9.91 38.64 -76.49
C HIS N 34 10.70 38.58 -75.19
N LEU N 35 11.95 38.16 -75.31
CA LEU N 35 12.84 38.06 -74.16
C LEU N 35 14.20 38.64 -74.53
N LYS N 36 14.91 39.08 -73.50
CA LYS N 36 16.27 39.57 -73.71
C LYS N 36 17.17 38.42 -74.13
N ASN N 37 18.43 38.74 -74.36
CA ASN N 37 19.38 37.77 -74.85
C ASN N 37 20.08 37.10 -73.66
N PHE N 38 21.14 36.35 -73.95
CA PHE N 38 21.91 35.67 -72.91
C PHE N 38 23.30 35.39 -73.48
N PRO N 39 24.20 36.34 -73.37
CA PRO N 39 25.52 36.19 -74.03
C PRO N 39 26.44 35.18 -73.38
N LEU N 40 26.18 33.89 -73.59
CA LEU N 40 27.13 32.84 -73.26
C LEU N 40 27.58 32.16 -74.55
N ASN N 41 28.88 31.98 -74.70
CA ASN N 41 29.43 31.32 -75.89
C ASN N 41 29.76 29.86 -75.59
N LYS N 49 40.47 30.92 -70.90
CA LYS N 49 39.40 30.89 -69.91
C LYS N 49 38.13 31.56 -70.42
N GLN N 50 37.10 30.76 -70.66
CA GLN N 50 35.80 31.25 -71.09
C GLN N 50 34.95 31.56 -69.86
N GLN N 51 33.88 32.33 -70.10
CA GLN N 51 33.01 32.78 -69.02
C GLN N 51 32.41 31.60 -68.28
N GLN N 52 32.47 31.65 -66.95
CA GLN N 52 31.78 30.70 -66.10
C GLN N 52 30.37 31.17 -65.82
N VAL N 53 29.52 30.25 -65.39
CA VAL N 53 28.12 30.54 -65.08
C VAL N 53 27.91 30.30 -63.59
N TRP N 54 27.43 31.31 -62.88
CA TRP N 54 27.24 31.26 -61.44
C TRP N 54 25.77 31.41 -61.09
N LEU N 55 25.34 30.72 -60.04
CA LEU N 55 24.03 30.91 -59.44
C LEU N 55 24.21 31.53 -58.07
N ILE N 56 23.62 32.69 -57.85
CA ILE N 56 23.79 33.45 -56.62
C ILE N 56 22.41 33.77 -56.08
N LYS N 57 22.22 33.56 -54.78
CA LYS N 57 20.97 33.87 -54.10
C LYS N 57 21.10 35.19 -53.36
N PHE N 58 20.00 35.93 -53.27
CA PHE N 58 19.92 37.12 -52.43
C PHE N 58 18.62 37.11 -51.65
N PRO N 59 18.63 37.68 -50.44
CA PRO N 59 17.37 37.92 -49.73
C PRO N 59 16.67 39.15 -50.28
N SER N 60 15.41 39.31 -49.87
CA SER N 60 14.67 40.50 -50.26
C SER N 60 15.24 41.77 -49.64
N ASN N 61 16.00 41.64 -48.55
CA ASN N 61 16.61 42.77 -47.87
C ASN N 61 17.88 43.28 -48.55
N VAL N 62 18.09 42.94 -49.82
CA VAL N 62 19.24 43.40 -50.59
C VAL N 62 18.74 44.11 -51.83
N ASP N 63 19.21 45.34 -52.05
CA ASP N 63 18.85 46.09 -53.25
C ASP N 63 19.73 45.61 -54.39
N ILE N 64 19.19 44.66 -55.16
CA ILE N 64 19.94 44.09 -56.27
C ILE N 64 20.15 45.11 -57.39
N SER N 65 19.37 46.18 -57.42
CA SER N 65 19.53 47.19 -58.45
C SER N 65 20.91 47.84 -58.38
N LYS N 66 21.20 48.52 -57.27
CA LYS N 66 22.51 49.13 -57.06
C LYS N 66 23.43 48.20 -56.26
N LEU N 67 23.59 47.00 -56.80
CA LEU N 67 24.51 46.02 -56.21
C LEU N 67 25.91 46.37 -56.70
N LYS N 68 26.62 47.17 -55.90
CA LYS N 68 27.91 47.69 -56.34
C LYS N 68 28.92 46.58 -56.58
N SER N 69 28.97 45.60 -55.68
CA SER N 69 29.95 44.52 -55.79
C SER N 69 29.52 43.37 -54.90
N LEU N 70 30.20 42.23 -55.08
CA LEU N 70 29.99 41.02 -54.28
C LEU N 70 31.34 40.38 -53.99
N PRO N 71 31.59 39.97 -52.75
CA PRO N 71 32.83 39.23 -52.45
C PRO N 71 32.88 37.87 -53.09
N VAL N 72 33.96 37.12 -52.83
CA VAL N 72 34.11 35.78 -53.38
C VAL N 72 33.30 34.79 -52.56
N THR N 78 34.47 38.09 -46.94
CA THR N 78 33.20 37.66 -47.52
C THR N 78 32.01 38.26 -46.76
N THR N 79 32.30 38.92 -45.64
CA THR N 79 31.27 39.55 -44.82
C THR N 79 31.07 41.00 -45.25
N MET N 80 30.42 41.15 -46.40
CA MET N 80 30.22 42.45 -47.01
C MET N 80 29.24 43.28 -46.21
N THR N 81 29.30 44.61 -46.42
CA THR N 81 28.37 45.56 -45.83
C THR N 81 27.59 46.21 -46.96
N ILE N 82 26.27 46.12 -46.90
CA ILE N 82 25.40 46.68 -47.93
C ILE N 82 24.31 47.47 -47.23
N ASP N 83 24.17 48.74 -47.59
CA ASP N 83 23.17 49.64 -47.02
C ASP N 83 23.24 49.65 -45.49
N LYS N 84 24.46 49.80 -44.98
CA LYS N 84 24.74 49.77 -43.53
C LYS N 84 24.20 48.49 -42.91
N HIS N 85 24.40 47.37 -43.61
CA HIS N 85 23.91 46.07 -43.17
C HIS N 85 24.84 45.01 -43.71
N ASP N 86 25.14 44.01 -42.89
CA ASP N 86 26.13 42.99 -43.21
C ASP N 86 25.43 41.71 -43.66
N TYR N 87 26.05 41.03 -44.63
CA TYR N 87 25.53 39.78 -45.16
C TYR N 87 26.66 38.76 -45.26
N LYS N 88 26.29 37.49 -45.12
CA LYS N 88 27.23 36.40 -45.30
C LYS N 88 27.34 36.02 -46.77
N ILE N 89 28.54 35.64 -47.19
CA ILE N 89 28.77 35.11 -48.53
C ILE N 89 29.59 33.84 -48.40
N MET N 90 29.10 32.76 -49.01
CA MET N 90 29.82 31.50 -49.02
C MET N 90 29.52 30.79 -50.34
N ASP N 91 30.17 29.64 -50.52
CA ASP N 91 29.93 28.78 -51.67
C ASP N 91 29.01 27.65 -51.29
N ASP N 92 28.33 27.09 -52.28
CA ASP N 92 27.46 25.94 -52.06
C ASP N 92 27.78 24.80 -53.03
N SER N 105 24.14 18.24 -60.37
CA SER N 105 23.35 19.44 -60.13
C SER N 105 21.92 19.23 -60.60
N ASN N 106 20.96 19.41 -59.69
CA ASN N 106 19.56 19.23 -60.03
C ASN N 106 19.05 20.39 -60.88
N MET N 107 19.38 21.62 -60.50
CA MET N 107 18.82 22.79 -61.18
C MET N 107 19.38 22.92 -62.59
N THR N 108 18.49 23.07 -63.56
CA THR N 108 18.86 23.24 -64.95
C THR N 108 18.77 24.71 -65.34
N LEU N 109 19.48 25.05 -66.42
CA LEU N 109 19.49 26.41 -66.95
C LEU N 109 18.59 26.47 -68.18
N LEU N 110 17.71 27.46 -68.22
CA LEU N 110 16.78 27.63 -69.33
C LEU N 110 17.15 28.90 -70.09
N VAL N 111 18.05 28.77 -71.06
CA VAL N 111 18.48 29.87 -71.90
C VAL N 111 17.55 29.94 -73.12
N PRO N 112 17.05 31.11 -73.49
CA PRO N 112 16.20 31.20 -74.69
C PRO N 112 16.99 30.91 -75.96
N SER N 113 16.30 30.32 -76.93
CA SER N 113 16.90 30.00 -78.21
C SER N 113 16.80 31.22 -79.13
N GLU N 114 17.15 31.06 -80.41
CA GLU N 114 17.09 32.17 -81.34
C GLU N 114 15.67 32.39 -81.84
N SER N 115 14.72 32.43 -80.92
CA SER N 115 13.34 32.79 -81.23
C SER N 115 12.71 33.76 -80.22
N LYS N 116 13.24 33.86 -79.00
CA LYS N 116 12.70 34.74 -77.97
C LYS N 116 11.22 34.46 -77.71
N GLU N 117 10.85 33.18 -77.76
CA GLU N 117 9.51 32.74 -77.44
C GLU N 117 9.47 31.63 -76.40
N SER N 118 10.59 30.98 -76.12
CA SER N 118 10.65 29.89 -75.17
C SER N 118 12.11 29.76 -74.71
N LEU N 119 12.43 28.63 -74.08
CA LEU N 119 13.75 28.39 -73.53
C LEU N 119 14.30 27.05 -74.01
N LYS N 120 15.58 27.03 -74.32
CA LYS N 120 16.30 25.81 -74.65
C LYS N 120 17.31 25.49 -73.54
N ILE N 121 17.56 24.20 -73.33
CA ILE N 121 18.42 23.78 -72.25
C ILE N 121 19.89 24.04 -72.62
N ALA N 122 20.60 24.70 -71.71
CA ALA N 122 21.98 25.12 -72.00
C ALA N 122 22.90 23.92 -72.14
N SER N 123 23.77 23.99 -73.15
CA SER N 123 24.74 22.93 -73.40
C SER N 123 25.80 23.46 -74.36
N THR N 124 27.07 23.34 -73.97
CA THR N 124 28.18 23.82 -74.79
C THR N 124 29.22 22.74 -75.10
N ALA N 125 29.27 21.66 -74.33
CA ALA N 125 30.22 20.58 -74.58
C ALA N 125 29.66 19.51 -75.51
N LYS N 126 28.40 19.64 -75.92
CA LYS N 126 27.71 18.71 -76.82
C LYS N 126 27.72 17.29 -76.24
N ASP N 127 27.02 17.16 -75.11
CA ASP N 127 26.82 15.87 -74.46
C ASP N 127 25.35 15.61 -74.16
N ASN N 128 24.44 16.44 -74.67
CA ASN N 128 23.00 16.34 -74.35
C ASN N 128 22.79 16.34 -72.84
N ALA N 129 23.63 17.08 -72.12
CA ALA N 129 23.50 17.24 -70.69
C ALA N 129 23.62 18.71 -70.33
N PRO N 130 22.86 19.17 -69.34
CA PRO N 130 22.91 20.59 -68.98
C PRO N 130 24.30 21.01 -68.54
N LEU N 131 24.68 22.24 -68.89
CA LEU N 131 25.99 22.77 -68.57
C LEU N 131 25.99 23.19 -67.11
N GLN N 132 26.47 22.30 -66.24
CA GLN N 132 26.46 22.54 -64.81
C GLN N 132 27.29 23.77 -64.46
N PHE N 133 26.78 24.57 -63.52
CA PHE N 133 27.45 25.81 -63.14
C PHE N 133 28.88 25.55 -62.71
N ASP N 134 29.81 26.35 -63.22
CA ASP N 134 31.21 26.16 -62.88
C ASP N 134 31.54 26.59 -61.47
N LYS N 135 30.75 27.49 -60.89
CA LYS N 135 30.88 27.87 -59.50
C LYS N 135 29.56 28.49 -59.04
N VAL N 136 29.20 28.23 -57.80
CA VAL N 136 27.94 28.70 -57.23
C VAL N 136 28.22 29.33 -55.88
N PHE N 137 27.58 30.46 -55.60
CA PHE N 137 27.76 31.18 -54.35
C PHE N 137 26.41 31.51 -53.73
N SER N 138 26.41 31.76 -52.42
CA SER N 138 25.18 32.06 -51.69
C SER N 138 25.38 33.27 -50.78
N VAL N 139 24.31 34.04 -50.63
CA VAL N 139 24.29 35.24 -49.80
C VAL N 139 23.19 35.08 -48.76
N SER N 140 23.54 35.29 -47.49
CA SER N 140 22.59 35.11 -46.40
C SER N 140 22.73 36.26 -45.41
N GLU N 141 21.66 36.51 -44.68
CA GLU N 141 21.68 37.52 -43.64
C GLU N 141 22.63 37.09 -42.52
N THR N 142 23.20 38.08 -41.85
CA THR N 142 23.93 37.84 -40.61
C THR N 142 23.55 38.90 -39.60
N ALA N 143 23.73 38.55 -38.33
CA ALA N 143 23.52 39.47 -37.22
C ALA N 143 24.70 39.35 -36.27
N LYS N 144 24.84 40.35 -35.41
CA LYS N 144 25.90 40.37 -34.41
C LYS N 144 25.28 40.18 -33.04
N ILE N 145 25.71 39.14 -32.33
CA ILE N 145 25.19 38.82 -31.02
C ILE N 145 26.13 39.44 -29.97
N PRO N 146 25.62 40.22 -29.03
CA PRO N 146 26.50 40.86 -28.05
C PRO N 146 27.21 39.83 -27.18
N ALA N 147 28.50 40.08 -26.96
CA ALA N 147 29.24 39.29 -25.99
C ALA N 147 28.72 39.57 -24.59
N ILE N 148 28.63 38.52 -23.77
CA ILE N 148 28.13 38.68 -22.41
C ILE N 148 29.16 39.46 -21.59
N ASP N 149 28.69 40.49 -20.89
CA ASP N 149 29.51 41.21 -19.92
C ASP N 149 29.50 40.41 -18.62
N TYR N 150 30.45 39.49 -18.51
CA TYR N 150 30.59 38.72 -17.29
C TYR N 150 30.99 39.60 -16.12
N SER N 151 31.69 40.71 -16.40
CA SER N 151 32.07 41.63 -15.33
C SER N 151 30.85 42.22 -14.64
N LYS N 152 29.73 42.36 -15.36
CA LYS N 152 28.51 42.88 -14.77
C LYS N 152 27.53 41.78 -14.38
N VAL N 153 27.56 40.63 -15.05
CA VAL N 153 26.58 39.59 -14.80
C VAL N 153 27.06 38.57 -13.76
N ARG N 154 28.34 38.58 -13.40
CA ARG N 154 28.86 37.73 -12.33
C ARG N 154 28.84 38.52 -11.03
N VAL N 155 27.70 38.49 -10.36
CA VAL N 155 27.48 39.25 -9.13
C VAL N 155 27.71 38.33 -7.95
N PRO N 156 28.67 38.62 -7.06
CA PRO N 156 28.81 37.83 -5.84
C PRO N 156 27.56 37.93 -4.97
N ARG N 157 27.23 36.82 -4.31
CA ARG N 157 25.97 36.75 -3.58
C ARG N 157 25.96 37.73 -2.40
N LYS N 158 24.86 38.46 -2.27
CA LYS N 158 24.70 39.40 -1.17
C LYS N 158 24.08 38.69 0.02
N ASP N 159 24.75 38.79 1.17
CA ASP N 159 24.27 38.14 2.37
C ASP N 159 22.92 38.72 2.81
N VAL N 160 22.15 37.90 3.50
CA VAL N 160 20.83 38.34 3.97
C VAL N 160 20.99 39.56 4.85
N PRO N 161 20.29 40.67 4.58
CA PRO N 161 20.59 41.92 5.28
C PRO N 161 20.12 41.88 6.73
N LYS N 162 21.03 42.19 7.64
CA LYS N 162 20.71 42.23 9.06
C LYS N 162 19.72 43.36 9.36
N VAL N 163 18.70 43.06 10.14
CA VAL N 163 17.75 44.08 10.56
C VAL N 163 18.47 45.07 11.47
N GLU N 164 18.00 46.32 11.47
CA GLU N 164 18.56 47.36 12.29
C GLU N 164 17.56 47.82 13.34
N GLY N 165 18.06 48.62 14.28
CA GLY N 165 17.24 49.05 15.41
C GLY N 165 16.89 47.93 16.36
N LEU N 166 17.83 47.01 16.60
CA LEU N 166 17.60 45.84 17.41
C LEU N 166 18.11 46.08 18.82
N LYS N 167 17.23 45.95 19.80
CA LYS N 167 17.57 46.24 21.19
C LYS N 167 17.00 45.15 22.08
N LEU N 168 17.39 45.19 23.35
CA LEU N 168 16.97 44.19 24.33
C LEU N 168 15.47 44.30 24.55
N GLU N 169 14.71 43.36 24.01
CA GLU N 169 13.27 43.32 24.18
C GLU N 169 12.84 42.43 25.34
N HIS N 170 13.78 41.78 26.02
CA HIS N 170 13.46 40.85 27.09
C HIS N 170 14.23 41.23 28.35
N PHE N 171 13.53 41.33 29.47
CA PHE N 171 14.13 41.65 30.74
C PHE N 171 13.55 40.76 31.82
N ALA N 172 14.36 40.49 32.84
CA ALA N 172 13.95 39.63 33.93
C ALA N 172 12.74 40.21 34.64
N THR N 173 11.99 39.33 35.31
CA THR N 173 10.73 39.73 35.92
C THR N 173 10.96 40.76 37.02
N GLY N 174 10.05 41.72 37.11
CA GLY N 174 10.19 42.81 38.05
C GLY N 174 11.10 43.92 37.58
N TYR N 175 11.57 43.88 36.34
CA TYR N 175 12.36 44.96 35.77
C TYR N 175 11.67 45.52 34.52
O5' 3DR Q 17 -3.33 -8.95 -3.91
P 3DR Q 17 -2.97 -7.70 -4.80
OP1 3DR Q 17 -4.02 -6.67 -4.65
OP2 3DR Q 17 -1.56 -7.34 -4.49
C2' 3DR Q 17 -3.96 -7.31 -0.53
C5' 3DR Q 17 -2.65 -9.13 -2.69
C4' 3DR Q 17 -3.60 -9.43 -1.55
O4' 3DR Q 17 -2.86 -9.40 -0.32
C1' 3DR Q 17 -2.79 -8.06 0.11
C3' 3DR Q 17 -4.69 -8.39 -1.34
O3' 3DR Q 17 -5.77 -8.96 -0.63
MG MG R . -0.16 5.21 11.81
ZN ZN S . -43.97 -19.59 5.79
ZN ZN T . -22.17 -50.00 -30.38
ZN ZN U . -36.79 -34.83 5.77
ZN ZN V . 32.08 -9.05 10.79
ZN ZN W . 9.19 7.61 -68.04
ZN ZN X . 0.83 35.96 26.49
ZN ZN Y . -36.54 41.75 -3.53
#